data_5O7J
#
_entry.id   5O7J
#
_entity_poly.entity_id   1
_entity_poly.type   'polypeptide(L)'
_entity_poly.pdbx_seq_one_letter_code
;MGHHHHHHSSGVDLGTENLYFQSMRAQLIERGQLIAEQLAPLAATALARKDTAVLNRIANEALDQPDVRAVTFLDARQER
LAHAGPSMLTVAPAGDASHLSMSTELDTTHFLLPVLGRHHSLSGATEPDDERVLGWVELELSHHGTLLRG
;
_entity_poly.pdbx_strand_id   A
#
# COMPACT_ATOMS: atom_id res chain seq x y z
N MET A 1 1.31 6.64 -16.53
CA MET A 1 1.89 7.48 -17.57
C MET A 1 3.44 7.39 -17.62
N GLY A 2 3.97 6.18 -17.43
CA GLY A 2 5.41 5.90 -17.31
C GLY A 2 6.25 6.34 -18.52
N HIS A 3 5.69 6.24 -19.73
CA HIS A 3 6.25 6.76 -20.99
C HIS A 3 7.60 6.10 -21.40
N HIS A 4 8.36 6.71 -22.31
CA HIS A 4 9.75 6.31 -22.59
C HIS A 4 10.75 7.03 -21.66
N HIS A 5 11.93 6.43 -21.43
CA HIS A 5 12.99 6.96 -20.56
C HIS A 5 14.33 6.21 -20.81
N HIS A 6 15.37 6.44 -20.01
CA HIS A 6 16.65 5.74 -20.13
C HIS A 6 16.54 4.22 -19.83
N HIS A 7 15.76 3.85 -18.81
CA HIS A 7 15.50 2.47 -18.37
C HIS A 7 16.74 1.85 -17.66
N HIS A 8 16.75 0.53 -17.43
CA HIS A 8 17.85 -0.23 -16.80
C HIS A 8 18.14 0.23 -15.35
N SER A 9 17.29 -0.17 -14.40
CA SER A 9 17.37 0.29 -13.00
C SER A 9 16.64 -0.61 -11.99
N SER A 10 15.37 -0.96 -12.23
CA SER A 10 14.50 -1.82 -11.38
C SER A 10 14.16 -1.22 -9.99
N GLY A 11 15.16 -1.08 -9.11
CA GLY A 11 14.99 -0.60 -7.73
C GLY A 11 16.28 -0.06 -7.12
N VAL A 12 16.40 -0.14 -5.79
CA VAL A 12 17.60 0.31 -5.05
C VAL A 12 18.85 -0.46 -5.50
N ASP A 13 19.96 0.27 -5.68
CA ASP A 13 21.25 -0.27 -6.15
C ASP A 13 22.37 -0.16 -5.09
N LEU A 14 21.98 0.12 -3.85
CA LEU A 14 22.85 0.45 -2.70
C LEU A 14 22.24 0.17 -1.31
N GLY A 15 20.93 -0.16 -1.23
CA GLY A 15 20.26 -0.59 0.01
C GLY A 15 19.77 0.54 0.94
N THR A 16 20.04 1.81 0.62
CA THR A 16 19.69 2.98 1.44
C THR A 16 19.25 4.22 0.61
N GLU A 17 18.98 4.04 -0.68
CA GLU A 17 18.51 5.13 -1.57
C GLU A 17 17.16 5.69 -1.12
N ASN A 18 16.22 4.82 -0.72
CA ASN A 18 14.90 5.26 -0.25
C ASN A 18 14.94 5.95 1.13
N LEU A 19 15.90 5.60 1.97
CA LEU A 19 15.97 6.00 3.39
C LEU A 19 16.10 7.52 3.56
N TYR A 20 16.67 8.21 2.58
CA TYR A 20 16.81 9.67 2.50
C TYR A 20 15.45 10.41 2.35
N PHE A 21 14.42 9.73 1.86
CA PHE A 21 13.09 10.27 1.54
C PHE A 21 11.94 9.41 2.14
N GLN A 22 12.26 8.55 3.13
CA GLN A 22 11.32 7.69 3.87
C GLN A 22 10.75 6.56 3.00
N SER A 23 9.76 5.80 3.52
CA SER A 23 9.07 4.75 2.75
C SER A 23 8.35 5.29 1.50
N MET A 24 8.07 6.60 1.43
CA MET A 24 7.53 7.26 0.24
C MET A 24 8.43 7.07 -0.99
N ARG A 25 9.76 7.20 -0.86
CA ARG A 25 10.65 6.92 -2.01
C ARG A 25 10.72 5.42 -2.31
N ALA A 26 10.67 4.56 -1.29
CA ALA A 26 10.68 3.10 -1.48
C ALA A 26 9.51 2.66 -2.37
N GLN A 27 8.29 3.05 -2.03
CA GLN A 27 7.07 2.67 -2.75
C GLN A 27 6.95 3.34 -4.14
N LEU A 28 7.37 4.61 -4.29
CA LEU A 28 7.37 5.30 -5.58
C LEU A 28 8.33 4.63 -6.57
N ILE A 29 9.53 4.26 -6.12
CA ILE A 29 10.51 3.56 -6.96
C ILE A 29 10.06 2.10 -7.22
N GLU A 30 9.64 1.37 -6.19
CA GLU A 30 9.23 -0.04 -6.28
C GLU A 30 8.17 -0.31 -7.37
N ARG A 31 7.26 0.63 -7.64
CA ARG A 31 6.29 0.52 -8.74
C ARG A 31 6.71 1.31 -9.97
N GLY A 32 7.13 2.57 -9.83
CA GLY A 32 7.41 3.47 -10.95
C GLY A 32 8.66 3.09 -11.75
N GLN A 33 9.66 2.49 -11.12
CA GLN A 33 10.90 2.04 -11.76
C GLN A 33 10.83 0.55 -12.21
N LEU A 34 9.78 -0.18 -11.82
CA LEU A 34 9.39 -1.45 -12.45
C LEU A 34 8.64 -1.23 -13.77
N ILE A 35 7.72 -0.25 -13.81
CA ILE A 35 6.93 0.08 -15.03
C ILE A 35 7.79 0.79 -16.08
N ALA A 36 8.53 1.83 -15.66
CA ALA A 36 9.34 2.69 -16.53
C ALA A 36 10.47 3.31 -15.69
N GLU A 37 10.38 4.60 -15.37
CA GLU A 37 11.32 5.31 -14.50
C GLU A 37 10.67 6.54 -13.86
N GLN A 38 10.34 6.46 -12.57
CA GLN A 38 10.06 7.63 -11.70
C GLN A 38 8.88 8.51 -12.19
N LEU A 39 7.94 7.93 -12.96
CA LEU A 39 6.88 8.65 -13.69
C LEU A 39 5.49 8.00 -13.57
N ALA A 40 5.40 6.66 -13.58
CA ALA A 40 4.14 5.94 -13.41
C ALA A 40 3.55 6.15 -12.00
N PRO A 41 2.21 6.07 -11.82
CA PRO A 41 1.56 6.33 -10.55
C PRO A 41 1.93 5.28 -9.48
N LEU A 42 1.77 5.65 -8.21
CA LEU A 42 2.04 4.77 -7.07
C LEU A 42 0.87 3.83 -6.73
N ALA A 43 -0.37 4.33 -6.75
CA ALA A 43 -1.56 3.58 -6.35
C ALA A 43 -2.46 3.16 -7.51
N ALA A 44 -2.69 4.02 -8.51
CA ALA A 44 -3.66 3.77 -9.58
C ALA A 44 -3.36 2.48 -10.37
N THR A 45 -2.11 2.33 -10.84
CA THR A 45 -1.61 1.11 -11.50
C THR A 45 -1.56 -0.07 -10.54
N ALA A 46 -1.06 0.13 -9.32
CA ALA A 46 -0.87 -0.92 -8.32
C ALA A 46 -2.19 -1.57 -7.86
N LEU A 47 -3.27 -0.79 -7.76
CA LEU A 47 -4.61 -1.27 -7.44
C LEU A 47 -5.24 -1.95 -8.67
N ALA A 48 -5.12 -1.36 -9.86
CA ALA A 48 -5.61 -1.94 -11.12
C ALA A 48 -5.02 -3.33 -11.43
N ARG A 49 -3.72 -3.52 -11.16
CA ARG A 49 -3.00 -4.80 -11.28
C ARG A 49 -3.07 -5.67 -10.00
N LYS A 50 -3.53 -5.11 -8.88
CA LYS A 50 -3.76 -5.76 -7.57
C LYS A 50 -2.46 -6.18 -6.84
N ASP A 51 -1.36 -5.43 -7.03
CA ASP A 51 -0.02 -5.71 -6.47
C ASP A 51 0.09 -5.27 -4.99
N THR A 52 -0.50 -6.08 -4.09
CA THR A 52 -0.48 -5.92 -2.61
C THR A 52 0.93 -5.71 -2.04
N ALA A 53 1.97 -6.19 -2.70
CA ALA A 53 3.38 -5.96 -2.33
C ALA A 53 3.70 -4.48 -2.11
N VAL A 54 3.37 -3.61 -3.06
CA VAL A 54 3.52 -2.15 -2.96
C VAL A 54 2.27 -1.47 -2.38
N LEU A 55 1.08 -2.07 -2.54
CA LEU A 55 -0.16 -1.58 -1.94
C LEU A 55 -0.05 -1.50 -0.40
N ASN A 56 0.65 -2.44 0.24
CA ASN A 56 0.99 -2.35 1.67
C ASN A 56 1.72 -1.03 2.03
N ARG A 57 2.81 -0.71 1.35
CA ARG A 57 3.63 0.47 1.67
C ARG A 57 2.82 1.76 1.44
N ILE A 58 2.22 1.92 0.25
CA ILE A 58 1.39 3.10 -0.05
C ILE A 58 0.16 3.17 0.85
N ALA A 59 -0.38 2.05 1.35
CA ALA A 59 -1.46 2.10 2.33
C ALA A 59 -0.99 2.67 3.68
N ASN A 60 0.09 2.13 4.24
CA ASN A 60 0.62 2.59 5.53
C ASN A 60 1.21 4.03 5.50
N GLU A 61 1.42 4.62 4.32
CA GLU A 61 1.85 6.02 4.15
C GLU A 61 0.73 6.95 3.66
N ALA A 62 0.00 6.58 2.59
CA ALA A 62 -1.00 7.42 1.92
C ALA A 62 -2.45 7.10 2.32
N LEU A 63 -2.82 5.82 2.52
CA LEU A 63 -4.14 5.44 3.06
C LEU A 63 -4.23 5.70 4.59
N ASP A 64 -3.08 6.00 5.22
CA ASP A 64 -2.97 6.41 6.61
C ASP A 64 -3.34 7.90 6.85
N GLN A 65 -3.56 8.67 5.77
CA GLN A 65 -3.86 10.11 5.81
C GLN A 65 -5.33 10.41 6.17
N PRO A 66 -5.65 11.60 6.73
CA PRO A 66 -6.98 11.92 7.28
C PRO A 66 -8.09 12.04 6.23
N ASP A 67 -7.78 12.10 4.93
CA ASP A 67 -8.77 12.10 3.84
C ASP A 67 -9.37 10.71 3.54
N VAL A 68 -8.81 9.65 4.14
CA VAL A 68 -9.04 8.25 3.75
C VAL A 68 -10.17 7.59 4.56
N ARG A 69 -10.91 6.67 3.93
CA ARG A 69 -12.10 6.04 4.52
C ARG A 69 -11.78 4.67 5.17
N ALA A 70 -11.13 3.74 4.47
CA ALA A 70 -10.89 2.35 4.90
C ALA A 70 -10.06 1.52 3.88
N VAL A 71 -9.14 0.67 4.37
CA VAL A 71 -8.34 -0.24 3.53
C VAL A 71 -7.78 -1.42 4.35
N THR A 72 -7.60 -2.58 3.72
CA THR A 72 -7.12 -3.84 4.33
C THR A 72 -6.61 -4.79 3.27
N PHE A 73 -5.67 -5.68 3.62
CA PHE A 73 -5.06 -6.65 2.68
C PHE A 73 -4.66 -7.93 3.41
N LEU A 74 -4.98 -9.11 2.87
CA LEU A 74 -4.67 -10.42 3.46
C LEU A 74 -4.55 -11.50 2.38
N ASP A 75 -3.61 -12.45 2.58
CA ASP A 75 -3.45 -13.63 1.73
C ASP A 75 -4.11 -14.91 2.32
N ALA A 76 -4.22 -15.95 1.50
CA ALA A 76 -4.77 -17.27 1.81
C ALA A 76 -4.23 -17.90 3.11
N ARG A 77 -3.00 -17.54 3.48
CA ARG A 77 -2.27 -18.01 4.67
C ARG A 77 -2.82 -17.46 6.02
N GLN A 78 -3.85 -16.59 5.97
CA GLN A 78 -4.38 -15.83 7.11
C GLN A 78 -3.31 -14.84 7.64
N GLU A 79 -2.58 -14.19 6.71
CA GLU A 79 -1.57 -13.18 6.99
C GLU A 79 -2.05 -11.83 6.42
N ARG A 80 -2.23 -10.83 7.28
CA ARG A 80 -2.49 -9.44 6.88
C ARG A 80 -1.19 -8.83 6.36
N LEU A 81 -1.22 -8.35 5.12
CA LEU A 81 -0.11 -7.59 4.53
C LEU A 81 -0.16 -6.13 5.00
N ALA A 82 -1.36 -5.57 5.22
CA ALA A 82 -1.59 -4.17 5.59
C ALA A 82 -3.04 -3.90 6.02
N HIS A 83 -3.26 -2.69 6.54
CA HIS A 83 -4.52 -2.19 7.10
C HIS A 83 -4.38 -0.70 7.44
N ALA A 84 -5.38 0.12 7.10
CA ALA A 84 -5.38 1.58 7.29
C ALA A 84 -6.82 2.15 7.25
N GLY A 85 -7.00 3.33 7.85
CA GLY A 85 -8.31 3.91 8.18
C GLY A 85 -8.76 3.54 9.61
N PRO A 86 -9.75 4.26 10.16
CA PRO A 86 -10.07 4.27 11.59
C PRO A 86 -10.60 2.93 12.13
N SER A 87 -11.35 2.18 11.33
CA SER A 87 -11.95 0.89 11.73
C SER A 87 -11.06 -0.34 11.44
N MET A 88 -9.98 -0.18 10.64
CA MET A 88 -9.05 -1.27 10.28
C MET A 88 -7.74 -1.24 11.07
N LEU A 89 -7.10 -0.06 11.16
CA LEU A 89 -5.81 0.11 11.83
C LEU A 89 -6.06 0.54 13.28
N THR A 90 -5.85 -0.38 14.22
CA THR A 90 -5.98 -0.18 15.67
C THR A 90 -5.05 0.93 16.19
N VAL A 91 -3.89 1.09 15.55
CA VAL A 91 -2.85 2.10 15.86
C VAL A 91 -2.98 3.34 14.95
N ALA A 92 -4.21 3.80 14.68
CA ALA A 92 -4.50 5.03 13.91
C ALA A 92 -4.97 6.18 14.85
N PRO A 93 -4.05 7.01 15.38
CA PRO A 93 -4.39 8.23 16.12
C PRO A 93 -4.86 9.38 15.20
N ALA A 94 -4.54 9.33 13.90
CA ALA A 94 -4.90 10.33 12.88
C ALA A 94 -4.23 11.70 13.10
N GLY A 95 -4.76 12.76 12.47
CA GLY A 95 -4.38 14.17 12.69
C GLY A 95 -3.18 14.65 11.87
N ASP A 96 -2.22 13.75 11.57
CA ASP A 96 -1.07 14.02 10.69
C ASP A 96 -1.20 13.27 9.34
N ALA A 97 -0.27 13.52 8.40
CA ALA A 97 -0.21 12.82 7.13
C ALA A 97 0.49 11.45 7.28
N SER A 98 1.82 11.42 7.17
CA SER A 98 2.66 10.21 7.36
C SER A 98 3.36 10.17 8.73
N HIS A 99 3.60 11.33 9.36
CA HIS A 99 4.38 11.44 10.62
C HIS A 99 3.74 10.74 11.83
N LEU A 100 2.45 10.37 11.75
CA LEU A 100 1.77 9.57 12.77
C LEU A 100 2.21 8.09 12.77
N SER A 101 2.85 7.61 11.69
CA SER A 101 3.28 6.22 11.52
C SER A 101 4.41 5.83 12.51
N MET A 102 3.99 5.35 13.68
CA MET A 102 4.85 5.07 14.84
C MET A 102 5.43 3.64 14.81
N SER A 103 4.62 2.66 14.39
CA SER A 103 4.94 1.22 14.39
C SER A 103 3.81 0.40 13.73
N THR A 104 3.81 0.34 12.39
CA THR A 104 2.80 -0.35 11.56
C THR A 104 3.45 -0.99 10.32
N GLU A 105 4.59 -1.64 10.54
CA GLU A 105 5.36 -2.36 9.52
C GLU A 105 4.77 -3.76 9.23
N LEU A 106 5.36 -4.52 8.30
CA LEU A 106 4.96 -5.88 7.91
C LEU A 106 4.94 -6.89 9.08
N ASP A 107 5.68 -6.60 10.16
CA ASP A 107 5.66 -7.35 11.42
C ASP A 107 4.29 -7.35 12.13
N THR A 108 3.38 -6.45 11.72
CA THR A 108 1.99 -6.34 12.21
C THR A 108 1.10 -7.37 11.49
N THR A 109 1.37 -8.65 11.74
CA THR A 109 0.65 -9.81 11.17
C THR A 109 -0.78 -9.91 11.73
N HIS A 110 -1.64 -10.66 11.05
CA HIS A 110 -3.07 -10.85 11.41
C HIS A 110 -3.27 -11.45 12.81
N PHE A 111 -2.55 -12.54 13.12
CA PHE A 111 -2.50 -13.18 14.43
C PHE A 111 -3.91 -13.45 15.03
N LEU A 112 -4.10 -13.18 16.33
CA LEU A 112 -5.35 -13.36 17.09
C LEU A 112 -5.96 -12.00 17.50
N LEU A 113 -5.92 -11.01 16.60
CA LEU A 113 -6.45 -9.65 16.80
C LEU A 113 -7.99 -9.62 17.00
N PRO A 114 -8.54 -8.55 17.61
CA PRO A 114 -9.97 -8.40 17.90
C PRO A 114 -10.84 -8.04 16.68
N VAL A 115 -10.25 -7.59 15.56
CA VAL A 115 -10.92 -7.21 14.30
C VAL A 115 -10.08 -7.65 13.09
N LEU A 116 -10.72 -7.84 11.93
CA LEU A 116 -10.09 -8.20 10.66
C LEU A 116 -10.98 -7.80 9.45
N GLY A 117 -10.36 -7.28 8.39
CA GLY A 117 -11.05 -6.92 7.14
C GLY A 117 -12.21 -5.94 7.35
N ARG A 118 -13.31 -6.19 6.64
CA ARG A 118 -14.67 -5.67 6.95
C ARG A 118 -15.68 -6.79 7.19
N HIS A 119 -15.21 -8.01 7.50
CA HIS A 119 -16.05 -9.20 7.74
C HIS A 119 -16.85 -9.63 6.47
N HIS A 120 -16.40 -9.25 5.27
CA HIS A 120 -17.05 -9.54 3.99
C HIS A 120 -16.77 -10.96 3.47
N SER A 121 -17.58 -11.47 2.54
CA SER A 121 -17.38 -12.80 1.93
C SER A 121 -16.23 -12.80 0.91
N LEU A 122 -16.28 -11.89 -0.09
CA LEU A 122 -15.27 -11.72 -1.15
C LEU A 122 -15.44 -10.35 -1.82
N SER A 123 -14.35 -9.59 -1.90
CA SER A 123 -14.22 -8.37 -2.70
C SER A 123 -12.73 -8.00 -2.88
N GLY A 124 -12.41 -7.19 -3.90
CA GLY A 124 -11.04 -6.76 -4.21
C GLY A 124 -10.27 -7.81 -4.99
N ALA A 125 -9.40 -8.58 -4.32
CA ALA A 125 -8.59 -9.64 -4.94
C ALA A 125 -9.38 -10.96 -5.02
N THR A 126 -10.34 -11.01 -5.97
CA THR A 126 -11.02 -12.22 -6.42
C THR A 126 -10.10 -13.13 -7.25
N GLU A 127 -9.08 -12.56 -7.89
CA GLU A 127 -8.00 -13.27 -8.60
C GLU A 127 -7.12 -14.10 -7.62
N PRO A 128 -6.45 -15.17 -8.12
CA PRO A 128 -5.62 -16.06 -7.31
C PRO A 128 -4.27 -15.42 -6.91
N ASP A 129 -3.42 -16.20 -6.24
CA ASP A 129 -2.08 -15.83 -5.77
C ASP A 129 -1.11 -15.42 -6.90
N ASP A 130 -1.46 -15.73 -8.16
CA ASP A 130 -0.74 -15.32 -9.36
C ASP A 130 -0.71 -13.79 -9.57
N GLU A 131 -1.72 -13.07 -9.04
CA GLU A 131 -1.77 -11.61 -9.02
C GLU A 131 -0.87 -11.05 -7.89
N ARG A 132 -1.15 -11.47 -6.63
CA ARG A 132 -0.31 -11.25 -5.44
C ARG A 132 -0.88 -11.96 -4.19
N VAL A 133 -2.16 -11.73 -3.90
CA VAL A 133 -2.89 -12.32 -2.76
C VAL A 133 -4.21 -12.93 -3.21
N LEU A 134 -4.60 -14.05 -2.60
CA LEU A 134 -5.88 -14.75 -2.84
C LEU A 134 -6.93 -14.45 -1.76
N GLY A 135 -6.52 -14.02 -0.56
CA GLY A 135 -7.37 -13.89 0.63
C GLY A 135 -8.47 -12.84 0.47
N TRP A 136 -8.09 -11.56 0.49
CA TRP A 136 -8.94 -10.39 0.23
C TRP A 136 -8.17 -9.06 0.25
N VAL A 137 -8.84 -7.99 -0.18
CA VAL A 137 -8.39 -6.60 -0.03
C VAL A 137 -9.60 -5.66 -0.07
N GLU A 138 -9.66 -4.74 0.88
CA GLU A 138 -10.65 -3.65 0.93
C GLU A 138 -10.06 -2.39 0.29
N LEU A 139 -10.92 -1.56 -0.30
CA LEU A 139 -10.52 -0.33 -1.01
C LEU A 139 -11.60 0.75 -0.90
N GLU A 140 -11.38 1.75 -0.05
CA GLU A 140 -12.32 2.84 0.19
C GLU A 140 -11.58 4.15 0.55
N LEU A 141 -11.60 5.10 -0.38
CA LEU A 141 -10.80 6.33 -0.39
C LEU A 141 -11.26 7.28 -1.50
N SER A 142 -10.67 8.48 -1.56
CA SER A 142 -10.79 9.40 -2.70
C SER A 142 -10.18 8.82 -4.00
N HIS A 143 -10.50 9.40 -5.16
CA HIS A 143 -10.14 8.85 -6.48
C HIS A 143 -8.62 8.89 -6.83
N HIS A 144 -7.76 9.35 -5.91
CA HIS A 144 -6.29 9.48 -6.03
C HIS A 144 -5.87 10.62 -7.00
N GLY A 145 -4.57 10.77 -7.29
CA GLY A 145 -4.01 11.81 -8.16
C GLY A 145 -3.59 13.09 -7.44
N THR A 146 -3.52 13.08 -6.10
CA THR A 146 -3.02 14.16 -5.22
C THR A 146 -4.05 15.30 -5.11
N LEU A 147 -3.75 16.37 -4.37
CA LEU A 147 -4.55 17.60 -4.22
C LEU A 147 -5.83 17.42 -3.36
N LEU A 148 -5.92 16.31 -2.62
CA LEU A 148 -7.11 15.85 -1.89
C LEU A 148 -6.74 15.49 -0.45
N ARG A 149 -6.85 16.44 0.49
CA ARG A 149 -6.45 16.28 1.90
C ARG A 149 -7.51 16.82 2.87
N GLY A 150 -7.62 16.18 4.05
CA GLY A 150 -8.61 16.51 5.10
C GLY A 150 -8.24 17.78 5.87
N MET A 1 3.19 10.37 -15.98
CA MET A 1 2.81 9.01 -16.32
C MET A 1 3.91 8.29 -17.09
N GLY A 2 4.21 7.04 -16.70
CA GLY A 2 5.17 6.15 -17.36
C GLY A 2 4.47 5.15 -18.28
N HIS A 3 5.08 4.84 -19.41
CA HIS A 3 4.56 3.91 -20.42
C HIS A 3 5.41 2.61 -20.48
N HIS A 4 4.78 1.48 -20.81
CA HIS A 4 5.39 0.14 -20.89
C HIS A 4 5.93 -0.34 -19.52
N HIS A 5 7.05 -1.07 -19.47
CA HIS A 5 7.70 -1.58 -18.26
C HIS A 5 9.11 -2.11 -18.58
N HIS A 6 10.00 -2.19 -17.57
CA HIS A 6 11.32 -2.80 -17.71
C HIS A 6 11.34 -4.28 -17.26
N HIS A 7 12.39 -5.04 -17.64
CA HIS A 7 12.59 -6.43 -17.19
C HIS A 7 12.99 -6.53 -15.70
N HIS A 8 13.84 -5.63 -15.22
CA HIS A 8 14.35 -5.65 -13.84
C HIS A 8 14.91 -4.26 -13.43
N SER A 9 14.31 -3.62 -12.42
CA SER A 9 14.64 -2.25 -11.97
C SER A 9 14.00 -1.92 -10.61
N SER A 10 14.06 -2.88 -9.67
CA SER A 10 13.57 -2.74 -8.29
C SER A 10 14.63 -2.19 -7.32
N GLY A 11 14.23 -1.84 -6.09
CA GLY A 11 15.10 -1.29 -5.05
C GLY A 11 15.00 0.24 -4.95
N VAL A 12 16.14 0.95 -5.05
CA VAL A 12 16.26 2.40 -4.86
C VAL A 12 17.27 3.02 -5.85
N ASP A 13 18.56 3.09 -5.50
CA ASP A 13 19.63 3.68 -6.32
C ASP A 13 21.02 3.24 -5.81
N LEU A 14 21.43 3.77 -4.64
CA LEU A 14 22.70 3.45 -3.95
C LEU A 14 22.55 2.49 -2.76
N GLY A 15 21.32 2.08 -2.42
CA GLY A 15 20.99 1.22 -1.27
C GLY A 15 20.40 1.97 -0.06
N THR A 16 20.34 3.30 -0.09
CA THR A 16 19.79 4.16 0.98
C THR A 16 19.13 5.45 0.49
N GLU A 17 18.74 5.54 -0.79
CA GLU A 17 18.01 6.69 -1.34
C GLU A 17 16.67 6.91 -0.59
N ASN A 18 16.08 5.84 -0.05
CA ASN A 18 14.92 5.87 0.84
C ASN A 18 15.09 6.73 2.12
N LEU A 19 16.30 7.20 2.46
CA LEU A 19 16.51 8.13 3.58
C LEU A 19 16.09 9.56 3.23
N TYR A 20 16.02 9.92 1.95
CA TYR A 20 15.78 11.30 1.47
C TYR A 20 14.32 11.77 1.62
N PHE A 21 13.34 10.85 1.48
CA PHE A 21 11.90 11.12 1.67
C PHE A 21 11.22 9.94 2.41
N GLN A 22 11.98 9.21 3.24
CA GLN A 22 11.50 8.13 4.11
C GLN A 22 10.94 6.94 3.29
N SER A 23 10.04 6.13 3.86
CA SER A 23 9.36 5.05 3.11
C SER A 23 8.61 5.56 1.87
N MET A 24 8.24 6.86 1.86
CA MET A 24 7.65 7.52 0.69
C MET A 24 8.61 7.54 -0.51
N ARG A 25 9.93 7.69 -0.32
CA ARG A 25 10.89 7.55 -1.44
C ARG A 25 11.01 6.08 -1.89
N ALA A 26 11.12 5.13 -0.96
CA ALA A 26 11.21 3.69 -1.29
C ALA A 26 10.05 3.24 -2.19
N GLN A 27 8.81 3.52 -1.78
CA GLN A 27 7.61 3.10 -2.52
C GLN A 27 7.43 3.84 -3.86
N LEU A 28 7.78 5.13 -3.95
CA LEU A 28 7.75 5.89 -5.21
C LEU A 28 8.70 5.29 -6.24
N ILE A 29 9.91 4.90 -5.83
CA ILE A 29 10.90 4.29 -6.75
C ILE A 29 10.54 2.84 -7.08
N GLU A 30 10.16 2.02 -6.10
CA GLU A 30 9.87 0.60 -6.26
C GLU A 30 8.80 0.32 -7.34
N ARG A 31 7.82 1.21 -7.52
CA ARG A 31 6.87 1.15 -8.64
C ARG A 31 7.27 2.06 -9.81
N GLY A 32 7.66 3.31 -9.54
CA GLY A 32 7.85 4.35 -10.56
C GLY A 32 9.07 4.13 -11.46
N GLN A 33 10.14 3.52 -10.95
CA GLN A 33 11.35 3.19 -11.71
C GLN A 33 11.25 1.79 -12.37
N LEU A 34 10.54 0.85 -11.74
CA LEU A 34 10.23 -0.46 -12.32
C LEU A 34 9.41 -0.30 -13.62
N ILE A 35 8.44 0.60 -13.63
CA ILE A 35 7.70 1.00 -14.84
C ILE A 35 8.59 1.83 -15.78
N ALA A 36 9.12 2.97 -15.32
CA ALA A 36 9.82 3.94 -16.16
C ALA A 36 11.07 4.51 -15.46
N GLU A 37 10.91 5.60 -14.70
CA GLU A 37 11.97 6.36 -14.01
C GLU A 37 11.32 7.52 -13.22
N GLN A 38 11.04 7.29 -11.93
CA GLN A 38 10.48 8.25 -10.95
C GLN A 38 9.32 9.15 -11.47
N LEU A 39 8.46 8.60 -12.35
CA LEU A 39 7.41 9.32 -13.08
C LEU A 39 6.04 8.65 -13.01
N ALA A 40 5.99 7.32 -13.17
CA ALA A 40 4.74 6.56 -13.03
C ALA A 40 4.15 6.66 -11.61
N PRO A 41 2.81 6.61 -11.46
CA PRO A 41 2.14 6.82 -10.18
C PRO A 41 2.45 5.72 -9.18
N LEU A 42 2.36 6.05 -7.89
CA LEU A 42 2.63 5.13 -6.78
C LEU A 42 1.47 4.17 -6.53
N ALA A 43 0.22 4.66 -6.59
CA ALA A 43 -0.98 3.88 -6.27
C ALA A 43 -1.85 3.54 -7.48
N ALA A 44 -2.11 4.48 -8.39
CA ALA A 44 -3.11 4.30 -9.46
C ALA A 44 -2.83 3.08 -10.35
N THR A 45 -1.58 2.93 -10.82
CA THR A 45 -1.12 1.76 -11.59
C THR A 45 -1.01 0.51 -10.72
N ALA A 46 -0.45 0.63 -9.50
CA ALA A 46 -0.25 -0.49 -8.59
C ALA A 46 -1.56 -1.15 -8.14
N LEU A 47 -2.62 -0.36 -7.96
CA LEU A 47 -3.96 -0.83 -7.60
C LEU A 47 -4.64 -1.46 -8.82
N ALA A 48 -4.53 -0.85 -10.00
CA ALA A 48 -5.05 -1.39 -11.26
C ALA A 48 -4.49 -2.79 -11.61
N ARG A 49 -3.21 -3.04 -11.29
CA ARG A 49 -2.56 -4.36 -11.41
C ARG A 49 -2.60 -5.21 -10.11
N LYS A 50 -3.10 -4.65 -9.00
CA LYS A 50 -3.32 -5.30 -7.71
C LYS A 50 -2.01 -5.74 -6.96
N ASP A 51 -0.90 -5.01 -7.17
CA ASP A 51 0.43 -5.31 -6.62
C ASP A 51 0.57 -4.91 -5.14
N THR A 52 -0.04 -5.73 -4.25
CA THR A 52 0.03 -5.63 -2.78
C THR A 52 1.46 -5.54 -2.23
N ALA A 53 2.47 -6.00 -2.97
CA ALA A 53 3.90 -5.81 -2.68
C ALA A 53 4.26 -4.34 -2.41
N VAL A 54 3.81 -3.41 -3.25
CA VAL A 54 3.99 -1.95 -3.04
C VAL A 54 2.73 -1.28 -2.45
N LEU A 55 1.54 -1.86 -2.67
CA LEU A 55 0.30 -1.38 -2.05
C LEU A 55 0.39 -1.40 -0.51
N ASN A 56 1.12 -2.36 0.08
CA ASN A 56 1.50 -2.35 1.50
C ASN A 56 2.16 -1.03 1.93
N ARG A 57 3.28 -0.65 1.29
CA ARG A 57 4.05 0.52 1.69
C ARG A 57 3.23 1.81 1.51
N ILE A 58 2.65 2.01 0.32
CA ILE A 58 1.84 3.22 0.04
C ILE A 58 0.61 3.28 0.94
N ALA A 59 0.02 2.15 1.36
CA ALA A 59 -1.06 2.17 2.33
C ALA A 59 -0.57 2.65 3.71
N ASN A 60 0.52 2.08 4.22
CA ASN A 60 1.08 2.45 5.52
C ASN A 60 1.64 3.89 5.59
N GLU A 61 1.84 4.57 4.45
CA GLU A 61 2.23 5.98 4.38
C GLU A 61 1.08 6.91 3.95
N ALA A 62 0.44 6.66 2.80
CA ALA A 62 -0.55 7.55 2.18
C ALA A 62 -2.00 7.21 2.54
N LEU A 63 -2.35 5.94 2.79
CA LEU A 63 -3.68 5.55 3.28
C LEU A 63 -3.79 5.68 4.82
N ASP A 64 -2.65 5.81 5.50
CA ASP A 64 -2.55 6.14 6.93
C ASP A 64 -2.90 7.61 7.25
N GLN A 65 -3.08 8.45 6.22
CA GLN A 65 -3.39 9.88 6.32
C GLN A 65 -4.84 10.17 6.78
N PRO A 66 -5.11 11.37 7.33
CA PRO A 66 -6.44 11.77 7.82
C PRO A 66 -7.47 12.11 6.73
N ASP A 67 -7.13 12.02 5.43
CA ASP A 67 -8.04 12.25 4.29
C ASP A 67 -8.54 10.95 3.63
N VAL A 68 -8.40 9.82 4.34
CA VAL A 68 -8.63 8.43 3.86
C VAL A 68 -9.81 7.79 4.59
N ARG A 69 -10.52 6.86 3.91
CA ARG A 69 -11.72 6.18 4.43
C ARG A 69 -11.42 4.80 5.03
N ALA A 70 -10.77 3.88 4.28
CA ALA A 70 -10.39 2.53 4.73
C ALA A 70 -9.58 1.74 3.66
N VAL A 71 -8.64 0.90 4.10
CA VAL A 71 -7.90 -0.03 3.24
C VAL A 71 -7.40 -1.23 4.05
N THR A 72 -7.29 -2.41 3.43
CA THR A 72 -6.91 -3.69 4.06
C THR A 72 -6.39 -4.63 2.98
N PHE A 73 -5.44 -5.53 3.30
CA PHE A 73 -4.85 -6.47 2.34
C PHE A 73 -4.50 -7.81 3.02
N LEU A 74 -4.75 -8.94 2.35
CA LEU A 74 -4.50 -10.29 2.88
C LEU A 74 -4.33 -11.33 1.76
N ASP A 75 -3.48 -12.34 1.98
CA ASP A 75 -3.28 -13.48 1.07
C ASP A 75 -3.99 -14.77 1.52
N ALA A 76 -4.00 -15.78 0.63
CA ALA A 76 -4.52 -17.14 0.85
C ALA A 76 -4.03 -17.80 2.15
N ARG A 77 -2.83 -17.40 2.62
CA ARG A 77 -2.19 -17.86 3.87
C ARG A 77 -2.93 -17.42 5.15
N GLN A 78 -3.93 -16.54 5.04
CA GLN A 78 -4.60 -15.81 6.14
C GLN A 78 -3.62 -14.83 6.82
N GLU A 79 -2.63 -14.33 6.07
CA GLU A 79 -1.68 -13.32 6.53
C GLU A 79 -2.13 -11.95 6.02
N ARG A 80 -2.47 -11.07 6.97
CA ARG A 80 -2.79 -9.67 6.73
C ARG A 80 -1.48 -8.93 6.45
N LEU A 81 -1.35 -8.39 5.24
CA LEU A 81 -0.10 -7.77 4.75
C LEU A 81 -0.02 -6.31 5.13
N ALA A 82 -1.17 -5.62 5.13
CA ALA A 82 -1.32 -4.20 5.42
C ALA A 82 -2.78 -3.86 5.76
N HIS A 83 -2.98 -2.67 6.33
CA HIS A 83 -4.26 -2.15 6.80
C HIS A 83 -4.09 -0.68 7.24
N ALA A 84 -5.07 0.17 6.93
CA ALA A 84 -5.04 1.62 7.15
C ALA A 84 -6.45 2.23 7.11
N GLY A 85 -6.61 3.40 7.73
CA GLY A 85 -7.92 3.97 8.08
C GLY A 85 -8.41 3.50 9.46
N PRO A 86 -9.42 4.18 10.04
CA PRO A 86 -9.79 4.07 11.45
C PRO A 86 -10.29 2.68 11.86
N SER A 87 -11.05 2.01 11.01
CA SER A 87 -11.65 0.70 11.28
C SER A 87 -10.73 -0.50 11.00
N MET A 88 -9.60 -0.28 10.29
CA MET A 88 -8.69 -1.36 9.85
C MET A 88 -7.35 -1.34 10.58
N LEU A 89 -6.79 -0.16 10.85
CA LEU A 89 -5.58 0.02 11.65
C LEU A 89 -6.00 0.33 13.09
N THR A 90 -6.25 -0.74 13.87
CA THR A 90 -6.64 -0.67 15.29
C THR A 90 -5.62 0.09 16.14
N VAL A 91 -4.33 0.02 15.77
CA VAL A 91 -3.21 0.78 16.36
C VAL A 91 -3.12 2.25 15.87
N ALA A 92 -4.18 2.81 15.25
CA ALA A 92 -4.31 4.24 14.94
C ALA A 92 -5.14 4.99 16.02
N PRO A 93 -4.49 5.61 17.04
CA PRO A 93 -5.17 6.49 17.98
C PRO A 93 -5.58 7.83 17.35
N ALA A 94 -4.76 8.38 16.43
CA ALA A 94 -4.98 9.69 15.81
C ALA A 94 -5.13 9.68 14.27
N GLY A 95 -4.56 8.68 13.58
CA GLY A 95 -4.60 8.58 12.10
C GLY A 95 -3.77 9.66 11.40
N ASP A 96 -2.62 10.01 11.97
CA ASP A 96 -1.74 11.08 11.49
C ASP A 96 -0.93 10.68 10.23
N ALA A 97 -0.50 11.65 9.42
CA ALA A 97 0.18 11.41 8.14
C ALA A 97 1.60 10.84 8.31
N SER A 98 2.41 11.42 9.19
CA SER A 98 3.79 10.99 9.47
C SER A 98 4.10 10.80 10.97
N HIS A 99 3.26 11.30 11.87
CA HIS A 99 3.42 11.11 13.32
C HIS A 99 3.06 9.69 13.80
N LEU A 100 2.26 8.96 13.00
CA LEU A 100 1.77 7.61 13.30
C LEU A 100 2.68 6.50 12.74
N SER A 101 3.39 6.77 11.65
CA SER A 101 4.19 5.79 10.87
C SER A 101 5.58 5.47 11.50
N MET A 102 5.69 5.54 12.83
CA MET A 102 6.94 5.34 13.59
C MET A 102 7.58 3.96 13.37
N SER A 103 6.80 2.89 13.43
CA SER A 103 7.23 1.49 13.23
C SER A 103 6.01 0.55 13.21
N THR A 104 5.56 0.13 12.02
CA THR A 104 4.43 -0.80 11.84
C THR A 104 4.92 -2.21 11.52
N GLU A 105 5.84 -2.35 10.55
CA GLU A 105 6.48 -3.60 10.12
C GLU A 105 5.52 -4.52 9.31
N LEU A 106 6.04 -5.65 8.80
CA LEU A 106 5.28 -6.70 8.10
C LEU A 106 4.87 -7.87 9.02
N ASP A 107 5.21 -7.83 10.31
CA ASP A 107 4.85 -8.84 11.32
C ASP A 107 3.37 -8.76 11.77
N THR A 108 2.58 -7.87 11.15
CA THR A 108 1.17 -7.53 11.46
C THR A 108 0.15 -8.55 10.91
N THR A 109 0.50 -9.84 11.02
CA THR A 109 -0.32 -11.02 10.67
C THR A 109 -1.72 -10.95 11.32
N HIS A 110 -2.71 -11.61 10.71
CA HIS A 110 -4.10 -11.62 11.21
C HIS A 110 -4.20 -12.03 12.69
N PHE A 111 -3.37 -12.98 13.14
CA PHE A 111 -3.31 -13.49 14.51
C PHE A 111 -3.09 -12.41 15.59
N LEU A 112 -2.59 -11.22 15.22
CA LEU A 112 -2.41 -10.07 16.10
C LEU A 112 -3.76 -9.50 16.60
N LEU A 113 -4.79 -9.51 15.75
CA LEU A 113 -6.13 -8.94 16.01
C LEU A 113 -7.23 -10.03 16.08
N PRO A 114 -8.42 -9.71 16.63
CA PRO A 114 -9.52 -10.67 16.75
C PRO A 114 -10.37 -10.83 15.47
N VAL A 115 -10.27 -9.93 14.49
CA VAL A 115 -11.10 -9.87 13.27
C VAL A 115 -10.28 -9.35 12.06
N LEU A 116 -10.86 -9.44 10.85
CA LEU A 116 -10.27 -8.96 9.60
C LEU A 116 -11.25 -8.11 8.77
N GLY A 117 -10.73 -7.01 8.21
CA GLY A 117 -11.43 -6.10 7.29
C GLY A 117 -12.80 -5.66 7.82
N ARG A 118 -13.81 -5.77 6.96
CA ARG A 118 -15.24 -5.64 7.30
C ARG A 118 -15.99 -6.96 7.05
N HIS A 119 -15.31 -8.11 7.18
CA HIS A 119 -15.86 -9.47 7.02
C HIS A 119 -16.36 -9.78 5.59
N HIS A 120 -15.67 -9.30 4.55
CA HIS A 120 -16.01 -9.53 3.14
C HIS A 120 -14.91 -10.32 2.39
N SER A 121 -15.31 -11.23 1.50
CA SER A 121 -14.40 -11.97 0.59
C SER A 121 -14.34 -11.37 -0.82
N LEU A 122 -15.40 -10.67 -1.25
CA LEU A 122 -15.55 -10.00 -2.55
C LEU A 122 -15.02 -8.54 -2.50
N SER A 123 -15.00 -7.88 -3.66
CA SER A 123 -14.62 -6.46 -3.82
C SER A 123 -13.12 -6.22 -3.56
N GLY A 124 -12.25 -7.07 -4.13
CA GLY A 124 -10.79 -7.02 -3.97
C GLY A 124 -10.02 -7.91 -4.95
N ALA A 125 -8.92 -8.50 -4.50
CA ALA A 125 -8.11 -9.47 -5.25
C ALA A 125 -8.80 -10.85 -5.36
N THR A 126 -9.86 -10.90 -6.17
CA THR A 126 -10.53 -12.13 -6.63
C THR A 126 -9.67 -12.91 -7.64
N GLU A 127 -8.75 -12.22 -8.33
CA GLU A 127 -7.71 -12.80 -9.19
C GLU A 127 -6.69 -13.65 -8.39
N PRO A 128 -6.00 -14.61 -9.04
CA PRO A 128 -5.05 -15.52 -8.38
C PRO A 128 -3.69 -14.85 -8.06
N ASP A 129 -2.77 -15.66 -7.53
CA ASP A 129 -1.36 -15.32 -7.23
C ASP A 129 -0.58 -14.70 -8.40
N ASP A 130 -1.07 -14.86 -9.64
CA ASP A 130 -0.47 -14.29 -10.87
C ASP A 130 -0.40 -12.76 -10.85
N GLU A 131 -1.31 -12.09 -10.12
CA GLU A 131 -1.25 -10.65 -9.87
C GLU A 131 -0.28 -10.33 -8.71
N ARG A 132 -0.52 -10.93 -7.54
CA ARG A 132 0.30 -10.83 -6.31
C ARG A 132 -0.28 -11.69 -5.17
N VAL A 133 -1.56 -11.47 -4.81
CA VAL A 133 -2.26 -12.15 -3.69
C VAL A 133 -3.62 -12.69 -4.14
N LEU A 134 -4.06 -13.79 -3.51
CA LEU A 134 -5.32 -14.49 -3.82
C LEU A 134 -6.42 -14.25 -2.76
N GLY A 135 -6.09 -13.71 -1.59
CA GLY A 135 -7.00 -13.54 -0.45
C GLY A 135 -8.09 -12.50 -0.70
N TRP A 136 -7.74 -11.22 -0.50
CA TRP A 136 -8.59 -10.03 -0.75
C TRP A 136 -7.82 -8.71 -0.52
N VAL A 137 -8.49 -7.59 -0.79
CA VAL A 137 -8.01 -6.21 -0.56
C VAL A 137 -9.19 -5.23 -0.63
N GLU A 138 -9.33 -4.39 0.41
CA GLU A 138 -10.31 -3.30 0.46
C GLU A 138 -9.66 -2.00 -0.04
N LEU A 139 -10.47 -1.07 -0.57
CA LEU A 139 -9.99 0.09 -1.35
C LEU A 139 -10.97 1.28 -1.29
N GLU A 140 -10.91 2.06 -0.20
CA GLU A 140 -11.83 3.17 0.07
C GLU A 140 -11.06 4.46 0.42
N LEU A 141 -11.06 5.42 -0.52
CA LEU A 141 -10.25 6.66 -0.48
C LEU A 141 -10.70 7.66 -1.56
N SER A 142 -10.05 8.82 -1.61
CA SER A 142 -10.17 9.79 -2.72
C SER A 142 -9.52 9.26 -4.02
N HIS A 143 -9.76 9.92 -5.17
CA HIS A 143 -9.34 9.45 -6.50
C HIS A 143 -7.81 9.29 -6.71
N HIS A 144 -7.00 9.89 -5.83
CA HIS A 144 -5.52 9.86 -5.79
C HIS A 144 -4.86 10.80 -6.83
N GLY A 145 -3.53 11.01 -6.72
CA GLY A 145 -2.71 11.79 -7.64
C GLY A 145 -2.67 13.28 -7.30
N THR A 146 -3.84 13.90 -7.12
CA THR A 146 -4.06 15.34 -6.87
C THR A 146 -5.35 15.58 -6.08
N LEU A 147 -5.53 16.82 -5.59
CA LEU A 147 -6.67 17.30 -4.78
C LEU A 147 -6.71 16.69 -3.37
N LEU A 148 -5.61 16.04 -2.94
CA LEU A 148 -5.44 15.42 -1.62
C LEU A 148 -5.11 16.47 -0.55
N ARG A 149 -5.33 16.12 0.73
CA ARG A 149 -5.17 17.02 1.90
C ARG A 149 -4.85 16.26 3.21
N GLY A 150 -4.08 15.18 3.08
CA GLY A 150 -3.61 14.34 4.20
C GLY A 150 -2.33 14.89 4.83
N MET A 1 1.47 7.92 -16.36
CA MET A 1 2.63 8.78 -16.61
C MET A 1 3.86 8.00 -17.12
N GLY A 2 3.91 6.69 -16.87
CA GLY A 2 4.95 5.78 -17.38
C GLY A 2 4.54 5.19 -18.72
N HIS A 3 5.27 5.54 -19.78
CA HIS A 3 4.96 5.17 -21.17
C HIS A 3 6.22 5.22 -22.06
N HIS A 4 7.29 4.53 -21.63
CA HIS A 4 8.59 4.55 -22.31
C HIS A 4 9.35 3.22 -22.09
N HIS A 5 9.19 2.26 -23.00
CA HIS A 5 9.81 0.93 -22.92
C HIS A 5 11.14 0.89 -23.69
N HIS A 6 12.26 1.14 -22.99
CA HIS A 6 13.62 1.07 -23.54
C HIS A 6 14.60 0.34 -22.60
N HIS A 7 14.73 0.80 -21.35
CA HIS A 7 15.64 0.22 -20.34
C HIS A 7 15.19 0.61 -18.92
N HIS A 8 15.53 -0.22 -17.92
CA HIS A 8 15.21 0.01 -16.50
C HIS A 8 16.11 -0.84 -15.58
N SER A 9 16.41 -0.32 -14.39
CA SER A 9 17.13 -1.01 -13.30
C SER A 9 16.69 -0.39 -11.96
N SER A 10 16.18 -1.21 -11.03
CA SER A 10 15.74 -0.79 -9.69
C SER A 10 16.70 -1.24 -8.57
N GLY A 11 16.39 -0.89 -7.32
CA GLY A 11 17.19 -1.21 -6.13
C GLY A 11 18.20 -0.11 -5.77
N VAL A 12 18.83 -0.26 -4.61
CA VAL A 12 19.80 0.70 -4.05
C VAL A 12 21.18 0.54 -4.70
N ASP A 13 21.76 1.64 -5.18
CA ASP A 13 23.09 1.67 -5.80
C ASP A 13 24.24 1.65 -4.76
N LEU A 14 23.97 2.21 -3.57
CA LEU A 14 24.93 2.43 -2.48
C LEU A 14 24.41 2.00 -1.10
N GLY A 15 23.34 1.19 -1.05
CA GLY A 15 22.80 0.59 0.18
C GLY A 15 21.74 1.42 0.93
N THR A 16 21.50 2.68 0.52
CA THR A 16 20.64 3.65 1.25
C THR A 16 19.95 4.69 0.34
N GLU A 17 19.82 4.41 -0.96
CA GLU A 17 19.23 5.36 -1.93
C GLU A 17 17.78 5.74 -1.58
N ASN A 18 17.01 4.80 -1.00
CA ASN A 18 15.62 5.06 -0.60
C ASN A 18 15.49 6.09 0.55
N LEU A 19 16.53 6.29 1.36
CA LEU A 19 16.48 7.16 2.54
C LEU A 19 16.22 8.64 2.20
N TYR A 20 16.56 9.06 0.98
CA TYR A 20 16.40 10.43 0.45
C TYR A 20 14.98 11.02 0.62
N PHE A 21 13.94 10.18 0.66
CA PHE A 21 12.56 10.56 0.99
C PHE A 21 11.86 9.46 1.83
N GLN A 22 12.61 8.78 2.70
CA GLN A 22 12.08 7.78 3.65
C GLN A 22 11.39 6.61 2.92
N SER A 23 10.41 5.95 3.55
CA SER A 23 9.59 4.90 2.92
C SER A 23 8.79 5.43 1.70
N MET A 24 8.54 6.75 1.63
CA MET A 24 7.86 7.37 0.48
C MET A 24 8.69 7.24 -0.81
N ARG A 25 10.02 7.43 -0.79
CA ARG A 25 10.83 7.12 -1.98
C ARG A 25 10.86 5.60 -2.24
N ALA A 26 11.00 4.77 -1.22
CA ALA A 26 11.04 3.30 -1.37
C ALA A 26 9.84 2.79 -2.19
N GLN A 27 8.62 3.18 -1.80
CA GLN A 27 7.38 2.76 -2.46
C GLN A 27 7.16 3.42 -3.84
N LEU A 28 7.51 4.70 -4.01
CA LEU A 28 7.41 5.39 -5.31
C LEU A 28 8.31 4.74 -6.35
N ILE A 29 9.54 4.39 -5.96
CA ILE A 29 10.53 3.76 -6.86
C ILE A 29 10.20 2.29 -7.13
N GLU A 30 9.76 1.54 -6.11
CA GLU A 30 9.39 0.11 -6.22
C GLU A 30 8.32 -0.18 -7.29
N ARG A 31 7.43 0.78 -7.57
CA ARG A 31 6.47 0.69 -8.68
C ARG A 31 6.86 1.56 -9.89
N GLY A 32 7.29 2.81 -9.66
CA GLY A 32 7.53 3.78 -10.74
C GLY A 32 8.77 3.50 -11.58
N GLN A 33 9.81 2.90 -11.00
CA GLN A 33 11.04 2.51 -11.69
C GLN A 33 10.99 1.05 -12.20
N LEU A 34 9.97 0.29 -11.83
CA LEU A 34 9.60 -0.99 -12.47
C LEU A 34 8.83 -0.75 -13.78
N ILE A 35 7.89 0.20 -13.80
CA ILE A 35 7.11 0.57 -14.99
C ILE A 35 7.95 1.40 -15.98
N ALA A 36 8.65 2.42 -15.49
CA ALA A 36 9.42 3.38 -16.29
C ALA A 36 10.58 3.95 -15.45
N GLU A 37 10.58 5.25 -15.16
CA GLU A 37 11.53 5.91 -14.26
C GLU A 37 10.84 7.04 -13.49
N GLN A 38 10.59 6.83 -12.19
CA GLN A 38 10.09 7.80 -11.19
C GLN A 38 8.93 8.72 -11.62
N LEU A 39 8.10 8.28 -12.56
CA LEU A 39 6.99 9.04 -13.15
C LEU A 39 5.63 8.37 -12.96
N ALA A 40 5.51 7.06 -13.22
CA ALA A 40 4.27 6.30 -13.06
C ALA A 40 3.71 6.40 -11.62
N PRO A 41 2.37 6.40 -11.45
CA PRO A 41 1.72 6.65 -10.15
C PRO A 41 2.03 5.55 -9.14
N LEU A 42 1.86 5.87 -7.84
CA LEU A 42 2.13 4.94 -6.75
C LEU A 42 0.96 3.97 -6.49
N ALA A 43 -0.29 4.46 -6.51
CA ALA A 43 -1.47 3.68 -6.13
C ALA A 43 -2.30 3.21 -7.33
N ALA A 44 -2.61 4.08 -8.28
CA ALA A 44 -3.58 3.80 -9.37
C ALA A 44 -3.22 2.55 -10.19
N THR A 45 -1.98 2.49 -10.70
CA THR A 45 -1.44 1.36 -11.47
C THR A 45 -1.24 0.11 -10.63
N ALA A 46 -0.85 0.26 -9.36
CA ALA A 46 -0.60 -0.85 -8.43
C ALA A 46 -1.89 -1.54 -7.98
N LEU A 47 -2.97 -0.78 -7.78
CA LEU A 47 -4.30 -1.30 -7.42
C LEU A 47 -4.95 -1.96 -8.65
N ALA A 48 -4.82 -1.34 -9.84
CA ALA A 48 -5.32 -1.91 -11.10
C ALA A 48 -4.78 -3.32 -11.40
N ARG A 49 -3.49 -3.57 -11.12
CA ARG A 49 -2.85 -4.90 -11.21
C ARG A 49 -2.93 -5.73 -9.91
N LYS A 50 -3.35 -5.12 -8.80
CA LYS A 50 -3.59 -5.74 -7.48
C LYS A 50 -2.30 -6.14 -6.73
N ASP A 51 -1.21 -5.39 -6.91
CA ASP A 51 0.15 -5.68 -6.38
C ASP A 51 0.32 -5.26 -4.90
N THR A 52 -0.29 -6.04 -3.99
CA THR A 52 -0.15 -5.95 -2.51
C THR A 52 1.29 -5.85 -2.02
N ALA A 53 2.26 -6.35 -2.80
CA ALA A 53 3.70 -6.17 -2.55
C ALA A 53 4.11 -4.71 -2.35
N VAL A 54 3.56 -3.78 -3.14
CA VAL A 54 3.74 -2.32 -2.96
C VAL A 54 2.51 -1.64 -2.35
N LEU A 55 1.30 -2.21 -2.53
CA LEU A 55 0.08 -1.71 -1.90
C LEU A 55 0.19 -1.69 -0.37
N ASN A 56 0.90 -2.65 0.24
CA ASN A 56 1.29 -2.63 1.66
C ASN A 56 1.98 -1.31 2.06
N ARG A 57 3.10 -0.97 1.40
CA ARG A 57 3.92 0.20 1.75
C ARG A 57 3.12 1.50 1.57
N ILE A 58 2.51 1.71 0.40
CA ILE A 58 1.69 2.91 0.15
C ILE A 58 0.47 2.97 1.07
N ALA A 59 -0.10 1.84 1.51
CA ALA A 59 -1.17 1.87 2.51
C ALA A 59 -0.68 2.37 3.87
N ASN A 60 0.47 1.89 4.34
CA ASN A 60 1.06 2.30 5.61
C ASN A 60 1.56 3.77 5.63
N GLU A 61 1.76 4.40 4.46
CA GLU A 61 2.17 5.80 4.34
C GLU A 61 1.01 6.73 3.90
N ALA A 62 0.37 6.45 2.76
CA ALA A 62 -0.63 7.30 2.11
C ALA A 62 -2.07 6.98 2.52
N LEU A 63 -2.42 5.70 2.76
CA LEU A 63 -3.77 5.33 3.28
C LEU A 63 -3.86 5.52 4.82
N ASP A 64 -2.74 5.79 5.49
CA ASP A 64 -2.68 6.17 6.91
C ASP A 64 -2.97 7.68 7.15
N GLN A 65 -3.22 8.44 6.09
CA GLN A 65 -3.50 9.88 6.14
C GLN A 65 -4.97 10.19 6.52
N PRO A 66 -5.26 11.38 7.09
CA PRO A 66 -6.61 11.73 7.57
C PRO A 66 -7.64 11.92 6.45
N ASP A 67 -7.22 12.04 5.18
CA ASP A 67 -8.10 12.12 4.01
C ASP A 67 -8.75 10.78 3.59
N VAL A 68 -8.37 9.68 4.25
CA VAL A 68 -8.65 8.30 3.83
C VAL A 68 -9.85 7.70 4.58
N ARG A 69 -10.62 6.85 3.89
CA ARG A 69 -11.78 6.15 4.46
C ARG A 69 -11.36 4.83 5.14
N ALA A 70 -10.86 3.82 4.39
CA ALA A 70 -10.40 2.52 4.90
C ALA A 70 -9.71 1.63 3.83
N VAL A 71 -8.79 0.77 4.26
CA VAL A 71 -8.05 -0.19 3.40
C VAL A 71 -7.55 -1.40 4.21
N THR A 72 -7.40 -2.57 3.56
CA THR A 72 -7.00 -3.85 4.19
C THR A 72 -6.50 -4.84 3.13
N PHE A 73 -5.60 -5.76 3.47
CA PHE A 73 -5.04 -6.76 2.55
C PHE A 73 -4.67 -8.08 3.25
N LEU A 74 -4.96 -9.23 2.62
CA LEU A 74 -4.71 -10.58 3.16
C LEU A 74 -4.50 -11.63 2.05
N ASP A 75 -3.63 -12.61 2.30
CA ASP A 75 -3.37 -13.77 1.44
C ASP A 75 -4.13 -15.05 1.89
N ALA A 76 -4.17 -16.08 1.03
CA ALA A 76 -4.82 -17.37 1.27
C ALA A 76 -4.33 -18.11 2.53
N ARG A 77 -3.07 -17.89 2.93
CA ARG A 77 -2.49 -18.39 4.19
C ARG A 77 -3.10 -17.75 5.45
N GLN A 78 -4.03 -16.80 5.30
CA GLN A 78 -4.70 -16.01 6.34
C GLN A 78 -3.75 -14.99 6.99
N GLU A 79 -2.63 -14.67 6.32
CA GLU A 79 -1.71 -13.60 6.70
C GLU A 79 -2.23 -12.26 6.18
N ARG A 80 -2.47 -11.31 7.10
CA ARG A 80 -2.64 -9.89 6.77
C ARG A 80 -1.30 -9.28 6.36
N LEU A 81 -1.28 -8.58 5.23
CA LEU A 81 -0.10 -7.83 4.77
C LEU A 81 -0.13 -6.37 5.25
N ALA A 82 -1.31 -5.76 5.34
CA ALA A 82 -1.51 -4.35 5.70
C ALA A 82 -2.96 -4.02 6.03
N HIS A 83 -3.16 -2.83 6.61
CA HIS A 83 -4.44 -2.27 7.02
C HIS A 83 -4.25 -0.80 7.44
N ALA A 84 -5.20 0.07 7.07
CA ALA A 84 -5.16 1.52 7.30
C ALA A 84 -6.57 2.13 7.25
N GLY A 85 -6.74 3.31 7.86
CA GLY A 85 -8.04 3.88 8.23
C GLY A 85 -8.41 3.58 9.70
N PRO A 86 -9.39 4.31 10.26
CA PRO A 86 -9.64 4.37 11.70
C PRO A 86 -10.19 3.05 12.28
N SER A 87 -11.00 2.32 11.52
CA SER A 87 -11.60 1.04 11.94
C SER A 87 -10.70 -0.18 11.65
N MET A 88 -9.65 -0.03 10.81
CA MET A 88 -8.83 -1.15 10.31
C MET A 88 -7.43 -1.21 10.91
N LEU A 89 -6.73 -0.08 11.06
CA LEU A 89 -5.43 -0.05 11.75
C LEU A 89 -5.65 0.12 13.26
N THR A 90 -5.25 -0.89 14.04
CA THR A 90 -5.30 -0.91 15.51
C THR A 90 -4.60 0.30 16.13
N VAL A 91 -3.50 0.73 15.51
CA VAL A 91 -2.61 1.83 15.92
C VAL A 91 -3.07 3.19 15.32
N ALA A 92 -4.31 3.33 14.85
CA ALA A 92 -4.87 4.60 14.36
C ALA A 92 -5.91 5.21 15.35
N PRO A 93 -5.46 5.98 16.37
CA PRO A 93 -6.36 6.72 17.25
C PRO A 93 -6.99 7.92 16.54
N ALA A 94 -6.23 8.61 15.68
CA ALA A 94 -6.69 9.75 14.87
C ALA A 94 -6.40 9.64 13.36
N GLY A 95 -5.44 8.79 12.95
CA GLY A 95 -5.07 8.58 11.54
C GLY A 95 -4.31 9.76 10.94
N ASP A 96 -3.33 10.31 11.67
CA ASP A 96 -2.48 11.41 11.19
C ASP A 96 -1.41 10.95 10.18
N ALA A 97 -1.12 11.77 9.16
CA ALA A 97 -0.28 11.44 8.02
C ALA A 97 1.15 10.98 8.38
N SER A 98 1.89 11.81 9.12
CA SER A 98 3.25 11.46 9.59
C SER A 98 3.33 11.38 11.12
N HIS A 99 2.51 12.14 11.86
CA HIS A 99 2.64 12.28 13.32
C HIS A 99 2.32 10.98 14.09
N LEU A 100 1.53 10.07 13.49
CA LEU A 100 1.24 8.73 14.00
C LEU A 100 2.11 7.62 13.35
N SER A 101 2.79 7.89 12.24
CA SER A 101 3.50 6.88 11.46
C SER A 101 4.94 6.65 11.98
N MET A 102 5.05 6.25 13.25
CA MET A 102 6.32 6.01 13.95
C MET A 102 7.02 4.74 13.45
N SER A 103 6.30 3.62 13.43
CA SER A 103 6.72 2.29 12.92
C SER A 103 5.57 1.28 13.07
N THR A 104 4.95 0.88 11.94
CA THR A 104 3.89 -0.14 11.91
C THR A 104 4.49 -1.51 11.61
N GLU A 105 5.08 -1.66 10.41
CA GLU A 105 5.85 -2.82 9.94
C GLU A 105 4.97 -4.07 9.67
N LEU A 106 5.55 -5.09 9.00
CA LEU A 106 4.88 -6.34 8.62
C LEU A 106 4.63 -7.31 9.79
N ASP A 107 5.00 -6.94 11.03
CA ASP A 107 4.86 -7.77 12.23
C ASP A 107 3.41 -7.99 12.71
N THR A 108 2.47 -7.13 12.28
CA THR A 108 1.05 -7.21 12.68
C THR A 108 0.30 -8.19 11.79
N THR A 109 0.44 -9.48 12.12
CA THR A 109 -0.25 -10.63 11.49
C THR A 109 -1.73 -10.67 11.89
N HIS A 110 -2.49 -11.61 11.31
CA HIS A 110 -3.91 -11.81 11.63
C HIS A 110 -4.14 -12.41 13.04
N PHE A 111 -3.21 -13.26 13.50
CA PHE A 111 -3.22 -13.87 14.84
C PHE A 111 -2.85 -12.83 15.93
N LEU A 112 -3.81 -11.94 16.22
CA LEU A 112 -3.66 -10.80 17.13
C LEU A 112 -5.00 -10.17 17.53
N LEU A 113 -5.91 -9.94 16.56
CA LEU A 113 -7.22 -9.32 16.76
C LEU A 113 -8.39 -10.32 16.62
N PRO A 114 -9.58 -10.04 17.19
CA PRO A 114 -10.75 -10.91 17.12
C PRO A 114 -11.44 -10.91 15.75
N VAL A 115 -11.54 -9.74 15.09
CA VAL A 115 -12.11 -9.57 13.73
C VAL A 115 -11.35 -8.48 12.99
N LEU A 116 -11.13 -8.69 11.67
CA LEU A 116 -10.47 -7.75 10.76
C LEU A 116 -10.64 -8.22 9.30
N GLY A 117 -10.77 -7.27 8.37
CA GLY A 117 -10.98 -7.50 6.95
C GLY A 117 -12.04 -6.55 6.37
N ARG A 118 -12.65 -6.94 5.25
CA ARG A 118 -13.76 -6.18 4.64
C ARG A 118 -15.04 -6.18 5.49
N HIS A 119 -15.16 -7.11 6.46
CA HIS A 119 -16.32 -7.27 7.35
C HIS A 119 -17.62 -7.56 6.57
N HIS A 120 -17.49 -8.27 5.44
CA HIS A 120 -18.50 -8.45 4.41
C HIS A 120 -18.06 -9.53 3.39
N SER A 121 -18.95 -9.94 2.49
CA SER A 121 -18.68 -10.97 1.45
C SER A 121 -17.82 -10.48 0.26
N LEU A 122 -17.42 -9.20 0.27
CA LEU A 122 -16.54 -8.58 -0.72
C LEU A 122 -15.13 -9.20 -0.71
N SER A 123 -14.47 -9.24 -1.87
CA SER A 123 -13.18 -9.93 -2.07
C SER A 123 -12.06 -8.99 -2.52
N GLY A 124 -12.09 -8.47 -3.76
CA GLY A 124 -11.06 -7.62 -4.37
C GLY A 124 -9.85 -8.40 -4.89
N ALA A 125 -9.41 -9.42 -4.15
CA ALA A 125 -8.34 -10.36 -4.51
C ALA A 125 -8.90 -11.79 -4.76
N THR A 126 -10.01 -11.86 -5.49
CA THR A 126 -10.54 -13.10 -6.10
C THR A 126 -9.61 -13.65 -7.20
N GLU A 127 -8.74 -12.79 -7.74
CA GLU A 127 -7.66 -13.13 -8.69
C GLU A 127 -6.65 -14.14 -8.09
N PRO A 128 -5.98 -14.95 -8.93
CA PRO A 128 -5.04 -16.00 -8.51
C PRO A 128 -3.67 -15.44 -8.09
N ASP A 129 -2.76 -16.35 -7.71
CA ASP A 129 -1.37 -16.09 -7.29
C ASP A 129 -0.55 -15.34 -8.36
N ASP A 130 -0.95 -15.44 -9.64
CA ASP A 130 -0.32 -14.79 -10.79
C ASP A 130 -0.42 -13.25 -10.73
N GLU A 131 -1.38 -12.70 -9.97
CA GLU A 131 -1.44 -11.29 -9.61
C GLU A 131 -0.51 -11.01 -8.41
N ARG A 132 -0.85 -11.49 -7.20
CA ARG A 132 -0.06 -11.32 -5.96
C ARG A 132 -0.64 -12.09 -4.75
N VAL A 133 -1.91 -11.88 -4.41
CA VAL A 133 -2.62 -12.53 -3.28
C VAL A 133 -3.99 -13.05 -3.70
N LEU A 134 -4.49 -14.06 -2.98
CA LEU A 134 -5.74 -14.77 -3.28
C LEU A 134 -6.80 -14.68 -2.15
N GLY A 135 -6.51 -13.93 -1.08
CA GLY A 135 -7.35 -13.80 0.12
C GLY A 135 -8.44 -12.76 -0.08
N TRP A 136 -8.13 -11.50 0.25
CA TRP A 136 -8.99 -10.32 0.01
C TRP A 136 -8.20 -8.99 0.07
N VAL A 137 -8.83 -7.92 -0.40
CA VAL A 137 -8.34 -6.54 -0.30
C VAL A 137 -9.53 -5.56 -0.28
N GLU A 138 -9.54 -4.67 0.71
CA GLU A 138 -10.45 -3.54 0.77
C GLU A 138 -9.84 -2.32 0.04
N LEU A 139 -10.69 -1.46 -0.52
CA LEU A 139 -10.29 -0.21 -1.18
C LEU A 139 -11.40 0.83 -1.04
N GLU A 140 -11.24 1.78 -0.11
CA GLU A 140 -12.16 2.90 0.09
C GLU A 140 -11.37 4.17 0.43
N LEU A 141 -11.36 5.11 -0.52
CA LEU A 141 -10.53 6.32 -0.52
C LEU A 141 -10.97 7.29 -1.63
N SER A 142 -10.32 8.44 -1.70
CA SER A 142 -10.40 9.40 -2.80
C SER A 142 -9.77 8.88 -4.12
N HIS A 143 -10.12 9.46 -5.26
CA HIS A 143 -9.56 9.12 -6.58
C HIS A 143 -8.13 9.67 -6.82
N HIS A 144 -7.29 9.61 -5.78
CA HIS A 144 -5.86 9.96 -5.79
C HIS A 144 -5.60 11.45 -6.15
N GLY A 145 -4.47 11.78 -6.79
CA GLY A 145 -4.20 13.11 -7.38
C GLY A 145 -3.67 14.19 -6.42
N THR A 146 -3.46 13.86 -5.14
CA THR A 146 -2.71 14.63 -4.10
C THR A 146 -3.52 15.79 -3.52
N LEU A 147 -4.12 16.63 -4.36
CA LEU A 147 -4.95 17.79 -3.97
C LEU A 147 -6.31 17.31 -3.43
N LEU A 148 -6.41 17.22 -2.09
CA LEU A 148 -7.52 16.57 -1.37
C LEU A 148 -7.90 17.38 -0.12
N ARG A 149 -7.23 17.10 1.02
CA ARG A 149 -7.41 17.71 2.35
C ARG A 149 -6.31 17.19 3.31
N GLY A 150 -6.19 17.79 4.50
CA GLY A 150 -5.25 17.36 5.55
C GLY A 150 -3.80 17.70 5.22
N MET A 1 8.75 8.40 -18.49
CA MET A 1 7.39 8.95 -18.64
C MET A 1 6.28 7.96 -18.25
N GLY A 2 6.62 6.67 -18.06
CA GLY A 2 5.71 5.63 -17.60
C GLY A 2 4.76 5.15 -18.69
N HIS A 3 3.48 5.00 -18.34
CA HIS A 3 2.36 4.52 -19.20
C HIS A 3 2.49 3.03 -19.58
N HIS A 4 3.51 2.68 -20.36
CA HIS A 4 3.84 1.31 -20.77
C HIS A 4 5.37 1.12 -20.86
N HIS A 5 6.03 1.91 -21.70
CA HIS A 5 7.48 1.84 -21.98
C HIS A 5 7.90 0.44 -22.49
N HIS A 6 9.16 0.03 -22.30
CA HIS A 6 9.67 -1.30 -22.67
C HIS A 6 9.99 -2.18 -21.42
N HIS A 7 9.40 -1.84 -20.26
CA HIS A 7 9.72 -2.34 -18.91
C HIS A 7 11.12 -1.89 -18.41
N HIS A 8 11.37 -2.06 -17.11
CA HIS A 8 12.67 -1.85 -16.45
C HIS A 8 12.79 -2.75 -15.20
N SER A 9 13.97 -2.77 -14.56
CA SER A 9 14.23 -3.52 -13.32
C SER A 9 15.46 -2.93 -12.60
N SER A 10 15.25 -1.81 -11.90
CA SER A 10 16.27 -1.08 -11.13
C SER A 10 15.69 -0.58 -9.80
N GLY A 11 16.57 -0.35 -8.81
CA GLY A 11 16.21 0.17 -7.48
C GLY A 11 17.40 0.80 -6.75
N VAL A 12 17.38 0.71 -5.42
CA VAL A 12 18.46 1.19 -4.53
C VAL A 12 19.84 0.64 -4.93
N ASP A 13 20.84 1.52 -5.03
CA ASP A 13 22.19 1.20 -5.51
C ASP A 13 23.03 0.40 -4.49
N LEU A 14 22.78 0.62 -3.20
CA LEU A 14 23.31 -0.15 -2.07
C LEU A 14 22.13 -0.72 -1.25
N GLY A 15 21.81 -0.15 -0.08
CA GLY A 15 20.66 -0.58 0.75
C GLY A 15 20.01 0.49 1.62
N THR A 16 20.21 1.79 1.33
CA THR A 16 19.84 2.91 2.23
C THR A 16 19.45 4.23 1.54
N GLU A 17 19.45 4.32 0.21
CA GLU A 17 19.16 5.56 -0.54
C GLU A 17 17.79 6.16 -0.18
N ASN A 18 16.78 5.30 0.04
CA ASN A 18 15.44 5.72 0.44
C ASN A 18 15.34 6.30 1.86
N LEU A 19 16.28 5.99 2.76
CA LEU A 19 16.23 6.39 4.18
C LEU A 19 16.20 7.92 4.34
N TYR A 20 16.89 8.64 3.45
CA TYR A 20 16.97 10.11 3.40
C TYR A 20 15.61 10.81 3.21
N PHE A 21 14.62 10.10 2.65
CA PHE A 21 13.27 10.59 2.35
C PHE A 21 12.16 9.65 2.90
N GLN A 22 12.52 8.73 3.79
CA GLN A 22 11.63 7.79 4.49
C GLN A 22 11.01 6.73 3.55
N SER A 23 10.03 5.97 4.04
CA SER A 23 9.29 4.96 3.26
C SER A 23 8.64 5.52 1.99
N MET A 24 8.37 6.82 1.94
CA MET A 24 7.87 7.55 0.76
C MET A 24 8.81 7.40 -0.43
N ARG A 25 10.13 7.50 -0.27
CA ARG A 25 11.06 7.27 -1.39
C ARG A 25 11.14 5.79 -1.75
N ALA A 26 11.11 4.88 -0.77
CA ALA A 26 11.13 3.44 -1.02
C ALA A 26 9.98 3.01 -1.95
N GLN A 27 8.75 3.39 -1.60
CA GLN A 27 7.55 3.03 -2.37
C GLN A 27 7.47 3.73 -3.74
N LEU A 28 7.91 4.99 -3.86
CA LEU A 28 7.98 5.72 -5.13
C LEU A 28 8.96 5.06 -6.10
N ILE A 29 10.14 4.66 -5.64
CA ILE A 29 11.15 3.96 -6.48
C ILE A 29 10.71 2.53 -6.80
N GLU A 30 10.21 1.78 -5.82
CA GLU A 30 9.79 0.37 -5.95
C GLU A 30 8.78 0.13 -7.08
N ARG A 31 7.89 1.10 -7.36
CA ARG A 31 6.96 1.04 -8.50
C ARG A 31 7.42 1.90 -9.69
N GLY A 32 7.87 3.13 -9.45
CA GLY A 32 8.18 4.10 -10.51
C GLY A 32 9.44 3.75 -11.32
N GLN A 33 10.44 3.14 -10.70
CA GLN A 33 11.69 2.71 -11.38
C GLN A 33 11.62 1.25 -11.90
N LEU A 34 10.56 0.51 -11.53
CA LEU A 34 10.18 -0.77 -12.17
C LEU A 34 9.43 -0.52 -13.48
N ILE A 35 8.52 0.45 -13.53
CA ILE A 35 7.79 0.82 -14.76
C ILE A 35 8.69 1.58 -15.73
N ALA A 36 9.34 2.66 -15.26
CA ALA A 36 10.16 3.57 -16.04
C ALA A 36 11.27 4.17 -15.14
N GLU A 37 11.20 5.46 -14.81
CA GLU A 37 12.21 6.18 -14.02
C GLU A 37 11.58 7.41 -13.32
N GLN A 38 11.08 7.21 -12.09
CA GLN A 38 10.64 8.27 -11.15
C GLN A 38 9.49 9.16 -11.71
N LEU A 39 8.54 8.55 -12.43
CA LEU A 39 7.51 9.28 -13.19
C LEU A 39 6.13 8.61 -13.23
N ALA A 40 6.06 7.27 -13.25
CA ALA A 40 4.80 6.53 -13.12
C ALA A 40 4.18 6.68 -11.71
N PRO A 41 2.84 6.59 -11.56
CA PRO A 41 2.16 6.79 -10.28
C PRO A 41 2.47 5.68 -9.28
N LEU A 42 2.38 6.01 -7.98
CA LEU A 42 2.65 5.07 -6.88
C LEU A 42 1.47 4.15 -6.58
N ALA A 43 0.22 4.64 -6.67
CA ALA A 43 -0.98 3.89 -6.29
C ALA A 43 -1.87 3.49 -7.47
N ALA A 44 -2.16 4.39 -8.40
CA ALA A 44 -3.16 4.17 -9.45
C ALA A 44 -2.87 2.92 -10.31
N THR A 45 -1.63 2.79 -10.79
CA THR A 45 -1.15 1.63 -11.57
C THR A 45 -0.94 0.38 -10.71
N ALA A 46 -0.47 0.55 -9.47
CA ALA A 46 -0.20 -0.54 -8.53
C ALA A 46 -1.49 -1.24 -8.05
N LEU A 47 -2.55 -0.46 -7.85
CA LEU A 47 -3.88 -0.95 -7.48
C LEU A 47 -4.53 -1.63 -8.69
N ALA A 48 -4.43 -1.05 -9.89
CA ALA A 48 -4.94 -1.64 -11.12
C ALA A 48 -4.35 -3.03 -11.44
N ARG A 49 -3.06 -3.26 -11.12
CA ARG A 49 -2.37 -4.56 -11.23
C ARG A 49 -2.44 -5.42 -9.95
N LYS A 50 -3.02 -4.90 -8.86
CA LYS A 50 -3.16 -5.55 -7.54
C LYS A 50 -1.81 -5.97 -6.90
N ASP A 51 -0.76 -5.15 -7.04
CA ASP A 51 0.59 -5.39 -6.47
C ASP A 51 0.67 -4.95 -5.00
N THR A 52 0.11 -5.79 -4.10
CA THR A 52 0.15 -5.62 -2.63
C THR A 52 1.57 -5.44 -2.08
N ALA A 53 2.60 -5.89 -2.80
CA ALA A 53 4.02 -5.64 -2.47
C ALA A 53 4.32 -4.16 -2.21
N VAL A 54 3.86 -3.26 -3.09
CA VAL A 54 3.97 -1.81 -2.92
C VAL A 54 2.70 -1.19 -2.33
N LEU A 55 1.52 -1.79 -2.56
CA LEU A 55 0.26 -1.33 -1.96
C LEU A 55 0.32 -1.34 -0.42
N ASN A 56 1.03 -2.30 0.19
CA ASN A 56 1.37 -2.29 1.62
C ASN A 56 2.02 -0.97 2.07
N ARG A 57 3.15 -0.59 1.44
CA ARG A 57 3.92 0.60 1.85
C ARG A 57 3.11 1.88 1.64
N ILE A 58 2.54 2.08 0.43
CA ILE A 58 1.73 3.28 0.14
C ILE A 58 0.47 3.34 1.01
N ALA A 59 -0.13 2.22 1.39
CA ALA A 59 -1.24 2.23 2.34
C ALA A 59 -0.78 2.71 3.73
N ASN A 60 0.29 2.11 4.26
CA ASN A 60 0.86 2.50 5.56
C ASN A 60 1.43 3.94 5.59
N GLU A 61 1.57 4.63 4.45
CA GLU A 61 1.99 6.04 4.39
C GLU A 61 0.86 6.99 3.94
N ALA A 62 0.28 6.77 2.76
CA ALA A 62 -0.70 7.67 2.14
C ALA A 62 -2.15 7.36 2.54
N LEU A 63 -2.52 6.08 2.74
CA LEU A 63 -3.85 5.70 3.24
C LEU A 63 -3.96 5.85 4.77
N ASP A 64 -2.83 6.03 5.45
CA ASP A 64 -2.75 6.38 6.88
C ASP A 64 -3.21 7.82 7.17
N GLN A 65 -3.28 8.69 6.15
CA GLN A 65 -3.58 10.12 6.28
C GLN A 65 -5.08 10.39 6.65
N PRO A 66 -5.39 11.53 7.31
CA PRO A 66 -6.73 11.83 7.83
C PRO A 66 -7.81 12.01 6.75
N ASP A 67 -7.44 12.23 5.48
CA ASP A 67 -8.38 12.42 4.36
C ASP A 67 -8.98 11.09 3.82
N VAL A 68 -8.53 9.95 4.33
CA VAL A 68 -8.78 8.61 3.78
C VAL A 68 -9.99 7.93 4.42
N ARG A 69 -10.70 7.06 3.66
CA ARG A 69 -11.88 6.33 4.12
C ARG A 69 -11.51 5.01 4.81
N ALA A 70 -10.90 4.03 4.10
CA ALA A 70 -10.52 2.69 4.62
C ALA A 70 -9.77 1.83 3.57
N VAL A 71 -8.82 1.00 4.01
CA VAL A 71 -8.06 0.07 3.16
C VAL A 71 -7.54 -1.14 3.98
N THR A 72 -7.38 -2.30 3.33
CA THR A 72 -6.99 -3.58 3.97
C THR A 72 -6.45 -4.54 2.91
N PHE A 73 -5.56 -5.47 3.28
CA PHE A 73 -4.94 -6.45 2.37
C PHE A 73 -4.58 -7.75 3.10
N LEU A 74 -4.90 -8.91 2.51
CA LEU A 74 -4.65 -10.24 3.10
C LEU A 74 -4.42 -11.32 2.02
N ASP A 75 -3.54 -12.28 2.31
CA ASP A 75 -3.24 -13.43 1.44
C ASP A 75 -4.01 -14.72 1.82
N ALA A 76 -3.99 -15.72 0.93
CA ALA A 76 -4.64 -17.03 1.12
C ALA A 76 -4.23 -17.75 2.42
N ARG A 77 -2.99 -17.54 2.86
CA ARG A 77 -2.42 -18.06 4.12
C ARG A 77 -3.09 -17.48 5.39
N GLN A 78 -4.04 -16.54 5.21
CA GLN A 78 -4.73 -15.76 6.26
C GLN A 78 -3.75 -14.84 6.99
N GLU A 79 -2.86 -14.19 6.21
CA GLU A 79 -1.89 -13.19 6.67
C GLU A 79 -2.33 -11.82 6.17
N ARG A 80 -2.63 -10.89 7.09
CA ARG A 80 -2.79 -9.46 6.78
C ARG A 80 -1.41 -8.88 6.40
N LEU A 81 -1.28 -8.36 5.19
CA LEU A 81 -0.08 -7.63 4.76
C LEU A 81 -0.13 -6.18 5.23
N ALA A 82 -1.32 -5.56 5.20
CA ALA A 82 -1.53 -4.13 5.47
C ALA A 82 -2.99 -3.81 5.77
N HIS A 83 -3.21 -2.58 6.25
CA HIS A 83 -4.47 -2.06 6.78
C HIS A 83 -4.28 -0.60 7.22
N ALA A 84 -5.26 0.26 6.94
CA ALA A 84 -5.22 1.70 7.18
C ALA A 84 -6.61 2.34 7.04
N GLY A 85 -6.79 3.49 7.69
CA GLY A 85 -8.10 4.08 8.02
C GLY A 85 -8.56 3.72 9.44
N PRO A 86 -9.60 4.39 9.95
CA PRO A 86 -9.94 4.45 11.37
C PRO A 86 -10.41 3.11 11.96
N SER A 87 -11.14 2.29 11.20
CA SER A 87 -11.62 0.97 11.68
C SER A 87 -10.68 -0.19 11.33
N MET A 88 -9.80 -0.03 10.31
CA MET A 88 -8.99 -1.14 9.75
C MET A 88 -7.66 -1.32 10.48
N LEU A 89 -6.99 -0.20 10.82
CA LEU A 89 -5.76 -0.16 11.59
C LEU A 89 -6.10 0.16 13.05
N THR A 90 -5.86 -0.79 13.95
CA THR A 90 -6.11 -0.65 15.40
C THR A 90 -5.31 0.50 16.03
N VAL A 91 -4.10 0.74 15.52
CA VAL A 91 -3.16 1.77 15.97
C VAL A 91 -3.28 3.06 15.11
N ALA A 92 -4.51 3.44 14.73
CA ALA A 92 -4.81 4.68 14.01
C ALA A 92 -5.47 5.74 14.93
N PRO A 93 -4.70 6.65 15.55
CA PRO A 93 -5.24 7.77 16.34
C PRO A 93 -5.79 8.91 15.47
N ALA A 94 -5.42 8.96 14.18
CA ALA A 94 -5.76 9.99 13.18
C ALA A 94 -5.14 11.38 13.45
N GLY A 95 -5.30 12.31 12.49
CA GLY A 95 -4.94 13.73 12.60
C GLY A 95 -3.53 14.09 12.11
N ASP A 96 -2.62 13.12 11.98
CA ASP A 96 -1.28 13.29 11.39
C ASP A 96 -1.19 12.61 10.02
N ALA A 97 -0.37 13.16 9.12
CA ALA A 97 -0.05 12.55 7.83
C ALA A 97 1.02 11.46 7.97
N SER A 98 2.28 11.84 8.14
CA SER A 98 3.42 10.90 8.20
C SER A 98 3.59 10.25 9.58
N HIS A 99 3.40 11.01 10.67
CA HIS A 99 3.66 10.54 12.05
C HIS A 99 2.67 9.44 12.52
N LEU A 100 1.58 9.24 11.76
CA LEU A 100 0.60 8.17 11.94
C LEU A 100 1.24 6.77 11.83
N SER A 101 2.30 6.62 11.03
CA SER A 101 3.03 5.36 10.86
C SER A 101 4.47 5.47 11.43
N MET A 102 4.56 5.74 12.74
CA MET A 102 5.83 5.79 13.48
C MET A 102 6.49 4.40 13.58
N SER A 103 5.69 3.36 13.81
CA SER A 103 6.12 1.96 13.77
C SER A 103 4.93 1.02 13.47
N THR A 104 5.08 0.17 12.45
CA THR A 104 4.08 -0.80 11.94
C THR A 104 4.80 -2.03 11.43
N GLU A 105 5.51 -1.88 10.31
CA GLU A 105 6.31 -2.92 9.62
C GLU A 105 5.40 -4.05 9.07
N LEU A 106 5.99 -5.17 8.62
CA LEU A 106 5.24 -6.34 8.13
C LEU A 106 4.93 -7.36 9.24
N ASP A 107 5.42 -7.14 10.46
CA ASP A 107 5.21 -8.01 11.64
C ASP A 107 3.79 -7.96 12.23
N THR A 108 2.94 -7.04 11.75
CA THR A 108 1.54 -6.85 12.18
C THR A 108 0.59 -7.87 11.50
N THR A 109 0.93 -9.15 11.63
CA THR A 109 0.20 -10.32 11.11
C THR A 109 -1.21 -10.39 11.71
N HIS A 110 -2.11 -11.08 11.00
CA HIS A 110 -3.51 -11.32 11.40
C HIS A 110 -3.64 -11.98 12.79
N PHE A 111 -2.79 -12.97 13.09
CA PHE A 111 -2.71 -13.63 14.40
C PHE A 111 -4.05 -14.33 14.74
N LEU A 112 -4.51 -14.27 16.00
CA LEU A 112 -5.78 -14.83 16.47
C LEU A 112 -6.75 -13.74 16.99
N LEU A 113 -6.78 -12.56 16.34
CA LEU A 113 -7.64 -11.43 16.75
C LEU A 113 -9.15 -11.75 16.61
N PRO A 114 -10.03 -11.12 17.41
CA PRO A 114 -11.47 -11.38 17.41
C PRO A 114 -12.22 -10.73 16.23
N VAL A 115 -11.69 -9.64 15.66
CA VAL A 115 -12.27 -8.91 14.51
C VAL A 115 -11.17 -8.07 13.86
N LEU A 116 -11.20 -8.00 12.52
CA LEU A 116 -10.18 -7.37 11.68
C LEU A 116 -10.70 -7.12 10.25
N GLY A 117 -10.14 -6.11 9.59
CA GLY A 117 -10.55 -5.69 8.25
C GLY A 117 -12.05 -5.37 8.17
N ARG A 118 -12.64 -5.64 7.00
CA ARG A 118 -14.09 -5.50 6.74
C ARG A 118 -14.83 -6.85 6.71
N HIS A 119 -14.34 -7.87 7.44
CA HIS A 119 -15.01 -9.16 7.66
C HIS A 119 -15.57 -9.83 6.36
N HIS A 120 -14.79 -9.77 5.27
CA HIS A 120 -15.07 -10.28 3.92
C HIS A 120 -15.91 -9.30 3.06
N SER A 121 -15.37 -8.10 2.76
CA SER A 121 -16.07 -7.06 1.98
C SER A 121 -16.31 -7.42 0.50
N LEU A 122 -15.53 -8.35 -0.06
CA LEU A 122 -15.54 -8.79 -1.47
C LEU A 122 -14.98 -7.71 -2.42
N SER A 123 -14.95 -8.00 -3.73
CA SER A 123 -14.58 -7.05 -4.81
C SER A 123 -13.07 -6.71 -4.88
N GLY A 124 -12.23 -7.45 -4.12
CA GLY A 124 -10.77 -7.25 -4.02
C GLY A 124 -9.96 -8.06 -5.03
N ALA A 125 -8.82 -8.58 -4.59
CA ALA A 125 -7.95 -9.48 -5.37
C ALA A 125 -8.55 -10.90 -5.44
N THR A 126 -9.59 -11.04 -6.27
CA THR A 126 -10.21 -12.31 -6.68
C THR A 126 -9.29 -13.12 -7.62
N GLU A 127 -8.34 -12.45 -8.27
CA GLU A 127 -7.27 -13.03 -9.08
C GLU A 127 -6.27 -13.84 -8.23
N PRO A 128 -5.52 -14.79 -8.86
CA PRO A 128 -4.56 -15.65 -8.17
C PRO A 128 -3.20 -14.94 -7.91
N ASP A 129 -2.21 -15.73 -7.45
CA ASP A 129 -0.86 -15.29 -7.08
C ASP A 129 -0.04 -14.68 -8.23
N ASP A 130 -0.52 -14.82 -9.47
CA ASP A 130 0.03 -14.19 -10.67
C ASP A 130 0.00 -12.65 -10.61
N GLU A 131 -0.90 -12.07 -9.80
CA GLU A 131 -0.93 -10.65 -9.46
C GLU A 131 -0.03 -10.39 -8.23
N ARG A 132 -0.44 -10.86 -7.04
CA ARG A 132 0.35 -10.85 -5.79
C ARG A 132 -0.29 -11.69 -4.67
N VAL A 133 -1.52 -11.36 -4.27
CA VAL A 133 -2.27 -12.02 -3.16
C VAL A 133 -3.57 -12.62 -3.69
N LEU A 134 -4.03 -13.71 -3.05
CA LEU A 134 -5.26 -14.42 -3.43
C LEU A 134 -6.40 -14.29 -2.40
N GLY A 135 -6.15 -13.67 -1.25
CA GLY A 135 -7.09 -13.58 -0.12
C GLY A 135 -8.16 -12.52 -0.36
N TRP A 136 -7.82 -11.26 -0.12
CA TRP A 136 -8.65 -10.08 -0.41
C TRP A 136 -7.87 -8.75 -0.28
N VAL A 137 -8.53 -7.66 -0.66
CA VAL A 137 -8.08 -6.27 -0.49
C VAL A 137 -9.30 -5.34 -0.57
N GLU A 138 -9.40 -4.42 0.39
CA GLU A 138 -10.36 -3.32 0.39
C GLU A 138 -9.71 -2.06 -0.20
N LEU A 139 -10.51 -1.21 -0.84
CA LEU A 139 -10.11 0.06 -1.44
C LEU A 139 -11.22 1.11 -1.28
N GLU A 140 -11.06 2.03 -0.33
CA GLU A 140 -11.97 3.16 -0.12
C GLU A 140 -11.16 4.43 0.21
N LEU A 141 -11.23 5.43 -0.68
CA LEU A 141 -10.44 6.66 -0.67
C LEU A 141 -10.90 7.63 -1.77
N SER A 142 -10.27 8.81 -1.82
CA SER A 142 -10.32 9.74 -2.96
C SER A 142 -9.70 9.14 -4.25
N HIS A 143 -9.96 9.72 -5.42
CA HIS A 143 -9.57 9.13 -6.72
C HIS A 143 -8.05 8.94 -6.93
N HIS A 144 -7.22 9.69 -6.19
CA HIS A 144 -5.74 9.70 -6.20
C HIS A 144 -5.17 10.50 -7.39
N GLY A 145 -4.31 11.47 -7.11
CA GLY A 145 -3.72 12.40 -8.09
C GLY A 145 -4.52 13.69 -8.32
N THR A 146 -5.78 13.75 -7.89
CA THR A 146 -6.68 14.92 -7.94
C THR A 146 -7.51 15.04 -6.66
N LEU A 147 -7.80 16.29 -6.27
CA LEU A 147 -8.65 16.71 -5.14
C LEU A 147 -8.38 15.93 -3.84
N LEU A 148 -7.17 16.15 -3.28
CA LEU A 148 -6.70 15.55 -2.04
C LEU A 148 -6.67 16.60 -0.92
N ARG A 149 -7.44 16.39 0.15
CA ARG A 149 -7.48 17.24 1.35
C ARG A 149 -6.55 16.72 2.46
N GLY A 150 -6.65 17.27 3.68
CA GLY A 150 -5.88 16.82 4.86
C GLY A 150 -4.40 17.19 4.78
N MET A 1 1.03 6.57 -17.63
CA MET A 1 1.17 5.12 -17.70
C MET A 1 2.64 4.68 -17.89
N GLY A 2 3.57 5.39 -17.22
CA GLY A 2 5.01 5.11 -17.22
C GLY A 2 5.76 5.96 -18.25
N HIS A 3 6.03 5.37 -19.42
CA HIS A 3 6.75 5.98 -20.54
C HIS A 3 6.20 5.49 -21.90
N HIS A 4 6.57 6.17 -22.99
CA HIS A 4 6.09 5.89 -24.35
C HIS A 4 6.47 4.48 -24.84
N HIS A 5 7.74 4.09 -24.65
CA HIS A 5 8.33 2.79 -24.96
C HIS A 5 9.62 2.59 -24.12
N HIS A 6 10.12 1.35 -24.03
CA HIS A 6 11.31 0.93 -23.27
C HIS A 6 11.11 1.09 -21.75
N HIS A 7 10.48 0.10 -21.12
CA HIS A 7 10.44 -0.01 -19.65
C HIS A 7 11.84 -0.36 -19.07
N HIS A 8 11.97 -0.29 -17.74
CA HIS A 8 13.19 -0.64 -17.00
C HIS A 8 12.83 -1.11 -15.58
N SER A 9 13.80 -1.63 -14.82
CA SER A 9 13.58 -2.16 -13.46
C SER A 9 14.86 -2.08 -12.62
N SER A 10 14.80 -1.41 -11.46
CA SER A 10 15.91 -1.32 -10.49
C SER A 10 15.43 -0.84 -9.10
N GLY A 11 16.26 -1.04 -8.08
CA GLY A 11 16.04 -0.65 -6.67
C GLY A 11 17.17 0.23 -6.13
N VAL A 12 17.51 0.06 -4.85
CA VAL A 12 18.61 0.80 -4.19
C VAL A 12 19.98 0.32 -4.67
N ASP A 13 20.87 1.26 -5.00
CA ASP A 13 22.26 1.01 -5.45
C ASP A 13 23.33 1.35 -4.38
N LEU A 14 22.93 2.02 -3.29
CA LEU A 14 23.76 2.30 -2.10
C LEU A 14 23.13 1.77 -0.79
N GLY A 15 22.01 1.05 -0.85
CA GLY A 15 21.33 0.42 0.29
C GLY A 15 20.46 1.36 1.14
N THR A 16 20.57 2.68 0.95
CA THR A 16 19.85 3.72 1.73
C THR A 16 19.41 4.92 0.88
N GLU A 17 19.35 4.77 -0.45
CA GLU A 17 18.82 5.80 -1.38
C GLU A 17 17.37 6.18 -1.02
N ASN A 18 16.57 5.23 -0.54
CA ASN A 18 15.19 5.51 -0.11
C ASN A 18 15.09 6.45 1.11
N LEU A 19 16.13 6.56 1.95
CA LEU A 19 16.06 7.32 3.21
C LEU A 19 15.81 8.82 2.98
N TYR A 20 16.21 9.36 1.82
CA TYR A 20 16.06 10.76 1.40
C TYR A 20 14.63 11.33 1.55
N PHE A 21 13.59 10.48 1.47
CA PHE A 21 12.19 10.84 1.66
C PHE A 21 11.44 9.76 2.49
N GLN A 22 12.15 9.09 3.41
CA GLN A 22 11.61 8.07 4.33
C GLN A 22 11.07 6.83 3.57
N SER A 23 10.18 6.04 4.18
CA SER A 23 9.49 4.94 3.49
C SER A 23 8.60 5.45 2.32
N MET A 24 8.26 6.74 2.30
CA MET A 24 7.56 7.38 1.18
C MET A 24 8.40 7.37 -0.11
N ARG A 25 9.74 7.51 -0.02
CA ARG A 25 10.60 7.28 -1.20
C ARG A 25 10.66 5.80 -1.57
N ALA A 26 10.78 4.92 -0.57
CA ALA A 26 10.89 3.46 -0.79
C ALA A 26 9.75 2.94 -1.68
N GLN A 27 8.50 3.28 -1.31
CA GLN A 27 7.31 2.87 -2.07
C GLN A 27 7.18 3.58 -3.44
N LEU A 28 7.55 4.87 -3.55
CA LEU A 28 7.54 5.60 -4.81
C LEU A 28 8.53 4.99 -5.82
N ILE A 29 9.74 4.63 -5.37
CA ILE A 29 10.77 4.01 -6.22
C ILE A 29 10.43 2.54 -6.52
N GLU A 30 9.98 1.77 -5.53
CA GLU A 30 9.63 0.34 -5.66
C GLU A 30 8.59 0.05 -6.76
N ARG A 31 7.68 0.98 -7.04
CA ARG A 31 6.75 0.89 -8.19
C ARG A 31 7.20 1.78 -9.37
N GLY A 32 7.63 3.02 -9.12
CA GLY A 32 7.94 4.00 -10.16
C GLY A 32 9.17 3.64 -11.00
N GLN A 33 10.19 3.02 -10.39
CA GLN A 33 11.42 2.56 -11.06
C GLN A 33 11.34 1.08 -11.48
N LEU A 34 10.24 0.37 -11.18
CA LEU A 34 9.88 -0.95 -11.75
C LEU A 34 9.03 -0.83 -13.03
N ILE A 35 8.46 0.36 -13.29
CA ILE A 35 7.75 0.69 -14.54
C ILE A 35 8.67 1.54 -15.44
N ALA A 36 9.08 2.71 -14.94
CA ALA A 36 9.80 3.76 -15.67
C ALA A 36 10.95 4.29 -14.78
N GLU A 37 10.97 5.58 -14.45
CA GLU A 37 11.93 6.20 -13.53
C GLU A 37 11.23 7.32 -12.74
N GLN A 38 10.95 7.08 -11.45
CA GLN A 38 10.37 8.01 -10.45
C GLN A 38 9.20 8.90 -10.95
N LEU A 39 8.38 8.36 -11.86
CA LEU A 39 7.31 9.08 -12.57
C LEU A 39 5.95 8.37 -12.54
N ALA A 40 5.93 7.04 -12.70
CA ALA A 40 4.68 6.26 -12.62
C ALA A 40 4.07 6.34 -11.19
N PRO A 41 2.73 6.31 -11.06
CA PRO A 41 2.04 6.56 -9.79
C PRO A 41 2.32 5.47 -8.74
N LEU A 42 2.13 5.82 -7.47
CA LEU A 42 2.37 4.91 -6.34
C LEU A 42 1.22 3.92 -6.12
N ALA A 43 -0.04 4.36 -6.21
CA ALA A 43 -1.22 3.53 -5.92
C ALA A 43 -2.03 3.14 -7.16
N ALA A 44 -2.29 4.06 -8.08
CA ALA A 44 -3.24 3.84 -9.19
C ALA A 44 -2.88 2.62 -10.06
N THR A 45 -1.63 2.53 -10.51
CA THR A 45 -1.06 1.39 -11.27
C THR A 45 -0.94 0.13 -10.42
N ALA A 46 -0.57 0.27 -9.15
CA ALA A 46 -0.33 -0.85 -8.23
C ALA A 46 -1.62 -1.56 -7.81
N LEU A 47 -2.72 -0.82 -7.63
CA LEU A 47 -4.05 -1.33 -7.30
C LEU A 47 -4.66 -1.99 -8.55
N ALA A 48 -4.50 -1.38 -9.73
CA ALA A 48 -4.97 -1.93 -11.01
C ALA A 48 -4.36 -3.31 -11.33
N ARG A 49 -3.07 -3.53 -11.03
CA ARG A 49 -2.39 -4.84 -11.15
C ARG A 49 -2.50 -5.73 -9.90
N LYS A 50 -2.92 -5.16 -8.75
CA LYS A 50 -3.19 -5.83 -7.47
C LYS A 50 -1.92 -6.20 -6.67
N ASP A 51 -0.84 -5.43 -6.82
CA ASP A 51 0.49 -5.70 -6.22
C ASP A 51 0.58 -5.29 -4.74
N THR A 52 0.02 -6.14 -3.87
CA THR A 52 0.03 -6.00 -2.39
C THR A 52 1.43 -5.79 -1.80
N ALA A 53 2.49 -6.20 -2.50
CA ALA A 53 3.90 -5.95 -2.12
C ALA A 53 4.18 -4.46 -1.86
N VAL A 54 3.77 -3.57 -2.77
CA VAL A 54 3.89 -2.11 -2.61
C VAL A 54 2.60 -1.49 -2.02
N LEU A 55 1.44 -2.12 -2.25
CA LEU A 55 0.18 -1.67 -1.67
C LEU A 55 0.22 -1.68 -0.12
N ASN A 56 0.93 -2.62 0.50
CA ASN A 56 1.25 -2.62 1.93
C ASN A 56 1.90 -1.30 2.39
N ARG A 57 3.00 -0.89 1.74
CA ARG A 57 3.77 0.29 2.15
C ARG A 57 2.94 1.56 1.97
N ILE A 58 2.38 1.78 0.77
CA ILE A 58 1.54 2.96 0.51
C ILE A 58 0.29 2.97 1.40
N ALA A 59 -0.26 1.83 1.80
CA ALA A 59 -1.36 1.78 2.76
C ALA A 59 -0.94 2.27 4.16
N ASN A 60 0.13 1.70 4.72
CA ASN A 60 0.60 2.07 6.05
C ASN A 60 1.10 3.54 6.15
N GLU A 61 1.45 4.16 5.01
CA GLU A 61 1.82 5.58 4.92
C GLU A 61 0.64 6.47 4.51
N ALA A 62 0.13 6.33 3.28
CA ALA A 62 -0.86 7.24 2.68
C ALA A 62 -2.31 6.92 3.07
N LEU A 63 -2.67 5.64 3.26
CA LEU A 63 -4.02 5.24 3.70
C LEU A 63 -4.19 5.37 5.24
N ASP A 64 -3.10 5.59 5.99
CA ASP A 64 -3.12 5.92 7.42
C ASP A 64 -3.37 7.43 7.70
N GLN A 65 -3.48 8.26 6.64
CA GLN A 65 -3.80 9.67 6.74
C GLN A 65 -5.30 9.91 7.09
N PRO A 66 -5.64 11.03 7.75
CA PRO A 66 -6.99 11.28 8.26
C PRO A 66 -8.07 11.50 7.17
N ASP A 67 -7.71 11.69 5.90
CA ASP A 67 -8.65 11.86 4.78
C ASP A 67 -9.27 10.53 4.28
N VAL A 68 -8.79 9.39 4.79
CA VAL A 68 -9.01 8.04 4.24
C VAL A 68 -10.20 7.33 4.91
N ARG A 69 -10.92 6.49 4.16
CA ARG A 69 -12.10 5.76 4.64
C ARG A 69 -11.72 4.40 5.26
N ALA A 70 -10.99 3.53 4.54
CA ALA A 70 -10.45 2.22 5.00
C ALA A 70 -9.64 1.45 3.92
N VAL A 71 -8.76 0.55 4.36
CA VAL A 71 -8.03 -0.40 3.49
C VAL A 71 -7.57 -1.63 4.31
N THR A 72 -7.40 -2.80 3.66
CA THR A 72 -7.04 -4.08 4.32
C THR A 72 -6.50 -5.07 3.30
N PHE A 73 -5.57 -5.96 3.66
CA PHE A 73 -4.94 -6.94 2.74
C PHE A 73 -4.58 -8.24 3.46
N LEU A 74 -4.79 -9.40 2.82
CA LEU A 74 -4.51 -10.73 3.40
C LEU A 74 -4.20 -11.78 2.32
N ASP A 75 -3.29 -12.71 2.63
CA ASP A 75 -2.92 -13.85 1.78
C ASP A 75 -3.70 -15.15 2.13
N ALA A 76 -3.62 -16.15 1.26
CA ALA A 76 -4.24 -17.48 1.41
C ALA A 76 -3.93 -18.17 2.75
N ARG A 77 -2.74 -17.91 3.29
CA ARG A 77 -2.21 -18.43 4.56
C ARG A 77 -2.89 -17.82 5.81
N GLN A 78 -3.78 -16.84 5.65
CA GLN A 78 -4.40 -16.02 6.71
C GLN A 78 -3.40 -15.05 7.35
N GLU A 79 -2.35 -14.65 6.60
CA GLU A 79 -1.43 -13.59 7.00
C GLU A 79 -1.98 -12.24 6.52
N ARG A 80 -2.27 -11.33 7.45
CA ARG A 80 -2.73 -9.98 7.15
C ARG A 80 -1.51 -9.10 6.86
N LEU A 81 -1.25 -8.80 5.58
CA LEU A 81 -0.04 -8.04 5.17
C LEU A 81 -0.12 -6.59 5.63
N ALA A 82 -1.30 -5.99 5.55
CA ALA A 82 -1.53 -4.58 5.82
C ALA A 82 -3.00 -4.26 6.13
N HIS A 83 -3.23 -3.07 6.65
CA HIS A 83 -4.50 -2.56 7.13
C HIS A 83 -4.33 -1.09 7.56
N ALA A 84 -5.31 -0.24 7.28
CA ALA A 84 -5.27 1.21 7.51
C ALA A 84 -6.68 1.83 7.42
N GLY A 85 -6.86 2.99 8.06
CA GLY A 85 -8.17 3.57 8.38
C GLY A 85 -8.63 3.24 9.81
N PRO A 86 -9.70 3.90 10.30
CA PRO A 86 -10.04 4.01 11.71
C PRO A 86 -10.45 2.68 12.36
N SER A 87 -11.20 1.83 11.66
CA SER A 87 -11.63 0.52 12.19
C SER A 87 -10.64 -0.63 11.89
N MET A 88 -9.75 -0.46 10.90
CA MET A 88 -8.89 -1.53 10.37
C MET A 88 -7.52 -1.61 11.06
N LEU A 89 -6.93 -0.46 11.39
CA LEU A 89 -5.62 -0.35 12.04
C LEU A 89 -5.80 0.20 13.46
N THR A 90 -5.67 -0.68 14.46
CA THR A 90 -5.86 -0.40 15.89
C THR A 90 -4.85 0.63 16.42
N VAL A 91 -3.63 0.63 15.86
CA VAL A 91 -2.53 1.55 16.18
C VAL A 91 -2.46 2.76 15.22
N ALA A 92 -3.62 3.25 14.74
CA ALA A 92 -3.75 4.47 13.95
C ALA A 92 -4.17 5.69 14.81
N PRO A 93 -3.23 6.54 15.27
CA PRO A 93 -3.55 7.79 15.97
C PRO A 93 -3.93 8.92 14.99
N ALA A 94 -3.51 8.83 13.72
CA ALA A 94 -3.74 9.82 12.65
C ALA A 94 -3.15 11.22 13.00
N GLY A 95 -3.72 12.30 12.46
CA GLY A 95 -3.37 13.70 12.76
C GLY A 95 -2.19 14.28 11.98
N ASP A 96 -1.35 13.43 11.38
CA ASP A 96 -0.18 13.79 10.56
C ASP A 96 -0.31 13.30 9.11
N ALA A 97 0.42 13.94 8.19
CA ALA A 97 0.52 13.54 6.79
C ALA A 97 1.75 12.64 6.54
N SER A 98 2.97 13.15 6.82
CA SER A 98 4.23 12.42 6.63
C SER A 98 4.82 11.90 7.96
N HIS A 99 4.60 12.58 9.09
CA HIS A 99 5.26 12.26 10.37
C HIS A 99 4.73 10.97 11.03
N LEU A 100 3.69 10.36 10.45
CA LEU A 100 3.16 9.04 10.80
C LEU A 100 4.06 7.85 10.37
N SER A 101 5.17 8.12 9.68
CA SER A 101 6.12 7.14 9.12
C SER A 101 6.96 6.35 10.15
N MET A 102 6.56 6.37 11.43
CA MET A 102 7.32 5.86 12.58
C MET A 102 7.69 4.37 12.47
N SER A 103 6.76 3.53 12.01
CA SER A 103 6.94 2.09 11.75
C SER A 103 5.70 1.44 11.12
N THR A 104 5.91 0.37 10.32
CA THR A 104 4.86 -0.47 9.71
C THR A 104 4.79 -1.87 10.32
N GLU A 105 5.91 -2.37 10.86
CA GLU A 105 6.10 -3.66 11.54
C GLU A 105 6.07 -4.84 10.54
N LEU A 106 4.89 -5.23 10.05
CA LEU A 106 4.65 -6.32 9.08
C LEU A 106 5.09 -7.72 9.59
N ASP A 107 5.41 -7.86 10.88
CA ASP A 107 6.03 -9.06 11.47
C ASP A 107 5.02 -10.02 12.14
N THR A 108 3.76 -9.59 12.27
CA THR A 108 2.63 -10.31 12.90
C THR A 108 1.71 -10.97 11.86
N THR A 109 0.48 -11.32 12.25
CA THR A 109 -0.49 -12.14 11.49
C THR A 109 -1.91 -11.62 11.72
N HIS A 110 -2.93 -12.27 11.15
CA HIS A 110 -4.35 -11.97 11.45
C HIS A 110 -4.70 -12.18 12.94
N PHE A 111 -4.04 -13.12 13.63
CA PHE A 111 -4.18 -13.36 15.07
C PHE A 111 -3.82 -12.12 15.89
N LEU A 112 -4.84 -11.32 16.24
CA LEU A 112 -4.79 -10.04 16.95
C LEU A 112 -6.18 -9.41 17.12
N LEU A 113 -6.98 -9.34 16.04
CA LEU A 113 -8.32 -8.72 16.01
C LEU A 113 -9.45 -9.77 15.90
N PRO A 114 -10.69 -9.43 16.31
CA PRO A 114 -11.86 -10.33 16.25
C PRO A 114 -12.56 -10.39 14.88
N VAL A 115 -12.23 -9.49 13.94
CA VAL A 115 -12.85 -9.39 12.61
C VAL A 115 -11.82 -8.96 11.56
N LEU A 116 -11.99 -9.43 10.32
CA LEU A 116 -11.13 -9.12 9.18
C LEU A 116 -11.85 -8.24 8.13
N GLY A 117 -11.14 -7.19 7.69
CA GLY A 117 -11.64 -6.20 6.72
C GLY A 117 -12.93 -5.49 7.15
N ARG A 118 -13.56 -4.80 6.19
CA ARG A 118 -14.94 -4.30 6.31
C ARG A 118 -15.99 -5.28 5.75
N HIS A 119 -15.65 -6.58 5.66
CA HIS A 119 -16.40 -7.64 4.96
C HIS A 119 -16.60 -7.28 3.46
N HIS A 120 -15.54 -7.46 2.67
CA HIS A 120 -15.50 -7.20 1.22
C HIS A 120 -16.66 -7.93 0.48
N SER A 121 -17.59 -7.17 -0.12
CA SER A 121 -18.76 -7.71 -0.81
C SER A 121 -18.53 -7.96 -2.32
N LEU A 122 -17.49 -7.34 -2.90
CA LEU A 122 -17.10 -7.46 -4.30
C LEU A 122 -16.24 -8.71 -4.52
N SER A 123 -14.99 -8.70 -4.05
CA SER A 123 -13.96 -9.77 -4.15
C SER A 123 -12.58 -9.29 -3.66
N GLY A 124 -12.10 -8.16 -4.19
CA GLY A 124 -10.78 -7.62 -3.89
C GLY A 124 -9.66 -8.36 -4.61
N ALA A 125 -9.29 -9.53 -4.11
CA ALA A 125 -8.22 -10.40 -4.66
C ALA A 125 -8.81 -11.75 -5.12
N THR A 126 -9.73 -11.70 -6.09
CA THR A 126 -10.22 -12.89 -6.84
C THR A 126 -9.10 -13.51 -7.71
N GLU A 127 -8.11 -12.71 -8.10
CA GLU A 127 -6.88 -13.16 -8.77
C GLU A 127 -6.07 -14.11 -7.87
N PRO A 128 -5.35 -15.10 -8.46
CA PRO A 128 -4.56 -16.09 -7.72
C PRO A 128 -3.24 -15.51 -7.20
N ASP A 129 -2.42 -16.37 -6.58
CA ASP A 129 -1.10 -16.06 -6.03
C ASP A 129 -0.12 -15.47 -7.07
N ASP A 130 -0.38 -15.71 -8.37
CA ASP A 130 0.42 -15.22 -9.50
C ASP A 130 0.41 -13.68 -9.64
N GLU A 131 -0.63 -13.01 -9.15
CA GLU A 131 -0.70 -11.55 -9.06
C GLU A 131 0.10 -11.06 -7.84
N ARG A 132 -0.31 -11.47 -6.63
CA ARG A 132 0.45 -11.30 -5.37
C ARG A 132 -0.17 -12.08 -4.20
N VAL A 133 -1.47 -11.91 -3.97
CA VAL A 133 -2.24 -12.54 -2.88
C VAL A 133 -3.54 -13.14 -3.41
N LEU A 134 -3.95 -14.28 -2.83
CA LEU A 134 -5.20 -14.98 -3.16
C LEU A 134 -6.32 -14.75 -2.11
N GLY A 135 -5.99 -14.20 -0.94
CA GLY A 135 -6.94 -14.01 0.17
C GLY A 135 -7.99 -12.95 -0.16
N TRP A 136 -7.64 -11.67 -0.04
CA TRP A 136 -8.48 -10.51 -0.34
C TRP A 136 -7.74 -9.16 -0.18
N VAL A 137 -8.38 -8.09 -0.64
CA VAL A 137 -8.02 -6.69 -0.38
C VAL A 137 -9.30 -5.84 -0.31
N GLU A 138 -9.40 -5.02 0.74
CA GLU A 138 -10.41 -3.98 0.90
C GLU A 138 -9.83 -2.64 0.42
N LEU A 139 -10.65 -1.78 -0.18
CA LEU A 139 -10.23 -0.52 -0.81
C LEU A 139 -11.34 0.54 -0.72
N GLU A 140 -11.13 1.57 0.11
CA GLU A 140 -12.11 2.61 0.39
C GLU A 140 -11.40 3.94 0.67
N LEU A 141 -11.41 4.83 -0.33
CA LEU A 141 -10.63 6.08 -0.36
C LEU A 141 -11.12 7.02 -1.47
N SER A 142 -10.43 8.15 -1.64
CA SER A 142 -10.58 9.06 -2.78
C SER A 142 -10.05 8.46 -4.10
N HIS A 143 -10.18 9.16 -5.23
CA HIS A 143 -9.70 8.66 -6.53
C HIS A 143 -8.17 8.56 -6.66
N HIS A 144 -7.40 9.19 -5.75
CA HIS A 144 -5.93 9.24 -5.68
C HIS A 144 -5.28 10.07 -6.83
N GLY A 145 -4.05 10.56 -6.61
CA GLY A 145 -3.28 11.35 -7.58
C GLY A 145 -3.73 12.82 -7.72
N THR A 146 -4.74 13.23 -6.94
CA THR A 146 -5.33 14.58 -6.89
C THR A 146 -4.87 15.34 -5.65
N LEU A 147 -5.37 16.57 -5.47
CA LEU A 147 -5.11 17.38 -4.27
C LEU A 147 -5.83 16.80 -3.05
N LEU A 148 -5.08 16.31 -2.06
CA LEU A 148 -5.57 15.63 -0.87
C LEU A 148 -4.80 16.12 0.38
N ARG A 149 -5.54 16.69 1.34
CA ARG A 149 -5.00 17.19 2.62
C ARG A 149 -4.69 16.05 3.62
N GLY A 150 -3.88 16.35 4.65
CA GLY A 150 -3.54 15.43 5.75
C GLY A 150 -3.17 16.16 7.04
N MET A 1 3.68 10.42 -17.32
CA MET A 1 2.97 9.62 -16.31
C MET A 1 3.39 8.13 -16.34
N GLY A 2 4.55 7.84 -16.95
CA GLY A 2 5.10 6.48 -17.13
C GLY A 2 4.94 5.95 -18.55
N HIS A 3 5.49 4.76 -18.80
CA HIS A 3 5.50 4.07 -20.09
C HIS A 3 5.71 2.56 -19.88
N HIS A 4 4.96 1.69 -20.55
CA HIS A 4 5.02 0.24 -20.30
C HIS A 4 6.32 -0.39 -20.88
N HIS A 5 7.02 -1.20 -20.07
CA HIS A 5 8.33 -1.78 -20.42
C HIS A 5 8.41 -3.30 -20.12
N HIS A 6 7.26 -3.99 -20.10
CA HIS A 6 7.08 -5.43 -19.81
C HIS A 6 7.32 -5.75 -18.32
N HIS A 7 8.58 -5.68 -17.88
CA HIS A 7 9.11 -5.96 -16.53
C HIS A 7 10.65 -5.89 -16.54
N HIS A 8 11.25 -5.35 -15.48
CA HIS A 8 12.71 -5.26 -15.29
C HIS A 8 13.02 -5.00 -13.81
N SER A 9 13.15 -6.06 -13.00
CA SER A 9 13.28 -5.94 -11.54
C SER A 9 14.55 -5.19 -11.10
N SER A 10 14.39 -4.24 -10.18
CA SER A 10 15.45 -3.37 -9.66
C SER A 10 15.08 -2.77 -8.29
N GLY A 11 16.08 -2.24 -7.57
CA GLY A 11 15.91 -1.63 -6.24
C GLY A 11 16.97 -0.56 -5.95
N VAL A 12 17.30 -0.37 -4.67
CA VAL A 12 18.33 0.58 -4.22
C VAL A 12 19.74 0.10 -4.62
N ASP A 13 20.53 0.99 -5.23
CA ASP A 13 21.90 0.70 -5.70
C ASP A 13 22.96 0.91 -4.59
N LEU A 14 22.62 1.69 -3.57
CA LEU A 14 23.49 2.12 -2.45
C LEU A 14 22.90 1.86 -1.06
N GLY A 15 21.66 1.38 -0.95
CA GLY A 15 20.98 1.05 0.31
C GLY A 15 20.26 2.22 0.98
N THR A 16 20.88 3.41 0.99
CA THR A 16 20.40 4.62 1.70
C THR A 16 19.69 5.65 0.79
N GLU A 17 19.40 5.29 -0.46
CA GLU A 17 18.60 6.13 -1.38
C GLU A 17 17.20 6.46 -0.80
N ASN A 18 16.59 5.52 -0.06
CA ASN A 18 15.30 5.72 0.60
C ASN A 18 15.34 6.90 1.61
N LEU A 19 16.46 7.09 2.31
CA LEU A 19 16.62 8.02 3.43
C LEU A 19 16.42 9.50 3.00
N TYR A 20 16.59 9.81 1.71
CA TYR A 20 16.43 11.15 1.14
C TYR A 20 15.00 11.71 1.24
N PHE A 21 13.97 10.84 1.30
CA PHE A 21 12.56 11.21 1.42
C PHE A 21 11.73 10.16 2.20
N GLN A 22 12.37 9.37 3.07
CA GLN A 22 11.77 8.35 3.94
C GLN A 22 11.13 7.18 3.13
N SER A 23 10.16 6.45 3.69
CA SER A 23 9.48 5.37 2.97
C SER A 23 8.69 5.87 1.74
N MET A 24 8.38 7.18 1.69
CA MET A 24 7.91 7.86 0.48
C MET A 24 8.89 7.73 -0.69
N ARG A 25 10.21 7.88 -0.52
CA ARG A 25 11.14 7.60 -1.63
C ARG A 25 11.18 6.11 -1.97
N ALA A 26 11.16 5.22 -0.96
CA ALA A 26 11.15 3.78 -1.19
C ALA A 26 10.01 3.35 -2.12
N GLN A 27 8.77 3.75 -1.80
CA GLN A 27 7.57 3.40 -2.59
C GLN A 27 7.49 4.13 -3.94
N LEU A 28 7.89 5.41 -4.03
CA LEU A 28 7.92 6.16 -5.30
C LEU A 28 8.93 5.54 -6.28
N ILE A 29 10.12 5.18 -5.82
CA ILE A 29 11.16 4.59 -6.67
C ILE A 29 10.83 3.13 -6.98
N GLU A 30 10.32 2.34 -6.03
CA GLU A 30 9.88 0.95 -6.23
C GLU A 30 8.98 0.81 -7.47
N ARG A 31 7.83 1.51 -7.51
CA ARG A 31 6.91 1.43 -8.66
C ARG A 31 7.35 2.33 -9.83
N GLY A 32 7.89 3.52 -9.54
CA GLY A 32 8.22 4.53 -10.57
C GLY A 32 9.42 4.14 -11.43
N GLN A 33 10.45 3.51 -10.86
CA GLN A 33 11.65 3.05 -11.59
C GLN A 33 11.43 1.69 -12.26
N LEU A 34 10.54 0.84 -11.73
CA LEU A 34 10.11 -0.40 -12.40
C LEU A 34 9.39 -0.11 -13.74
N ILE A 35 8.54 0.92 -13.76
CA ILE A 35 7.83 1.36 -14.98
C ILE A 35 8.76 2.19 -15.87
N ALA A 36 9.33 3.29 -15.34
CA ALA A 36 10.14 4.25 -16.09
C ALA A 36 11.20 4.91 -15.19
N GLU A 37 10.97 6.14 -14.73
CA GLU A 37 11.92 6.95 -13.96
C GLU A 37 11.19 8.06 -13.17
N GLN A 38 10.87 7.78 -11.90
CA GLN A 38 10.26 8.70 -10.91
C GLN A 38 9.20 9.67 -11.50
N LEU A 39 8.22 9.09 -12.21
CA LEU A 39 7.17 9.81 -12.95
C LEU A 39 5.82 9.06 -12.95
N ALA A 40 5.85 7.73 -13.08
CA ALA A 40 4.65 6.90 -12.96
C ALA A 40 4.03 7.00 -11.54
N PRO A 41 2.70 6.90 -11.41
CA PRO A 41 2.00 7.07 -10.14
C PRO A 41 2.32 5.93 -9.18
N LEU A 42 2.32 6.25 -7.87
CA LEU A 42 2.60 5.27 -6.82
C LEU A 42 1.41 4.33 -6.53
N ALA A 43 0.17 4.82 -6.65
CA ALA A 43 -1.03 4.07 -6.31
C ALA A 43 -1.87 3.65 -7.52
N ALA A 44 -2.19 4.56 -8.45
CA ALA A 44 -3.20 4.32 -9.50
C ALA A 44 -2.86 3.09 -10.39
N THR A 45 -1.63 3.04 -10.92
CA THR A 45 -1.11 1.93 -11.73
C THR A 45 -0.84 0.67 -10.90
N ALA A 46 -0.53 0.81 -9.62
CA ALA A 46 -0.25 -0.28 -8.70
C ALA A 46 -1.52 -1.00 -8.22
N LEU A 47 -2.62 -0.26 -8.03
CA LEU A 47 -3.95 -0.80 -7.67
C LEU A 47 -4.58 -1.47 -8.90
N ALA A 48 -4.43 -0.87 -10.09
CA ALA A 48 -4.90 -1.44 -11.36
C ALA A 48 -4.30 -2.84 -11.66
N ARG A 49 -3.02 -3.06 -11.32
CA ARG A 49 -2.34 -4.36 -11.41
C ARG A 49 -2.41 -5.19 -10.10
N LYS A 50 -2.95 -4.61 -9.02
CA LYS A 50 -3.14 -5.21 -7.69
C LYS A 50 -1.81 -5.59 -6.96
N ASP A 51 -0.73 -4.83 -7.18
CA ASP A 51 0.61 -5.08 -6.64
C ASP A 51 0.74 -4.67 -5.15
N THR A 52 0.18 -5.50 -4.28
CA THR A 52 0.28 -5.40 -2.80
C THR A 52 1.70 -5.24 -2.29
N ALA A 53 2.72 -5.67 -3.04
CA ALA A 53 4.14 -5.42 -2.72
C ALA A 53 4.46 -3.94 -2.47
N VAL A 54 3.93 -3.04 -3.30
CA VAL A 54 4.04 -1.57 -3.11
C VAL A 54 2.77 -0.96 -2.53
N LEU A 55 1.57 -1.54 -2.77
CA LEU A 55 0.32 -1.10 -2.16
C LEU A 55 0.40 -1.16 -0.62
N ASN A 56 1.14 -2.12 -0.07
CA ASN A 56 1.54 -2.20 1.34
C ASN A 56 2.17 -0.89 1.86
N ARG A 57 3.26 -0.43 1.23
CA ARG A 57 4.01 0.75 1.68
C ARG A 57 3.19 2.02 1.53
N ILE A 58 2.59 2.23 0.35
CA ILE A 58 1.76 3.44 0.09
C ILE A 58 0.52 3.46 0.97
N ALA A 59 -0.03 2.31 1.39
CA ALA A 59 -1.11 2.28 2.37
C ALA A 59 -0.63 2.71 3.76
N ASN A 60 0.48 2.16 4.24
CA ASN A 60 1.06 2.54 5.53
C ASN A 60 1.41 4.05 5.57
N GLU A 61 1.90 4.63 4.47
CA GLU A 61 2.20 6.07 4.37
C GLU A 61 0.96 6.94 4.07
N ALA A 62 0.35 6.76 2.90
CA ALA A 62 -0.67 7.67 2.36
C ALA A 62 -2.12 7.32 2.75
N LEU A 63 -2.44 6.05 3.00
CA LEU A 63 -3.80 5.63 3.42
C LEU A 63 -3.99 5.71 4.96
N ASP A 64 -2.92 5.90 5.73
CA ASP A 64 -2.97 6.20 7.17
C ASP A 64 -3.43 7.65 7.46
N GLN A 65 -3.42 8.53 6.45
CA GLN A 65 -3.70 9.96 6.54
C GLN A 65 -5.19 10.28 6.87
N PRO A 66 -5.48 11.45 7.47
CA PRO A 66 -6.81 11.75 8.02
C PRO A 66 -7.92 11.95 6.97
N ASP A 67 -7.59 12.06 5.68
CA ASP A 67 -8.54 12.15 4.57
C ASP A 67 -9.13 10.79 4.12
N VAL A 68 -8.61 9.68 4.67
CA VAL A 68 -8.82 8.32 4.13
C VAL A 68 -9.96 7.58 4.83
N ARG A 69 -10.68 6.73 4.08
CA ARG A 69 -11.88 6.03 4.55
C ARG A 69 -11.54 4.64 5.13
N ALA A 70 -10.83 3.77 4.38
CA ALA A 70 -10.37 2.42 4.80
C ALA A 70 -9.54 1.71 3.72
N VAL A 71 -8.56 0.88 4.14
CA VAL A 71 -7.79 -0.02 3.25
C VAL A 71 -7.26 -1.23 4.02
N THR A 72 -7.05 -2.37 3.35
CA THR A 72 -6.64 -3.66 3.96
C THR A 72 -6.08 -4.59 2.89
N PHE A 73 -5.16 -5.48 3.23
CA PHE A 73 -4.54 -6.44 2.29
C PHE A 73 -4.16 -7.75 3.00
N LEU A 74 -4.46 -8.89 2.39
CA LEU A 74 -4.17 -10.22 2.93
C LEU A 74 -3.98 -11.26 1.82
N ASP A 75 -3.03 -12.17 2.01
CA ASP A 75 -2.82 -13.33 1.12
C ASP A 75 -3.59 -14.58 1.61
N ALA A 76 -3.79 -15.56 0.72
CA ALA A 76 -4.52 -16.81 0.97
C ALA A 76 -3.97 -17.64 2.15
N ARG A 77 -2.72 -17.41 2.56
CA ARG A 77 -2.09 -17.97 3.76
C ARG A 77 -2.58 -17.36 5.10
N GLN A 78 -3.58 -16.47 5.06
CA GLN A 78 -4.16 -15.74 6.20
C GLN A 78 -3.15 -14.75 6.81
N GLU A 79 -2.34 -14.11 5.96
CA GLU A 79 -1.31 -13.16 6.37
C GLU A 79 -1.73 -11.73 5.97
N ARG A 80 -2.08 -10.91 6.96
CA ARG A 80 -2.38 -9.47 6.78
C ARG A 80 -1.05 -8.75 6.50
N LEU A 81 -0.88 -8.26 5.27
CA LEU A 81 0.35 -7.55 4.85
C LEU A 81 0.30 -6.10 5.32
N ALA A 82 -0.82 -5.42 5.06
CA ALA A 82 -1.07 -4.03 5.42
C ALA A 82 -2.54 -3.77 5.72
N HIS A 83 -2.81 -2.60 6.28
CA HIS A 83 -4.10 -2.17 6.81
C HIS A 83 -3.99 -0.69 7.26
N ALA A 84 -4.99 0.14 6.96
CA ALA A 84 -4.97 1.59 7.20
C ALA A 84 -6.39 2.17 7.16
N GLY A 85 -6.58 3.30 7.86
CA GLY A 85 -7.90 3.85 8.19
C GLY A 85 -8.39 3.43 9.59
N PRO A 86 -9.45 4.07 10.11
CA PRO A 86 -9.79 4.09 11.53
C PRO A 86 -10.23 2.72 12.09
N SER A 87 -10.95 1.91 11.31
CA SER A 87 -11.41 0.58 11.77
C SER A 87 -10.41 -0.55 11.43
N MET A 88 -9.45 -0.31 10.53
CA MET A 88 -8.55 -1.35 9.99
C MET A 88 -7.21 -1.43 10.72
N LEU A 89 -6.69 -0.28 11.18
CA LEU A 89 -5.36 -0.11 11.78
C LEU A 89 -5.51 0.31 13.25
N THR A 90 -5.39 -0.65 14.15
CA THR A 90 -5.63 -0.53 15.60
C THR A 90 -4.75 0.52 16.28
N VAL A 91 -3.51 0.67 15.81
CA VAL A 91 -2.52 1.64 16.31
C VAL A 91 -2.76 3.10 15.86
N ALA A 92 -3.81 3.35 15.06
CA ALA A 92 -4.20 4.69 14.60
C ALA A 92 -5.51 5.16 15.28
N PRO A 93 -5.45 5.77 16.49
CA PRO A 93 -6.62 6.29 17.18
C PRO A 93 -7.22 7.52 16.48
N ALA A 94 -6.38 8.37 15.86
CA ALA A 94 -6.81 9.56 15.11
C ALA A 94 -6.51 9.50 13.59
N GLY A 95 -5.55 8.68 13.16
CA GLY A 95 -5.14 8.55 11.76
C GLY A 95 -4.40 9.79 11.24
N ASP A 96 -3.29 10.16 11.88
CA ASP A 96 -2.41 11.24 11.43
C ASP A 96 -1.51 10.79 10.24
N ALA A 97 -0.84 11.73 9.56
CA ALA A 97 0.01 11.43 8.40
C ALA A 97 1.35 10.78 8.78
N SER A 98 2.05 11.34 9.77
CA SER A 98 3.32 10.80 10.29
C SER A 98 3.38 10.81 11.83
N HIS A 99 2.60 11.67 12.51
CA HIS A 99 2.73 11.92 13.95
C HIS A 99 2.31 10.72 14.84
N LEU A 100 1.57 9.76 14.25
CA LEU A 100 1.16 8.48 14.85
C LEU A 100 1.99 7.27 14.34
N SER A 101 2.93 7.51 13.43
CA SER A 101 3.81 6.54 12.73
C SER A 101 3.09 5.76 11.61
N MET A 102 3.69 5.73 10.41
CA MET A 102 3.18 5.04 9.22
C MET A 102 3.00 3.53 9.42
N SER A 103 3.89 2.90 10.19
CA SER A 103 3.93 1.46 10.43
C SER A 103 4.45 1.14 11.84
N THR A 104 4.16 -0.07 12.35
CA THR A 104 4.52 -0.55 13.69
C THR A 104 5.11 -1.96 13.61
N GLU A 105 4.26 -2.95 13.35
CA GLU A 105 4.66 -4.35 13.15
C GLU A 105 4.97 -4.63 11.67
N LEU A 106 3.95 -4.90 10.84
CA LEU A 106 4.05 -5.25 9.40
C LEU A 106 4.67 -6.66 9.17
N ASP A 107 5.40 -7.20 10.15
CA ASP A 107 6.10 -8.49 10.15
C ASP A 107 5.26 -9.67 10.68
N THR A 108 4.15 -9.39 11.39
CA THR A 108 3.25 -10.39 12.01
C THR A 108 2.18 -10.88 11.02
N THR A 109 1.25 -11.72 11.49
CA THR A 109 0.17 -12.39 10.72
C THR A 109 -1.20 -11.78 11.06
N HIS A 110 -2.29 -12.27 10.45
CA HIS A 110 -3.67 -11.87 10.83
C HIS A 110 -3.98 -12.12 12.31
N PHE A 111 -3.34 -13.15 12.91
CA PHE A 111 -3.50 -13.58 14.30
C PHE A 111 -3.36 -12.47 15.37
N LEU A 112 -2.76 -11.33 15.02
CA LEU A 112 -2.64 -10.13 15.88
C LEU A 112 -4.02 -9.51 16.22
N LEU A 113 -5.01 -9.58 15.31
CA LEU A 113 -6.31 -8.90 15.44
C LEU A 113 -7.49 -9.84 15.11
N PRO A 114 -8.61 -9.83 15.87
CA PRO A 114 -9.73 -10.76 15.67
C PRO A 114 -10.70 -10.39 14.53
N VAL A 115 -10.55 -9.22 13.90
CA VAL A 115 -11.37 -8.74 12.76
C VAL A 115 -10.49 -8.47 11.54
N LEU A 116 -11.07 -8.64 10.33
CA LEU A 116 -10.40 -8.40 9.05
C LEU A 116 -11.32 -7.66 8.06
N GLY A 117 -10.76 -6.71 7.31
CA GLY A 117 -11.44 -5.91 6.29
C GLY A 117 -12.68 -5.18 6.80
N ARG A 118 -13.55 -4.76 5.89
CA ARG A 118 -14.90 -4.23 6.16
C ARG A 118 -15.93 -5.38 6.23
N HIS A 119 -15.50 -6.58 6.67
CA HIS A 119 -16.30 -7.81 6.81
C HIS A 119 -16.73 -8.44 5.45
N HIS A 120 -16.03 -8.14 4.36
CA HIS A 120 -16.24 -8.75 3.03
C HIS A 120 -14.92 -9.29 2.44
N SER A 121 -14.98 -10.50 1.86
CA SER A 121 -13.85 -11.11 1.12
C SER A 121 -13.86 -10.74 -0.40
N LEU A 122 -15.04 -10.40 -0.93
CA LEU A 122 -15.25 -9.90 -2.30
C LEU A 122 -14.71 -8.47 -2.48
N SER A 123 -14.65 -8.03 -3.75
CA SER A 123 -14.27 -6.66 -4.19
C SER A 123 -12.75 -6.39 -4.15
N GLY A 124 -11.92 -7.42 -3.88
CA GLY A 124 -10.46 -7.33 -3.74
C GLY A 124 -9.69 -8.17 -4.78
N ALA A 125 -8.54 -8.71 -4.35
CA ALA A 125 -7.68 -9.61 -5.14
C ALA A 125 -8.30 -11.02 -5.29
N THR A 126 -9.37 -11.12 -6.06
CA THR A 126 -9.98 -12.36 -6.57
C THR A 126 -9.09 -13.06 -7.61
N GLU A 127 -8.20 -12.29 -8.25
CA GLU A 127 -7.15 -12.77 -9.17
C GLU A 127 -6.06 -13.61 -8.45
N PRO A 128 -5.33 -14.48 -9.19
CA PRO A 128 -4.31 -15.37 -8.63
C PRO A 128 -2.96 -14.68 -8.37
N ASP A 129 -1.95 -15.50 -8.01
CA ASP A 129 -0.57 -15.11 -7.67
C ASP A 129 0.15 -14.35 -8.81
N ASP A 130 -0.34 -14.48 -10.04
CA ASP A 130 0.15 -13.78 -11.24
C ASP A 130 0.08 -12.25 -11.12
N GLU A 131 -0.81 -11.74 -10.26
CA GLU A 131 -0.84 -10.33 -9.83
C GLU A 131 0.14 -10.12 -8.66
N ARG A 132 -0.15 -10.69 -7.47
CA ARG A 132 0.66 -10.59 -6.25
C ARG A 132 0.14 -11.47 -5.10
N VAL A 133 -1.14 -11.32 -4.71
CA VAL A 133 -1.79 -12.02 -3.57
C VAL A 133 -3.12 -12.62 -4.02
N LEU A 134 -3.53 -13.73 -3.37
CA LEU A 134 -4.73 -14.50 -3.73
C LEU A 134 -5.87 -14.41 -2.69
N GLY A 135 -5.65 -13.69 -1.58
CA GLY A 135 -6.60 -13.57 -0.48
C GLY A 135 -7.68 -12.53 -0.78
N TRP A 136 -7.41 -11.27 -0.43
CA TRP A 136 -8.27 -10.11 -0.66
C TRP A 136 -7.55 -8.76 -0.43
N VAL A 137 -8.26 -7.67 -0.69
CA VAL A 137 -7.83 -6.28 -0.46
C VAL A 137 -9.05 -5.36 -0.45
N GLU A 138 -9.11 -4.48 0.54
CA GLU A 138 -10.11 -3.43 0.69
C GLU A 138 -9.57 -2.12 0.10
N LEU A 139 -10.42 -1.29 -0.51
CA LEU A 139 -10.02 -0.03 -1.14
C LEU A 139 -11.14 1.03 -1.01
N GLU A 140 -10.93 2.01 -0.13
CA GLU A 140 -11.91 3.06 0.17
C GLU A 140 -11.18 4.39 0.49
N LEU A 141 -11.19 5.32 -0.48
CA LEU A 141 -10.41 6.56 -0.49
C LEU A 141 -10.88 7.52 -1.61
N SER A 142 -10.34 8.74 -1.63
CA SER A 142 -10.44 9.65 -2.79
C SER A 142 -9.72 9.08 -4.02
N HIS A 143 -10.03 9.58 -5.23
CA HIS A 143 -9.64 8.94 -6.50
C HIS A 143 -8.12 8.82 -6.78
N HIS A 144 -7.28 9.57 -6.06
CA HIS A 144 -5.81 9.67 -6.13
C HIS A 144 -5.36 10.60 -7.29
N GLY A 145 -4.36 11.46 -7.02
CA GLY A 145 -3.83 12.43 -7.99
C GLY A 145 -4.55 13.79 -8.04
N THR A 146 -5.53 14.02 -7.16
CA THR A 146 -6.29 15.29 -7.02
C THR A 146 -6.13 15.86 -5.61
N LEU A 147 -7.12 15.68 -4.73
CA LEU A 147 -7.21 16.28 -3.39
C LEU A 147 -7.17 15.20 -2.31
N LEU A 148 -6.04 15.08 -1.60
CA LEU A 148 -5.75 14.04 -0.60
C LEU A 148 -5.43 14.65 0.78
N ARG A 149 -6.33 15.52 1.28
CA ARG A 149 -6.22 16.20 2.57
C ARG A 149 -7.59 16.49 3.21
N GLY A 150 -7.66 16.33 4.54
CA GLY A 150 -8.84 16.57 5.38
C GLY A 150 -8.77 17.94 6.06
N MET A 1 0.59 5.28 -17.15
CA MET A 1 0.95 4.71 -18.46
C MET A 1 2.42 4.27 -18.52
N GLY A 2 3.33 5.13 -18.05
CA GLY A 2 4.78 5.02 -18.24
C GLY A 2 5.22 5.53 -19.61
N HIS A 3 6.37 6.21 -19.66
CA HIS A 3 7.04 6.68 -20.87
C HIS A 3 8.57 6.57 -20.71
N HIS A 4 9.31 6.40 -21.81
CA HIS A 4 10.74 6.08 -21.88
C HIS A 4 11.02 4.58 -21.54
N HIS A 5 12.28 4.14 -21.63
CA HIS A 5 12.74 2.80 -21.26
C HIS A 5 14.25 2.84 -20.91
N HIS A 6 14.72 1.88 -20.10
CA HIS A 6 16.13 1.76 -19.67
C HIS A 6 16.41 0.37 -19.05
N HIS A 7 17.70 -0.04 -19.04
CA HIS A 7 18.11 -1.36 -18.51
C HIS A 7 18.65 -1.30 -17.07
N HIS A 8 19.49 -0.32 -16.73
CA HIS A 8 20.04 -0.17 -15.37
C HIS A 8 19.05 0.62 -14.48
N SER A 9 18.31 -0.08 -13.64
CA SER A 9 17.18 0.43 -12.84
C SER A 9 16.64 -0.64 -11.87
N SER A 10 15.67 -0.27 -11.02
CA SER A 10 14.81 -1.18 -10.22
C SER A 10 15.48 -1.67 -8.92
N GLY A 11 16.53 -0.99 -8.46
CA GLY A 11 17.27 -1.28 -7.22
C GLY A 11 18.00 -0.08 -6.64
N VAL A 12 18.46 -0.22 -5.38
CA VAL A 12 19.21 0.82 -4.64
C VAL A 12 20.66 0.93 -5.13
N ASP A 13 21.20 2.15 -5.19
CA ASP A 13 22.60 2.41 -5.59
C ASP A 13 23.65 1.96 -4.54
N LEU A 14 23.24 1.79 -3.27
CA LEU A 14 24.11 1.32 -2.16
C LEU A 14 23.39 0.76 -0.92
N GLY A 15 22.09 1.05 -0.71
CA GLY A 15 21.32 0.57 0.44
C GLY A 15 20.52 1.62 1.23
N THR A 16 20.72 2.92 0.95
CA THR A 16 20.11 4.05 1.70
C THR A 16 19.39 5.09 0.81
N GLU A 17 19.24 4.80 -0.49
CA GLU A 17 18.72 5.76 -1.49
C GLU A 17 17.30 6.25 -1.17
N ASN A 18 16.42 5.35 -0.70
CA ASN A 18 15.07 5.71 -0.26
C ASN A 18 15.04 6.35 1.15
N LEU A 19 16.00 6.03 2.02
CA LEU A 19 16.01 6.41 3.43
C LEU A 19 16.08 7.93 3.64
N TYR A 20 16.73 8.64 2.70
CA TYR A 20 16.82 10.11 2.64
C TYR A 20 15.45 10.81 2.49
N PHE A 21 14.42 10.09 2.00
CA PHE A 21 13.06 10.57 1.73
C PHE A 21 11.97 9.62 2.26
N GLN A 22 12.32 8.72 3.21
CA GLN A 22 11.40 7.84 3.95
C GLN A 22 10.79 6.74 3.05
N SER A 23 9.79 5.99 3.55
CA SER A 23 9.07 4.97 2.75
C SER A 23 8.37 5.58 1.52
N MET A 24 8.08 6.89 1.56
CA MET A 24 7.53 7.67 0.43
C MET A 24 8.40 7.57 -0.84
N ARG A 25 9.74 7.61 -0.72
CA ARG A 25 10.61 7.37 -1.89
C ARG A 25 10.68 5.89 -2.27
N ALA A 26 10.73 4.98 -1.28
CA ALA A 26 10.78 3.53 -1.51
C ALA A 26 9.61 3.07 -2.39
N GLN A 27 8.39 3.43 -2.00
CA GLN A 27 7.16 3.02 -2.68
C GLN A 27 6.95 3.68 -4.05
N LEU A 28 7.35 4.94 -4.22
CA LEU A 28 7.29 5.64 -5.52
C LEU A 28 8.24 4.99 -6.53
N ILE A 29 9.46 4.62 -6.11
CA ILE A 29 10.42 3.91 -6.96
C ILE A 29 9.98 2.47 -7.22
N GLU A 30 9.51 1.74 -6.20
CA GLU A 30 9.07 0.34 -6.27
C GLU A 30 8.00 0.07 -7.35
N ARG A 31 7.15 1.06 -7.67
CA ARG A 31 6.19 0.96 -8.79
C ARG A 31 6.60 1.78 -10.01
N GLY A 32 7.03 3.04 -9.82
CA GLY A 32 7.33 3.98 -10.90
C GLY A 32 8.59 3.62 -11.70
N GLN A 33 9.57 2.97 -11.08
CA GLN A 33 10.80 2.50 -11.73
C GLN A 33 10.71 1.01 -12.18
N LEU A 34 9.63 0.29 -11.80
CA LEU A 34 9.27 -0.98 -12.43
C LEU A 34 8.48 -0.78 -13.73
N ILE A 35 7.59 0.22 -13.78
CA ILE A 35 6.82 0.57 -14.99
C ILE A 35 7.69 1.32 -16.02
N ALA A 36 8.43 2.35 -15.57
CA ALA A 36 9.19 3.27 -16.41
C ALA A 36 10.33 3.93 -15.60
N GLU A 37 10.33 5.26 -15.46
CA GLU A 37 11.23 5.98 -14.57
C GLU A 37 10.54 7.20 -13.92
N GLN A 38 10.19 7.07 -12.63
CA GLN A 38 9.86 8.19 -11.73
C GLN A 38 8.65 9.04 -12.20
N LEU A 39 7.73 8.43 -12.96
CA LEU A 39 6.63 9.11 -13.66
C LEU A 39 5.26 8.45 -13.44
N ALA A 40 5.18 7.12 -13.57
CA ALA A 40 3.93 6.37 -13.38
C ALA A 40 3.38 6.52 -11.93
N PRO A 41 2.04 6.49 -11.74
CA PRO A 41 1.41 6.76 -10.45
C PRO A 41 1.72 5.69 -9.41
N LEU A 42 1.58 6.06 -8.13
CA LEU A 42 1.86 5.15 -7.01
C LEU A 42 0.71 4.18 -6.72
N ALA A 43 -0.55 4.65 -6.71
CA ALA A 43 -1.71 3.85 -6.31
C ALA A 43 -2.61 3.43 -7.48
N ALA A 44 -2.87 4.30 -8.46
CA ALA A 44 -3.86 4.05 -9.51
C ALA A 44 -3.55 2.78 -10.32
N THR A 45 -2.32 2.66 -10.84
CA THR A 45 -1.81 1.46 -11.54
C THR A 45 -1.73 0.26 -10.59
N ALA A 46 -1.21 0.45 -9.37
CA ALA A 46 -1.03 -0.62 -8.39
C ALA A 46 -2.35 -1.26 -7.94
N LEU A 47 -3.44 -0.49 -7.84
CA LEU A 47 -4.77 -1.00 -7.50
C LEU A 47 -5.42 -1.65 -8.73
N ALA A 48 -5.31 -1.06 -9.92
CA ALA A 48 -5.85 -1.59 -11.17
C ALA A 48 -5.27 -2.98 -11.52
N ARG A 49 -3.95 -3.17 -11.33
CA ARG A 49 -3.25 -4.47 -11.47
C ARG A 49 -3.31 -5.34 -10.19
N LYS A 50 -3.66 -4.73 -9.05
CA LYS A 50 -3.82 -5.34 -7.72
C LYS A 50 -2.49 -5.81 -7.07
N ASP A 51 -1.39 -5.09 -7.32
CA ASP A 51 -0.03 -5.39 -6.80
C ASP A 51 0.10 -5.01 -5.31
N THR A 52 -0.45 -5.87 -4.44
CA THR A 52 -0.44 -5.74 -2.97
C THR A 52 0.97 -5.57 -2.39
N ALA A 53 2.02 -6.00 -3.10
CA ALA A 53 3.42 -5.80 -2.72
C ALA A 53 3.79 -4.33 -2.50
N VAL A 54 3.33 -3.42 -3.36
CA VAL A 54 3.50 -1.97 -3.19
C VAL A 54 2.27 -1.31 -2.56
N LEU A 55 1.07 -1.89 -2.73
CA LEU A 55 -0.15 -1.41 -2.09
C LEU A 55 0.00 -1.40 -0.55
N ASN A 56 0.67 -2.42 0.02
CA ASN A 56 1.09 -2.49 1.42
C ASN A 56 1.81 -1.21 1.90
N ARG A 57 2.86 -0.78 1.18
CA ARG A 57 3.67 0.39 1.54
C ARG A 57 2.89 1.69 1.37
N ILE A 58 2.29 1.94 0.20
CA ILE A 58 1.51 3.17 -0.03
C ILE A 58 0.30 3.26 0.90
N ALA A 59 -0.32 2.14 1.28
CA ALA A 59 -1.42 2.17 2.24
C ALA A 59 -0.97 2.71 3.61
N ASN A 60 0.18 2.25 4.11
CA ASN A 60 0.73 2.72 5.39
C ASN A 60 1.23 4.18 5.37
N GLU A 61 1.27 4.85 4.21
CA GLU A 61 1.70 6.25 4.07
C GLU A 61 0.57 7.16 3.55
N ALA A 62 0.02 6.88 2.37
CA ALA A 62 -1.00 7.68 1.69
C ALA A 62 -2.42 7.34 2.18
N LEU A 63 -2.73 6.07 2.47
CA LEU A 63 -4.04 5.67 3.01
C LEU A 63 -4.10 5.82 4.55
N ASP A 64 -2.98 6.16 5.19
CA ASP A 64 -2.89 6.56 6.60
C ASP A 64 -3.41 7.99 6.86
N GLN A 65 -3.58 8.79 5.80
CA GLN A 65 -3.97 10.20 5.86
C GLN A 65 -5.46 10.41 6.28
N PRO A 66 -5.81 11.55 6.90
CA PRO A 66 -7.16 11.81 7.40
C PRO A 66 -8.25 11.95 6.33
N ASP A 67 -7.91 12.13 5.04
CA ASP A 67 -8.86 12.21 3.92
C ASP A 67 -9.40 10.83 3.47
N VAL A 68 -8.87 9.76 4.03
CA VAL A 68 -9.08 8.36 3.60
C VAL A 68 -10.24 7.72 4.37
N ARG A 69 -11.01 6.84 3.71
CA ARG A 69 -12.15 6.14 4.33
C ARG A 69 -11.72 4.84 5.02
N ALA A 70 -11.19 3.84 4.29
CA ALA A 70 -10.73 2.54 4.82
C ALA A 70 -10.11 1.61 3.74
N VAL A 71 -9.02 0.92 4.06
CA VAL A 71 -8.40 -0.13 3.22
C VAL A 71 -7.76 -1.27 4.06
N THR A 72 -7.59 -2.45 3.44
CA THR A 72 -7.14 -3.71 4.09
C THR A 72 -6.58 -4.65 3.04
N PHE A 73 -5.63 -5.51 3.40
CA PHE A 73 -4.93 -6.42 2.47
C PHE A 73 -4.50 -7.72 3.17
N LEU A 74 -4.91 -8.89 2.65
CA LEU A 74 -4.61 -10.21 3.23
C LEU A 74 -4.43 -11.30 2.17
N ASP A 75 -3.49 -12.21 2.40
CA ASP A 75 -3.18 -13.35 1.52
C ASP A 75 -3.80 -14.69 2.01
N ALA A 76 -3.80 -15.70 1.13
CA ALA A 76 -4.30 -17.07 1.33
C ALA A 76 -3.84 -17.73 2.63
N ARG A 77 -2.62 -17.40 3.08
CA ARG A 77 -1.98 -17.91 4.29
C ARG A 77 -2.60 -17.36 5.60
N GLN A 78 -3.65 -16.53 5.50
CA GLN A 78 -4.32 -15.80 6.59
C GLN A 78 -3.39 -14.71 7.17
N GLU A 79 -2.55 -14.12 6.32
CA GLU A 79 -1.61 -13.06 6.69
C GLU A 79 -2.13 -11.71 6.20
N ARG A 80 -2.52 -10.84 7.14
CA ARG A 80 -2.69 -9.40 6.88
C ARG A 80 -1.30 -8.81 6.56
N LEU A 81 -1.18 -8.17 5.40
CA LEU A 81 0.02 -7.41 5.03
C LEU A 81 -0.10 -5.97 5.54
N ALA A 82 -1.25 -5.34 5.28
CA ALA A 82 -1.54 -3.95 5.60
C ALA A 82 -3.03 -3.72 5.87
N HIS A 83 -3.32 -2.54 6.39
CA HIS A 83 -4.61 -2.11 6.91
C HIS A 83 -4.49 -0.63 7.33
N ALA A 84 -5.34 0.25 6.78
CA ALA A 84 -5.23 1.69 6.96
C ALA A 84 -6.62 2.35 6.92
N GLY A 85 -6.77 3.46 7.66
CA GLY A 85 -8.06 4.07 8.01
C GLY A 85 -8.59 3.57 9.37
N PRO A 86 -9.58 4.30 9.97
CA PRO A 86 -9.97 4.17 11.37
C PRO A 86 -10.56 2.81 11.75
N SER A 87 -11.31 2.17 10.85
CA SER A 87 -11.93 0.85 11.08
C SER A 87 -10.95 -0.33 10.93
N MET A 88 -9.78 -0.09 10.32
CA MET A 88 -8.85 -1.14 9.85
C MET A 88 -7.54 -1.18 10.63
N LEU A 89 -6.99 0.00 10.93
CA LEU A 89 -5.73 0.20 11.63
C LEU A 89 -6.01 0.43 13.12
N THR A 90 -6.17 -0.66 13.88
CA THR A 90 -6.45 -0.66 15.33
C THR A 90 -5.41 0.12 16.14
N VAL A 91 -4.15 0.11 15.68
CA VAL A 91 -3.00 0.82 16.28
C VAL A 91 -2.91 2.32 15.87
N ALA A 92 -3.95 2.91 15.26
CA ALA A 92 -4.04 4.36 15.02
C ALA A 92 -4.85 5.08 16.12
N PRO A 93 -4.20 5.78 17.07
CA PRO A 93 -4.87 6.67 18.02
C PRO A 93 -5.27 8.01 17.37
N ALA A 94 -4.42 8.56 16.48
CA ALA A 94 -4.59 9.91 15.91
C ALA A 94 -5.01 9.93 14.43
N GLY A 95 -4.60 8.93 13.63
CA GLY A 95 -4.85 8.89 12.18
C GLY A 95 -4.04 9.93 11.39
N ASP A 96 -2.85 10.28 11.85
CA ASP A 96 -1.94 11.23 11.20
C ASP A 96 -1.27 10.63 9.94
N ALA A 97 -0.80 11.50 9.04
CA ALA A 97 -0.19 11.14 7.76
C ALA A 97 1.21 10.49 7.92
N SER A 98 2.25 11.29 8.12
CA SER A 98 3.64 10.81 8.23
C SER A 98 4.17 10.81 9.68
N HIS A 99 3.56 11.55 10.61
CA HIS A 99 4.05 11.63 11.99
C HIS A 99 3.69 10.39 12.84
N LEU A 100 2.69 9.62 12.42
CA LEU A 100 2.25 8.36 13.05
C LEU A 100 2.95 7.12 12.46
N SER A 101 3.24 7.11 11.16
CA SER A 101 3.92 5.98 10.51
C SER A 101 5.44 6.00 10.77
N MET A 102 5.92 5.09 11.63
CA MET A 102 7.34 4.94 11.96
C MET A 102 8.07 3.99 10.99
N SER A 103 7.38 2.99 10.45
CA SER A 103 7.90 1.93 9.57
C SER A 103 6.75 1.06 9.03
N THR A 104 6.98 0.35 7.92
CA THR A 104 6.04 -0.62 7.32
C THR A 104 6.67 -2.02 7.34
N GLU A 105 6.88 -2.54 8.54
CA GLU A 105 7.25 -3.94 8.78
C GLU A 105 6.09 -4.90 8.42
N LEU A 106 6.45 -6.08 7.90
CA LEU A 106 5.50 -7.15 7.55
C LEU A 106 5.24 -8.12 8.71
N ASP A 107 5.89 -7.92 9.86
CA ASP A 107 5.77 -8.77 11.07
C ASP A 107 4.43 -8.62 11.81
N THR A 108 3.62 -7.60 11.47
CA THR A 108 2.26 -7.40 11.99
C THR A 108 1.28 -8.31 11.22
N THR A 109 1.31 -9.61 11.55
CA THR A 109 0.43 -10.67 11.04
C THR A 109 -0.98 -10.52 11.64
N HIS A 110 -1.99 -11.13 11.00
CA HIS A 110 -3.36 -11.19 11.52
C HIS A 110 -3.45 -11.92 12.89
N PHE A 111 -2.63 -12.96 13.08
CA PHE A 111 -2.44 -13.65 14.36
C PHE A 111 -3.78 -14.18 14.91
N LEU A 112 -4.17 -13.76 16.12
CA LEU A 112 -5.46 -14.08 16.77
C LEU A 112 -6.21 -12.79 17.16
N LEU A 113 -6.20 -11.77 16.30
CA LEU A 113 -6.94 -10.51 16.51
C LEU A 113 -8.47 -10.74 16.67
N PRO A 114 -9.19 -9.84 17.38
CA PRO A 114 -10.61 -10.02 17.69
C PRO A 114 -11.54 -9.77 16.49
N VAL A 115 -11.12 -8.93 15.54
CA VAL A 115 -11.82 -8.64 14.27
C VAL A 115 -10.80 -8.39 13.15
N LEU A 116 -11.24 -8.49 11.90
CA LEU A 116 -10.43 -8.24 10.70
C LEU A 116 -11.27 -7.56 9.60
N GLY A 117 -10.68 -6.57 8.93
CA GLY A 117 -11.34 -5.80 7.87
C GLY A 117 -12.66 -5.19 8.35
N ARG A 118 -13.72 -5.39 7.55
CA ARG A 118 -15.10 -4.99 7.88
C ARG A 118 -15.90 -6.09 8.62
N HIS A 119 -15.26 -7.17 9.06
CA HIS A 119 -15.89 -8.36 9.67
C HIS A 119 -16.80 -9.12 8.66
N HIS A 120 -16.45 -9.06 7.38
CA HIS A 120 -17.14 -9.70 6.24
C HIS A 120 -16.11 -10.28 5.25
N SER A 121 -16.49 -11.29 4.47
CA SER A 121 -15.61 -11.99 3.52
C SER A 121 -15.24 -11.12 2.30
N LEU A 122 -16.21 -10.38 1.75
CA LEU A 122 -16.10 -9.50 0.57
C LEU A 122 -15.48 -10.22 -0.65
N SER A 123 -14.71 -9.49 -1.47
CA SER A 123 -13.95 -9.98 -2.63
C SER A 123 -12.63 -9.17 -2.76
N GLY A 124 -12.54 -8.21 -3.68
CA GLY A 124 -11.38 -7.32 -3.86
C GLY A 124 -10.23 -7.98 -4.62
N ALA A 125 -9.72 -9.09 -4.09
CA ALA A 125 -8.81 -10.03 -4.75
C ALA A 125 -9.57 -11.34 -5.05
N THR A 126 -10.54 -11.25 -5.96
CA THR A 126 -11.25 -12.42 -6.54
C THR A 126 -10.35 -13.24 -7.46
N GLU A 127 -9.31 -12.62 -8.02
CA GLU A 127 -8.23 -13.26 -8.77
C GLU A 127 -7.36 -14.18 -7.88
N PRO A 128 -6.65 -15.17 -8.47
CA PRO A 128 -5.71 -16.05 -7.76
C PRO A 128 -4.41 -15.31 -7.44
N ASP A 129 -3.42 -16.02 -6.86
CA ASP A 129 -2.13 -15.48 -6.41
C ASP A 129 -1.22 -14.89 -7.52
N ASP A 130 -1.61 -15.05 -8.79
CA ASP A 130 -0.91 -14.54 -9.98
C ASP A 130 -0.72 -13.01 -9.99
N GLU A 131 -1.68 -12.28 -9.41
CA GLU A 131 -1.59 -10.82 -9.17
C GLU A 131 -0.60 -10.48 -8.04
N ARG A 132 -0.83 -11.06 -6.85
CA ARG A 132 -0.01 -11.00 -5.63
C ARG A 132 -0.67 -11.78 -4.48
N VAL A 133 -1.97 -11.56 -4.22
CA VAL A 133 -2.72 -12.22 -3.12
C VAL A 133 -4.01 -12.89 -3.63
N LEU A 134 -4.42 -13.95 -2.94
CA LEU A 134 -5.68 -14.68 -3.19
C LEU A 134 -6.74 -14.45 -2.10
N GLY A 135 -6.37 -13.87 -0.95
CA GLY A 135 -7.23 -13.71 0.23
C GLY A 135 -8.35 -12.69 0.02
N TRP A 136 -8.04 -11.41 0.16
CA TRP A 136 -8.93 -10.26 -0.10
C TRP A 136 -8.20 -8.90 -0.01
N VAL A 137 -8.91 -7.83 -0.36
CA VAL A 137 -8.47 -6.43 -0.23
C VAL A 137 -9.67 -5.49 -0.20
N GLU A 138 -9.62 -4.47 0.65
CA GLU A 138 -10.61 -3.39 0.72
C GLU A 138 -10.05 -2.11 0.08
N LEU A 139 -10.91 -1.37 -0.62
CA LEU A 139 -10.57 -0.16 -1.37
C LEU A 139 -11.65 0.92 -1.19
N GLU A 140 -11.43 1.89 -0.29
CA GLU A 140 -12.36 2.99 -0.04
C GLU A 140 -11.61 4.27 0.37
N LEU A 141 -11.66 5.29 -0.50
CA LEU A 141 -10.86 6.51 -0.50
C LEU A 141 -11.38 7.52 -1.55
N SER A 142 -10.78 8.72 -1.60
CA SER A 142 -10.95 9.65 -2.74
C SER A 142 -10.30 9.10 -4.04
N HIS A 143 -10.62 9.68 -5.20
CA HIS A 143 -10.32 9.09 -6.52
C HIS A 143 -8.82 9.01 -6.93
N HIS A 144 -7.91 9.55 -6.11
CA HIS A 144 -6.44 9.59 -6.27
C HIS A 144 -5.99 10.60 -7.36
N GLY A 145 -4.67 10.86 -7.44
CA GLY A 145 -4.05 11.82 -8.36
C GLY A 145 -3.65 13.16 -7.72
N THR A 146 -3.65 13.25 -6.38
CA THR A 146 -3.15 14.36 -5.54
C THR A 146 -4.17 15.51 -5.45
N LEU A 147 -4.02 16.41 -4.48
CA LEU A 147 -4.78 17.66 -4.29
C LEU A 147 -6.18 17.42 -3.64
N LEU A 148 -6.39 16.24 -3.05
CA LEU A 148 -7.68 15.73 -2.55
C LEU A 148 -7.82 15.85 -1.01
N ARG A 149 -7.19 16.87 -0.40
CA ARG A 149 -7.00 17.05 1.06
C ARG A 149 -5.82 16.15 1.53
N GLY A 150 -5.65 15.95 2.85
CA GLY A 150 -4.59 15.12 3.44
C GLY A 150 -3.29 15.88 3.68
N MET A 1 3.46 8.78 -17.66
CA MET A 1 2.53 7.90 -16.94
C MET A 1 2.98 6.42 -16.98
N GLY A 2 4.20 6.16 -17.45
CA GLY A 2 4.82 4.83 -17.60
C GLY A 2 4.97 4.34 -19.04
N HIS A 3 4.53 5.11 -20.03
CA HIS A 3 4.69 4.82 -21.46
C HIS A 3 6.00 5.43 -22.05
N HIS A 4 6.39 4.97 -23.25
CA HIS A 4 7.53 5.48 -24.02
C HIS A 4 8.91 5.20 -23.36
N HIS A 5 9.02 4.10 -22.60
CA HIS A 5 10.24 3.72 -21.87
C HIS A 5 10.49 2.20 -21.96
N HIS A 6 11.52 1.78 -22.70
CA HIS A 6 11.99 0.38 -22.78
C HIS A 6 13.27 0.22 -21.92
N HIS A 7 13.15 0.45 -20.61
CA HIS A 7 14.27 0.40 -19.64
C HIS A 7 13.77 0.27 -18.19
N HIS A 8 14.60 -0.30 -17.31
CA HIS A 8 14.33 -0.50 -15.88
C HIS A 8 15.64 -0.83 -15.14
N SER A 9 15.89 -0.22 -13.99
CA SER A 9 17.19 -0.28 -13.26
C SER A 9 16.98 -0.09 -11.74
N SER A 10 16.25 -1.01 -11.10
CA SER A 10 15.94 -0.95 -9.66
C SER A 10 17.04 -1.54 -8.74
N GLY A 11 16.90 -1.28 -7.44
CA GLY A 11 17.80 -1.75 -6.37
C GLY A 11 18.69 -0.64 -5.78
N VAL A 12 18.95 -0.71 -4.47
CA VAL A 12 19.72 0.29 -3.72
C VAL A 12 21.18 0.37 -4.17
N ASP A 13 21.75 1.58 -4.18
CA ASP A 13 23.13 1.84 -4.63
C ASP A 13 24.20 1.56 -3.54
N LEU A 14 23.75 1.40 -2.28
CA LEU A 14 24.57 1.03 -1.10
C LEU A 14 23.76 0.56 0.12
N GLY A 15 22.45 0.84 0.21
CA GLY A 15 21.58 0.46 1.34
C GLY A 15 20.68 1.56 1.90
N THR A 16 20.69 2.77 1.32
CA THR A 16 20.00 3.97 1.86
C THR A 16 19.33 4.86 0.80
N GLU A 17 19.16 4.36 -0.43
CA GLU A 17 18.56 5.13 -1.54
C GLU A 17 17.14 5.64 -1.20
N ASN A 18 16.37 4.87 -0.44
CA ASN A 18 15.04 5.24 0.02
C ASN A 18 15.04 6.44 0.99
N LEU A 19 16.07 6.58 1.84
CA LEU A 19 16.10 7.52 2.97
C LEU A 19 15.96 8.98 2.52
N TYR A 20 16.43 9.30 1.32
CA TYR A 20 16.30 10.60 0.61
C TYR A 20 14.86 11.19 0.64
N PHE A 21 13.82 10.35 0.68
CA PHE A 21 12.41 10.75 0.81
C PHE A 21 11.60 9.74 1.66
N GLN A 22 12.25 9.08 2.64
CA GLN A 22 11.65 8.18 3.63
C GLN A 22 11.02 6.92 2.96
N SER A 23 10.05 6.27 3.62
CA SER A 23 9.29 5.15 3.02
C SER A 23 8.47 5.58 1.79
N MET A 24 8.16 6.88 1.66
CA MET A 24 7.61 7.47 0.43
C MET A 24 8.54 7.26 -0.78
N ARG A 25 9.85 7.42 -0.66
CA ARG A 25 10.74 7.09 -1.79
C ARG A 25 10.75 5.60 -2.09
N ALA A 26 10.78 4.74 -1.06
CA ALA A 26 10.79 3.28 -1.22
C ALA A 26 9.63 2.82 -2.11
N GLN A 27 8.40 3.23 -1.79
CA GLN A 27 7.19 2.87 -2.55
C GLN A 27 7.10 3.55 -3.92
N LEU A 28 7.52 4.82 -4.07
CA LEU A 28 7.56 5.51 -5.37
C LEU A 28 8.51 4.82 -6.34
N ILE A 29 9.71 4.45 -5.88
CA ILE A 29 10.73 3.79 -6.70
C ILE A 29 10.35 2.32 -6.97
N GLU A 30 9.86 1.58 -5.98
CA GLU A 30 9.45 0.17 -6.09
C GLU A 30 8.47 -0.09 -7.24
N ARG A 31 7.54 0.83 -7.53
CA ARG A 31 6.63 0.73 -8.68
C ARG A 31 7.10 1.55 -9.89
N GLY A 32 7.58 2.79 -9.67
CA GLY A 32 7.93 3.72 -10.74
C GLY A 32 9.18 3.35 -11.52
N GLN A 33 10.16 2.69 -10.89
CA GLN A 33 11.41 2.26 -11.52
C GLN A 33 11.36 0.81 -12.05
N LEU A 34 10.31 0.05 -11.71
CA LEU A 34 9.96 -1.21 -12.38
C LEU A 34 9.24 -0.95 -13.71
N ILE A 35 8.32 0.02 -13.75
CA ILE A 35 7.59 0.40 -14.99
C ILE A 35 8.47 1.25 -15.92
N ALA A 36 9.18 2.25 -15.41
CA ALA A 36 9.98 3.20 -16.17
C ALA A 36 11.10 3.80 -15.27
N GLU A 37 11.09 5.11 -15.01
CA GLU A 37 11.98 5.79 -14.05
C GLU A 37 11.21 6.91 -13.32
N GLN A 38 10.84 6.65 -12.05
CA GLN A 38 10.19 7.57 -11.09
C GLN A 38 9.02 8.43 -11.63
N LEU A 39 8.31 7.94 -12.65
CA LEU A 39 7.24 8.67 -13.37
C LEU A 39 5.87 7.99 -13.33
N ALA A 40 5.82 6.66 -13.38
CA ALA A 40 4.57 5.91 -13.26
C ALA A 40 3.96 6.04 -11.84
N PRO A 41 2.62 6.04 -11.69
CA PRO A 41 1.94 6.31 -10.42
C PRO A 41 2.23 5.24 -9.36
N LEU A 42 2.15 5.62 -8.08
CA LEU A 42 2.35 4.72 -6.95
C LEU A 42 1.12 3.86 -6.63
N ALA A 43 -0.10 4.41 -6.79
CA ALA A 43 -1.35 3.74 -6.42
C ALA A 43 -2.18 3.25 -7.62
N ALA A 44 -2.37 4.08 -8.65
CA ALA A 44 -3.35 3.80 -9.72
C ALA A 44 -3.05 2.50 -10.49
N THR A 45 -1.83 2.34 -11.01
CA THR A 45 -1.35 1.10 -11.65
C THR A 45 -1.31 -0.05 -10.67
N ALA A 46 -0.79 0.18 -9.45
CA ALA A 46 -0.61 -0.84 -8.42
C ALA A 46 -1.93 -1.46 -7.95
N LEU A 47 -3.01 -0.69 -7.88
CA LEU A 47 -4.35 -1.16 -7.55
C LEU A 47 -4.96 -1.90 -8.76
N ALA A 48 -4.85 -1.34 -9.97
CA ALA A 48 -5.36 -1.96 -11.20
C ALA A 48 -4.75 -3.35 -11.48
N ARG A 49 -3.44 -3.52 -11.25
CA ARG A 49 -2.70 -4.79 -11.34
C ARG A 49 -2.75 -5.61 -10.02
N LYS A 50 -3.23 -5.01 -8.93
CA LYS A 50 -3.48 -5.61 -7.61
C LYS A 50 -2.19 -6.02 -6.85
N ASP A 51 -1.07 -5.33 -7.07
CA ASP A 51 0.24 -5.63 -6.47
C ASP A 51 0.35 -5.15 -5.00
N THR A 52 -0.23 -5.95 -4.10
CA THR A 52 -0.14 -5.83 -2.63
C THR A 52 1.29 -5.66 -2.11
N ALA A 53 2.31 -6.12 -2.85
CA ALA A 53 3.73 -5.89 -2.52
C ALA A 53 4.07 -4.41 -2.32
N VAL A 54 3.55 -3.51 -3.17
CA VAL A 54 3.70 -2.04 -3.02
C VAL A 54 2.45 -1.41 -2.38
N LEU A 55 1.26 -1.99 -2.58
CA LEU A 55 0.02 -1.51 -1.95
C LEU A 55 0.12 -1.52 -0.41
N ASN A 56 0.82 -2.52 0.16
CA ASN A 56 1.21 -2.59 1.57
C ASN A 56 1.89 -1.30 2.08
N ARG A 57 2.93 -0.82 1.38
CA ARG A 57 3.68 0.38 1.77
C ARG A 57 2.87 1.66 1.56
N ILE A 58 2.26 1.84 0.39
CA ILE A 58 1.45 3.05 0.12
C ILE A 58 0.23 3.13 1.04
N ALA A 59 -0.33 2.00 1.49
CA ALA A 59 -1.41 2.02 2.48
C ALA A 59 -0.95 2.58 3.84
N ASN A 60 0.22 2.17 4.32
CA ASN A 60 0.80 2.68 5.56
C ASN A 60 1.29 4.15 5.49
N GLU A 61 1.29 4.77 4.30
CA GLU A 61 1.63 6.19 4.09
C GLU A 61 0.43 7.03 3.64
N ALA A 62 -0.17 6.70 2.49
CA ALA A 62 -1.22 7.47 1.83
C ALA A 62 -2.64 7.10 2.32
N LEU A 63 -2.93 5.83 2.57
CA LEU A 63 -4.23 5.40 3.14
C LEU A 63 -4.30 5.63 4.66
N ASP A 64 -3.16 5.92 5.28
CA ASP A 64 -2.99 6.31 6.69
C ASP A 64 -3.32 7.81 6.94
N GLN A 65 -3.57 8.59 5.88
CA GLN A 65 -3.94 10.00 5.94
C GLN A 65 -5.41 10.22 6.40
N PRO A 66 -5.74 11.39 6.98
CA PRO A 66 -7.09 11.69 7.47
C PRO A 66 -8.16 11.86 6.37
N ASP A 67 -7.78 11.97 5.08
CA ASP A 67 -8.73 12.11 3.96
C ASP A 67 -9.47 10.79 3.59
N VAL A 68 -8.99 9.66 4.12
CA VAL A 68 -9.22 8.30 3.63
C VAL A 68 -10.44 7.63 4.27
N ARG A 69 -11.09 6.73 3.52
CA ARG A 69 -12.28 5.98 3.97
C ARG A 69 -11.89 4.66 4.64
N ALA A 70 -11.22 3.73 3.94
CA ALA A 70 -10.87 2.38 4.44
C ALA A 70 -9.93 1.58 3.49
N VAL A 71 -9.13 0.66 4.03
CA VAL A 71 -8.29 -0.27 3.24
C VAL A 71 -7.83 -1.49 4.07
N THR A 72 -7.59 -2.65 3.42
CA THR A 72 -7.12 -3.89 4.07
C THR A 72 -6.49 -4.84 3.05
N PHE A 73 -5.54 -5.70 3.48
CA PHE A 73 -4.83 -6.66 2.62
C PHE A 73 -4.48 -7.96 3.39
N LEU A 74 -4.81 -9.14 2.83
CA LEU A 74 -4.56 -10.45 3.46
C LEU A 74 -4.33 -11.55 2.42
N ASP A 75 -3.42 -12.49 2.72
CA ASP A 75 -3.05 -13.63 1.87
C ASP A 75 -3.71 -14.97 2.30
N ALA A 76 -3.56 -16.02 1.48
CA ALA A 76 -4.06 -17.39 1.73
C ALA A 76 -3.63 -17.98 3.09
N ARG A 77 -2.46 -17.56 3.60
CA ARG A 77 -1.93 -17.91 4.92
C ARG A 77 -2.81 -17.41 6.09
N GLN A 78 -3.81 -16.56 5.80
CA GLN A 78 -4.58 -15.72 6.74
C GLN A 78 -3.69 -14.63 7.38
N GLU A 79 -2.62 -14.23 6.69
CA GLU A 79 -1.71 -13.15 7.11
C GLU A 79 -2.22 -11.82 6.58
N ARG A 80 -2.64 -10.92 7.47
CA ARG A 80 -2.77 -9.48 7.19
C ARG A 80 -1.38 -8.91 6.90
N LEU A 81 -1.20 -8.31 5.72
CA LEU A 81 0.03 -7.58 5.37
C LEU A 81 -0.07 -6.13 5.86
N ALA A 82 -1.23 -5.49 5.60
CA ALA A 82 -1.49 -4.09 5.90
C ALA A 82 -3.00 -3.83 6.07
N HIS A 83 -3.32 -2.62 6.52
CA HIS A 83 -4.65 -2.16 6.92
C HIS A 83 -4.58 -0.68 7.34
N ALA A 84 -5.59 0.12 6.99
CA ALA A 84 -5.65 1.56 7.23
C ALA A 84 -7.08 2.10 7.08
N GLY A 85 -7.29 3.34 7.54
CA GLY A 85 -8.61 3.87 7.86
C GLY A 85 -9.03 3.52 9.31
N PRO A 86 -10.06 4.19 9.85
CA PRO A 86 -10.37 4.19 11.29
C PRO A 86 -10.85 2.83 11.81
N SER A 87 -11.55 2.03 11.00
CA SER A 87 -12.16 0.76 11.45
C SER A 87 -11.23 -0.47 11.33
N MET A 88 -10.12 -0.38 10.57
CA MET A 88 -9.26 -1.52 10.21
C MET A 88 -7.87 -1.50 10.88
N LEU A 89 -7.37 -0.29 11.22
CA LEU A 89 -6.08 -0.08 11.86
C LEU A 89 -6.31 0.36 13.31
N THR A 90 -6.13 -0.57 14.26
CA THR A 90 -6.35 -0.37 15.70
C THR A 90 -5.50 0.75 16.29
N VAL A 91 -4.28 0.93 15.75
CA VAL A 91 -3.30 1.96 16.15
C VAL A 91 -3.41 3.26 15.32
N ALA A 92 -4.61 3.61 14.83
CA ALA A 92 -4.89 4.87 14.14
C ALA A 92 -5.53 5.93 15.09
N PRO A 93 -4.75 6.84 15.70
CA PRO A 93 -5.28 7.99 16.46
C PRO A 93 -5.79 9.14 15.57
N ALA A 94 -5.35 9.18 14.30
CA ALA A 94 -5.67 10.17 13.25
C ALA A 94 -5.01 11.56 13.49
N GLY A 95 -5.20 12.48 12.53
CA GLY A 95 -4.83 13.91 12.63
C GLY A 95 -3.48 14.30 12.03
N ASP A 96 -2.67 13.34 11.57
CA ASP A 96 -1.42 13.58 10.83
C ASP A 96 -1.36 12.73 9.55
N ALA A 97 -0.60 13.19 8.55
CA ALA A 97 -0.44 12.48 7.27
C ALA A 97 0.47 11.24 7.39
N SER A 98 1.77 11.44 7.65
CA SER A 98 2.76 10.36 7.79
C SER A 98 3.25 10.13 9.23
N HIS A 99 2.99 11.04 10.17
CA HIS A 99 3.54 10.98 11.53
C HIS A 99 2.97 9.80 12.37
N LEU A 100 1.86 9.19 11.91
CA LEU A 100 1.28 7.97 12.46
C LEU A 100 2.12 6.70 12.17
N SER A 101 2.98 6.70 11.15
CA SER A 101 3.68 5.49 10.68
C SER A 101 4.96 5.84 9.90
N MET A 102 6.12 5.78 10.59
CA MET A 102 7.43 6.21 10.04
C MET A 102 8.22 5.07 9.38
N SER A 103 7.94 3.81 9.73
CA SER A 103 8.52 2.61 9.11
C SER A 103 7.43 1.59 8.73
N THR A 104 7.72 0.69 7.77
CA THR A 104 6.75 -0.29 7.25
C THR A 104 6.32 -1.31 8.31
N GLU A 105 7.28 -1.73 9.15
CA GLU A 105 7.13 -2.61 10.31
C GLU A 105 6.85 -4.07 9.92
N LEU A 106 5.69 -4.35 9.28
CA LEU A 106 5.25 -5.64 8.70
C LEU A 106 5.05 -6.80 9.72
N ASP A 107 5.57 -6.67 10.94
CA ASP A 107 5.39 -7.60 12.08
C ASP A 107 3.95 -7.64 12.64
N THR A 108 3.07 -6.74 12.17
CA THR A 108 1.65 -6.62 12.56
C THR A 108 0.77 -7.68 11.85
N THR A 109 1.14 -8.95 12.04
CA THR A 109 0.43 -10.14 11.55
C THR A 109 -0.97 -10.23 12.15
N HIS A 110 -1.90 -10.85 11.42
CA HIS A 110 -3.31 -11.02 11.81
C HIS A 110 -3.50 -11.72 13.17
N PHE A 111 -2.65 -12.72 13.49
CA PHE A 111 -2.59 -13.40 14.79
C PHE A 111 -3.91 -14.10 15.21
N LEU A 112 -4.84 -14.27 14.25
CA LEU A 112 -6.20 -14.83 14.41
C LEU A 112 -7.12 -13.91 15.26
N LEU A 113 -6.96 -12.59 15.16
CA LEU A 113 -7.83 -11.58 15.81
C LEU A 113 -9.34 -11.76 15.43
N PRO A 114 -10.28 -11.32 16.29
CA PRO A 114 -11.71 -11.41 16.04
C PRO A 114 -12.23 -10.39 15.01
N VAL A 115 -11.52 -9.26 14.82
CA VAL A 115 -11.83 -8.22 13.81
C VAL A 115 -10.85 -8.34 12.63
N LEU A 116 -11.37 -8.15 11.41
CA LEU A 116 -10.63 -8.22 10.15
C LEU A 116 -11.41 -7.55 9.01
N GLY A 117 -10.78 -6.56 8.36
CA GLY A 117 -11.29 -5.85 7.18
C GLY A 117 -12.71 -5.31 7.37
N ARG A 118 -13.60 -5.70 6.45
CA ARG A 118 -15.04 -5.44 6.46
C ARG A 118 -15.86 -6.70 6.79
N HIS A 119 -15.28 -7.71 7.44
CA HIS A 119 -15.94 -9.02 7.71
C HIS A 119 -16.37 -9.72 6.39
N HIS A 120 -15.58 -9.56 5.31
CA HIS A 120 -15.75 -10.18 3.99
C HIS A 120 -16.90 -9.57 3.14
N SER A 121 -17.41 -8.37 3.47
CA SER A 121 -18.56 -7.77 2.75
C SER A 121 -18.26 -7.35 1.29
N LEU A 122 -16.99 -7.06 0.97
CA LEU A 122 -16.51 -6.61 -0.35
C LEU A 122 -15.28 -7.43 -0.79
N SER A 123 -15.07 -7.54 -2.11
CA SER A 123 -14.01 -8.37 -2.71
C SER A 123 -13.21 -7.60 -3.77
N GLY A 124 -11.94 -7.26 -3.47
CA GLY A 124 -10.97 -6.66 -4.40
C GLY A 124 -10.05 -7.70 -5.02
N ALA A 125 -9.06 -8.18 -4.26
CA ALA A 125 -8.16 -9.28 -4.65
C ALA A 125 -8.76 -10.68 -4.42
N THR A 126 -9.89 -10.96 -5.10
CA THR A 126 -10.48 -12.32 -5.19
C THR A 126 -9.76 -13.20 -6.23
N GLU A 127 -8.88 -12.61 -7.03
CA GLU A 127 -7.98 -13.29 -7.97
C GLU A 127 -6.87 -14.09 -7.25
N PRO A 128 -6.25 -15.10 -7.90
CA PRO A 128 -5.21 -15.94 -7.32
C PRO A 128 -3.81 -15.27 -7.34
N ASP A 129 -2.76 -16.07 -7.11
CA ASP A 129 -1.35 -15.64 -7.02
C ASP A 129 -0.78 -15.05 -8.33
N ASP A 130 -1.50 -15.22 -9.44
CA ASP A 130 -1.19 -14.60 -10.73
C ASP A 130 -1.28 -13.06 -10.68
N GLU A 131 -2.05 -12.53 -9.73
CA GLU A 131 -2.02 -11.12 -9.31
C GLU A 131 -0.93 -10.93 -8.24
N ARG A 132 -1.19 -11.32 -6.98
CA ARG A 132 -0.24 -11.21 -5.84
C ARG A 132 -0.70 -11.99 -4.60
N VAL A 133 -1.81 -11.61 -3.98
CA VAL A 133 -2.42 -12.30 -2.81
C VAL A 133 -3.71 -13.01 -3.21
N LEU A 134 -3.95 -14.19 -2.64
CA LEU A 134 -5.13 -15.02 -2.94
C LEU A 134 -6.29 -14.82 -1.96
N GLY A 135 -6.06 -14.17 -0.82
CA GLY A 135 -7.01 -14.05 0.30
C GLY A 135 -8.08 -13.00 -0.01
N TRP A 136 -7.73 -11.73 0.20
CA TRP A 136 -8.54 -10.57 -0.19
C TRP A 136 -7.76 -9.24 -0.08
N VAL A 137 -8.34 -8.20 -0.66
CA VAL A 137 -7.97 -6.78 -0.50
C VAL A 137 -9.27 -5.98 -0.47
N GLU A 138 -9.32 -4.95 0.36
CA GLU A 138 -10.41 -3.98 0.48
C GLU A 138 -9.86 -2.59 0.19
N LEU A 139 -10.65 -1.72 -0.46
CA LEU A 139 -10.20 -0.43 -1.00
C LEU A 139 -11.34 0.60 -1.04
N GLU A 140 -11.13 1.76 -0.42
CA GLU A 140 -12.08 2.86 -0.36
C GLU A 140 -11.35 4.19 -0.08
N LEU A 141 -11.39 5.12 -1.04
CA LEU A 141 -10.62 6.38 -1.06
C LEU A 141 -10.98 7.27 -2.27
N SER A 142 -10.38 8.44 -2.38
CA SER A 142 -10.36 9.31 -3.57
C SER A 142 -9.44 8.77 -4.68
N HIS A 143 -9.42 9.39 -5.88
CA HIS A 143 -8.64 8.89 -7.02
C HIS A 143 -7.12 8.90 -6.77
N HIS A 144 -6.52 10.07 -6.52
CA HIS A 144 -5.10 10.28 -6.21
C HIS A 144 -4.84 11.78 -5.85
N GLY A 145 -3.59 12.24 -5.91
CA GLY A 145 -3.19 13.66 -5.78
C GLY A 145 -2.38 13.97 -4.52
N THR A 146 -2.79 13.43 -3.36
CA THR A 146 -2.15 13.53 -2.03
C THR A 146 -2.38 14.92 -1.41
N LEU A 147 -2.26 15.04 -0.07
CA LEU A 147 -2.39 16.30 0.69
C LEU A 147 -3.82 16.92 0.60
N LEU A 148 -4.82 16.06 0.37
CA LEU A 148 -6.24 16.42 0.19
C LEU A 148 -6.91 16.92 1.49
N ARG A 149 -8.13 17.43 1.34
CA ARG A 149 -9.05 17.84 2.43
C ARG A 149 -9.31 16.74 3.47
N GLY A 150 -9.75 17.13 4.68
CA GLY A 150 -10.05 16.22 5.80
C GLY A 150 -8.95 16.24 6.88
N MET A 1 3.61 8.24 -21.21
CA MET A 1 4.68 8.15 -20.22
C MET A 1 4.36 7.08 -19.16
N GLY A 2 5.38 6.32 -18.73
CA GLY A 2 5.25 5.23 -17.75
C GLY A 2 4.89 3.89 -18.41
N HIS A 3 5.86 3.29 -19.11
CA HIS A 3 5.73 1.99 -19.79
C HIS A 3 7.11 1.36 -20.09
N HIS A 4 7.22 0.03 -20.00
CA HIS A 4 8.49 -0.73 -20.10
C HIS A 4 8.21 -2.20 -20.54
N HIS A 5 9.15 -2.84 -21.24
CA HIS A 5 8.98 -4.22 -21.74
C HIS A 5 9.49 -5.31 -20.77
N HIS A 6 10.66 -5.13 -20.16
CA HIS A 6 11.24 -6.08 -19.20
C HIS A 6 10.76 -5.80 -17.76
N HIS A 7 10.61 -6.85 -16.94
CA HIS A 7 10.23 -6.72 -15.53
C HIS A 7 11.39 -6.22 -14.65
N HIS A 8 12.65 -6.53 -14.98
CA HIS A 8 13.83 -6.01 -14.29
C HIS A 8 14.17 -4.59 -14.77
N SER A 9 14.33 -3.65 -13.84
CA SER A 9 14.43 -2.20 -14.10
C SER A 9 14.70 -1.39 -12.82
N SER A 10 13.96 -1.64 -11.74
CA SER A 10 14.23 -1.04 -10.41
C SER A 10 15.42 -1.71 -9.69
N GLY A 11 15.94 -1.05 -8.66
CA GLY A 11 16.97 -1.58 -7.76
C GLY A 11 17.74 -0.47 -7.04
N VAL A 12 18.06 -0.69 -5.76
CA VAL A 12 18.81 0.26 -4.92
C VAL A 12 20.26 0.38 -5.39
N ASP A 13 20.73 1.62 -5.54
CA ASP A 13 22.08 1.94 -6.05
C ASP A 13 23.18 1.80 -4.99
N LEU A 14 22.80 1.70 -3.70
CA LEU A 14 23.69 1.68 -2.53
C LEU A 14 23.18 0.88 -1.32
N GLY A 15 21.98 0.30 -1.38
CA GLY A 15 21.38 -0.52 -0.32
C GLY A 15 20.29 0.17 0.53
N THR A 16 20.23 1.51 0.51
CA THR A 16 19.26 2.33 1.27
C THR A 16 18.89 3.65 0.56
N GLU A 17 18.90 3.64 -0.78
CA GLU A 17 18.54 4.82 -1.60
C GLU A 17 17.08 5.27 -1.38
N ASN A 18 16.22 4.36 -0.90
CA ASN A 18 14.88 4.65 -0.41
C ASN A 18 14.84 5.65 0.78
N LEU A 19 15.87 5.72 1.63
CA LEU A 19 15.88 6.52 2.86
C LEU A 19 15.83 8.03 2.59
N TYR A 20 16.30 8.47 1.41
CA TYR A 20 16.45 9.88 1.00
C TYR A 20 15.16 10.73 1.18
N PHE A 21 13.99 10.09 1.11
CA PHE A 21 12.67 10.69 1.39
C PHE A 21 11.78 9.71 2.18
N GLN A 22 12.37 8.90 3.07
CA GLN A 22 11.67 8.01 4.00
C GLN A 22 10.82 6.95 3.25
N SER A 23 9.70 6.52 3.84
CA SER A 23 8.71 5.65 3.16
C SER A 23 8.19 6.27 1.85
N MET A 24 8.16 7.61 1.75
CA MET A 24 7.74 8.34 0.56
C MET A 24 8.63 8.00 -0.64
N ARG A 25 9.96 7.96 -0.51
CA ARG A 25 10.80 7.41 -1.58
C ARG A 25 10.70 5.89 -1.68
N ALA A 26 10.62 5.14 -0.58
CA ALA A 26 10.50 3.67 -0.64
C ALA A 26 9.37 3.22 -1.59
N GLN A 27 8.19 3.83 -1.48
CA GLN A 27 7.05 3.53 -2.33
C GLN A 27 7.09 4.16 -3.73
N LEU A 28 7.56 5.42 -3.86
CA LEU A 28 7.71 6.08 -5.17
C LEU A 28 8.78 5.41 -6.03
N ILE A 29 9.85 4.87 -5.44
CA ILE A 29 10.92 4.16 -6.16
C ILE A 29 10.55 2.71 -6.48
N GLU A 30 10.06 1.92 -5.50
CA GLU A 30 9.75 0.49 -5.69
C GLU A 30 8.82 0.22 -6.88
N ARG A 31 7.85 1.11 -7.11
CA ARG A 31 6.91 1.06 -8.24
C ARG A 31 7.32 2.02 -9.37
N GLY A 32 7.73 3.26 -9.07
CA GLY A 32 7.98 4.28 -10.10
C GLY A 32 9.29 4.10 -10.87
N GLN A 33 10.29 3.42 -10.29
CA GLN A 33 11.51 3.01 -10.98
C GLN A 33 11.37 1.61 -11.63
N LEU A 34 10.28 0.88 -11.33
CA LEU A 34 9.89 -0.37 -12.00
C LEU A 34 9.07 -0.10 -13.27
N ILE A 35 8.21 0.94 -13.25
CA ILE A 35 7.44 1.38 -14.42
C ILE A 35 8.27 2.27 -15.37
N ALA A 36 9.06 3.21 -14.83
CA ALA A 36 9.88 4.17 -15.57
C ALA A 36 10.93 4.80 -14.63
N GLU A 37 10.81 6.09 -14.30
CA GLU A 37 11.75 6.84 -13.44
C GLU A 37 11.03 8.02 -12.76
N GLN A 38 10.32 7.73 -11.65
CA GLN A 38 9.78 8.71 -10.68
C GLN A 38 8.72 9.67 -11.29
N LEU A 39 7.74 9.13 -12.03
CA LEU A 39 6.86 9.94 -12.89
C LEU A 39 5.38 9.50 -12.93
N ALA A 40 5.11 8.21 -13.10
CA ALA A 40 3.76 7.62 -13.04
C ALA A 40 3.14 7.75 -11.61
N PRO A 41 1.80 7.60 -11.45
CA PRO A 41 1.12 7.71 -10.15
C PRO A 41 1.49 6.56 -9.21
N LEU A 42 1.52 6.81 -7.89
CA LEU A 42 1.85 5.79 -6.89
C LEU A 42 0.70 4.82 -6.58
N ALA A 43 -0.56 5.27 -6.64
CA ALA A 43 -1.72 4.46 -6.29
C ALA A 43 -2.51 3.94 -7.50
N ALA A 44 -2.81 4.78 -8.49
CA ALA A 44 -3.78 4.45 -9.56
C ALA A 44 -3.40 3.18 -10.36
N THR A 45 -2.17 3.15 -10.92
CA THR A 45 -1.61 1.99 -11.62
C THR A 45 -1.42 0.79 -10.69
N ALA A 46 -0.94 1.03 -9.47
CA ALA A 46 -0.65 -0.02 -8.49
C ALA A 46 -1.92 -0.74 -7.99
N LEU A 47 -3.04 -0.03 -7.85
CA LEU A 47 -4.34 -0.61 -7.49
C LEU A 47 -4.97 -1.31 -8.70
N ALA A 48 -4.91 -0.71 -9.90
CA ALA A 48 -5.40 -1.31 -11.14
C ALA A 48 -4.73 -2.66 -11.47
N ARG A 49 -3.42 -2.77 -11.20
CA ARG A 49 -2.63 -4.03 -11.31
C ARG A 49 -2.57 -4.84 -10.00
N LYS A 50 -3.19 -4.34 -8.92
CA LYS A 50 -3.39 -5.02 -7.62
C LYS A 50 -2.07 -5.36 -6.86
N ASP A 51 -1.03 -4.54 -7.02
CA ASP A 51 0.34 -4.78 -6.55
C ASP A 51 0.53 -4.43 -5.05
N THR A 52 0.03 -5.31 -4.17
CA THR A 52 0.10 -5.19 -2.70
C THR A 52 1.53 -4.97 -2.17
N ALA A 53 2.57 -5.34 -2.93
CA ALA A 53 3.97 -5.04 -2.62
C ALA A 53 4.18 -3.54 -2.32
N VAL A 54 3.73 -2.66 -3.21
CA VAL A 54 3.76 -1.19 -3.02
C VAL A 54 2.49 -0.68 -2.34
N LEU A 55 1.33 -1.34 -2.56
CA LEU A 55 0.07 -0.93 -1.94
C LEU A 55 0.14 -0.97 -0.41
N ASN A 56 0.92 -1.90 0.18
CA ASN A 56 1.27 -1.90 1.61
C ASN A 56 1.85 -0.55 2.08
N ARG A 57 2.92 -0.07 1.43
CA ARG A 57 3.60 1.17 1.83
C ARG A 57 2.69 2.38 1.62
N ILE A 58 2.09 2.55 0.44
CA ILE A 58 1.20 3.70 0.18
C ILE A 58 -0.05 3.65 1.07
N ALA A 59 -0.52 2.47 1.49
CA ALA A 59 -1.59 2.39 2.48
C ALA A 59 -1.14 2.88 3.85
N ASN A 60 0.00 2.42 4.35
CA ASN A 60 0.55 2.89 5.63
C ASN A 60 0.99 4.38 5.62
N GLU A 61 1.08 5.02 4.44
CA GLU A 61 1.36 6.45 4.28
C GLU A 61 0.13 7.27 3.91
N ALA A 62 -0.40 7.10 2.69
CA ALA A 62 -1.47 7.92 2.13
C ALA A 62 -2.86 7.49 2.63
N LEU A 63 -3.11 6.19 2.87
CA LEU A 63 -4.39 5.69 3.41
C LEU A 63 -4.44 5.78 4.96
N ASP A 64 -3.30 6.03 5.60
CA ASP A 64 -3.19 6.26 7.05
C ASP A 64 -3.74 7.65 7.46
N GLN A 65 -3.68 8.63 6.55
CA GLN A 65 -4.12 10.02 6.74
C GLN A 65 -5.63 10.17 7.09
N PRO A 66 -6.04 11.33 7.65
CA PRO A 66 -7.44 11.60 8.01
C PRO A 66 -8.42 11.70 6.83
N ASP A 67 -7.94 11.91 5.59
CA ASP A 67 -8.77 12.10 4.40
C ASP A 67 -9.31 10.79 3.78
N VAL A 68 -9.18 9.70 4.53
CA VAL A 68 -9.35 8.29 4.07
C VAL A 68 -10.46 7.60 4.86
N ARG A 69 -11.14 6.63 4.22
CA ARG A 69 -12.27 5.91 4.82
C ARG A 69 -11.87 4.54 5.38
N ALA A 70 -11.24 3.65 4.60
CA ALA A 70 -10.72 2.33 5.04
C ALA A 70 -9.94 1.58 3.94
N VAL A 71 -8.99 0.72 4.34
CA VAL A 71 -8.20 -0.15 3.45
C VAL A 71 -7.63 -1.36 4.21
N THR A 72 -7.40 -2.48 3.51
CA THR A 72 -6.90 -3.76 4.07
C THR A 72 -6.35 -4.65 2.95
N PHE A 73 -5.42 -5.57 3.26
CA PHE A 73 -4.78 -6.47 2.28
C PHE A 73 -4.34 -7.80 2.93
N LEU A 74 -4.55 -8.94 2.25
CA LEU A 74 -4.26 -10.29 2.77
C LEU A 74 -4.10 -11.34 1.65
N ASP A 75 -3.25 -12.34 1.87
CA ASP A 75 -2.95 -13.45 0.96
C ASP A 75 -3.66 -14.78 1.31
N ALA A 76 -3.50 -15.80 0.46
CA ALA A 76 -4.02 -17.16 0.70
C ALA A 76 -3.42 -17.84 1.95
N ARG A 77 -2.27 -17.36 2.43
CA ARG A 77 -1.61 -17.84 3.66
C ARG A 77 -2.25 -17.28 4.95
N GLN A 78 -3.25 -16.40 4.84
CA GLN A 78 -3.96 -15.72 5.94
C GLN A 78 -3.04 -14.75 6.70
N GLU A 79 -2.04 -14.18 6.01
CA GLU A 79 -1.21 -13.08 6.50
C GLU A 79 -1.80 -11.75 6.00
N ARG A 80 -2.16 -10.84 6.91
CA ARG A 80 -2.42 -9.44 6.58
C ARG A 80 -1.10 -8.78 6.17
N LEU A 81 -1.03 -8.23 4.97
CA LEU A 81 0.12 -7.45 4.51
C LEU A 81 0.02 -6.00 4.99
N ALA A 82 -1.20 -5.44 5.05
CA ALA A 82 -1.45 -4.05 5.42
C ALA A 82 -2.92 -3.79 5.79
N HIS A 83 -3.17 -2.60 6.34
CA HIS A 83 -4.43 -2.16 6.91
C HIS A 83 -4.31 -0.68 7.35
N ALA A 84 -5.33 0.13 7.08
CA ALA A 84 -5.35 1.58 7.35
C ALA A 84 -6.80 2.13 7.34
N GLY A 85 -7.00 3.27 8.01
CA GLY A 85 -8.32 3.79 8.40
C GLY A 85 -8.67 3.45 9.86
N PRO A 86 -9.76 4.02 10.41
CA PRO A 86 -10.06 4.02 11.83
C PRO A 86 -10.46 2.64 12.37
N SER A 87 -11.14 1.81 11.57
CA SER A 87 -11.61 0.47 11.95
C SER A 87 -10.61 -0.65 11.62
N MET A 88 -9.81 -0.49 10.56
CA MET A 88 -8.94 -1.56 10.02
C MET A 88 -7.56 -1.62 10.68
N LEU A 89 -6.99 -0.47 11.01
CA LEU A 89 -5.71 -0.34 11.74
C LEU A 89 -6.02 -0.06 13.21
N THR A 90 -5.73 -1.03 14.08
CA THR A 90 -5.97 -0.93 15.54
C THR A 90 -5.18 0.21 16.17
N VAL A 91 -3.97 0.45 15.67
CA VAL A 91 -3.06 1.55 16.06
C VAL A 91 -3.19 2.73 15.08
N ALA A 92 -4.42 3.15 14.78
CA ALA A 92 -4.71 4.28 13.89
C ALA A 92 -4.13 5.60 14.44
N PRO A 93 -3.79 6.59 13.57
CA PRO A 93 -3.13 7.82 13.96
C PRO A 93 -4.08 8.87 14.57
N ALA A 94 -5.33 8.51 14.90
CA ALA A 94 -6.31 9.36 15.60
C ALA A 94 -6.73 10.64 14.83
N GLY A 95 -6.47 10.67 13.51
CA GLY A 95 -6.78 11.79 12.61
C GLY A 95 -5.57 12.65 12.22
N ASP A 96 -4.34 12.20 12.48
CA ASP A 96 -3.10 12.86 12.04
C ASP A 96 -2.52 12.25 10.75
N ALA A 97 -1.73 13.06 10.03
CA ALA A 97 -0.81 12.62 8.99
C ALA A 97 0.58 12.32 9.60
N SER A 98 1.65 12.91 9.07
CA SER A 98 3.04 12.65 9.49
C SER A 98 3.38 13.10 10.94
N HIS A 99 2.53 13.88 11.60
CA HIS A 99 2.76 14.39 12.96
C HIS A 99 2.80 13.30 14.05
N LEU A 100 2.13 12.15 13.86
CA LEU A 100 2.18 11.05 14.84
C LEU A 100 3.35 10.10 14.58
N SER A 101 3.50 9.64 13.33
CA SER A 101 4.52 8.68 12.83
C SER A 101 4.30 8.41 11.33
N MET A 102 5.30 7.83 10.66
CA MET A 102 5.22 7.35 9.26
C MET A 102 4.75 5.89 9.20
N SER A 103 5.49 4.97 9.82
CA SER A 103 5.14 3.53 10.04
C SER A 103 5.46 2.64 8.82
N THR A 104 6.73 2.22 8.69
CA THR A 104 7.29 1.53 7.51
C THR A 104 7.60 0.05 7.80
N GLU A 105 6.64 -0.68 8.35
CA GLU A 105 6.82 -2.06 8.84
C GLU A 105 5.74 -3.03 8.31
N LEU A 106 6.12 -4.30 8.08
CA LEU A 106 5.25 -5.38 7.58
C LEU A 106 5.24 -6.61 8.53
N ASP A 107 5.90 -6.53 9.69
CA ASP A 107 5.96 -7.60 10.70
C ASP A 107 4.63 -7.83 11.46
N THR A 108 3.64 -6.94 11.27
CA THR A 108 2.30 -6.99 11.87
C THR A 108 1.38 -7.99 11.14
N THR A 109 1.84 -9.25 11.11
CA THR A 109 1.12 -10.42 10.58
C THR A 109 -0.17 -10.65 11.38
N HIS A 110 -1.21 -11.12 10.69
CA HIS A 110 -2.52 -11.44 11.30
C HIS A 110 -2.42 -12.47 12.45
N PHE A 111 -1.45 -13.39 12.37
CA PHE A 111 -1.15 -14.43 13.36
C PHE A 111 -2.31 -15.43 13.48
N LEU A 112 -3.32 -15.09 14.29
CA LEU A 112 -4.49 -15.93 14.63
C LEU A 112 -5.54 -15.13 15.44
N LEU A 113 -5.71 -13.85 15.11
CA LEU A 113 -6.67 -12.95 15.77
C LEU A 113 -8.14 -13.38 15.54
N PRO A 114 -9.08 -13.01 16.43
CA PRO A 114 -10.49 -13.42 16.35
C PRO A 114 -11.29 -12.64 15.30
N VAL A 115 -10.85 -11.43 14.93
CA VAL A 115 -11.39 -10.62 13.83
C VAL A 115 -10.21 -10.08 12.99
N LEU A 116 -10.43 -9.91 11.68
CA LEU A 116 -9.43 -9.43 10.73
C LEU A 116 -10.08 -8.64 9.59
N GLY A 117 -9.58 -7.43 9.35
CA GLY A 117 -10.14 -6.52 8.34
C GLY A 117 -11.65 -6.31 8.53
N ARG A 118 -12.39 -6.29 7.42
CA ARG A 118 -13.87 -6.27 7.42
C ARG A 118 -14.49 -7.68 7.41
N HIS A 119 -13.70 -8.73 7.23
CA HIS A 119 -14.09 -10.15 7.11
C HIS A 119 -15.28 -10.44 6.14
N HIS A 120 -15.53 -9.56 5.17
CA HIS A 120 -16.74 -9.54 4.33
C HIS A 120 -16.56 -8.66 3.06
N SER A 121 -15.32 -8.39 2.63
CA SER A 121 -15.03 -7.37 1.58
C SER A 121 -15.46 -7.82 0.18
N LEU A 122 -15.11 -9.07 -0.21
CA LEU A 122 -15.48 -9.77 -1.45
C LEU A 122 -14.83 -9.18 -2.71
N SER A 123 -15.06 -7.90 -3.00
CA SER A 123 -14.59 -7.18 -4.18
C SER A 123 -13.12 -6.71 -4.04
N GLY A 124 -12.19 -7.66 -3.92
CA GLY A 124 -10.74 -7.44 -3.76
C GLY A 124 -9.90 -8.14 -4.82
N ALA A 125 -8.73 -8.65 -4.42
CA ALA A 125 -7.86 -9.49 -5.24
C ALA A 125 -8.44 -10.92 -5.40
N THR A 126 -9.49 -11.02 -6.24
CA THR A 126 -10.07 -12.28 -6.74
C THR A 126 -9.13 -12.98 -7.75
N GLU A 127 -8.22 -12.21 -8.35
CA GLU A 127 -7.13 -12.68 -9.21
C GLU A 127 -6.07 -13.50 -8.44
N PRO A 128 -5.27 -14.36 -9.13
CA PRO A 128 -4.25 -15.21 -8.52
C PRO A 128 -2.94 -14.46 -8.21
N ASP A 129 -1.92 -15.22 -7.80
CA ASP A 129 -0.57 -14.74 -7.44
C ASP A 129 0.20 -14.05 -8.59
N ASP A 130 -0.29 -14.19 -9.82
CA ASP A 130 0.22 -13.51 -11.02
C ASP A 130 0.11 -11.97 -10.92
N GLU A 131 -0.81 -11.46 -10.08
CA GLU A 131 -0.90 -10.04 -9.73
C GLU A 131 0.00 -9.73 -8.52
N ARG A 132 -0.33 -10.29 -7.33
CA ARG A 132 0.49 -10.26 -6.10
C ARG A 132 -0.08 -11.15 -4.98
N VAL A 133 -1.33 -10.91 -4.57
CA VAL A 133 -2.03 -11.63 -3.47
C VAL A 133 -3.32 -12.29 -3.98
N LEU A 134 -3.78 -13.31 -3.25
CA LEU A 134 -4.91 -14.17 -3.64
C LEU A 134 -6.07 -14.16 -2.63
N GLY A 135 -5.88 -13.56 -1.45
CA GLY A 135 -6.82 -13.63 -0.31
C GLY A 135 -7.93 -12.61 -0.47
N TRP A 136 -7.60 -11.33 -0.27
CA TRP A 136 -8.46 -10.17 -0.50
C TRP A 136 -7.69 -8.83 -0.35
N VAL A 137 -8.40 -7.74 -0.62
CA VAL A 137 -7.98 -6.35 -0.39
C VAL A 137 -9.23 -5.47 -0.43
N GLU A 138 -9.34 -4.56 0.53
CA GLU A 138 -10.43 -3.59 0.63
C GLU A 138 -9.95 -2.21 0.14
N LEU A 139 -10.88 -1.38 -0.35
CA LEU A 139 -10.56 -0.08 -0.96
C LEU A 139 -11.73 0.90 -0.77
N GLU A 140 -11.59 1.83 0.19
CA GLU A 140 -12.55 2.92 0.41
C GLU A 140 -11.80 4.23 0.74
N LEU A 141 -11.84 5.17 -0.21
CA LEU A 141 -11.09 6.44 -0.19
C LEU A 141 -11.59 7.41 -1.28
N SER A 142 -10.99 8.58 -1.32
CA SER A 142 -11.09 9.56 -2.42
C SER A 142 -10.56 9.01 -3.77
N HIS A 143 -10.94 9.64 -4.90
CA HIS A 143 -10.54 9.22 -6.25
C HIS A 143 -9.05 9.48 -6.62
N HIS A 144 -8.21 9.86 -5.64
CA HIS A 144 -6.75 10.07 -5.74
C HIS A 144 -6.37 11.36 -6.52
N GLY A 145 -5.08 11.56 -6.82
CA GLY A 145 -4.55 12.72 -7.55
C GLY A 145 -4.07 13.89 -6.68
N THR A 146 -4.06 13.72 -5.35
CA THR A 146 -3.62 14.71 -4.34
C THR A 146 -4.59 15.90 -4.27
N LEU A 147 -4.22 17.00 -3.60
CA LEU A 147 -4.98 18.27 -3.51
C LEU A 147 -6.30 18.13 -2.70
N LEU A 148 -6.34 17.14 -1.78
CA LEU A 148 -7.49 16.78 -0.97
C LEU A 148 -7.47 17.55 0.37
N ARG A 149 -6.82 16.99 1.39
CA ARG A 149 -6.68 17.47 2.78
C ARG A 149 -5.80 16.51 3.59
N GLY A 150 -5.34 16.91 4.77
CA GLY A 150 -4.45 16.11 5.64
C GLY A 150 -3.03 16.03 5.11
N MET A 1 4.62 8.40 -20.68
CA MET A 1 5.51 7.28 -20.36
C MET A 1 6.82 7.77 -19.73
N GLY A 2 7.29 7.06 -18.69
CA GLY A 2 8.51 7.39 -17.96
C GLY A 2 9.76 7.20 -18.83
N HIS A 3 10.68 8.15 -18.76
CA HIS A 3 11.86 8.20 -19.64
C HIS A 3 12.91 7.15 -19.21
N HIS A 4 12.79 5.93 -19.74
CA HIS A 4 13.66 4.81 -19.37
C HIS A 4 14.96 4.81 -20.19
N HIS A 5 16.10 4.81 -19.49
CA HIS A 5 17.43 4.85 -20.12
C HIS A 5 18.55 4.16 -19.32
N HIS A 6 18.39 3.87 -18.03
CA HIS A 6 19.42 3.18 -17.24
C HIS A 6 19.35 1.64 -17.43
N HIS A 7 18.18 1.04 -17.14
CA HIS A 7 17.82 -0.38 -17.30
C HIS A 7 16.41 -0.64 -16.71
N HIS A 8 15.84 -1.82 -16.92
CA HIS A 8 14.61 -2.27 -16.26
C HIS A 8 14.87 -2.64 -14.78
N SER A 9 15.05 -1.60 -13.95
CA SER A 9 15.19 -1.71 -12.49
C SER A 9 13.81 -1.85 -11.78
N SER A 10 13.80 -1.90 -10.44
CA SER A 10 12.57 -2.12 -9.66
C SER A 10 12.64 -1.40 -8.30
N GLY A 11 13.45 -1.89 -7.35
CA GLY A 11 13.71 -1.24 -6.06
C GLY A 11 14.87 -0.25 -6.11
N VAL A 12 15.38 0.14 -4.94
CA VAL A 12 16.51 1.08 -4.80
C VAL A 12 17.77 0.58 -5.53
N ASP A 13 18.41 1.47 -6.31
CA ASP A 13 19.58 1.13 -7.15
C ASP A 13 20.92 1.33 -6.41
N LEU A 14 20.93 2.20 -5.39
CA LEU A 14 22.09 2.58 -4.56
C LEU A 14 21.91 2.29 -3.06
N GLY A 15 20.81 1.64 -2.67
CA GLY A 15 20.53 1.21 -1.28
C GLY A 15 19.97 2.32 -0.38
N THR A 16 20.60 3.51 -0.39
CA THR A 16 20.26 4.68 0.46
C THR A 16 19.31 5.68 -0.21
N GLU A 17 18.76 5.37 -1.39
CA GLU A 17 17.81 6.25 -2.10
C GLU A 17 16.54 6.53 -1.27
N ASN A 18 16.06 5.54 -0.51
CA ASN A 18 14.89 5.68 0.38
C ASN A 18 15.09 6.68 1.54
N LEU A 19 16.31 7.17 1.78
CA LEU A 19 16.60 8.19 2.79
C LEU A 19 16.28 9.63 2.29
N TYR A 20 16.00 9.82 1.00
CA TYR A 20 15.71 11.13 0.40
C TYR A 20 14.27 11.62 0.65
N PHE A 21 13.28 10.71 0.62
CA PHE A 21 11.85 11.01 0.83
C PHE A 21 11.17 9.89 1.65
N GLN A 22 11.92 9.23 2.55
CA GLN A 22 11.44 8.19 3.47
C GLN A 22 10.97 6.93 2.70
N SER A 23 10.14 6.08 3.31
CA SER A 23 9.47 4.97 2.62
C SER A 23 8.64 5.43 1.41
N MET A 24 8.25 6.72 1.38
CA MET A 24 7.59 7.36 0.23
C MET A 24 8.48 7.32 -1.03
N ARG A 25 9.80 7.48 -0.93
CA ARG A 25 10.69 7.28 -2.10
C ARG A 25 10.75 5.80 -2.50
N ALA A 26 10.89 4.88 -1.54
CA ALA A 26 10.96 3.44 -1.80
C ALA A 26 9.75 2.95 -2.60
N GLN A 27 8.54 3.26 -2.14
CA GLN A 27 7.29 2.82 -2.77
C GLN A 27 7.00 3.49 -4.13
N LEU A 28 7.39 4.76 -4.31
CA LEU A 28 7.27 5.46 -5.60
C LEU A 28 8.17 4.82 -6.65
N ILE A 29 9.41 4.46 -6.29
CA ILE A 29 10.34 3.76 -7.20
C ILE A 29 9.90 2.32 -7.46
N GLU A 30 9.53 1.57 -6.42
CA GLU A 30 9.06 0.17 -6.46
C GLU A 30 7.99 -0.08 -7.54
N ARG A 31 7.08 0.87 -7.77
CA ARG A 31 6.07 0.78 -8.84
C ARG A 31 6.44 1.61 -10.08
N GLY A 32 6.89 2.85 -9.91
CA GLY A 32 7.10 3.81 -11.02
C GLY A 32 8.33 3.52 -11.87
N GLN A 33 9.37 2.90 -11.30
CA GLN A 33 10.56 2.45 -12.04
C GLN A 33 10.40 1.02 -12.57
N LEU A 34 9.55 0.19 -11.94
CA LEU A 34 9.17 -1.12 -12.47
C LEU A 34 8.28 -1.00 -13.72
N ILE A 35 7.35 -0.03 -13.77
CA ILE A 35 6.53 0.26 -14.96
C ILE A 35 7.35 0.91 -16.07
N ALA A 36 8.14 1.94 -15.77
CA ALA A 36 8.88 2.73 -16.75
C ALA A 36 10.16 3.35 -16.13
N GLU A 37 10.11 4.62 -15.74
CA GLU A 37 11.16 5.35 -15.00
C GLU A 37 10.56 6.68 -14.47
N GLN A 38 10.09 6.66 -13.21
CA GLN A 38 9.79 7.85 -12.38
C GLN A 38 8.66 8.74 -12.95
N LEU A 39 7.52 8.13 -13.34
CA LEU A 39 6.31 8.86 -13.78
C LEU A 39 5.00 8.18 -13.39
N ALA A 40 4.88 6.86 -13.58
CA ALA A 40 3.65 6.12 -13.33
C ALA A 40 3.16 6.23 -11.86
N PRO A 41 1.83 6.26 -11.61
CA PRO A 41 1.26 6.59 -10.31
C PRO A 41 1.57 5.52 -9.25
N LEU A 42 1.52 5.93 -7.98
CA LEU A 42 1.82 5.04 -6.86
C LEU A 42 0.66 4.09 -6.53
N ALA A 43 -0.58 4.57 -6.47
CA ALA A 43 -1.74 3.79 -6.04
C ALA A 43 -2.68 3.38 -7.19
N ALA A 44 -3.00 4.28 -8.12
CA ALA A 44 -4.03 4.05 -9.15
C ALA A 44 -3.77 2.78 -9.98
N THR A 45 -2.55 2.64 -10.51
CA THR A 45 -2.12 1.47 -11.30
C THR A 45 -1.90 0.23 -10.45
N ALA A 46 -1.39 0.40 -9.21
CA ALA A 46 -1.14 -0.70 -8.27
C ALA A 46 -2.44 -1.35 -7.76
N LEU A 47 -3.48 -0.55 -7.53
CA LEU A 47 -4.81 -1.02 -7.14
C LEU A 47 -5.52 -1.66 -8.34
N ALA A 48 -5.44 -1.06 -9.53
CA ALA A 48 -6.01 -1.62 -10.76
C ALA A 48 -5.49 -3.03 -11.10
N ARG A 49 -4.19 -3.28 -10.92
CA ARG A 49 -3.57 -4.61 -11.07
C ARG A 49 -3.66 -5.48 -9.80
N LYS A 50 -3.96 -4.88 -8.65
CA LYS A 50 -4.13 -5.50 -7.33
C LYS A 50 -2.80 -5.97 -6.67
N ASP A 51 -1.69 -5.26 -6.95
CA ASP A 51 -0.33 -5.58 -6.46
C ASP A 51 -0.14 -5.14 -5.00
N THR A 52 -0.68 -5.95 -4.08
CA THR A 52 -0.56 -5.81 -2.62
C THR A 52 0.88 -5.66 -2.13
N ALA A 53 1.89 -6.13 -2.88
CA ALA A 53 3.31 -5.94 -2.60
C ALA A 53 3.69 -4.46 -2.38
N VAL A 54 3.23 -3.56 -3.25
CA VAL A 54 3.44 -2.10 -3.09
C VAL A 54 2.24 -1.41 -2.45
N LEU A 55 1.02 -1.97 -2.59
CA LEU A 55 -0.17 -1.46 -1.89
C LEU A 55 0.05 -1.47 -0.37
N ASN A 56 0.72 -2.49 0.17
CA ASN A 56 1.19 -2.58 1.55
C ASN A 56 1.93 -1.31 2.02
N ARG A 57 2.98 -0.89 1.28
CA ARG A 57 3.79 0.28 1.64
C ARG A 57 3.00 1.58 1.50
N ILE A 58 2.39 1.83 0.33
CA ILE A 58 1.62 3.08 0.10
C ILE A 58 0.43 3.20 1.05
N ALA A 59 -0.20 2.09 1.45
CA ALA A 59 -1.29 2.14 2.41
C ALA A 59 -0.83 2.57 3.81
N ASN A 60 0.39 2.22 4.20
CA ASN A 60 1.01 2.65 5.46
C ASN A 60 1.61 4.07 5.41
N GLU A 61 1.52 4.78 4.27
CA GLU A 61 2.01 6.16 4.10
C GLU A 61 0.89 7.11 3.63
N ALA A 62 0.29 6.84 2.46
CA ALA A 62 -0.75 7.66 1.83
C ALA A 62 -2.15 7.31 2.33
N LEU A 63 -2.49 6.02 2.49
CA LEU A 63 -3.80 5.61 3.05
C LEU A 63 -3.77 5.66 4.61
N ASP A 64 -2.66 6.12 5.19
CA ASP A 64 -2.47 6.40 6.63
C ASP A 64 -2.90 7.84 7.02
N GLN A 65 -3.29 8.65 6.03
CA GLN A 65 -3.62 10.08 6.16
C GLN A 65 -5.07 10.34 6.65
N PRO A 66 -5.39 11.55 7.16
CA PRO A 66 -6.73 11.87 7.67
C PRO A 66 -7.83 12.01 6.60
N ASP A 67 -7.49 12.08 5.30
CA ASP A 67 -8.46 12.15 4.18
C ASP A 67 -9.02 10.77 3.76
N VAL A 68 -8.63 9.70 4.46
CA VAL A 68 -8.85 8.29 4.10
C VAL A 68 -10.02 7.69 4.90
N ARG A 69 -10.77 6.76 4.28
CA ARG A 69 -11.97 6.15 4.87
C ARG A 69 -11.66 4.81 5.57
N ALA A 70 -11.06 3.83 4.88
CA ALA A 70 -10.67 2.50 5.40
C ALA A 70 -10.03 1.58 4.33
N VAL A 71 -8.91 0.92 4.65
CA VAL A 71 -8.25 -0.08 3.78
C VAL A 71 -7.61 -1.22 4.59
N THR A 72 -7.40 -2.37 3.94
CA THR A 72 -6.96 -3.64 4.57
C THR A 72 -6.42 -4.59 3.50
N PHE A 73 -5.49 -5.48 3.84
CA PHE A 73 -4.82 -6.41 2.91
C PHE A 73 -4.41 -7.72 3.61
N LEU A 74 -4.84 -8.89 3.09
CA LEU A 74 -4.57 -10.23 3.66
C LEU A 74 -4.40 -11.30 2.59
N ASP A 75 -3.46 -12.23 2.81
CA ASP A 75 -3.17 -13.37 1.92
C ASP A 75 -3.91 -14.68 2.32
N ALA A 76 -3.88 -15.68 1.43
CA ALA A 76 -4.46 -17.02 1.60
C ALA A 76 -4.04 -17.71 2.91
N ARG A 77 -2.81 -17.44 3.35
CA ARG A 77 -2.16 -17.95 4.56
C ARG A 77 -2.76 -17.38 5.87
N GLN A 78 -3.83 -16.58 5.80
CA GLN A 78 -4.49 -15.89 6.93
C GLN A 78 -3.56 -14.83 7.55
N GLU A 79 -2.71 -14.20 6.72
CA GLU A 79 -1.73 -13.20 7.13
C GLU A 79 -2.13 -11.82 6.63
N ARG A 80 -2.45 -10.90 7.56
CA ARG A 80 -2.57 -9.46 7.29
C ARG A 80 -1.17 -8.90 6.97
N LEU A 81 -1.04 -8.28 5.79
CA LEU A 81 0.17 -7.56 5.39
C LEU A 81 0.11 -6.11 5.88
N ALA A 82 -1.04 -5.47 5.69
CA ALA A 82 -1.28 -4.05 5.95
C ALA A 82 -2.76 -3.77 6.24
N HIS A 83 -3.01 -2.55 6.75
CA HIS A 83 -4.30 -2.04 7.19
C HIS A 83 -4.14 -0.58 7.64
N ALA A 84 -5.08 0.29 7.27
CA ALA A 84 -5.03 1.73 7.49
C ALA A 84 -6.42 2.37 7.43
N GLY A 85 -6.56 3.54 8.05
CA GLY A 85 -7.85 4.15 8.39
C GLY A 85 -8.35 3.73 9.78
N PRO A 86 -9.33 4.46 10.35
CA PRO A 86 -9.65 4.44 11.78
C PRO A 86 -10.20 3.10 12.29
N SER A 87 -11.01 2.38 11.51
CA SER A 87 -11.60 1.10 11.95
C SER A 87 -10.69 -0.12 11.70
N MET A 88 -9.77 -0.03 10.72
CA MET A 88 -8.96 -1.16 10.26
C MET A 88 -7.58 -1.23 10.93
N LEU A 89 -6.98 -0.08 11.27
CA LEU A 89 -5.69 0.01 11.98
C LEU A 89 -5.94 0.37 13.45
N THR A 90 -5.58 -0.54 14.37
CA THR A 90 -5.76 -0.40 15.83
C THR A 90 -5.06 0.83 16.40
N VAL A 91 -3.91 1.19 15.82
CA VAL A 91 -3.05 2.33 16.18
C VAL A 91 -3.14 3.48 15.15
N ALA A 92 -4.34 3.73 14.58
CA ALA A 92 -4.57 4.73 13.53
C ALA A 92 -4.06 6.14 13.92
N PRO A 93 -3.11 6.73 13.15
CA PRO A 93 -2.48 8.02 13.48
C PRO A 93 -3.33 9.21 13.00
N ALA A 94 -4.57 9.30 13.50
CA ALA A 94 -5.50 10.38 13.16
C ALA A 94 -4.98 11.76 13.62
N GLY A 95 -5.18 12.78 12.77
CA GLY A 95 -4.78 14.17 13.02
C GLY A 95 -3.45 14.59 12.38
N ASP A 96 -2.72 13.67 11.75
CA ASP A 96 -1.44 13.92 11.06
C ASP A 96 -1.32 13.10 9.77
N ALA A 97 -0.64 13.66 8.78
CA ALA A 97 -0.32 13.01 7.51
C ALA A 97 1.02 12.24 7.61
N SER A 98 2.08 12.70 6.93
CA SER A 98 3.37 12.00 6.88
C SER A 98 4.19 12.10 8.18
N HIS A 99 3.89 13.07 9.05
CA HIS A 99 4.65 13.34 10.29
C HIS A 99 4.61 12.19 11.32
N LEU A 100 3.55 11.37 11.35
CA LEU A 100 3.37 10.30 12.34
C LEU A 100 4.05 8.99 11.93
N SER A 101 3.92 8.58 10.66
CA SER A 101 4.72 7.50 10.04
C SER A 101 4.63 6.15 10.81
N MET A 102 3.41 5.63 10.98
CA MET A 102 3.13 4.46 11.84
C MET A 102 3.84 3.18 11.36
N SER A 103 3.63 2.80 10.10
CA SER A 103 4.24 1.65 9.41
C SER A 103 3.77 0.26 9.88
N THR A 104 3.88 -0.73 8.97
CA THR A 104 3.66 -2.17 9.23
C THR A 104 4.96 -2.87 9.64
N GLU A 105 6.07 -2.55 8.97
CA GLU A 105 7.35 -3.28 9.03
C GLU A 105 7.22 -4.76 8.58
N LEU A 106 6.06 -5.13 8.02
CA LEU A 106 5.61 -6.50 7.68
C LEU A 106 5.50 -7.40 8.93
N ASP A 107 5.44 -6.80 10.13
CA ASP A 107 5.44 -7.50 11.42
C ASP A 107 4.06 -7.55 12.11
N THR A 108 3.08 -6.76 11.66
CA THR A 108 1.70 -6.73 12.18
C THR A 108 0.84 -7.86 11.60
N THR A 109 1.37 -9.09 11.69
CA THR A 109 0.71 -10.34 11.32
C THR A 109 -0.61 -10.51 12.09
N HIS A 110 -1.56 -11.17 11.46
CA HIS A 110 -2.94 -11.37 11.98
C HIS A 110 -2.99 -12.08 13.36
N PHE A 111 -2.08 -13.03 13.63
CA PHE A 111 -1.90 -13.68 14.94
C PHE A 111 -3.13 -14.50 15.40
N LEU A 112 -3.99 -14.90 14.44
CA LEU A 112 -5.14 -15.81 14.63
C LEU A 112 -6.27 -15.19 15.49
N LEU A 113 -6.46 -13.88 15.40
CA LEU A 113 -7.50 -13.10 16.11
C LEU A 113 -8.95 -13.50 15.71
N PRO A 114 -9.95 -13.21 16.56
CA PRO A 114 -11.36 -13.51 16.28
C PRO A 114 -12.00 -12.53 15.28
N VAL A 115 -11.47 -11.31 15.13
CA VAL A 115 -11.89 -10.30 14.15
C VAL A 115 -10.68 -9.83 13.33
N LEU A 116 -10.91 -9.52 12.05
CA LEU A 116 -9.89 -9.17 11.07
C LEU A 116 -10.51 -8.40 9.90
N GLY A 117 -9.99 -7.20 9.62
CA GLY A 117 -10.44 -6.36 8.50
C GLY A 117 -11.95 -6.20 8.45
N ARG A 118 -12.53 -6.53 7.29
CA ARG A 118 -13.98 -6.64 7.07
C ARG A 118 -14.46 -8.10 6.91
N HIS A 119 -13.65 -9.08 7.35
CA HIS A 119 -13.99 -10.50 7.46
C HIS A 119 -14.28 -11.21 6.10
N HIS A 120 -13.84 -10.61 4.98
CA HIS A 120 -14.21 -10.91 3.58
C HIS A 120 -15.67 -10.52 3.28
N SER A 121 -15.91 -9.33 2.72
CA SER A 121 -17.27 -8.86 2.39
C SER A 121 -17.76 -9.43 1.04
N LEU A 122 -17.08 -9.10 -0.07
CA LEU A 122 -17.37 -9.58 -1.44
C LEU A 122 -16.25 -9.22 -2.42
N SER A 123 -16.00 -7.93 -2.63
CA SER A 123 -15.06 -7.42 -3.64
C SER A 123 -13.59 -7.38 -3.15
N GLY A 124 -13.20 -8.38 -2.33
CA GLY A 124 -11.87 -8.49 -1.73
C GLY A 124 -11.08 -9.65 -2.31
N ALA A 125 -10.00 -9.34 -3.06
CA ALA A 125 -9.09 -10.29 -3.71
C ALA A 125 -9.81 -11.48 -4.39
N THR A 126 -10.79 -11.19 -5.25
CA THR A 126 -11.52 -12.18 -6.05
C THR A 126 -10.63 -12.85 -7.12
N GLU A 127 -9.49 -12.23 -7.46
CA GLU A 127 -8.44 -12.82 -8.29
C GLU A 127 -7.55 -13.79 -7.48
N PRO A 128 -6.93 -14.80 -8.13
CA PRO A 128 -6.10 -15.81 -7.45
C PRO A 128 -4.74 -15.27 -6.99
N ASP A 129 -3.95 -16.14 -6.34
CA ASP A 129 -2.60 -15.88 -5.84
C ASP A 129 -1.62 -15.36 -6.93
N ASP A 130 -1.90 -15.66 -8.21
CA ASP A 130 -1.15 -15.23 -9.38
C ASP A 130 -1.13 -13.70 -9.57
N GLU A 131 -2.15 -12.98 -9.07
CA GLU A 131 -2.21 -11.52 -9.08
C GLU A 131 -1.27 -10.93 -8.00
N ARG A 132 -1.46 -11.34 -6.75
CA ARG A 132 -0.54 -11.13 -5.60
C ARG A 132 -1.04 -11.81 -4.32
N VAL A 133 -2.31 -11.60 -3.97
CA VAL A 133 -2.98 -12.21 -2.80
C VAL A 133 -4.35 -12.77 -3.20
N LEU A 134 -4.78 -13.82 -2.50
CA LEU A 134 -6.05 -14.52 -2.70
C LEU A 134 -7.07 -14.28 -1.56
N GLY A 135 -6.61 -13.77 -0.40
CA GLY A 135 -7.42 -13.66 0.82
C GLY A 135 -8.48 -12.56 0.76
N TRP A 136 -8.04 -11.30 0.82
CA TRP A 136 -8.85 -10.09 0.57
C TRP A 136 -8.01 -8.80 0.54
N VAL A 137 -8.64 -7.73 0.05
CA VAL A 137 -8.18 -6.33 0.13
C VAL A 137 -9.41 -5.42 0.16
N GLU A 138 -9.39 -4.42 1.03
CA GLU A 138 -10.42 -3.37 1.11
C GLU A 138 -9.88 -2.04 0.57
N LEU A 139 -10.76 -1.26 -0.07
CA LEU A 139 -10.44 -0.08 -0.87
C LEU A 139 -11.50 1.02 -0.69
N GLU A 140 -11.49 1.70 0.46
CA GLU A 140 -12.35 2.87 0.74
C GLU A 140 -11.49 4.11 1.01
N LEU A 141 -11.56 5.08 0.08
CA LEU A 141 -10.83 6.35 0.09
C LEU A 141 -11.38 7.29 -1.01
N SER A 142 -10.71 8.42 -1.21
CA SER A 142 -10.92 9.35 -2.33
C SER A 142 -10.48 8.76 -3.69
N HIS A 143 -10.73 9.48 -4.80
CA HIS A 143 -10.41 9.02 -6.16
C HIS A 143 -8.90 9.04 -6.51
N HIS A 144 -8.02 9.42 -5.57
CA HIS A 144 -6.57 9.57 -5.73
C HIS A 144 -6.20 10.72 -6.72
N GLY A 145 -4.93 10.79 -7.16
CA GLY A 145 -4.46 11.81 -8.12
C GLY A 145 -3.89 13.09 -7.49
N THR A 146 -3.76 13.14 -6.15
CA THR A 146 -3.08 14.17 -5.33
C THR A 146 -3.95 15.44 -5.20
N LEU A 147 -3.63 16.31 -4.23
CA LEU A 147 -4.33 17.57 -3.90
C LEU A 147 -5.77 17.31 -3.39
N LEU A 148 -5.87 16.51 -2.32
CA LEU A 148 -7.13 15.98 -1.76
C LEU A 148 -7.41 16.42 -0.30
N ARG A 149 -6.63 17.38 0.21
CA ARG A 149 -6.65 17.92 1.59
C ARG A 149 -5.90 16.98 2.57
N GLY A 150 -5.67 17.44 3.81
CA GLY A 150 -5.00 16.69 4.89
C GLY A 150 -3.59 17.20 5.15
N MET A 1 4.66 9.43 -18.15
CA MET A 1 3.75 8.78 -19.10
C MET A 1 3.72 7.25 -18.94
N GLY A 2 4.77 6.66 -18.35
CA GLY A 2 4.95 5.22 -18.18
C GLY A 2 5.42 4.51 -19.45
N HIS A 3 5.86 3.25 -19.30
CA HIS A 3 6.21 2.35 -20.41
C HIS A 3 7.38 2.89 -21.28
N HIS A 4 8.48 3.32 -20.63
CA HIS A 4 9.68 3.80 -21.35
C HIS A 4 10.32 2.69 -22.21
N HIS A 5 10.73 1.57 -21.60
CA HIS A 5 11.36 0.45 -22.30
C HIS A 5 11.27 -0.91 -21.55
N HIS A 6 10.38 -1.02 -20.54
CA HIS A 6 10.21 -2.18 -19.64
C HIS A 6 11.46 -2.40 -18.74
N HIS A 7 11.51 -1.75 -17.57
CA HIS A 7 12.72 -1.77 -16.73
C HIS A 7 12.97 -3.13 -16.03
N HIS A 8 11.94 -3.98 -15.91
CA HIS A 8 11.96 -5.39 -15.45
C HIS A 8 12.15 -5.53 -13.92
N SER A 9 13.11 -4.81 -13.36
CA SER A 9 13.53 -4.84 -11.95
C SER A 9 14.55 -3.70 -11.67
N SER A 10 14.48 -3.09 -10.48
CA SER A 10 15.21 -1.88 -10.08
C SER A 10 15.01 -1.58 -8.58
N GLY A 11 15.30 -0.36 -8.11
CA GLY A 11 15.24 0.03 -6.70
C GLY A 11 16.20 1.16 -6.33
N VAL A 12 16.64 1.19 -5.06
CA VAL A 12 17.59 2.19 -4.56
C VAL A 12 18.94 2.12 -5.28
N ASP A 13 19.47 3.29 -5.67
CA ASP A 13 20.71 3.41 -6.45
C ASP A 13 21.99 3.48 -5.57
N LEU A 14 21.82 3.65 -4.25
CA LEU A 14 22.90 3.85 -3.27
C LEU A 14 22.59 3.37 -1.83
N GLY A 15 21.40 2.79 -1.60
CA GLY A 15 21.01 2.14 -0.33
C GLY A 15 20.21 3.00 0.63
N THR A 16 20.61 4.26 0.87
CA THR A 16 20.03 5.14 1.90
C THR A 16 18.86 6.00 1.43
N GLU A 17 18.47 5.94 0.15
CA GLU A 17 17.43 6.80 -0.43
C GLU A 17 16.07 6.66 0.31
N ASN A 18 15.70 5.43 0.70
CA ASN A 18 14.51 5.14 1.51
C ASN A 18 14.62 5.58 2.99
N LEU A 19 15.84 5.84 3.47
CA LEU A 19 16.13 6.27 4.85
C LEU A 19 16.00 7.79 4.97
N TYR A 20 16.46 8.53 3.94
CA TYR A 20 16.35 10.00 3.86
C TYR A 20 14.91 10.45 3.57
N PHE A 21 14.34 10.05 2.43
CA PHE A 21 13.00 10.45 1.97
C PHE A 21 11.87 9.50 2.45
N GLN A 22 12.16 8.62 3.40
CA GLN A 22 11.23 7.70 4.08
C GLN A 22 10.71 6.59 3.14
N SER A 23 9.75 5.78 3.63
CA SER A 23 9.10 4.73 2.81
C SER A 23 8.38 5.30 1.58
N MET A 24 8.04 6.60 1.57
CA MET A 24 7.54 7.32 0.40
C MET A 24 8.51 7.20 -0.79
N ARG A 25 9.82 7.28 -0.58
CA ARG A 25 10.78 7.07 -1.68
C ARG A 25 10.82 5.61 -2.12
N ALA A 26 10.82 4.66 -1.18
CA ALA A 26 10.80 3.22 -1.50
C ALA A 26 9.63 2.86 -2.41
N GLN A 27 8.40 3.25 -2.04
CA GLN A 27 7.19 2.93 -2.80
C GLN A 27 7.08 3.67 -4.14
N LEU A 28 7.51 4.94 -4.22
CA LEU A 28 7.53 5.70 -5.48
C LEU A 28 8.52 5.07 -6.49
N ILE A 29 9.69 4.61 -6.03
CA ILE A 29 10.67 3.94 -6.90
C ILE A 29 10.23 2.50 -7.24
N GLU A 30 9.74 1.72 -6.27
CA GLU A 30 9.32 0.31 -6.43
C GLU A 30 8.27 0.11 -7.55
N ARG A 31 7.41 1.10 -7.81
CA ARG A 31 6.45 1.08 -8.92
C ARG A 31 6.87 2.00 -10.08
N GLY A 32 7.34 3.22 -9.79
CA GLY A 32 7.64 4.25 -10.79
C GLY A 32 8.96 4.05 -11.54
N GLN A 33 9.91 3.29 -11.00
CA GLN A 33 11.14 2.86 -11.68
C GLN A 33 11.02 1.42 -12.22
N LEU A 34 9.88 0.74 -12.01
CA LEU A 34 9.51 -0.51 -12.69
C LEU A 34 8.81 -0.21 -14.02
N ILE A 35 7.81 0.68 -14.00
CA ILE A 35 7.01 1.07 -15.18
C ILE A 35 7.80 2.01 -16.12
N ALA A 36 8.66 2.87 -15.58
CA ALA A 36 9.43 3.88 -16.32
C ALA A 36 10.58 4.43 -15.45
N GLU A 37 10.70 5.75 -15.29
CA GLU A 37 11.72 6.43 -14.49
C GLU A 37 11.09 7.61 -13.73
N GLN A 38 10.59 7.34 -12.51
CA GLN A 38 10.15 8.33 -11.51
C GLN A 38 8.94 9.18 -11.97
N LEU A 39 8.09 8.62 -12.85
CA LEU A 39 6.99 9.35 -13.51
C LEU A 39 5.60 8.70 -13.40
N ALA A 40 5.52 7.37 -13.37
CA ALA A 40 4.24 6.65 -13.19
C ALA A 40 3.67 6.83 -11.76
N PRO A 41 2.34 6.80 -11.56
CA PRO A 41 1.70 7.05 -10.27
C PRO A 41 1.97 5.93 -9.26
N LEU A 42 1.84 6.25 -7.97
CA LEU A 42 2.10 5.31 -6.87
C LEU A 42 0.91 4.38 -6.58
N ALA A 43 -0.32 4.87 -6.67
CA ALA A 43 -1.52 4.13 -6.26
C ALA A 43 -2.38 3.65 -7.44
N ALA A 44 -2.72 4.53 -8.40
CA ALA A 44 -3.71 4.25 -9.45
C ALA A 44 -3.36 3.00 -10.29
N THR A 45 -2.13 2.94 -10.81
CA THR A 45 -1.61 1.82 -11.62
C THR A 45 -1.37 0.57 -10.77
N ALA A 46 -0.95 0.74 -9.51
CA ALA A 46 -0.67 -0.37 -8.60
C ALA A 46 -1.96 -1.07 -8.14
N LEU A 47 -3.04 -0.32 -7.93
CA LEU A 47 -4.37 -0.85 -7.58
C LEU A 47 -4.99 -1.52 -8.82
N ALA A 48 -4.89 -0.90 -10.00
CA ALA A 48 -5.38 -1.46 -11.27
C ALA A 48 -4.76 -2.84 -11.60
N ARG A 49 -3.45 -3.02 -11.32
CA ARG A 49 -2.75 -4.32 -11.46
C ARG A 49 -2.74 -5.16 -10.16
N LYS A 50 -3.35 -4.65 -9.08
CA LYS A 50 -3.62 -5.30 -7.78
C LYS A 50 -2.35 -5.72 -7.00
N ASP A 51 -1.32 -4.87 -7.04
CA ASP A 51 0.07 -5.18 -6.66
C ASP A 51 0.36 -4.94 -5.17
N THR A 52 -0.17 -5.83 -4.31
CA THR A 52 -0.08 -5.77 -2.84
C THR A 52 1.34 -5.57 -2.30
N ALA A 53 2.38 -5.98 -3.03
CA ALA A 53 3.79 -5.76 -2.66
C ALA A 53 4.12 -4.26 -2.47
N VAL A 54 3.62 -3.39 -3.34
CA VAL A 54 3.74 -1.92 -3.18
C VAL A 54 2.48 -1.31 -2.54
N LEU A 55 1.30 -1.93 -2.71
CA LEU A 55 0.06 -1.47 -2.09
C LEU A 55 0.14 -1.47 -0.56
N ASN A 56 0.86 -2.43 0.04
CA ASN A 56 1.24 -2.43 1.46
C ASN A 56 1.91 -1.10 1.89
N ARG A 57 3.02 -0.72 1.23
CA ARG A 57 3.81 0.45 1.59
C ARG A 57 3.00 1.74 1.41
N ILE A 58 2.37 1.96 0.25
CA ILE A 58 1.51 3.14 0.02
C ILE A 58 0.31 3.17 0.98
N ALA A 59 -0.23 2.03 1.40
CA ALA A 59 -1.29 2.01 2.39
C ALA A 59 -0.81 2.51 3.76
N ASN A 60 0.32 2.01 4.24
CA ASN A 60 0.90 2.40 5.52
C ASN A 60 1.41 3.86 5.58
N GLU A 61 1.61 4.51 4.42
CA GLU A 61 2.01 5.92 4.32
C GLU A 61 0.85 6.86 3.93
N ALA A 62 0.07 6.52 2.90
CA ALA A 62 -0.94 7.40 2.28
C ALA A 62 -2.39 7.02 2.62
N LEU A 63 -2.74 5.72 2.74
CA LEU A 63 -4.07 5.31 3.22
C LEU A 63 -4.20 5.46 4.76
N ASP A 64 -3.06 5.63 5.44
CA ASP A 64 -2.96 5.94 6.88
C ASP A 64 -3.38 7.39 7.23
N GLN A 65 -3.56 8.26 6.21
CA GLN A 65 -3.92 9.68 6.36
C GLN A 65 -5.38 9.90 6.79
N PRO A 66 -5.71 11.07 7.40
CA PRO A 66 -7.04 11.33 7.97
C PRO A 66 -8.16 11.48 6.94
N ASP A 67 -7.85 11.71 5.66
CA ASP A 67 -8.84 11.86 4.58
C ASP A 67 -9.49 10.54 4.13
N VAL A 68 -8.90 9.42 4.56
CA VAL A 68 -9.12 8.06 4.00
C VAL A 68 -10.23 7.32 4.74
N ARG A 69 -10.97 6.47 4.01
CA ARG A 69 -12.12 5.73 4.54
C ARG A 69 -11.74 4.35 5.09
N ALA A 70 -11.08 3.48 4.30
CA ALA A 70 -10.62 2.14 4.70
C ALA A 70 -9.75 1.43 3.65
N VAL A 71 -8.86 0.54 4.09
CA VAL A 71 -8.07 -0.37 3.23
C VAL A 71 -7.57 -1.59 4.04
N THR A 72 -7.44 -2.76 3.40
CA THR A 72 -7.02 -4.05 4.04
C THR A 72 -6.47 -5.00 2.99
N PHE A 73 -5.50 -5.87 3.33
CA PHE A 73 -4.85 -6.81 2.39
C PHE A 73 -4.50 -8.14 3.05
N LEU A 74 -4.79 -9.28 2.41
CA LEU A 74 -4.53 -10.64 2.93
C LEU A 74 -4.43 -11.71 1.82
N ASP A 75 -3.65 -12.76 2.08
CA ASP A 75 -3.34 -13.88 1.18
C ASP A 75 -3.95 -15.24 1.59
N ALA A 76 -3.73 -16.28 0.77
CA ALA A 76 -4.16 -17.67 1.06
C ALA A 76 -3.50 -18.29 2.31
N ARG A 77 -2.33 -17.78 2.72
CA ARG A 77 -1.64 -18.17 3.96
C ARG A 77 -2.32 -17.60 5.22
N GLN A 78 -3.37 -16.79 5.08
CA GLN A 78 -4.11 -16.12 6.16
C GLN A 78 -3.20 -15.14 6.91
N GLU A 79 -2.29 -14.47 6.19
CA GLU A 79 -1.46 -13.37 6.70
C GLU A 79 -2.03 -12.04 6.18
N ARG A 80 -2.30 -11.09 7.10
CA ARG A 80 -2.57 -9.69 6.76
C ARG A 80 -1.24 -9.03 6.37
N LEU A 81 -1.13 -8.54 5.13
CA LEU A 81 0.06 -7.83 4.64
C LEU A 81 0.04 -6.35 5.06
N ALA A 82 -1.16 -5.76 5.18
CA ALA A 82 -1.39 -4.35 5.53
C ALA A 82 -2.86 -4.07 5.84
N HIS A 83 -3.12 -2.85 6.32
CA HIS A 83 -4.43 -2.34 6.75
C HIS A 83 -4.29 -0.88 7.22
N ALA A 84 -5.28 -0.03 6.90
CA ALA A 84 -5.33 1.39 7.26
C ALA A 84 -6.76 1.94 7.17
N GLY A 85 -7.00 3.08 7.83
CA GLY A 85 -8.33 3.58 8.17
C GLY A 85 -8.79 3.15 9.57
N PRO A 86 -9.82 3.82 10.14
CA PRO A 86 -10.10 3.81 11.57
C PRO A 86 -10.52 2.45 12.14
N SER A 87 -11.27 1.64 11.38
CA SER A 87 -11.74 0.31 11.84
C SER A 87 -10.84 -0.86 11.40
N MET A 88 -9.94 -0.65 10.41
CA MET A 88 -9.12 -1.71 9.82
C MET A 88 -7.77 -1.88 10.53
N LEU A 89 -7.15 -0.75 10.93
CA LEU A 89 -5.91 -0.67 11.68
C LEU A 89 -6.21 -0.38 13.15
N THR A 90 -5.88 -1.32 14.03
CA THR A 90 -6.05 -1.19 15.50
C THR A 90 -5.12 -0.14 16.08
N VAL A 91 -3.90 -0.04 15.55
CA VAL A 91 -2.84 0.91 15.95
C VAL A 91 -3.04 2.31 15.30
N ALA A 92 -4.29 2.80 15.29
CA ALA A 92 -4.70 4.11 14.77
C ALA A 92 -5.26 4.99 15.91
N PRO A 93 -4.42 5.64 16.73
CA PRO A 93 -4.86 6.44 17.87
C PRO A 93 -5.49 7.77 17.44
N ALA A 94 -4.93 8.45 16.42
CA ALA A 94 -5.41 9.74 15.91
C ALA A 94 -5.69 9.77 14.40
N GLY A 95 -5.09 8.86 13.61
CA GLY A 95 -5.28 8.77 12.15
C GLY A 95 -4.56 9.86 11.35
N ASP A 96 -3.55 10.52 11.93
CA ASP A 96 -2.73 11.55 11.26
C ASP A 96 -1.91 11.00 10.07
N ALA A 97 -1.37 11.87 9.21
CA ALA A 97 -0.48 11.50 8.12
C ALA A 97 0.88 10.92 8.61
N SER A 98 1.42 11.39 9.73
CA SER A 98 2.77 11.00 10.21
C SER A 98 3.03 11.17 11.72
N HIS A 99 2.32 12.08 12.41
CA HIS A 99 2.58 12.38 13.83
C HIS A 99 2.26 11.21 14.78
N LEU A 100 1.37 10.31 14.38
CA LEU A 100 0.99 9.10 15.12
C LEU A 100 2.09 8.03 15.17
N SER A 101 2.91 7.94 14.12
CA SER A 101 3.88 6.87 13.83
C SER A 101 4.68 7.22 12.57
N MET A 102 6.02 7.18 12.64
CA MET A 102 6.91 7.37 11.47
C MET A 102 7.12 6.06 10.66
N SER A 103 6.74 4.91 11.23
CA SER A 103 6.86 3.58 10.62
C SER A 103 5.90 2.59 11.32
N THR A 104 5.60 1.47 10.65
CA THR A 104 4.67 0.42 11.12
C THR A 104 5.33 -0.97 11.08
N GLU A 105 5.76 -1.39 9.88
CA GLU A 105 6.50 -2.61 9.54
C GLU A 105 5.55 -3.81 9.30
N LEU A 106 5.98 -4.78 8.47
CA LEU A 106 5.26 -6.01 8.13
C LEU A 106 5.03 -6.96 9.34
N ASP A 107 5.59 -6.66 10.50
CA ASP A 107 5.49 -7.46 11.74
C ASP A 107 4.07 -7.50 12.36
N THR A 108 3.17 -6.60 11.96
CA THR A 108 1.74 -6.64 12.34
C THR A 108 0.98 -7.56 11.37
N THR A 109 0.81 -8.82 11.81
CA THR A 109 0.25 -9.95 11.04
C THR A 109 -1.28 -10.03 11.22
N HIS A 110 -1.89 -11.13 10.77
CA HIS A 110 -3.28 -11.51 11.14
C HIS A 110 -3.35 -12.13 12.55
N PHE A 111 -2.20 -12.47 13.15
CA PHE A 111 -2.12 -12.81 14.58
C PHE A 111 -2.52 -11.61 15.46
N LEU A 112 -2.87 -11.89 16.73
CA LEU A 112 -3.30 -10.93 17.77
C LEU A 112 -4.75 -10.45 17.59
N LEU A 113 -5.15 -10.06 16.37
CA LEU A 113 -6.49 -9.53 16.03
C LEU A 113 -7.38 -10.62 15.40
N PRO A 114 -8.55 -10.97 16.02
CA PRO A 114 -9.46 -11.99 15.49
C PRO A 114 -10.43 -11.46 14.42
N VAL A 115 -10.60 -10.14 14.28
CA VAL A 115 -11.49 -9.47 13.30
C VAL A 115 -10.67 -8.78 12.21
N LEU A 116 -11.23 -8.70 10.99
CA LEU A 116 -10.57 -8.15 9.80
C LEU A 116 -11.57 -7.65 8.74
N GLY A 117 -11.15 -6.66 7.96
CA GLY A 117 -11.98 -5.99 6.93
C GLY A 117 -13.25 -5.35 7.49
N ARG A 118 -14.20 -5.05 6.60
CA ARG A 118 -15.60 -4.70 6.93
C ARG A 118 -16.44 -5.91 7.38
N HIS A 119 -15.82 -6.99 7.88
CA HIS A 119 -16.44 -8.27 8.26
C HIS A 119 -16.92 -9.10 7.03
N HIS A 120 -16.51 -8.72 5.81
CA HIS A 120 -16.81 -9.39 4.55
C HIS A 120 -15.60 -9.30 3.58
N SER A 121 -15.45 -10.29 2.69
CA SER A 121 -14.40 -10.31 1.66
C SER A 121 -14.72 -9.38 0.46
N LEU A 122 -16.01 -9.32 0.08
CA LEU A 122 -16.59 -8.52 -1.02
C LEU A 122 -16.17 -9.01 -2.42
N SER A 123 -14.88 -8.93 -2.72
CA SER A 123 -14.20 -9.21 -4.01
C SER A 123 -12.74 -8.68 -3.94
N GLY A 124 -12.41 -7.58 -4.64
CA GLY A 124 -11.11 -6.93 -4.58
C GLY A 124 -10.04 -7.72 -5.33
N ALA A 125 -9.04 -8.25 -4.62
CA ALA A 125 -8.14 -9.30 -5.10
C ALA A 125 -8.83 -10.69 -5.08
N THR A 126 -9.93 -10.82 -5.83
CA THR A 126 -10.59 -12.09 -6.14
C THR A 126 -9.81 -12.93 -7.16
N GLU A 127 -8.87 -12.30 -7.87
CA GLU A 127 -7.93 -12.92 -8.81
C GLU A 127 -6.84 -13.75 -8.09
N PRO A 128 -6.19 -14.71 -8.78
CA PRO A 128 -5.16 -15.59 -8.21
C PRO A 128 -3.79 -14.89 -8.08
N ASP A 129 -2.76 -15.68 -7.78
CA ASP A 129 -1.37 -15.23 -7.55
C ASP A 129 -0.70 -14.55 -8.76
N ASP A 130 -1.29 -14.67 -9.94
CA ASP A 130 -0.86 -14.00 -11.18
C ASP A 130 -0.98 -12.45 -11.08
N GLU A 131 -1.83 -11.95 -10.19
CA GLU A 131 -1.90 -10.54 -9.78
C GLU A 131 -0.90 -10.29 -8.63
N ARG A 132 -1.16 -10.80 -7.42
CA ARG A 132 -0.23 -10.82 -6.28
C ARG A 132 -0.69 -11.71 -5.12
N VAL A 133 -1.89 -11.48 -4.58
CA VAL A 133 -2.47 -12.20 -3.42
C VAL A 133 -3.83 -12.82 -3.79
N LEU A 134 -4.12 -13.98 -3.20
CA LEU A 134 -5.28 -14.82 -3.52
C LEU A 134 -6.46 -14.67 -2.53
N GLY A 135 -6.23 -14.00 -1.39
CA GLY A 135 -7.19 -13.90 -0.29
C GLY A 135 -8.25 -12.83 -0.57
N TRP A 136 -7.88 -11.56 -0.36
CA TRP A 136 -8.69 -10.37 -0.64
C TRP A 136 -7.88 -9.07 -0.46
N VAL A 137 -8.44 -7.97 -0.99
CA VAL A 137 -7.92 -6.60 -0.87
C VAL A 137 -9.12 -5.66 -0.84
N GLU A 138 -9.27 -4.90 0.24
CA GLU A 138 -10.32 -3.90 0.40
C GLU A 138 -9.77 -2.50 0.06
N LEU A 139 -10.60 -1.63 -0.53
CA LEU A 139 -10.22 -0.29 -0.99
C LEU A 139 -11.39 0.71 -0.88
N GLU A 140 -11.18 1.83 -0.19
CA GLU A 140 -12.17 2.88 0.02
C GLU A 140 -11.47 4.22 0.36
N LEU A 141 -11.49 5.16 -0.59
CA LEU A 141 -10.74 6.43 -0.57
C LEU A 141 -11.21 7.38 -1.68
N SER A 142 -10.78 8.65 -1.62
CA SER A 142 -10.89 9.60 -2.74
C SER A 142 -9.97 9.21 -3.92
N HIS A 143 -10.29 9.63 -5.14
CA HIS A 143 -9.80 9.04 -6.41
C HIS A 143 -8.32 9.33 -6.79
N HIS A 144 -7.45 9.65 -5.83
CA HIS A 144 -6.01 9.93 -5.98
C HIS A 144 -5.72 11.26 -6.75
N GLY A 145 -4.44 11.56 -7.02
CA GLY A 145 -4.01 12.78 -7.73
C GLY A 145 -3.59 13.94 -6.82
N THR A 146 -3.23 13.68 -5.55
CA THR A 146 -2.61 14.58 -4.55
C THR A 146 -3.60 15.55 -3.90
N LEU A 147 -4.46 16.21 -4.69
CA LEU A 147 -5.45 17.19 -4.25
C LEU A 147 -6.69 16.50 -3.62
N LEU A 148 -6.51 15.93 -2.42
CA LEU A 148 -7.57 15.27 -1.63
C LEU A 148 -7.28 15.34 -0.12
N ARG A 149 -8.26 15.87 0.64
CA ARG A 149 -8.23 16.05 2.10
C ARG A 149 -9.62 15.85 2.72
N GLY A 150 -9.67 15.51 4.01
CA GLY A 150 -10.90 15.19 4.76
C GLY A 150 -11.66 16.45 5.19
N MET A 1 3.28 8.76 -17.41
CA MET A 1 4.19 8.32 -18.46
C MET A 1 4.81 6.96 -18.09
N GLY A 2 4.32 5.88 -18.71
CA GLY A 2 4.71 4.49 -18.41
C GLY A 2 5.56 3.77 -19.46
N HIS A 3 5.81 4.39 -20.62
CA HIS A 3 6.56 3.77 -21.72
C HIS A 3 8.07 4.02 -21.59
N HIS A 4 8.82 3.06 -21.03
CA HIS A 4 10.29 3.17 -20.91
C HIS A 4 11.04 2.95 -22.23
N HIS A 5 10.51 2.09 -23.13
CA HIS A 5 11.05 1.72 -24.45
C HIS A 5 12.36 0.88 -24.39
N HIS A 6 13.31 1.25 -23.53
CA HIS A 6 14.52 0.50 -23.21
C HIS A 6 15.05 0.86 -21.81
N HIS A 7 15.41 -0.13 -20.99
CA HIS A 7 15.94 0.04 -19.63
C HIS A 7 16.49 -1.27 -19.03
N HIS A 8 17.23 -1.16 -17.92
CA HIS A 8 17.64 -2.29 -17.08
C HIS A 8 16.74 -2.44 -15.84
N SER A 9 17.01 -3.43 -14.98
CA SER A 9 16.25 -3.64 -13.74
C SER A 9 16.53 -2.57 -12.66
N SER A 10 15.67 -2.51 -11.63
CA SER A 10 15.75 -1.55 -10.51
C SER A 10 16.53 -2.13 -9.30
N GLY A 11 16.42 -1.46 -8.16
CA GLY A 11 17.08 -1.79 -6.89
C GLY A 11 17.92 -0.62 -6.34
N VAL A 12 18.30 -0.73 -5.07
CA VAL A 12 19.17 0.25 -4.38
C VAL A 12 20.60 0.18 -4.93
N ASP A 13 21.25 1.34 -5.07
CA ASP A 13 22.61 1.44 -5.65
C ASP A 13 23.73 1.04 -4.66
N LEU A 14 23.38 0.95 -3.36
CA LEU A 14 24.25 0.48 -2.26
C LEU A 14 23.49 0.02 -1.00
N GLY A 15 22.30 0.58 -0.72
CA GLY A 15 21.51 0.27 0.50
C GLY A 15 20.80 1.43 1.18
N THR A 16 20.73 2.63 0.55
CA THR A 16 20.27 3.88 1.18
C THR A 16 19.38 4.76 0.30
N GLU A 17 18.92 4.27 -0.87
CA GLU A 17 18.12 5.10 -1.81
C GLU A 17 16.82 5.58 -1.18
N ASN A 18 16.12 4.74 -0.40
CA ASN A 18 14.91 5.14 0.31
C ASN A 18 15.14 6.24 1.37
N LEU A 19 16.34 6.31 1.97
CA LEU A 19 16.65 7.19 3.10
C LEU A 19 16.54 8.69 2.73
N TYR A 20 16.64 9.02 1.44
CA TYR A 20 16.48 10.37 0.88
C TYR A 20 15.05 10.96 1.06
N PHE A 21 14.02 10.13 1.22
CA PHE A 21 12.62 10.56 1.42
C PHE A 21 11.78 9.53 2.21
N GLN A 22 12.43 8.75 3.09
CA GLN A 22 11.84 7.69 3.92
C GLN A 22 11.20 6.56 3.06
N SER A 23 10.29 5.78 3.65
CA SER A 23 9.47 4.78 2.95
C SER A 23 8.66 5.34 1.76
N MET A 24 8.42 6.66 1.72
CA MET A 24 7.86 7.35 0.56
C MET A 24 8.75 7.24 -0.69
N ARG A 25 10.08 7.34 -0.59
CA ARG A 25 10.95 7.05 -1.75
C ARG A 25 10.99 5.54 -2.07
N ALA A 26 11.00 4.67 -1.05
CA ALA A 26 10.96 3.21 -1.27
C ALA A 26 9.78 2.81 -2.18
N GLN A 27 8.56 3.24 -1.83
CA GLN A 27 7.34 2.89 -2.55
C GLN A 27 7.20 3.60 -3.91
N LEU A 28 7.63 4.87 -4.03
CA LEU A 28 7.63 5.60 -5.31
C LEU A 28 8.57 4.94 -6.33
N ILE A 29 9.77 4.52 -5.90
CA ILE A 29 10.75 3.86 -6.78
C ILE A 29 10.34 2.41 -7.09
N GLU A 30 9.88 1.64 -6.10
CA GLU A 30 9.45 0.25 -6.23
C GLU A 30 8.38 0.02 -7.32
N ARG A 31 7.51 0.99 -7.57
CA ARG A 31 6.56 0.96 -8.69
C ARG A 31 6.98 1.84 -9.87
N GLY A 32 7.47 3.05 -9.62
CA GLY A 32 7.76 4.05 -10.64
C GLY A 32 8.98 3.74 -11.50
N GLN A 33 10.02 3.10 -10.96
CA GLN A 33 11.20 2.66 -11.69
C GLN A 33 11.00 1.28 -12.34
N LEU A 34 10.11 0.44 -11.77
CA LEU A 34 9.69 -0.83 -12.39
C LEU A 34 8.88 -0.59 -13.68
N ILE A 35 8.02 0.44 -13.69
CA ILE A 35 7.28 0.85 -14.90
C ILE A 35 8.14 1.71 -15.83
N ALA A 36 8.74 2.79 -15.33
CA ALA A 36 9.45 3.80 -16.11
C ALA A 36 10.65 4.39 -15.35
N GLU A 37 10.51 5.60 -14.80
CA GLU A 37 11.55 6.32 -14.04
C GLU A 37 10.89 7.45 -13.23
N GLN A 38 10.49 7.17 -11.98
CA GLN A 38 9.84 8.09 -11.02
C GLN A 38 8.75 9.02 -11.59
N LEU A 39 7.99 8.54 -12.59
CA LEU A 39 6.93 9.28 -13.30
C LEU A 39 5.57 8.58 -13.23
N ALA A 40 5.52 7.24 -13.32
CA ALA A 40 4.31 6.47 -13.11
C ALA A 40 3.81 6.59 -11.64
N PRO A 41 2.48 6.58 -11.40
CA PRO A 41 1.90 6.84 -10.08
C PRO A 41 2.20 5.72 -9.07
N LEU A 42 2.10 6.04 -7.77
CA LEU A 42 2.33 5.07 -6.70
C LEU A 42 1.12 4.14 -6.47
N ALA A 43 -0.12 4.64 -6.56
CA ALA A 43 -1.33 3.88 -6.22
C ALA A 43 -2.18 3.48 -7.42
N ALA A 44 -2.48 4.40 -8.35
CA ALA A 44 -3.46 4.16 -9.43
C ALA A 44 -3.13 2.92 -10.28
N THR A 45 -1.90 2.86 -10.81
CA THR A 45 -1.37 1.71 -11.59
C THR A 45 -1.21 0.45 -10.73
N ALA A 46 -0.82 0.60 -9.47
CA ALA A 46 -0.58 -0.51 -8.54
C ALA A 46 -1.88 -1.19 -8.08
N LEU A 47 -2.97 -0.43 -7.92
CA LEU A 47 -4.30 -0.94 -7.57
C LEU A 47 -4.97 -1.56 -8.81
N ALA A 48 -4.80 -0.95 -9.99
CA ALA A 48 -5.30 -1.49 -11.26
C ALA A 48 -4.76 -2.89 -11.58
N ARG A 49 -3.47 -3.14 -11.31
CA ARG A 49 -2.85 -4.49 -11.38
C ARG A 49 -2.98 -5.31 -10.09
N LYS A 50 -3.28 -4.66 -8.96
CA LYS A 50 -3.55 -5.21 -7.63
C LYS A 50 -2.28 -5.71 -6.89
N ASP A 51 -1.13 -5.04 -7.08
CA ASP A 51 0.17 -5.45 -6.55
C ASP A 51 0.34 -5.06 -5.06
N THR A 52 -0.27 -5.84 -4.17
CA THR A 52 -0.18 -5.77 -2.71
C THR A 52 1.24 -5.68 -2.17
N ALA A 53 2.25 -6.14 -2.92
CA ALA A 53 3.67 -5.95 -2.60
C ALA A 53 4.05 -4.48 -2.38
N VAL A 54 3.56 -3.57 -3.23
CA VAL A 54 3.75 -2.11 -3.06
C VAL A 54 2.51 -1.42 -2.46
N LEU A 55 1.30 -1.97 -2.68
CA LEU A 55 0.08 -1.48 -2.04
C LEU A 55 0.19 -1.52 -0.50
N ASN A 56 0.89 -2.51 0.05
CA ASN A 56 1.30 -2.58 1.47
C ASN A 56 1.98 -1.29 1.96
N ARG A 57 3.07 -0.87 1.29
CA ARG A 57 3.87 0.30 1.69
C ARG A 57 3.06 1.60 1.54
N ILE A 58 2.46 1.83 0.37
CA ILE A 58 1.67 3.05 0.14
C ILE A 58 0.46 3.12 1.07
N ALA A 59 -0.13 1.99 1.47
CA ALA A 59 -1.20 1.99 2.45
C ALA A 59 -0.71 2.46 3.84
N ASN A 60 0.41 1.92 4.32
CA ASN A 60 0.99 2.31 5.62
C ASN A 60 1.47 3.78 5.67
N GLU A 61 1.61 4.47 4.54
CA GLU A 61 2.07 5.86 4.45
C GLU A 61 0.98 6.83 3.96
N ALA A 62 0.43 6.61 2.77
CA ALA A 62 -0.56 7.49 2.12
C ALA A 62 -1.99 7.19 2.59
N LEU A 63 -2.38 5.92 2.77
CA LEU A 63 -3.71 5.56 3.30
C LEU A 63 -3.79 5.73 4.83
N ASP A 64 -2.67 5.96 5.51
CA ASP A 64 -2.62 6.32 6.94
C ASP A 64 -3.08 7.77 7.19
N GLN A 65 -3.04 8.64 6.18
CA GLN A 65 -3.39 10.06 6.28
C GLN A 65 -4.88 10.30 6.65
N PRO A 66 -5.23 11.49 7.20
CA PRO A 66 -6.61 11.80 7.61
C PRO A 66 -7.58 11.97 6.42
N ASP A 67 -7.09 12.05 5.18
CA ASP A 67 -7.89 12.25 3.97
C ASP A 67 -8.51 10.95 3.39
N VAL A 68 -8.42 9.85 4.15
CA VAL A 68 -8.69 8.45 3.74
C VAL A 68 -9.88 7.86 4.51
N ARG A 69 -10.62 6.91 3.90
CA ARG A 69 -11.81 6.29 4.52
C ARG A 69 -11.54 4.88 5.10
N ALA A 70 -10.90 3.96 4.36
CA ALA A 70 -10.48 2.61 4.82
C ALA A 70 -9.70 1.82 3.76
N VAL A 71 -8.82 0.90 4.20
CA VAL A 71 -8.08 -0.04 3.32
C VAL A 71 -7.56 -1.24 4.13
N THR A 72 -7.45 -2.42 3.51
CA THR A 72 -7.07 -3.70 4.18
C THR A 72 -6.56 -4.70 3.15
N PHE A 73 -5.61 -5.59 3.52
CA PHE A 73 -4.99 -6.55 2.60
C PHE A 73 -4.67 -7.89 3.30
N LEU A 74 -4.92 -9.02 2.63
CA LEU A 74 -4.72 -10.38 3.17
C LEU A 74 -4.58 -11.44 2.06
N ASP A 75 -3.82 -12.50 2.34
CA ASP A 75 -3.53 -13.62 1.43
C ASP A 75 -4.29 -14.93 1.76
N ALA A 76 -4.04 -15.99 0.97
CA ALA A 76 -4.61 -17.33 1.18
C ALA A 76 -4.19 -17.99 2.52
N ARG A 77 -3.03 -17.60 3.05
CA ARG A 77 -2.48 -18.06 4.34
C ARG A 77 -3.21 -17.47 5.56
N GLN A 78 -4.06 -16.46 5.35
CA GLN A 78 -4.79 -15.67 6.36
C GLN A 78 -3.86 -14.67 7.07
N GLU A 79 -2.75 -14.28 6.44
CA GLU A 79 -1.83 -13.25 6.95
C GLU A 79 -2.33 -11.87 6.51
N ARG A 80 -2.68 -11.02 7.47
CA ARG A 80 -2.97 -9.60 7.25
C ARG A 80 -1.65 -8.91 6.92
N LEU A 81 -1.52 -8.40 5.70
CA LEU A 81 -0.28 -7.82 5.16
C LEU A 81 -0.18 -6.35 5.59
N ALA A 82 -1.27 -5.62 5.38
CA ALA A 82 -1.44 -4.20 5.71
C ALA A 82 -2.91 -3.88 5.99
N HIS A 83 -3.14 -2.68 6.53
CA HIS A 83 -4.44 -2.20 7.01
C HIS A 83 -4.30 -0.75 7.47
N ALA A 84 -5.29 0.10 7.14
CA ALA A 84 -5.25 1.55 7.35
C ALA A 84 -6.65 2.18 7.22
N GLY A 85 -6.82 3.36 7.84
CA GLY A 85 -8.12 3.95 8.17
C GLY A 85 -8.54 3.66 9.63
N PRO A 86 -9.60 4.34 10.14
CA PRO A 86 -9.92 4.41 11.56
C PRO A 86 -10.40 3.08 12.16
N SER A 87 -11.09 2.24 11.38
CA SER A 87 -11.62 0.95 11.83
C SER A 87 -10.67 -0.24 11.58
N MET A 88 -9.89 -0.19 10.49
CA MET A 88 -9.08 -1.33 10.02
C MET A 88 -7.70 -1.42 10.68
N LEU A 89 -7.11 -0.28 11.08
CA LEU A 89 -5.84 -0.17 11.79
C LEU A 89 -6.09 0.19 13.26
N THR A 90 -5.53 -0.61 14.18
CA THR A 90 -5.71 -0.46 15.63
C THR A 90 -5.06 0.81 16.16
N VAL A 91 -3.92 1.20 15.60
CA VAL A 91 -3.13 2.41 15.94
C VAL A 91 -3.38 3.56 14.93
N ALA A 92 -4.61 3.70 14.43
CA ALA A 92 -4.99 4.69 13.41
C ALA A 92 -4.56 6.14 13.80
N PRO A 93 -3.73 6.81 12.98
CA PRO A 93 -3.16 8.12 13.30
C PRO A 93 -4.13 9.26 12.96
N ALA A 94 -5.29 9.30 13.63
CA ALA A 94 -6.29 10.35 13.42
C ALA A 94 -5.71 11.75 13.68
N GLY A 95 -5.66 12.58 12.63
CA GLY A 95 -5.11 13.95 12.65
C GLY A 95 -3.68 14.11 12.12
N ASP A 96 -3.03 13.03 11.64
CA ASP A 96 -1.66 13.07 11.09
C ASP A 96 -1.39 11.95 10.07
N ALA A 97 -0.19 11.96 9.48
CA ALA A 97 0.34 10.90 8.61
C ALA A 97 1.17 9.89 9.45
N SER A 98 2.44 9.70 9.11
CA SER A 98 3.33 8.71 9.76
C SER A 98 3.66 9.03 11.24
N HIS A 99 3.62 10.30 11.65
CA HIS A 99 4.12 10.73 12.97
C HIS A 99 3.34 10.12 14.16
N LEU A 100 2.06 9.76 13.97
CA LEU A 100 1.21 9.09 14.97
C LEU A 100 1.14 7.55 14.75
N SER A 101 1.85 7.01 13.76
CA SER A 101 1.83 5.59 13.37
C SER A 101 3.23 5.12 12.95
N MET A 102 4.15 5.09 13.92
CA MET A 102 5.54 4.64 13.72
C MET A 102 5.65 3.12 13.42
N SER A 103 4.62 2.35 13.77
CA SER A 103 4.51 0.91 13.48
C SER A 103 4.31 0.65 11.97
N THR A 104 5.38 0.18 11.29
CA THR A 104 5.42 -0.06 9.82
C THR A 104 5.90 -1.48 9.46
N GLU A 105 6.03 -2.36 10.46
CA GLU A 105 6.64 -3.69 10.31
C GLU A 105 5.63 -4.76 9.85
N LEU A 106 6.09 -5.70 9.00
CA LEU A 106 5.28 -6.74 8.34
C LEU A 106 4.81 -7.87 9.28
N ASP A 107 5.22 -7.87 10.54
CA ASP A 107 4.88 -8.90 11.55
C ASP A 107 3.42 -8.82 12.07
N THR A 108 2.63 -7.88 11.55
CA THR A 108 1.24 -7.55 11.93
C THR A 108 0.19 -8.54 11.39
N THR A 109 0.50 -9.84 11.46
CA THR A 109 -0.32 -11.00 11.08
C THR A 109 -1.69 -10.97 11.76
N HIS A 110 -2.69 -11.63 11.19
CA HIS A 110 -4.08 -11.67 11.70
C HIS A 110 -4.16 -12.10 13.18
N PHE A 111 -3.28 -13.01 13.62
CA PHE A 111 -3.16 -13.50 14.99
C PHE A 111 -2.98 -12.40 16.06
N LEU A 112 -2.55 -11.19 15.67
CA LEU A 112 -2.41 -10.02 16.55
C LEU A 112 -3.79 -9.47 17.00
N LEU A 113 -4.82 -9.59 16.16
CA LEU A 113 -6.20 -9.12 16.41
C LEU A 113 -7.20 -10.30 16.54
N PRO A 114 -8.44 -10.06 17.04
CA PRO A 114 -9.48 -11.08 17.14
C PRO A 114 -10.28 -11.29 15.83
N VAL A 115 -10.19 -10.37 14.86
CA VAL A 115 -10.94 -10.38 13.58
C VAL A 115 -10.09 -9.79 12.44
N LEU A 116 -10.57 -9.95 11.20
CA LEU A 116 -9.94 -9.40 9.98
C LEU A 116 -10.94 -8.65 9.08
N GLY A 117 -10.48 -7.52 8.51
CA GLY A 117 -11.27 -6.66 7.61
C GLY A 117 -12.61 -6.22 8.21
N ARG A 118 -13.62 -6.06 7.34
CA ARG A 118 -15.03 -5.89 7.71
C ARG A 118 -15.83 -7.20 7.68
N HIS A 119 -15.23 -8.32 7.25
CA HIS A 119 -15.87 -9.65 7.15
C HIS A 119 -17.05 -9.68 6.13
N HIS A 120 -16.99 -8.86 5.09
CA HIS A 120 -18.01 -8.78 4.03
C HIS A 120 -17.85 -9.88 2.95
N SER A 121 -18.94 -10.16 2.22
CA SER A 121 -18.98 -11.12 1.09
C SER A 121 -18.34 -10.57 -0.21
N LEU A 122 -18.01 -9.27 -0.26
CA LEU A 122 -17.43 -8.59 -1.42
C LEU A 122 -15.98 -9.06 -1.66
N SER A 123 -15.63 -9.35 -2.91
CA SER A 123 -14.31 -9.88 -3.32
C SER A 123 -13.45 -8.83 -4.04
N GLY A 124 -12.27 -8.52 -3.47
CA GLY A 124 -11.28 -7.58 -4.05
C GLY A 124 -10.00 -8.22 -4.59
N ALA A 125 -9.69 -9.46 -4.19
CA ALA A 125 -8.53 -10.24 -4.68
C ALA A 125 -8.93 -11.69 -5.03
N THR A 126 -10.07 -11.84 -5.74
CA THR A 126 -10.55 -13.12 -6.32
C THR A 126 -9.58 -13.71 -7.36
N GLU A 127 -8.66 -12.89 -7.88
CA GLU A 127 -7.49 -13.27 -8.67
C GLU A 127 -6.62 -14.38 -8.06
N PRO A 128 -5.81 -15.09 -8.87
CA PRO A 128 -4.81 -16.04 -8.39
C PRO A 128 -3.58 -15.32 -7.81
N ASP A 129 -2.71 -16.11 -7.15
CA ASP A 129 -1.42 -15.65 -6.61
C ASP A 129 -0.45 -15.12 -7.70
N ASP A 130 -0.73 -15.42 -8.98
CA ASP A 130 0.03 -14.98 -10.15
C ASP A 130 0.05 -13.44 -10.32
N GLU A 131 -0.98 -12.76 -9.80
CA GLU A 131 -1.01 -11.29 -9.69
C GLU A 131 -0.22 -10.84 -8.45
N ARG A 132 -0.69 -11.21 -7.24
CA ARG A 132 0.04 -11.05 -5.97
C ARG A 132 -0.58 -11.81 -4.79
N VAL A 133 -1.89 -11.67 -4.53
CA VAL A 133 -2.59 -12.34 -3.41
C VAL A 133 -3.97 -12.87 -3.81
N LEU A 134 -4.40 -13.95 -3.15
CA LEU A 134 -5.64 -14.68 -3.40
C LEU A 134 -6.73 -14.46 -2.31
N GLY A 135 -6.38 -13.82 -1.18
CA GLY A 135 -7.27 -13.60 -0.03
C GLY A 135 -8.31 -12.51 -0.33
N TRP A 136 -7.95 -11.25 -0.10
CA TRP A 136 -8.75 -10.06 -0.42
C TRP A 136 -7.96 -8.74 -0.27
N VAL A 137 -8.54 -7.66 -0.78
CA VAL A 137 -8.17 -6.27 -0.49
C VAL A 137 -9.44 -5.42 -0.44
N GLU A 138 -9.55 -4.58 0.59
CA GLU A 138 -10.56 -3.53 0.71
C GLU A 138 -9.95 -2.19 0.27
N LEU A 139 -10.73 -1.35 -0.43
CA LEU A 139 -10.29 -0.08 -1.00
C LEU A 139 -11.38 0.99 -0.86
N GLU A 140 -11.15 2.01 -0.04
CA GLU A 140 -12.09 3.09 0.23
C GLU A 140 -11.35 4.42 0.48
N LEU A 141 -11.25 5.25 -0.55
CA LEU A 141 -10.42 6.46 -0.60
C LEU A 141 -10.86 7.40 -1.74
N SER A 142 -10.46 8.67 -1.65
CA SER A 142 -10.73 9.69 -2.67
C SER A 142 -9.72 10.86 -2.51
N HIS A 143 -8.56 10.75 -3.18
CA HIS A 143 -7.48 11.75 -3.10
C HIS A 143 -6.51 11.75 -4.29
N HIS A 144 -6.28 10.62 -4.98
CA HIS A 144 -5.65 10.65 -6.30
C HIS A 144 -6.56 11.41 -7.30
N GLY A 145 -5.98 12.39 -8.01
CA GLY A 145 -6.70 13.35 -8.86
C GLY A 145 -6.80 14.73 -8.19
N THR A 146 -7.69 14.86 -7.19
CA THR A 146 -8.14 16.14 -6.59
C THR A 146 -8.60 15.97 -5.14
N LEU A 147 -8.99 17.08 -4.51
CA LEU A 147 -9.50 17.25 -3.14
C LEU A 147 -8.36 17.17 -2.10
N LEU A 148 -7.97 15.96 -1.69
CA LEU A 148 -6.93 15.69 -0.69
C LEU A 148 -7.21 16.35 0.68
N ARG A 149 -8.48 16.64 0.98
CA ARG A 149 -8.93 17.40 2.15
C ARG A 149 -8.62 16.70 3.48
N GLY A 150 -8.24 17.47 4.51
CA GLY A 150 -7.88 16.97 5.85
C GLY A 150 -6.40 17.21 6.17
N MET A 1 1.02 4.55 -16.16
CA MET A 1 1.37 5.41 -17.30
C MET A 1 2.84 5.89 -17.27
N GLY A 2 3.75 4.98 -16.91
CA GLY A 2 5.21 5.21 -16.95
C GLY A 2 5.79 4.99 -18.34
N HIS A 3 5.77 3.73 -18.81
CA HIS A 3 6.23 3.32 -20.15
C HIS A 3 5.95 1.83 -20.49
N HIS A 4 6.01 0.91 -19.51
CA HIS A 4 5.65 -0.51 -19.69
C HIS A 4 6.62 -1.26 -20.65
N HIS A 5 7.89 -0.85 -20.68
CA HIS A 5 8.97 -1.42 -21.50
C HIS A 5 10.23 -1.64 -20.64
N HIS A 6 11.26 -2.29 -21.20
CA HIS A 6 12.53 -2.51 -20.49
C HIS A 6 13.25 -1.19 -20.13
N HIS A 7 13.85 -1.14 -18.94
CA HIS A 7 14.38 0.07 -18.30
C HIS A 7 15.52 -0.31 -17.31
N HIS A 8 16.03 0.66 -16.55
CA HIS A 8 17.05 0.44 -15.50
C HIS A 8 16.48 -0.35 -14.28
N SER A 9 17.28 -0.52 -13.22
CA SER A 9 16.86 -1.15 -11.95
C SER A 9 16.83 -0.14 -10.78
N SER A 10 16.25 -0.55 -9.64
CA SER A 10 16.12 0.31 -8.45
C SER A 10 17.51 0.69 -7.86
N GLY A 11 17.66 1.97 -7.47
CA GLY A 11 18.92 2.54 -6.99
C GLY A 11 18.83 4.04 -6.70
N VAL A 12 19.96 4.61 -6.29
CA VAL A 12 20.11 6.03 -5.90
C VAL A 12 20.35 6.93 -7.11
N ASP A 13 19.89 8.18 -7.04
CA ASP A 13 20.07 9.19 -8.10
C ASP A 13 21.49 9.81 -8.13
N LEU A 14 22.28 9.62 -7.07
CA LEU A 14 23.66 10.12 -6.92
C LEU A 14 24.48 9.45 -5.80
N GLY A 15 23.83 8.99 -4.71
CA GLY A 15 24.50 8.50 -3.50
C GLY A 15 23.70 8.84 -2.24
N THR A 16 24.01 9.97 -1.60
CA THR A 16 23.43 10.43 -0.33
C THR A 16 21.93 10.71 -0.36
N GLU A 17 21.29 10.73 -1.55
CA GLU A 17 19.83 10.88 -1.67
C GLU A 17 19.06 9.76 -0.91
N ASN A 18 19.69 8.61 -0.65
CA ASN A 18 19.12 7.53 0.16
C ASN A 18 18.76 7.95 1.61
N LEU A 19 19.30 9.08 2.11
CA LEU A 19 18.94 9.63 3.41
C LEU A 19 17.51 10.18 3.45
N TYR A 20 17.00 10.67 2.31
CA TYR A 20 15.65 11.21 2.14
C TYR A 20 14.63 10.15 1.67
N PHE A 21 15.09 8.94 1.33
CA PHE A 21 14.28 7.85 0.79
C PHE A 21 13.25 7.33 1.80
N GLN A 22 13.64 7.18 3.07
CA GLN A 22 12.82 6.71 4.20
C GLN A 22 11.87 5.57 3.79
N SER A 23 10.55 5.68 4.02
CA SER A 23 9.56 4.75 3.45
C SER A 23 8.91 5.27 2.15
N MET A 24 9.09 6.55 1.80
CA MET A 24 8.46 7.19 0.64
C MET A 24 9.05 6.68 -0.69
N ARG A 25 10.36 6.71 -0.88
CA ARG A 25 10.99 6.10 -2.07
C ARG A 25 10.94 4.56 -2.02
N ALA A 26 10.93 3.95 -0.84
CA ALA A 26 10.79 2.48 -0.68
C ALA A 26 9.49 1.93 -1.31
N GLN A 27 8.46 2.76 -1.50
CA GLN A 27 7.24 2.43 -2.23
C GLN A 27 7.15 3.12 -3.61
N LEU A 28 7.55 4.39 -3.77
CA LEU A 28 7.51 5.10 -5.05
C LEU A 28 8.41 4.45 -6.10
N ILE A 29 9.60 3.98 -5.72
CA ILE A 29 10.56 3.37 -6.65
C ILE A 29 10.18 1.91 -6.93
N GLU A 30 9.76 1.16 -5.91
CA GLU A 30 9.35 -0.25 -5.99
C GLU A 30 8.25 -0.52 -7.04
N ARG A 31 7.40 0.47 -7.35
CA ARG A 31 6.45 0.43 -8.47
C ARG A 31 6.83 1.37 -9.62
N GLY A 32 7.15 2.62 -9.32
CA GLY A 32 7.34 3.70 -10.31
C GLY A 32 8.64 3.62 -11.11
N GLN A 33 9.63 2.85 -10.64
CA GLN A 33 10.83 2.50 -11.38
C GLN A 33 10.67 1.14 -12.06
N LEU A 34 10.02 0.15 -11.41
CA LEU A 34 9.75 -1.17 -12.03
C LEU A 34 8.92 -1.06 -13.33
N ILE A 35 8.07 -0.04 -13.46
CA ILE A 35 7.33 0.29 -14.71
C ILE A 35 8.18 1.13 -15.70
N ALA A 36 9.12 1.94 -15.22
CA ALA A 36 9.85 2.98 -15.97
C ALA A 36 11.05 3.57 -15.18
N GLU A 37 10.89 4.75 -14.58
CA GLU A 37 11.98 5.54 -13.96
C GLU A 37 11.40 6.68 -13.10
N GLN A 38 11.13 6.41 -11.81
CA GLN A 38 10.63 7.35 -10.78
C GLN A 38 9.52 8.33 -11.24
N LEU A 39 8.59 7.86 -12.08
CA LEU A 39 7.55 8.67 -12.73
C LEU A 39 6.15 8.04 -12.72
N ALA A 40 6.04 6.71 -12.83
CA ALA A 40 4.75 6.00 -12.70
C ALA A 40 4.19 6.11 -11.26
N PRO A 41 2.85 6.12 -11.09
CA PRO A 41 2.19 6.38 -9.81
C PRO A 41 2.39 5.25 -8.80
N LEU A 42 2.25 5.57 -7.51
CA LEU A 42 2.40 4.61 -6.42
C LEU A 42 1.17 3.70 -6.24
N ALA A 43 -0.05 4.25 -6.31
CA ALA A 43 -1.28 3.49 -6.02
C ALA A 43 -2.13 3.19 -7.27
N ALA A 44 -2.32 4.16 -8.18
CA ALA A 44 -3.30 4.03 -9.28
C ALA A 44 -3.05 2.80 -10.17
N THR A 45 -1.80 2.59 -10.60
CA THR A 45 -1.37 1.41 -11.38
C THR A 45 -1.33 0.15 -10.52
N ALA A 46 -0.85 0.25 -9.27
CA ALA A 46 -0.68 -0.89 -8.37
C ALA A 46 -2.02 -1.51 -7.93
N LEU A 47 -3.05 -0.69 -7.73
CA LEU A 47 -4.40 -1.14 -7.39
C LEU A 47 -5.08 -1.75 -8.63
N ALA A 48 -4.92 -1.13 -9.80
CA ALA A 48 -5.46 -1.64 -11.07
C ALA A 48 -4.94 -3.06 -11.42
N ARG A 49 -3.67 -3.35 -11.14
CA ARG A 49 -3.07 -4.70 -11.27
C ARG A 49 -3.17 -5.57 -9.99
N LYS A 50 -3.56 -4.98 -8.86
CA LYS A 50 -3.84 -5.62 -7.56
C LYS A 50 -2.57 -6.09 -6.81
N ASP A 51 -1.45 -5.37 -6.94
CA ASP A 51 -0.12 -5.73 -6.41
C ASP A 51 0.05 -5.36 -4.92
N THR A 52 -0.51 -6.21 -4.04
CA THR A 52 -0.44 -6.10 -2.57
C THR A 52 0.99 -5.95 -2.03
N ALA A 53 2.01 -6.40 -2.76
CA ALA A 53 3.43 -6.23 -2.43
C ALA A 53 3.80 -4.76 -2.16
N VAL A 54 3.38 -3.84 -3.03
CA VAL A 54 3.56 -2.38 -2.84
C VAL A 54 2.33 -1.74 -2.19
N LEU A 55 1.12 -2.29 -2.40
CA LEU A 55 -0.11 -1.80 -1.77
C LEU A 55 -0.03 -1.83 -0.23
N ASN A 56 0.67 -2.82 0.35
CA ASN A 56 1.02 -2.85 1.79
C ASN A 56 1.72 -1.56 2.25
N ARG A 57 2.85 -1.21 1.62
CA ARG A 57 3.65 -0.04 2.01
C ARG A 57 2.86 1.26 1.83
N ILE A 58 2.26 1.48 0.65
CA ILE A 58 1.48 2.70 0.40
C ILE A 58 0.24 2.78 1.27
N ALA A 59 -0.35 1.66 1.70
CA ALA A 59 -1.42 1.67 2.69
C ALA A 59 -0.94 2.14 4.06
N ASN A 60 0.14 1.54 4.58
CA ASN A 60 0.72 1.94 5.87
C ASN A 60 1.26 3.39 5.88
N GLU A 61 1.55 3.98 4.72
CA GLU A 61 1.91 5.40 4.58
C GLU A 61 0.68 6.27 4.24
N ALA A 62 0.18 6.20 3.00
CA ALA A 62 -0.81 7.12 2.45
C ALA A 62 -2.25 6.80 2.89
N LEU A 63 -2.62 5.54 3.13
CA LEU A 63 -3.96 5.18 3.62
C LEU A 63 -4.06 5.31 5.17
N ASP A 64 -2.93 5.45 5.87
CA ASP A 64 -2.88 5.75 7.30
C ASP A 64 -3.06 7.27 7.60
N GLN A 65 -3.11 8.11 6.57
CA GLN A 65 -3.38 9.54 6.67
C GLN A 65 -4.84 9.83 7.09
N PRO A 66 -5.12 10.99 7.72
CA PRO A 66 -6.46 11.35 8.21
C PRO A 66 -7.49 11.62 7.10
N ASP A 67 -7.09 11.73 5.82
CA ASP A 67 -8.00 11.99 4.69
C ASP A 67 -8.78 10.75 4.20
N VAL A 68 -8.47 9.59 4.78
CA VAL A 68 -8.79 8.24 4.24
C VAL A 68 -10.00 7.61 4.90
N ARG A 69 -10.77 6.81 4.14
CA ARG A 69 -11.96 6.12 4.62
C ARG A 69 -11.60 4.77 5.29
N ALA A 70 -11.00 3.81 4.56
CA ALA A 70 -10.60 2.47 5.05
C ALA A 70 -9.86 1.61 3.99
N VAL A 71 -8.97 0.70 4.42
CA VAL A 71 -8.26 -0.25 3.55
C VAL A 71 -7.81 -1.51 4.33
N THR A 72 -7.68 -2.66 3.65
CA THR A 72 -7.34 -3.98 4.25
C THR A 72 -6.81 -4.91 3.17
N PHE A 73 -5.95 -5.88 3.51
CA PHE A 73 -5.36 -6.85 2.56
C PHE A 73 -5.06 -8.19 3.25
N LEU A 74 -5.42 -9.32 2.61
CA LEU A 74 -5.26 -10.67 3.18
C LEU A 74 -5.06 -11.73 2.08
N ASP A 75 -4.22 -12.73 2.34
CA ASP A 75 -3.94 -13.86 1.43
C ASP A 75 -4.70 -15.15 1.79
N ALA A 76 -4.61 -16.16 0.92
CA ALA A 76 -5.20 -17.50 1.07
C ALA A 76 -4.84 -18.20 2.40
N ARG A 77 -3.68 -17.90 2.96
CA ARG A 77 -3.18 -18.39 4.25
C ARG A 77 -4.00 -17.86 5.46
N GLN A 78 -4.89 -16.88 5.24
CA GLN A 78 -5.51 -16.02 6.24
C GLN A 78 -4.47 -15.13 6.95
N GLU A 79 -3.42 -14.73 6.23
CA GLU A 79 -2.43 -13.75 6.68
C GLU A 79 -2.89 -12.36 6.24
N ARG A 80 -3.15 -11.46 7.20
CA ARG A 80 -3.31 -10.02 6.94
C ARG A 80 -1.94 -9.44 6.59
N LEU A 81 -1.79 -8.91 5.36
CA LEU A 81 -0.55 -8.25 4.93
C LEU A 81 -0.52 -6.80 5.40
N ALA A 82 -1.67 -6.13 5.39
CA ALA A 82 -1.81 -4.70 5.64
C ALA A 82 -3.26 -4.31 5.94
N HIS A 83 -3.43 -3.08 6.41
CA HIS A 83 -4.67 -2.52 6.94
C HIS A 83 -4.43 -1.08 7.40
N ALA A 84 -5.38 -0.18 7.16
CA ALA A 84 -5.30 1.26 7.46
C ALA A 84 -6.69 1.92 7.42
N GLY A 85 -6.82 3.06 8.10
CA GLY A 85 -8.11 3.66 8.45
C GLY A 85 -8.59 3.25 9.85
N PRO A 86 -9.63 3.92 10.39
CA PRO A 86 -9.98 3.89 11.81
C PRO A 86 -10.53 2.53 12.29
N SER A 87 -11.26 1.81 11.44
CA SER A 87 -11.85 0.50 11.78
C SER A 87 -10.91 -0.69 11.53
N MET A 88 -9.82 -0.49 10.76
CA MET A 88 -8.99 -1.57 10.19
C MET A 88 -7.64 -1.76 10.90
N LEU A 89 -7.01 -0.65 11.29
CA LEU A 89 -5.71 -0.60 11.94
C LEU A 89 -5.89 -0.13 13.38
N THR A 90 -5.84 -1.07 14.33
CA THR A 90 -6.08 -0.79 15.77
C THR A 90 -5.03 0.12 16.38
N VAL A 91 -3.80 0.06 15.87
CA VAL A 91 -2.65 0.91 16.27
C VAL A 91 -2.55 2.21 15.45
N ALA A 92 -3.67 2.76 14.96
CA ALA A 92 -3.76 4.07 14.30
C ALA A 92 -4.13 5.20 15.30
N PRO A 93 -3.18 6.03 15.75
CA PRO A 93 -3.48 7.19 16.61
C PRO A 93 -3.94 8.43 15.82
N ALA A 94 -3.68 8.48 14.49
CA ALA A 94 -3.93 9.61 13.59
C ALA A 94 -3.10 10.87 13.97
N GLY A 95 -3.45 12.03 13.39
CA GLY A 95 -2.89 13.34 13.76
C GLY A 95 -1.62 13.77 13.04
N ASP A 96 -1.14 12.99 12.05
CA ASP A 96 0.01 13.32 11.19
C ASP A 96 -0.14 12.62 9.81
N ALA A 97 0.78 12.92 8.88
CA ALA A 97 0.78 12.39 7.52
C ALA A 97 1.55 11.06 7.43
N SER A 98 2.86 11.09 7.69
CA SER A 98 3.76 9.94 7.61
C SER A 98 4.47 9.62 8.94
N HIS A 99 4.79 10.63 9.76
CA HIS A 99 5.63 10.50 10.96
C HIS A 99 5.00 9.61 12.05
N LEU A 100 3.67 9.48 12.07
CA LEU A 100 2.93 8.55 12.94
C LEU A 100 3.16 7.07 12.61
N SER A 101 3.59 6.75 11.39
CA SER A 101 3.76 5.37 10.90
C SER A 101 5.21 4.88 11.09
N MET A 102 5.72 4.98 12.33
CA MET A 102 7.07 4.53 12.69
C MET A 102 7.24 3.00 12.56
N SER A 103 6.14 2.25 12.68
CA SER A 103 6.08 0.79 12.52
C SER A 103 5.20 0.40 11.31
N THR A 104 5.73 -0.48 10.44
CA THR A 104 5.05 -1.02 9.23
C THR A 104 5.37 -2.51 9.01
N GLU A 105 5.68 -3.22 10.09
CA GLU A 105 6.18 -4.60 10.06
C GLU A 105 5.10 -5.62 9.68
N LEU A 106 5.47 -6.59 8.83
CA LEU A 106 4.61 -7.67 8.33
C LEU A 106 4.32 -8.76 9.38
N ASP A 107 4.96 -8.69 10.55
CA ASP A 107 4.74 -9.59 11.70
C ASP A 107 3.36 -9.39 12.38
N THR A 108 2.61 -8.35 11.99
CA THR A 108 1.24 -8.07 12.45
C THR A 108 0.25 -8.91 11.62
N THR A 109 0.07 -10.18 12.02
CA THR A 109 -0.78 -11.18 11.35
C THR A 109 -2.27 -10.97 11.68
N HIS A 110 -3.12 -11.86 11.16
CA HIS A 110 -4.56 -11.87 11.45
C HIS A 110 -4.90 -12.30 12.89
N PHE A 111 -4.17 -13.29 13.44
CA PHE A 111 -4.30 -13.74 14.83
C PHE A 111 -3.79 -12.66 15.79
N LEU A 112 -4.70 -11.79 16.26
CA LEU A 112 -4.42 -10.55 17.00
C LEU A 112 -5.73 -9.89 17.49
N LEU A 113 -6.68 -9.64 16.57
CA LEU A 113 -7.98 -8.99 16.86
C LEU A 113 -9.17 -9.97 16.63
N PRO A 114 -10.34 -9.75 17.29
CA PRO A 114 -11.51 -10.62 17.17
C PRO A 114 -12.34 -10.39 15.90
N VAL A 115 -12.31 -9.18 15.32
CA VAL A 115 -13.03 -8.79 14.08
C VAL A 115 -12.15 -7.85 13.24
N LEU A 116 -12.39 -7.82 11.93
CA LEU A 116 -11.53 -7.18 10.92
C LEU A 116 -12.22 -7.07 9.55
N GLY A 117 -11.72 -6.17 8.69
CA GLY A 117 -12.25 -5.93 7.34
C GLY A 117 -13.68 -5.37 7.35
N ARG A 118 -14.36 -5.46 6.20
CA ARG A 118 -15.84 -5.24 6.10
C ARG A 118 -16.57 -6.46 5.52
N HIS A 119 -15.97 -7.65 5.58
CA HIS A 119 -16.52 -8.95 5.17
C HIS A 119 -16.73 -9.10 3.64
N HIS A 120 -16.25 -8.16 2.82
CA HIS A 120 -16.39 -8.16 1.37
C HIS A 120 -15.18 -8.81 0.68
N SER A 121 -15.24 -10.11 0.41
CA SER A 121 -14.20 -10.82 -0.37
C SER A 121 -14.29 -10.53 -1.88
N LEU A 122 -15.52 -10.35 -2.39
CA LEU A 122 -15.85 -10.15 -3.81
C LEU A 122 -15.44 -8.77 -4.38
N SER A 123 -15.34 -7.75 -3.52
CA SER A 123 -14.96 -6.38 -3.90
C SER A 123 -13.48 -6.14 -3.57
N GLY A 124 -12.58 -6.71 -4.38
CA GLY A 124 -11.14 -6.75 -4.10
C GLY A 124 -10.35 -7.66 -5.04
N ALA A 125 -9.49 -8.52 -4.48
CA ALA A 125 -8.74 -9.54 -5.22
C ALA A 125 -9.63 -10.76 -5.51
N THR A 126 -10.51 -10.61 -6.51
CA THR A 126 -11.24 -11.72 -7.15
C THR A 126 -10.33 -12.56 -8.06
N GLU A 127 -9.17 -12.02 -8.44
CA GLU A 127 -8.10 -12.71 -9.16
C GLU A 127 -7.31 -13.66 -8.22
N PRO A 128 -6.65 -14.71 -8.74
CA PRO A 128 -5.91 -15.69 -7.96
C PRO A 128 -4.56 -15.17 -7.46
N ASP A 129 -3.81 -16.05 -6.76
CA ASP A 129 -2.46 -15.84 -6.22
C ASP A 129 -1.43 -15.36 -7.27
N ASP A 130 -1.68 -15.65 -8.55
CA ASP A 130 -0.83 -15.24 -9.68
C ASP A 130 -0.73 -13.72 -9.87
N GLU A 131 -1.75 -12.96 -9.41
CA GLU A 131 -1.71 -11.48 -9.37
C GLU A 131 -0.86 -11.00 -8.18
N ARG A 132 -1.18 -11.45 -6.96
CA ARG A 132 -0.38 -11.31 -5.73
C ARG A 132 -1.00 -12.03 -4.53
N VAL A 133 -2.30 -11.83 -4.30
CA VAL A 133 -3.08 -12.46 -3.20
C VAL A 133 -4.40 -13.02 -3.73
N LEU A 134 -4.86 -14.12 -3.13
CA LEU A 134 -6.13 -14.77 -3.45
C LEU A 134 -7.24 -14.47 -2.42
N GLY A 135 -6.87 -14.05 -1.20
CA GLY A 135 -7.79 -13.89 -0.05
C GLY A 135 -8.82 -12.78 -0.29
N TRP A 136 -8.38 -11.52 -0.20
CA TRP A 136 -9.14 -10.30 -0.51
C TRP A 136 -8.32 -9.01 -0.29
N VAL A 137 -8.93 -7.86 -0.58
CA VAL A 137 -8.43 -6.50 -0.33
C VAL A 137 -9.61 -5.52 -0.33
N GLU A 138 -9.73 -4.70 0.71
CA GLU A 138 -10.72 -3.64 0.82
C GLU A 138 -10.13 -2.32 0.26
N LEU A 139 -10.96 -1.48 -0.36
CA LEU A 139 -10.54 -0.20 -0.94
C LEU A 139 -11.60 0.89 -0.72
N GLU A 140 -11.24 1.95 0.01
CA GLU A 140 -12.13 3.08 0.32
C GLU A 140 -11.31 4.34 0.64
N LEU A 141 -11.34 5.32 -0.28
CA LEU A 141 -10.49 6.53 -0.30
C LEU A 141 -10.91 7.49 -1.43
N SER A 142 -10.28 8.67 -1.48
CA SER A 142 -10.34 9.57 -2.65
C SER A 142 -9.65 8.99 -3.89
N HIS A 143 -9.91 9.54 -5.09
CA HIS A 143 -9.50 8.95 -6.37
C HIS A 143 -7.97 8.83 -6.61
N HIS A 144 -7.14 9.51 -5.81
CA HIS A 144 -5.66 9.46 -5.80
C HIS A 144 -5.02 10.25 -6.98
N GLY A 145 -3.72 10.55 -6.87
CA GLY A 145 -2.92 11.28 -7.88
C GLY A 145 -3.10 12.80 -7.83
N THR A 146 -4.28 13.26 -7.42
CA THR A 146 -4.63 14.67 -7.14
C THR A 146 -4.10 15.13 -5.78
N LEU A 147 -4.18 16.43 -5.51
CA LEU A 147 -3.80 17.02 -4.22
C LEU A 147 -4.89 16.72 -3.17
N LEU A 148 -4.47 16.19 -2.01
CA LEU A 148 -5.32 15.78 -0.89
C LEU A 148 -4.76 16.32 0.44
N ARG A 149 -5.60 16.41 1.47
CA ARG A 149 -5.20 16.82 2.83
C ARG A 149 -4.37 15.74 3.56
N GLY A 150 -3.86 16.05 4.75
CA GLY A 150 -3.05 15.14 5.57
C GLY A 150 -1.63 15.00 5.04
N MET A 1 1.08 5.84 -16.16
CA MET A 1 1.81 6.73 -17.07
C MET A 1 3.21 6.18 -17.40
N GLY A 2 3.25 4.93 -17.86
CA GLY A 2 4.47 4.20 -18.23
C GLY A 2 5.03 4.63 -19.59
N HIS A 3 5.68 5.79 -19.62
CA HIS A 3 6.43 6.29 -20.77
C HIS A 3 7.80 5.59 -20.96
N HIS A 4 8.42 5.71 -22.13
CA HIS A 4 9.70 5.06 -22.50
C HIS A 4 9.59 3.51 -22.55
N HIS A 5 10.71 2.81 -22.76
CA HIS A 5 10.80 1.35 -22.60
C HIS A 5 11.36 0.97 -21.22
N HIS A 6 10.97 -0.18 -20.68
CA HIS A 6 11.52 -0.72 -19.44
C HIS A 6 12.98 -1.21 -19.62
N HIS A 7 13.83 -1.03 -18.62
CA HIS A 7 15.25 -1.40 -18.66
C HIS A 7 15.83 -1.58 -17.25
N HIS A 8 16.71 -2.58 -17.07
CA HIS A 8 17.24 -3.02 -15.77
C HIS A 8 16.13 -3.57 -14.82
N SER A 9 16.42 -3.77 -13.53
CA SER A 9 15.47 -4.24 -12.51
C SER A 9 15.29 -3.27 -11.33
N SER A 10 15.78 -2.02 -11.45
CA SER A 10 15.85 -1.01 -10.39
C SER A 10 16.81 -1.44 -9.25
N GLY A 11 16.48 -1.12 -7.99
CA GLY A 11 17.30 -1.36 -6.80
C GLY A 11 18.21 -0.19 -6.45
N VAL A 12 18.67 -0.14 -5.20
CA VAL A 12 19.54 0.92 -4.68
C VAL A 12 20.99 0.74 -5.16
N ASP A 13 21.62 1.82 -5.63
CA ASP A 13 23.01 1.84 -6.12
C ASP A 13 24.01 2.41 -5.09
N LEU A 14 23.51 2.72 -3.88
CA LEU A 14 24.23 3.41 -2.80
C LEU A 14 23.75 3.06 -1.37
N GLY A 15 22.68 2.28 -1.22
CA GLY A 15 22.16 1.80 0.07
C GLY A 15 21.34 2.81 0.89
N THR A 16 21.10 4.02 0.35
CA THR A 16 20.47 5.16 1.05
C THR A 16 19.62 6.06 0.14
N GLU A 17 19.25 5.57 -1.06
CA GLU A 17 18.43 6.32 -2.03
C GLU A 17 17.07 6.70 -1.45
N ASN A 18 16.37 5.75 -0.82
CA ASN A 18 15.06 5.99 -0.20
C ASN A 18 15.09 7.06 0.91
N LEU A 19 16.20 7.20 1.64
CA LEU A 19 16.33 8.10 2.80
C LEU A 19 16.13 9.59 2.42
N TYR A 20 16.32 9.95 1.15
CA TYR A 20 16.07 11.29 0.59
C TYR A 20 14.62 11.79 0.77
N PHE A 21 13.64 10.88 0.85
CA PHE A 21 12.21 11.21 1.04
C PHE A 21 11.47 10.10 1.84
N GLN A 22 12.17 9.43 2.77
CA GLN A 22 11.60 8.43 3.70
C GLN A 22 11.09 7.17 2.96
N SER A 23 10.19 6.39 3.57
CA SER A 23 9.51 5.28 2.86
C SER A 23 8.64 5.77 1.69
N MET A 24 8.33 7.08 1.63
CA MET A 24 7.68 7.74 0.49
C MET A 24 8.52 7.63 -0.79
N ARG A 25 9.85 7.80 -0.75
CA ARG A 25 10.69 7.53 -1.94
C ARG A 25 10.78 6.03 -2.22
N ALA A 26 10.92 5.18 -1.19
CA ALA A 26 11.00 3.72 -1.38
C ALA A 26 9.83 3.20 -2.22
N GLN A 27 8.60 3.54 -1.82
CA GLN A 27 7.38 3.09 -2.51
C GLN A 27 7.15 3.76 -3.88
N LEU A 28 7.48 5.06 -4.04
CA LEU A 28 7.39 5.75 -5.33
C LEU A 28 8.32 5.14 -6.37
N ILE A 29 9.56 4.82 -6.00
CA ILE A 29 10.56 4.24 -6.90
C ILE A 29 10.28 2.75 -7.17
N GLU A 30 9.88 1.98 -6.14
CA GLU A 30 9.54 0.55 -6.23
C GLU A 30 8.45 0.23 -7.27
N ARG A 31 7.53 1.15 -7.55
CA ARG A 31 6.54 1.02 -8.64
C ARG A 31 6.89 1.88 -9.85
N GLY A 32 7.30 3.14 -9.66
CA GLY A 32 7.51 4.10 -10.75
C GLY A 32 8.70 3.80 -11.64
N GLN A 33 9.78 3.22 -11.10
CA GLN A 33 10.96 2.80 -11.88
C GLN A 33 10.79 1.39 -12.46
N LEU A 34 10.05 0.51 -11.78
CA LEU A 34 9.66 -0.81 -12.30
C LEU A 34 8.72 -0.71 -13.51
N ILE A 35 7.97 0.39 -13.63
CA ILE A 35 7.21 0.73 -14.85
C ILE A 35 8.07 1.49 -15.86
N ALA A 36 8.73 2.57 -15.42
CA ALA A 36 9.39 3.55 -16.30
C ALA A 36 10.58 4.23 -15.59
N GLU A 37 10.40 5.45 -15.07
CA GLU A 37 11.45 6.28 -14.48
C GLU A 37 10.81 7.40 -13.64
N GLN A 38 10.58 7.14 -12.35
CA GLN A 38 10.07 8.08 -11.32
C GLN A 38 8.93 9.02 -11.79
N LEU A 39 7.96 8.48 -12.55
CA LEU A 39 6.85 9.22 -13.16
C LEU A 39 5.49 8.52 -13.04
N ALA A 40 5.44 7.21 -13.29
CA ALA A 40 4.21 6.42 -13.15
C ALA A 40 3.68 6.42 -11.70
N PRO A 41 2.35 6.38 -11.48
CA PRO A 41 1.74 6.61 -10.17
C PRO A 41 2.06 5.52 -9.15
N LEU A 42 1.99 5.86 -7.86
CA LEU A 42 2.25 4.94 -6.76
C LEU A 42 1.10 3.96 -6.48
N ALA A 43 -0.16 4.44 -6.52
CA ALA A 43 -1.34 3.66 -6.14
C ALA A 43 -2.22 3.26 -7.33
N ALA A 44 -2.53 4.18 -8.26
CA ALA A 44 -3.54 3.97 -9.30
C ALA A 44 -3.25 2.73 -10.18
N THR A 45 -2.01 2.60 -10.66
CA THR A 45 -1.51 1.46 -11.45
C THR A 45 -1.29 0.21 -10.58
N ALA A 46 -0.85 0.37 -9.34
CA ALA A 46 -0.57 -0.72 -8.42
C ALA A 46 -1.85 -1.43 -7.94
N LEU A 47 -2.94 -0.69 -7.74
CA LEU A 47 -4.26 -1.22 -7.39
C LEU A 47 -4.91 -1.89 -8.61
N ALA A 48 -4.79 -1.27 -9.80
CA ALA A 48 -5.30 -1.84 -11.06
C ALA A 48 -4.68 -3.21 -11.39
N ARG A 49 -3.37 -3.40 -11.15
CA ARG A 49 -2.69 -4.71 -11.27
C ARG A 49 -2.79 -5.58 -10.00
N LYS A 50 -3.18 -5.00 -8.86
CA LYS A 50 -3.43 -5.64 -7.56
C LYS A 50 -2.13 -6.07 -6.83
N ASP A 51 -1.06 -5.29 -6.94
CA ASP A 51 0.28 -5.56 -6.39
C ASP A 51 0.44 -5.12 -4.92
N THR A 52 -0.05 -5.96 -4.00
CA THR A 52 0.05 -5.81 -2.54
C THR A 52 1.46 -5.57 -2.03
N ALA A 53 2.50 -6.00 -2.76
CA ALA A 53 3.90 -5.77 -2.46
C ALA A 53 4.23 -4.29 -2.21
N VAL A 54 3.73 -3.39 -3.07
CA VAL A 54 3.85 -1.93 -2.91
C VAL A 54 2.59 -1.32 -2.30
N LEU A 55 1.39 -1.94 -2.49
CA LEU A 55 0.15 -1.47 -1.88
C LEU A 55 0.24 -1.44 -0.34
N ASN A 56 0.97 -2.38 0.28
CA ASN A 56 1.32 -2.33 1.71
C ASN A 56 2.01 -1.02 2.11
N ARG A 57 3.14 -0.69 1.47
CA ARG A 57 3.94 0.50 1.82
C ARG A 57 3.13 1.79 1.63
N ILE A 58 2.53 1.98 0.45
CA ILE A 58 1.70 3.17 0.18
C ILE A 58 0.48 3.22 1.10
N ALA A 59 -0.08 2.09 1.53
CA ALA A 59 -1.17 2.10 2.50
C ALA A 59 -0.72 2.60 3.88
N ASN A 60 0.40 2.10 4.40
CA ASN A 60 0.90 2.50 5.71
C ASN A 60 1.35 3.98 5.77
N GLU A 61 1.58 4.63 4.62
CA GLU A 61 1.91 6.07 4.52
C GLU A 61 0.70 6.89 4.04
N ALA A 62 0.23 6.68 2.81
CA ALA A 62 -0.80 7.50 2.16
C ALA A 62 -2.24 7.13 2.58
N LEU A 63 -2.55 5.85 2.85
CA LEU A 63 -3.87 5.43 3.34
C LEU A 63 -4.01 5.58 4.88
N ASP A 64 -2.93 5.87 5.59
CA ASP A 64 -2.98 6.23 7.02
C ASP A 64 -3.51 7.67 7.24
N GLN A 65 -3.35 8.54 6.24
CA GLN A 65 -3.69 9.97 6.29
C GLN A 65 -5.15 10.23 6.72
N PRO A 66 -5.41 11.36 7.42
CA PRO A 66 -6.71 11.67 8.02
C PRO A 66 -7.87 11.85 7.01
N ASP A 67 -7.59 11.93 5.71
CA ASP A 67 -8.58 12.03 4.63
C ASP A 67 -9.13 10.68 4.13
N VAL A 68 -8.58 9.56 4.62
CA VAL A 68 -8.85 8.19 4.13
C VAL A 68 -10.02 7.52 4.87
N ARG A 69 -10.76 6.65 4.17
CA ARG A 69 -11.94 5.95 4.70
C ARG A 69 -11.55 4.61 5.38
N ALA A 70 -10.88 3.69 4.65
CA ALA A 70 -10.43 2.36 5.12
C ALA A 70 -9.63 1.56 4.06
N VAL A 71 -8.65 0.76 4.48
CA VAL A 71 -7.90 -0.17 3.60
C VAL A 71 -7.39 -1.39 4.38
N THR A 72 -7.21 -2.54 3.72
CA THR A 72 -6.80 -3.83 4.33
C THR A 72 -6.30 -4.78 3.25
N PHE A 73 -5.41 -5.72 3.58
CA PHE A 73 -4.81 -6.67 2.61
C PHE A 73 -4.44 -8.01 3.29
N LEU A 74 -4.69 -9.14 2.62
CA LEU A 74 -4.46 -10.49 3.15
C LEU A 74 -4.07 -11.50 2.06
N ASP A 75 -3.15 -12.42 2.38
CA ASP A 75 -2.81 -13.59 1.55
C ASP A 75 -3.62 -14.86 1.93
N ALA A 76 -3.55 -15.88 1.06
CA ALA A 76 -4.11 -17.22 1.25
C ALA A 76 -3.70 -17.89 2.58
N ARG A 77 -2.50 -17.54 3.08
CA ARG A 77 -1.90 -18.05 4.32
C ARG A 77 -2.60 -17.54 5.61
N GLN A 78 -3.58 -16.64 5.49
CA GLN A 78 -4.21 -15.90 6.60
C GLN A 78 -3.16 -14.97 7.27
N GLU A 79 -2.40 -14.25 6.45
CA GLU A 79 -1.43 -13.24 6.85
C GLU A 79 -1.90 -11.87 6.38
N ARG A 80 -2.05 -10.90 7.30
CA ARG A 80 -2.36 -9.51 6.98
C ARG A 80 -1.07 -8.82 6.49
N LEU A 81 -1.00 -8.47 5.20
CA LEU A 81 0.15 -7.74 4.65
C LEU A 81 0.13 -6.27 5.07
N ALA A 82 -1.07 -5.69 5.24
CA ALA A 82 -1.28 -4.28 5.57
C ALA A 82 -2.74 -3.99 5.95
N HIS A 83 -2.95 -2.77 6.46
CA HIS A 83 -4.20 -2.27 7.03
C HIS A 83 -4.01 -0.81 7.45
N ALA A 84 -5.00 0.05 7.19
CA ALA A 84 -4.96 1.49 7.45
C ALA A 84 -6.37 2.11 7.40
N GLY A 85 -6.53 3.27 8.04
CA GLY A 85 -7.84 3.84 8.41
C GLY A 85 -8.25 3.47 9.84
N PRO A 86 -9.30 4.12 10.38
CA PRO A 86 -9.61 4.15 11.81
C PRO A 86 -10.05 2.79 12.37
N SER A 87 -10.80 2.01 11.59
CA SER A 87 -11.37 0.72 11.99
C SER A 87 -10.50 -0.50 11.59
N MET A 88 -9.44 -0.29 10.80
CA MET A 88 -8.61 -1.37 10.23
C MET A 88 -7.25 -1.52 10.93
N LEU A 89 -6.61 -0.41 11.27
CA LEU A 89 -5.29 -0.34 11.92
C LEU A 89 -5.48 0.12 13.37
N THR A 90 -5.25 -0.80 14.32
CA THR A 90 -5.41 -0.58 15.77
C THR A 90 -4.51 0.55 16.29
N VAL A 91 -3.32 0.70 15.71
CA VAL A 91 -2.30 1.71 16.06
C VAL A 91 -2.32 2.95 15.12
N ALA A 92 -3.51 3.35 14.64
CA ALA A 92 -3.71 4.59 13.88
C ALA A 92 -4.20 5.76 14.78
N PRO A 93 -3.31 6.67 15.23
CA PRO A 93 -3.69 7.90 15.92
C PRO A 93 -4.15 9.01 14.95
N ALA A 94 -3.81 8.90 13.65
CA ALA A 94 -4.12 9.86 12.58
C ALA A 94 -3.40 11.22 12.76
N GLY A 95 -3.94 12.29 12.17
CA GLY A 95 -3.51 13.69 12.34
C GLY A 95 -2.33 14.11 11.46
N ASP A 96 -1.33 13.24 11.31
CA ASP A 96 -0.15 13.44 10.44
C ASP A 96 -0.17 12.49 9.23
N ALA A 97 0.74 12.73 8.27
CA ALA A 97 0.90 11.89 7.07
C ALA A 97 1.83 10.68 7.32
N SER A 98 3.09 10.92 7.66
CA SER A 98 4.10 9.87 7.86
C SER A 98 4.80 9.92 9.24
N HIS A 99 4.93 11.10 9.86
CA HIS A 99 5.62 11.26 11.15
C HIS A 99 4.94 10.56 12.36
N LEU A 100 3.67 10.15 12.22
CA LEU A 100 2.95 9.35 13.22
C LEU A 100 3.45 7.90 13.34
N SER A 101 4.28 7.42 12.41
CA SER A 101 4.64 6.01 12.26
C SER A 101 5.55 5.49 13.41
N MET A 102 4.91 5.21 14.55
CA MET A 102 5.52 4.66 15.77
C MET A 102 5.93 3.19 15.60
N SER A 103 5.07 2.40 14.94
CA SER A 103 5.34 1.04 14.47
C SER A 103 4.24 0.55 13.52
N THR A 104 4.62 0.03 12.35
CA THR A 104 3.74 -0.65 11.39
C THR A 104 3.70 -2.17 11.57
N GLU A 105 4.65 -2.71 12.35
CA GLU A 105 4.95 -4.14 12.53
C GLU A 105 5.41 -4.80 11.22
N LEU A 106 4.47 -5.13 10.32
CA LEU A 106 4.65 -5.80 9.01
C LEU A 106 5.14 -7.26 9.10
N ASP A 107 5.67 -7.69 10.26
CA ASP A 107 6.17 -9.04 10.53
C ASP A 107 5.14 -9.98 11.18
N THR A 108 4.01 -9.46 11.68
CA THR A 108 2.91 -10.23 12.32
C THR A 108 1.95 -10.84 11.29
N THR A 109 1.00 -11.65 11.77
CA THR A 109 0.00 -12.43 11.02
C THR A 109 -1.41 -11.84 11.22
N HIS A 110 -2.44 -12.39 10.55
CA HIS A 110 -3.84 -11.98 10.79
C HIS A 110 -4.48 -12.79 11.92
N PHE A 111 -4.57 -14.12 11.80
CA PHE A 111 -5.18 -15.00 12.81
C PHE A 111 -6.65 -14.61 13.11
N LEU A 112 -7.15 -14.79 14.34
CA LEU A 112 -8.47 -14.32 14.80
C LEU A 112 -8.34 -13.00 15.60
N LEU A 113 -8.01 -11.91 14.91
CA LEU A 113 -8.05 -10.54 15.45
C LEU A 113 -9.50 -10.00 15.55
N PRO A 114 -9.75 -8.96 16.37
CA PRO A 114 -11.06 -8.33 16.49
C PRO A 114 -11.43 -7.41 15.30
N VAL A 115 -10.47 -7.06 14.44
CA VAL A 115 -10.68 -6.22 13.24
C VAL A 115 -10.05 -6.90 12.01
N LEU A 116 -10.82 -6.96 10.91
CA LEU A 116 -10.44 -7.60 9.63
C LEU A 116 -11.41 -7.21 8.49
N GLY A 117 -10.94 -6.36 7.57
CA GLY A 117 -11.74 -5.87 6.43
C GLY A 117 -13.07 -5.22 6.84
N ARG A 118 -14.00 -5.12 5.89
CA ARG A 118 -15.37 -4.62 6.11
C ARG A 118 -16.38 -5.73 6.50
N HIS A 119 -15.98 -7.00 6.43
CA HIS A 119 -16.77 -8.18 6.82
C HIS A 119 -18.16 -8.25 6.14
N HIS A 120 -18.22 -7.86 4.86
CA HIS A 120 -19.45 -7.77 4.06
C HIS A 120 -19.19 -8.17 2.59
N SER A 121 -18.50 -7.32 1.82
CA SER A 121 -18.32 -7.54 0.36
C SER A 121 -17.14 -8.48 0.06
N LEU A 122 -15.93 -8.16 0.57
CA LEU A 122 -14.68 -8.93 0.44
C LEU A 122 -14.07 -8.91 -0.99
N SER A 123 -14.76 -8.31 -1.96
CA SER A 123 -14.40 -8.25 -3.39
C SER A 123 -13.18 -7.34 -3.69
N GLY A 124 -11.98 -7.85 -3.42
CA GLY A 124 -10.69 -7.22 -3.73
C GLY A 124 -9.86 -8.04 -4.71
N ALA A 125 -8.87 -8.76 -4.19
CA ALA A 125 -8.08 -9.75 -4.93
C ALA A 125 -8.83 -11.10 -4.99
N THR A 126 -9.91 -11.12 -5.79
CA THR A 126 -10.60 -12.35 -6.23
C THR A 126 -9.75 -13.16 -7.23
N GLU A 127 -8.75 -12.52 -7.84
CA GLU A 127 -7.69 -13.14 -8.63
C GLU A 127 -6.71 -13.97 -7.76
N PRO A 128 -5.99 -14.95 -8.34
CA PRO A 128 -5.07 -15.82 -7.60
C PRO A 128 -3.71 -15.17 -7.31
N ASP A 129 -2.79 -15.95 -6.74
CA ASP A 129 -1.39 -15.59 -6.43
C ASP A 129 -0.60 -15.02 -7.63
N ASP A 130 -1.05 -15.28 -8.86
CA ASP A 130 -0.43 -14.80 -10.11
C ASP A 130 -0.44 -13.26 -10.24
N GLU A 131 -1.35 -12.58 -9.54
CA GLU A 131 -1.37 -11.13 -9.37
C GLU A 131 -0.42 -10.71 -8.23
N ARG A 132 -0.73 -11.12 -6.98
CA ARG A 132 0.14 -11.01 -5.80
C ARG A 132 -0.39 -11.79 -4.60
N VAL A 133 -1.66 -11.58 -4.24
CA VAL A 133 -2.35 -12.25 -3.12
C VAL A 133 -3.68 -12.86 -3.58
N LEU A 134 -4.10 -13.95 -2.92
CA LEU A 134 -5.37 -14.65 -3.18
C LEU A 134 -6.41 -14.41 -2.06
N GLY A 135 -6.00 -13.93 -0.88
CA GLY A 135 -6.84 -13.84 0.32
C GLY A 135 -7.97 -12.81 0.17
N TRP A 136 -7.62 -11.53 0.24
CA TRP A 136 -8.50 -10.37 -0.02
C TRP A 136 -7.76 -9.03 0.06
N VAL A 137 -8.46 -7.94 -0.27
CA VAL A 137 -8.02 -6.54 -0.09
C VAL A 137 -9.25 -5.63 -0.08
N GLU A 138 -9.22 -4.63 0.80
CA GLU A 138 -10.24 -3.60 0.95
C GLU A 138 -9.71 -2.28 0.38
N LEU A 139 -10.58 -1.44 -0.19
CA LEU A 139 -10.20 -0.22 -0.92
C LEU A 139 -11.26 0.87 -0.79
N GLU A 140 -11.07 1.78 0.17
CA GLU A 140 -12.03 2.85 0.50
C GLU A 140 -11.27 4.16 0.80
N LEU A 141 -11.33 5.12 -0.13
CA LEU A 141 -10.54 6.36 -0.15
C LEU A 141 -11.03 7.36 -1.20
N SER A 142 -10.36 8.50 -1.31
CA SER A 142 -10.47 9.45 -2.43
C SER A 142 -9.97 8.86 -3.77
N HIS A 143 -10.23 9.51 -4.90
CA HIS A 143 -9.88 8.97 -6.23
C HIS A 143 -8.36 8.78 -6.47
N HIS A 144 -7.53 9.52 -5.72
CA HIS A 144 -6.05 9.50 -5.70
C HIS A 144 -5.45 10.28 -6.89
N GLY A 145 -4.55 11.24 -6.61
CA GLY A 145 -3.96 12.15 -7.60
C GLY A 145 -4.77 13.44 -7.83
N THR A 146 -6.02 13.52 -7.34
CA THR A 146 -6.90 14.70 -7.42
C THR A 146 -7.82 14.76 -6.20
N LEU A 147 -7.88 15.93 -5.55
CA LEU A 147 -8.79 16.28 -4.43
C LEU A 147 -8.48 15.49 -3.14
N LEU A 148 -7.41 15.89 -2.44
CA LEU A 148 -6.90 15.27 -1.20
C LEU A 148 -6.02 16.24 -0.38
N ARG A 149 -5.69 15.86 0.86
CA ARG A 149 -4.92 16.64 1.84
C ARG A 149 -4.42 15.77 3.01
N GLY A 150 -3.46 16.27 3.79
CA GLY A 150 -2.91 15.58 4.98
C GLY A 150 -1.79 16.37 5.67
N MET A 1 2.29 7.96 -17.96
CA MET A 1 1.87 7.15 -16.81
C MET A 1 2.58 5.79 -16.71
N GLY A 2 3.60 5.57 -17.53
CA GLY A 2 4.44 4.36 -17.55
C GLY A 2 5.11 4.06 -18.88
N HIS A 3 5.89 5.02 -19.42
CA HIS A 3 6.52 4.92 -20.74
C HIS A 3 7.81 5.77 -20.83
N HIS A 4 8.80 5.46 -19.97
CA HIS A 4 10.13 6.09 -19.97
C HIS A 4 11.22 5.08 -19.53
N HIS A 5 12.42 5.17 -20.06
CA HIS A 5 13.56 4.29 -19.77
C HIS A 5 14.90 4.99 -20.11
N HIS A 6 15.60 5.53 -19.10
CA HIS A 6 16.87 6.20 -19.21
C HIS A 6 17.75 6.05 -17.93
N HIS A 7 17.51 5.01 -17.16
CA HIS A 7 18.15 4.76 -15.84
C HIS A 7 18.43 3.27 -15.59
N HIS A 8 19.24 2.94 -14.57
CA HIS A 8 19.52 1.58 -14.13
C HIS A 8 18.32 0.96 -13.37
N SER A 9 18.17 -0.36 -13.39
CA SER A 9 17.03 -1.05 -12.77
C SER A 9 17.15 -1.10 -11.23
N SER A 10 16.14 -0.53 -10.53
CA SER A 10 15.97 -0.57 -9.06
C SER A 10 17.14 0.02 -8.25
N GLY A 11 17.98 0.85 -8.86
CA GLY A 11 19.18 1.48 -8.25
C GLY A 11 19.00 2.93 -7.82
N VAL A 12 20.04 3.47 -7.17
CA VAL A 12 20.16 4.87 -6.76
C VAL A 12 20.61 5.78 -7.93
N ASP A 13 20.24 7.07 -7.87
CA ASP A 13 20.61 8.07 -8.89
C ASP A 13 22.06 8.57 -8.76
N LEU A 14 22.72 8.35 -7.62
CA LEU A 14 24.13 8.71 -7.35
C LEU A 14 24.79 7.99 -6.16
N GLY A 15 24.02 7.58 -5.14
CA GLY A 15 24.55 7.06 -3.87
C GLY A 15 23.74 7.55 -2.67
N THR A 16 24.10 8.69 -2.08
CA THR A 16 23.53 9.26 -0.85
C THR A 16 22.03 9.61 -0.93
N GLU A 17 21.43 9.60 -2.13
CA GLU A 17 19.97 9.65 -2.33
C GLU A 17 19.21 8.57 -1.52
N ASN A 18 19.85 7.44 -1.19
CA ASN A 18 19.25 6.41 -0.33
C ASN A 18 18.94 6.89 1.11
N LEU A 19 19.52 8.01 1.56
CA LEU A 19 19.24 8.60 2.87
C LEU A 19 17.82 9.22 2.95
N TYR A 20 17.34 9.75 1.82
CA TYR A 20 16.01 10.36 1.68
C TYR A 20 14.92 9.35 1.26
N PHE A 21 15.31 8.11 0.92
CA PHE A 21 14.44 7.06 0.40
C PHE A 21 13.40 6.59 1.43
N GLN A 22 13.79 6.46 2.71
CA GLN A 22 12.96 6.03 3.85
C GLN A 22 11.95 4.94 3.46
N SER A 23 10.64 5.16 3.60
CA SER A 23 9.59 4.30 3.02
C SER A 23 8.99 4.86 1.72
N MET A 24 9.16 6.15 1.41
CA MET A 24 8.56 6.80 0.24
C MET A 24 9.11 6.26 -1.07
N ARG A 25 10.44 6.21 -1.25
CA ARG A 25 11.02 5.55 -2.43
C ARG A 25 10.89 4.03 -2.36
N ALA A 26 10.86 3.42 -1.18
CA ALA A 26 10.64 1.97 -1.03
C ALA A 26 9.30 1.48 -1.61
N GLN A 27 8.33 2.37 -1.79
CA GLN A 27 7.06 2.10 -2.49
C GLN A 27 6.98 2.76 -3.88
N LEU A 28 7.44 4.00 -4.06
CA LEU A 28 7.41 4.69 -5.37
C LEU A 28 8.30 4.01 -6.41
N ILE A 29 9.49 3.54 -6.03
CA ILE A 29 10.43 2.87 -6.95
C ILE A 29 9.97 1.42 -7.24
N GLU A 30 9.48 0.72 -6.22
CA GLU A 30 9.01 -0.67 -6.30
C GLU A 30 7.89 -0.88 -7.33
N ARG A 31 7.09 0.14 -7.64
CA ARG A 31 6.13 0.12 -8.76
C ARG A 31 6.61 0.97 -9.95
N GLY A 32 7.13 2.18 -9.70
CA GLY A 32 7.46 3.17 -10.73
C GLY A 32 8.66 2.82 -11.59
N GLN A 33 9.70 2.20 -11.02
CA GLN A 33 10.88 1.75 -11.76
C GLN A 33 10.68 0.35 -12.36
N LEU A 34 9.77 -0.47 -11.80
CA LEU A 34 9.36 -1.76 -12.36
C LEU A 34 8.53 -1.59 -13.64
N ILE A 35 7.67 -0.56 -13.69
CA ILE A 35 6.95 -0.17 -14.92
C ILE A 35 7.87 0.63 -15.86
N ALA A 36 8.56 1.66 -15.36
CA ALA A 36 9.24 2.68 -16.14
C ALA A 36 10.38 3.35 -15.32
N GLU A 37 10.22 4.60 -14.91
CA GLU A 37 11.25 5.43 -14.27
C GLU A 37 10.63 6.67 -13.61
N GLN A 38 10.24 6.56 -12.33
CA GLN A 38 9.77 7.66 -11.48
C GLN A 38 8.63 8.47 -12.11
N LEU A 39 7.71 7.79 -12.81
CA LEU A 39 6.62 8.38 -13.61
C LEU A 39 5.27 7.68 -13.38
N ALA A 40 5.24 6.35 -13.38
CA ALA A 40 4.03 5.57 -13.14
C ALA A 40 3.50 5.76 -11.70
N PRO A 41 2.16 5.78 -11.48
CA PRO A 41 1.56 6.06 -10.19
C PRO A 41 1.82 4.96 -9.17
N LEU A 42 1.80 5.32 -7.88
CA LEU A 42 2.03 4.38 -6.78
C LEU A 42 0.82 3.45 -6.51
N ALA A 43 -0.42 3.97 -6.56
CA ALA A 43 -1.62 3.21 -6.21
C ALA A 43 -2.53 2.87 -7.40
N ALA A 44 -2.78 3.80 -8.32
CA ALA A 44 -3.82 3.64 -9.36
C ALA A 44 -3.60 2.39 -10.24
N THR A 45 -2.37 2.21 -10.76
CA THR A 45 -1.96 1.03 -11.54
C THR A 45 -1.86 -0.21 -10.66
N ALA A 46 -1.29 -0.09 -9.46
CA ALA A 46 -1.06 -1.20 -8.54
C ALA A 46 -2.36 -1.84 -8.03
N LEU A 47 -3.41 -1.04 -7.79
CA LEU A 47 -4.74 -1.51 -7.38
C LEU A 47 -5.46 -2.17 -8.56
N ALA A 48 -5.38 -1.58 -9.76
CA ALA A 48 -5.96 -2.14 -10.98
C ALA A 48 -5.43 -3.55 -11.32
N ARG A 49 -4.13 -3.81 -11.08
CA ARG A 49 -3.51 -5.14 -11.18
C ARG A 49 -3.51 -5.95 -9.88
N LYS A 50 -4.01 -5.37 -8.77
CA LYS A 50 -4.18 -5.99 -7.45
C LYS A 50 -2.88 -6.38 -6.73
N ASP A 51 -1.78 -5.67 -6.97
CA ASP A 51 -0.42 -5.98 -6.46
C ASP A 51 -0.22 -5.58 -4.99
N THR A 52 -0.83 -6.38 -4.10
CA THR A 52 -0.72 -6.28 -2.64
C THR A 52 0.72 -6.23 -2.13
N ALA A 53 1.71 -6.71 -2.90
CA ALA A 53 3.13 -6.56 -2.63
C ALA A 53 3.56 -5.09 -2.41
N VAL A 54 3.05 -4.16 -3.22
CA VAL A 54 3.29 -2.70 -3.05
C VAL A 54 2.09 -1.98 -2.45
N LEU A 55 0.85 -2.48 -2.65
CA LEU A 55 -0.33 -1.96 -1.97
C LEU A 55 -0.19 -2.01 -0.45
N ASN A 56 0.50 -3.02 0.09
CA ASN A 56 0.94 -3.11 1.48
C ASN A 56 1.64 -1.83 1.98
N ARG A 57 2.73 -1.41 1.31
CA ARG A 57 3.53 -0.26 1.73
C ARG A 57 2.75 1.05 1.57
N ILE A 58 2.15 1.30 0.39
CA ILE A 58 1.41 2.55 0.15
C ILE A 58 0.18 2.66 1.07
N ALA A 59 -0.45 1.55 1.46
CA ALA A 59 -1.52 1.58 2.45
C ALA A 59 -1.02 2.05 3.82
N ASN A 60 0.09 1.48 4.29
CA ASN A 60 0.71 1.85 5.57
C ASN A 60 1.31 3.28 5.61
N GLU A 61 1.29 4.04 4.50
CA GLU A 61 1.78 5.42 4.43
C GLU A 61 0.72 6.40 3.91
N ALA A 62 0.17 6.19 2.71
CA ALA A 62 -0.81 7.07 2.07
C ALA A 62 -2.24 6.81 2.54
N LEU A 63 -2.65 5.54 2.74
CA LEU A 63 -3.98 5.22 3.29
C LEU A 63 -4.03 5.41 4.82
N ASP A 64 -2.87 5.56 5.47
CA ASP A 64 -2.73 5.91 6.89
C ASP A 64 -3.09 7.39 7.19
N GLN A 65 -3.22 8.22 6.15
CA GLN A 65 -3.54 9.64 6.23
C GLN A 65 -5.00 9.93 6.68
N PRO A 66 -5.28 11.10 7.30
CA PRO A 66 -6.61 11.43 7.82
C PRO A 66 -7.69 11.65 6.75
N ASP A 67 -7.33 11.80 5.46
CA ASP A 67 -8.27 12.01 4.35
C ASP A 67 -8.94 10.70 3.85
N VAL A 68 -8.56 9.56 4.44
CA VAL A 68 -8.86 8.19 3.97
C VAL A 68 -10.01 7.57 4.77
N ARG A 69 -10.85 6.76 4.11
CA ARG A 69 -12.03 6.14 4.73
C ARG A 69 -11.75 4.73 5.30
N ALA A 70 -11.11 3.82 4.55
CA ALA A 70 -10.73 2.46 5.00
C ALA A 70 -9.95 1.64 3.94
N VAL A 71 -9.04 0.76 4.37
CA VAL A 71 -8.32 -0.21 3.52
C VAL A 71 -7.86 -1.43 4.33
N THR A 72 -7.76 -2.61 3.71
CA THR A 72 -7.37 -3.89 4.34
C THR A 72 -6.90 -4.88 3.27
N PHE A 73 -6.02 -5.84 3.61
CA PHE A 73 -5.48 -6.84 2.67
C PHE A 73 -5.17 -8.16 3.40
N LEU A 74 -5.48 -9.30 2.78
CA LEU A 74 -5.26 -10.64 3.35
C LEU A 74 -5.17 -11.71 2.24
N ASP A 75 -4.37 -12.76 2.47
CA ASP A 75 -4.22 -13.92 1.58
C ASP A 75 -4.95 -15.17 2.09
N ALA A 76 -5.04 -16.21 1.25
CA ALA A 76 -5.62 -17.53 1.54
C ALA A 76 -5.11 -18.16 2.85
N ARG A 77 -3.85 -17.91 3.20
CA ARG A 77 -3.17 -18.32 4.43
C ARG A 77 -3.77 -17.71 5.73
N GLN A 78 -4.71 -16.77 5.60
CA GLN A 78 -5.38 -16.01 6.68
C GLN A 78 -4.42 -15.03 7.37
N GLU A 79 -3.41 -14.53 6.63
CA GLU A 79 -2.46 -13.53 7.10
C GLU A 79 -2.89 -12.14 6.60
N ARG A 80 -3.23 -11.24 7.53
CA ARG A 80 -3.50 -9.83 7.24
C ARG A 80 -2.17 -9.16 6.91
N LEU A 81 -1.99 -8.75 5.66
CA LEU A 81 -0.74 -8.19 5.15
C LEU A 81 -0.63 -6.73 5.57
N ALA A 82 -1.72 -5.97 5.38
CA ALA A 82 -1.82 -4.55 5.69
C ALA A 82 -3.27 -4.14 5.99
N HIS A 83 -3.44 -2.93 6.52
CA HIS A 83 -4.68 -2.39 7.06
C HIS A 83 -4.46 -0.93 7.48
N ALA A 84 -5.43 -0.05 7.19
CA ALA A 84 -5.35 1.39 7.39
C ALA A 84 -6.73 2.08 7.28
N GLY A 85 -6.86 3.24 7.91
CA GLY A 85 -8.14 3.87 8.24
C GLY A 85 -8.65 3.47 9.64
N PRO A 86 -9.62 4.21 10.19
CA PRO A 86 -9.97 4.20 11.62
C PRO A 86 -10.57 2.88 12.11
N SER A 87 -11.36 2.18 11.27
CA SER A 87 -11.97 0.89 11.62
C SER A 87 -11.06 -0.34 11.39
N MET A 88 -10.02 -0.18 10.55
CA MET A 88 -9.22 -1.30 10.01
C MET A 88 -7.89 -1.49 10.74
N LEU A 89 -7.21 -0.38 11.07
CA LEU A 89 -5.94 -0.36 11.80
C LEU A 89 -6.21 0.01 13.26
N THR A 90 -5.89 -0.91 14.17
CA THR A 90 -6.04 -0.75 15.63
C THR A 90 -5.22 0.41 16.18
N VAL A 91 -4.01 0.60 15.61
CA VAL A 91 -3.01 1.62 16.00
C VAL A 91 -3.15 2.88 15.12
N ALA A 92 -4.39 3.32 14.84
CA ALA A 92 -4.70 4.55 14.09
C ALA A 92 -5.30 5.64 15.02
N PRO A 93 -4.46 6.49 15.64
CA PRO A 93 -4.92 7.65 16.40
C PRO A 93 -5.33 8.84 15.49
N ALA A 94 -4.98 8.78 14.20
CA ALA A 94 -5.32 9.76 13.15
C ALA A 94 -4.58 11.10 13.31
N GLY A 95 -5.03 12.15 12.60
CA GLY A 95 -4.53 13.52 12.65
C GLY A 95 -3.25 13.77 11.84
N ASP A 96 -2.26 12.88 11.98
CA ASP A 96 -0.99 12.90 11.25
C ASP A 96 -1.02 12.05 9.97
N ALA A 97 -0.17 12.40 8.99
CA ALA A 97 -0.06 11.70 7.70
C ALA A 97 0.64 10.33 7.84
N SER A 98 1.92 10.34 8.24
CA SER A 98 2.77 9.15 8.44
C SER A 98 3.26 8.98 9.90
N HIS A 99 3.40 10.08 10.65
CA HIS A 99 3.98 10.10 12.00
C HIS A 99 3.15 9.36 13.07
N LEU A 100 1.91 8.97 12.75
CA LEU A 100 1.04 8.16 13.62
C LEU A 100 1.48 6.69 13.74
N SER A 101 2.28 6.16 12.81
CA SER A 101 2.67 4.74 12.77
C SER A 101 3.86 4.51 11.81
N MET A 102 5.08 4.92 12.22
CA MET A 102 6.28 4.87 11.35
C MET A 102 6.86 3.45 11.19
N SER A 103 6.77 2.61 12.21
CA SER A 103 7.20 1.20 12.18
C SER A 103 5.99 0.25 12.19
N THR A 104 5.88 -0.64 11.19
CA THR A 104 4.73 -1.50 10.93
C THR A 104 5.11 -2.98 10.97
N GLU A 105 5.86 -3.43 9.96
CA GLU A 105 6.41 -4.79 9.77
C GLU A 105 5.34 -5.79 9.27
N LEU A 106 5.78 -6.90 8.65
CA LEU A 106 4.90 -7.89 7.99
C LEU A 106 4.41 -9.02 8.92
N ASP A 107 4.82 -9.03 10.19
CA ASP A 107 4.42 -10.02 11.19
C ASP A 107 3.01 -9.78 11.78
N THR A 108 2.26 -8.81 11.23
CA THR A 108 0.94 -8.33 11.71
C THR A 108 -0.22 -9.22 11.29
N THR A 109 -0.05 -10.55 11.42
CA THR A 109 -1.02 -11.61 11.11
C THR A 109 -2.38 -11.34 11.76
N HIS A 110 -3.45 -11.88 11.17
CA HIS A 110 -4.83 -11.72 11.65
C HIS A 110 -4.99 -12.12 13.14
N PHE A 111 -4.18 -13.07 13.62
CA PHE A 111 -4.17 -13.59 14.98
C PHE A 111 -3.87 -12.54 16.09
N LEU A 112 -3.43 -11.32 15.72
CA LEU A 112 -3.26 -10.19 16.64
C LEU A 112 -4.56 -9.79 17.36
N LEU A 113 -5.67 -9.61 16.62
CA LEU A 113 -6.95 -9.08 17.12
C LEU A 113 -8.11 -10.07 16.90
N PRO A 114 -9.22 -9.97 17.68
CA PRO A 114 -10.38 -10.85 17.58
C PRO A 114 -11.38 -10.45 16.47
N VAL A 115 -11.14 -9.38 15.72
CA VAL A 115 -12.04 -8.83 14.68
C VAL A 115 -11.23 -8.13 13.59
N LEU A 116 -11.80 -8.04 12.37
CA LEU A 116 -11.16 -7.53 11.17
C LEU A 116 -12.17 -6.93 10.18
N GLY A 117 -11.68 -6.08 9.27
CA GLY A 117 -12.45 -5.56 8.13
C GLY A 117 -13.68 -4.74 8.53
N ARG A 118 -14.65 -4.69 7.60
CA ARG A 118 -16.00 -4.11 7.77
C ARG A 118 -17.10 -5.19 7.62
N HIS A 119 -16.79 -6.45 7.94
CA HIS A 119 -17.70 -7.62 7.91
C HIS A 119 -18.03 -8.12 6.48
N HIS A 120 -17.33 -7.65 5.45
CA HIS A 120 -17.46 -8.10 4.06
C HIS A 120 -16.11 -8.58 3.49
N SER A 121 -16.10 -9.75 2.83
CA SER A 121 -14.94 -10.27 2.08
C SER A 121 -15.05 -10.04 0.56
N LEU A 122 -16.20 -9.52 0.09
CA LEU A 122 -16.50 -9.20 -1.32
C LEU A 122 -15.79 -7.91 -1.78
N SER A 123 -15.82 -7.66 -3.09
CA SER A 123 -15.34 -6.42 -3.76
C SER A 123 -13.80 -6.30 -3.82
N GLY A 124 -13.07 -7.32 -3.38
CA GLY A 124 -11.60 -7.36 -3.30
C GLY A 124 -10.94 -8.26 -4.35
N ALA A 125 -9.82 -8.88 -3.97
CA ALA A 125 -9.08 -9.86 -4.76
C ALA A 125 -9.82 -11.21 -4.86
N THR A 126 -10.88 -11.23 -5.69
CA THR A 126 -11.60 -12.46 -6.09
C THR A 126 -10.80 -13.30 -7.11
N GLU A 127 -9.79 -12.70 -7.75
CA GLU A 127 -8.80 -13.37 -8.59
C GLU A 127 -7.83 -14.23 -7.75
N PRO A 128 -7.18 -15.24 -8.35
CA PRO A 128 -6.23 -16.14 -7.67
C PRO A 128 -4.85 -15.50 -7.46
N ASP A 129 -3.91 -16.31 -6.94
CA ASP A 129 -2.50 -15.98 -6.70
C ASP A 129 -1.73 -15.40 -7.92
N ASP A 130 -2.26 -15.63 -9.13
CA ASP A 130 -1.73 -15.11 -10.40
C ASP A 130 -1.58 -13.57 -10.41
N GLU A 131 -2.45 -12.86 -9.69
CA GLU A 131 -2.37 -11.41 -9.51
C GLU A 131 -1.39 -11.05 -8.37
N ARG A 132 -1.57 -11.66 -7.18
CA ARG A 132 -0.72 -11.57 -5.98
C ARG A 132 -1.30 -12.36 -4.79
N VAL A 133 -2.57 -12.11 -4.42
CA VAL A 133 -3.26 -12.73 -3.26
C VAL A 133 -4.64 -13.25 -3.65
N LEU A 134 -5.08 -14.33 -2.99
CA LEU A 134 -6.36 -15.01 -3.24
C LEU A 134 -7.44 -14.70 -2.17
N GLY A 135 -7.06 -14.12 -1.02
CA GLY A 135 -7.95 -13.88 0.13
C GLY A 135 -8.99 -12.79 -0.13
N TRP A 136 -8.62 -11.52 0.08
CA TRP A 136 -9.44 -10.32 -0.14
C TRP A 136 -8.66 -9.01 0.04
N VAL A 137 -9.34 -7.87 -0.19
CA VAL A 137 -8.84 -6.49 -0.02
C VAL A 137 -10.01 -5.50 -0.01
N GLU A 138 -9.98 -4.53 0.89
CA GLU A 138 -10.93 -3.40 0.96
C GLU A 138 -10.27 -2.15 0.36
N LEU A 139 -11.07 -1.22 -0.19
CA LEU A 139 -10.58 -0.01 -0.88
C LEU A 139 -11.60 1.15 -0.83
N GLU A 140 -11.57 1.94 0.24
CA GLU A 140 -12.42 3.12 0.47
C GLU A 140 -11.57 4.38 0.70
N LEU A 141 -11.54 5.26 -0.29
CA LEU A 141 -10.68 6.45 -0.34
C LEU A 141 -11.13 7.45 -1.44
N SER A 142 -10.31 8.43 -1.77
CA SER A 142 -10.49 9.34 -2.90
C SER A 142 -10.30 8.66 -4.27
N HIS A 143 -10.39 9.40 -5.37
CA HIS A 143 -10.06 8.89 -6.71
C HIS A 143 -8.53 8.69 -6.93
N HIS A 144 -7.68 9.22 -6.05
CA HIS A 144 -6.20 9.21 -6.12
C HIS A 144 -5.65 10.02 -7.32
N GLY A 145 -4.33 10.21 -7.40
CA GLY A 145 -3.61 10.85 -8.53
C GLY A 145 -3.66 12.39 -8.52
N THR A 146 -4.68 12.98 -7.89
CA THR A 146 -4.79 14.40 -7.54
C THR A 146 -3.81 14.79 -6.43
N LEU A 147 -3.69 16.09 -6.16
CA LEU A 147 -2.74 16.64 -5.19
C LEU A 147 -3.02 16.17 -3.76
N LEU A 148 -4.30 16.22 -3.35
CA LEU A 148 -4.82 15.84 -2.02
C LEU A 148 -4.20 16.68 -0.88
N ARG A 149 -4.50 16.32 0.39
CA ARG A 149 -3.97 16.98 1.60
C ARG A 149 -4.20 16.14 2.87
N GLY A 150 -3.27 16.18 3.81
CA GLY A 150 -3.37 15.56 5.14
C GLY A 150 -3.88 16.56 6.20
N MET A 1 1.76 7.99 -15.08
CA MET A 1 1.56 7.77 -16.52
C MET A 1 2.43 6.64 -17.08
N GLY A 2 3.72 6.59 -16.71
CA GLY A 2 4.66 5.56 -17.14
C GLY A 2 5.10 5.68 -18.61
N HIS A 3 5.07 6.90 -19.16
CA HIS A 3 5.61 7.18 -20.51
C HIS A 3 7.15 7.09 -20.54
N HIS A 4 7.70 6.85 -21.74
CA HIS A 4 9.13 6.62 -22.03
C HIS A 4 9.65 5.25 -21.48
N HIS A 5 10.86 4.86 -21.89
CA HIS A 5 11.55 3.65 -21.45
C HIS A 5 13.07 3.79 -21.65
N HIS A 6 13.87 3.21 -20.76
CA HIS A 6 15.33 3.13 -20.89
C HIS A 6 15.88 1.98 -20.01
N HIS A 7 15.54 1.97 -18.72
CA HIS A 7 15.72 0.86 -17.78
C HIS A 7 14.38 0.38 -17.17
N HIS A 8 14.42 -0.68 -16.35
CA HIS A 8 13.27 -1.25 -15.61
C HIS A 8 13.70 -2.00 -14.32
N SER A 9 14.85 -1.67 -13.73
CA SER A 9 15.38 -2.30 -12.52
C SER A 9 15.43 -1.31 -11.35
N SER A 10 14.85 -1.68 -10.19
CA SER A 10 14.89 -0.89 -8.95
C SER A 10 16.01 -1.35 -8.00
N GLY A 11 16.54 -0.42 -7.19
CA GLY A 11 17.50 -0.69 -6.12
C GLY A 11 18.13 0.57 -5.52
N VAL A 12 18.66 0.45 -4.30
CA VAL A 12 19.47 1.47 -3.64
C VAL A 12 20.89 1.47 -4.21
N ASP A 13 21.47 2.66 -4.46
CA ASP A 13 22.80 2.78 -5.09
C ASP A 13 23.97 2.61 -4.10
N LEU A 14 23.68 2.65 -2.78
CA LEU A 14 24.64 2.43 -1.69
C LEU A 14 24.02 2.03 -0.33
N GLY A 15 22.70 2.14 -0.14
CA GLY A 15 21.99 1.73 1.09
C GLY A 15 21.14 2.80 1.79
N THR A 16 21.03 4.02 1.24
CA THR A 16 20.35 5.16 1.87
C THR A 16 19.39 5.95 0.95
N GLU A 17 19.09 5.44 -0.25
CA GLU A 17 18.30 6.16 -1.26
C GLU A 17 16.90 6.53 -0.75
N ASN A 18 16.28 5.66 0.04
CA ASN A 18 14.97 5.86 0.66
C ASN A 18 14.95 6.96 1.74
N LEU A 19 16.10 7.37 2.29
CA LEU A 19 16.17 8.37 3.36
C LEU A 19 15.83 9.80 2.87
N TYR A 20 15.80 10.01 1.55
CA TYR A 20 15.51 11.31 0.91
C TYR A 20 14.05 11.78 1.05
N PHE A 21 13.10 10.84 1.20
CA PHE A 21 11.66 11.13 1.32
C PHE A 21 10.89 10.04 2.10
N GLN A 22 11.58 9.33 3.01
CA GLN A 22 11.05 8.27 3.89
C GLN A 22 10.64 7.01 3.10
N SER A 23 9.79 6.15 3.66
CA SER A 23 9.22 5.00 2.93
C SER A 23 8.44 5.43 1.67
N MET A 24 7.98 6.69 1.61
CA MET A 24 7.40 7.29 0.41
C MET A 24 8.40 7.38 -0.76
N ARG A 25 9.71 7.55 -0.54
CA ARG A 25 10.71 7.38 -1.61
C ARG A 25 10.81 5.90 -2.03
N ALA A 26 10.92 4.99 -1.05
CA ALA A 26 11.08 3.55 -1.32
C ALA A 26 9.97 3.01 -2.22
N GLN A 27 8.71 3.29 -1.89
CA GLN A 27 7.54 2.81 -2.66
C GLN A 27 7.39 3.46 -4.04
N LEU A 28 7.74 4.75 -4.19
CA LEU A 28 7.74 5.44 -5.49
C LEU A 28 8.72 4.79 -6.46
N ILE A 29 9.93 4.45 -5.98
CA ILE A 29 10.96 3.80 -6.81
C ILE A 29 10.63 2.31 -7.02
N GLU A 30 10.20 1.58 -5.99
CA GLU A 30 9.87 0.15 -6.02
C GLU A 30 8.91 -0.22 -7.16
N ARG A 31 7.85 0.56 -7.39
CA ARG A 31 6.94 0.35 -8.53
C ARG A 31 7.33 1.20 -9.75
N GLY A 32 7.68 2.48 -9.55
CA GLY A 32 7.90 3.44 -10.64
C GLY A 32 9.15 3.17 -11.47
N GLN A 33 10.21 2.61 -10.87
CA GLN A 33 11.45 2.23 -11.55
C GLN A 33 11.43 0.77 -12.06
N LEU A 34 10.39 -0.01 -11.71
CA LEU A 34 10.06 -1.29 -12.37
C LEU A 34 9.26 -1.07 -13.66
N ILE A 35 8.29 -0.15 -13.66
CA ILE A 35 7.50 0.19 -14.86
C ILE A 35 8.34 0.97 -15.87
N ALA A 36 8.99 2.04 -15.42
CA ALA A 36 9.74 3.00 -16.23
C ALA A 36 10.89 3.56 -15.37
N GLU A 37 10.96 4.89 -15.19
CA GLU A 37 11.95 5.57 -14.37
C GLU A 37 11.30 6.76 -13.64
N GLN A 38 10.86 6.54 -12.39
CA GLN A 38 10.29 7.49 -11.42
C GLN A 38 9.14 8.40 -11.92
N LEU A 39 8.52 8.07 -13.07
CA LEU A 39 7.45 8.84 -13.73
C LEU A 39 6.18 7.98 -13.99
N ALA A 40 6.09 6.80 -13.38
CA ALA A 40 4.91 5.93 -13.38
C ALA A 40 4.17 5.99 -12.02
N PRO A 41 2.86 5.65 -11.96
CA PRO A 41 2.05 5.87 -10.78
C PRO A 41 2.31 4.80 -9.70
N LEU A 42 2.32 5.22 -8.43
CA LEU A 42 2.52 4.31 -7.30
C LEU A 42 1.29 3.43 -7.02
N ALA A 43 0.06 3.94 -7.19
CA ALA A 43 -1.16 3.25 -6.81
C ALA A 43 -2.05 2.84 -7.99
N ALA A 44 -2.26 3.69 -9.01
CA ALA A 44 -3.22 3.43 -10.11
C ALA A 44 -3.07 2.03 -10.74
N THR A 45 -1.85 1.74 -11.22
CA THR A 45 -1.44 0.47 -11.83
C THR A 45 -1.34 -0.66 -10.81
N ALA A 46 -0.75 -0.40 -9.63
CA ALA A 46 -0.57 -1.40 -8.57
C ALA A 46 -1.91 -1.92 -8.04
N LEU A 47 -2.92 -1.05 -7.89
CA LEU A 47 -4.28 -1.41 -7.50
C LEU A 47 -4.97 -2.18 -8.63
N ALA A 48 -4.87 -1.71 -9.87
CA ALA A 48 -5.47 -2.37 -11.04
C ALA A 48 -4.99 -3.82 -11.24
N ARG A 49 -3.72 -4.12 -10.95
CA ARG A 49 -3.16 -5.49 -10.93
C ARG A 49 -3.16 -6.16 -9.53
N LYS A 50 -3.63 -5.45 -8.50
CA LYS A 50 -3.82 -5.92 -7.12
C LYS A 50 -2.52 -6.34 -6.39
N ASP A 51 -1.43 -5.58 -6.57
CA ASP A 51 -0.06 -5.91 -6.17
C ASP A 51 0.31 -5.50 -4.73
N THR A 52 -0.18 -6.27 -3.75
CA THR A 52 0.04 -6.06 -2.30
C THR A 52 1.51 -5.89 -1.89
N ALA A 53 2.46 -6.40 -2.68
CA ALA A 53 3.89 -6.20 -2.49
C ALA A 53 4.28 -4.72 -2.35
N VAL A 54 3.71 -3.84 -3.18
CA VAL A 54 3.84 -2.37 -3.04
C VAL A 54 2.60 -1.74 -2.39
N LEU A 55 1.41 -2.34 -2.54
CA LEU A 55 0.18 -1.81 -1.94
C LEU A 55 0.29 -1.73 -0.40
N ASN A 56 0.97 -2.67 0.26
CA ASN A 56 1.32 -2.59 1.69
C ASN A 56 1.97 -1.24 2.07
N ARG A 57 3.06 -0.88 1.40
CA ARG A 57 3.83 0.34 1.69
C ARG A 57 3.01 1.60 1.40
N ILE A 58 2.43 1.72 0.21
CA ILE A 58 1.61 2.90 -0.16
C ILE A 58 0.36 3.01 0.70
N ALA A 59 -0.17 1.90 1.22
CA ALA A 59 -1.27 1.93 2.16
C ALA A 59 -0.89 2.45 3.54
N ASN A 60 0.23 1.97 4.10
CA ASN A 60 0.75 2.45 5.38
C ASN A 60 1.16 3.93 5.32
N GLU A 61 1.76 4.40 4.22
CA GLU A 61 2.12 5.80 4.03
C GLU A 61 0.92 6.67 3.63
N ALA A 62 0.34 6.46 2.43
CA ALA A 62 -0.63 7.37 1.82
C ALA A 62 -2.10 7.03 2.17
N LEU A 63 -2.51 5.76 2.12
CA LEU A 63 -3.90 5.35 2.42
C LEU A 63 -4.18 5.35 3.96
N ASP A 64 -3.23 5.83 4.77
CA ASP A 64 -3.36 6.11 6.20
C ASP A 64 -3.72 7.58 6.50
N GLN A 65 -3.60 8.47 5.51
CA GLN A 65 -3.84 9.91 5.68
C GLN A 65 -5.30 10.21 6.09
N PRO A 66 -5.56 11.30 6.85
CA PRO A 66 -6.89 11.62 7.39
C PRO A 66 -7.96 11.91 6.32
N ASP A 67 -7.56 12.10 5.06
CA ASP A 67 -8.46 12.23 3.90
C ASP A 67 -9.04 10.88 3.41
N VAL A 68 -8.51 9.75 3.90
CA VAL A 68 -8.82 8.39 3.42
C VAL A 68 -10.02 7.78 4.16
N ARG A 69 -10.83 6.99 3.44
CA ARG A 69 -11.96 6.26 4.03
C ARG A 69 -11.51 4.96 4.72
N ALA A 70 -10.96 3.98 3.98
CA ALA A 70 -10.60 2.65 4.51
C ALA A 70 -9.86 1.74 3.48
N VAL A 71 -8.87 0.96 3.92
CA VAL A 71 -8.17 -0.08 3.12
C VAL A 71 -7.66 -1.24 3.99
N THR A 72 -7.50 -2.44 3.41
CA THR A 72 -7.11 -3.69 4.12
C THR A 72 -6.52 -4.70 3.15
N PHE A 73 -5.59 -5.56 3.58
CA PHE A 73 -4.85 -6.49 2.69
C PHE A 73 -4.48 -7.80 3.41
N LEU A 74 -4.79 -8.96 2.81
CA LEU A 74 -4.58 -10.29 3.41
C LEU A 74 -4.46 -11.41 2.36
N ASP A 75 -3.63 -12.42 2.64
CA ASP A 75 -3.39 -13.58 1.76
C ASP A 75 -4.00 -14.90 2.29
N ALA A 76 -3.94 -15.95 1.45
CA ALA A 76 -4.41 -17.33 1.69
C ALA A 76 -4.01 -17.92 3.05
N ARG A 77 -2.84 -17.53 3.57
CA ARG A 77 -2.28 -17.96 4.85
C ARG A 77 -3.05 -17.44 6.09
N GLN A 78 -4.07 -16.59 5.88
CA GLN A 78 -4.74 -15.74 6.90
C GLN A 78 -3.77 -14.66 7.44
N GLU A 79 -2.73 -14.33 6.66
CA GLU A 79 -1.73 -13.32 7.01
C GLU A 79 -2.21 -11.96 6.49
N ARG A 80 -2.51 -11.05 7.42
CA ARG A 80 -2.69 -9.62 7.14
C ARG A 80 -1.33 -9.03 6.71
N LEU A 81 -1.26 -8.42 5.53
CA LEU A 81 -0.07 -7.69 5.06
C LEU A 81 -0.12 -6.22 5.49
N ALA A 82 -1.32 -5.63 5.50
CA ALA A 82 -1.55 -4.20 5.75
C ALA A 82 -3.02 -3.89 6.06
N HIS A 83 -3.26 -2.66 6.52
CA HIS A 83 -4.55 -2.15 6.97
C HIS A 83 -4.40 -0.67 7.35
N ALA A 84 -5.28 0.20 6.85
CA ALA A 84 -5.21 1.66 7.03
C ALA A 84 -6.59 2.32 6.86
N GLY A 85 -6.77 3.48 7.51
CA GLY A 85 -8.06 4.11 7.75
C GLY A 85 -8.75 3.58 9.02
N PRO A 86 -9.67 4.37 9.62
CA PRO A 86 -10.15 4.17 11.00
C PRO A 86 -10.93 2.87 11.22
N SER A 87 -11.67 2.37 10.23
CA SER A 87 -12.47 1.14 10.37
C SER A 87 -11.67 -0.16 10.23
N MET A 88 -10.40 -0.08 9.78
CA MET A 88 -9.56 -1.24 9.44
C MET A 88 -8.28 -1.32 10.30
N LEU A 89 -7.63 -0.19 10.56
CA LEU A 89 -6.45 -0.07 11.42
C LEU A 89 -6.94 0.31 12.83
N THR A 90 -7.08 -0.68 13.72
CA THR A 90 -7.60 -0.50 15.09
C THR A 90 -6.74 0.45 15.93
N VAL A 91 -5.43 0.44 15.68
CA VAL A 91 -4.40 1.26 16.36
C VAL A 91 -4.28 2.68 15.74
N ALA A 92 -5.35 3.22 15.13
CA ALA A 92 -5.37 4.55 14.51
C ALA A 92 -6.05 5.60 15.42
N PRO A 93 -5.27 6.42 16.19
CA PRO A 93 -5.78 7.56 16.93
C PRO A 93 -6.07 8.79 16.04
N ALA A 94 -5.55 8.82 14.80
CA ALA A 94 -5.68 9.90 13.80
C ALA A 94 -4.83 11.16 14.13
N GLY A 95 -4.83 12.14 13.22
CA GLY A 95 -4.11 13.42 13.37
C GLY A 95 -2.68 13.45 12.80
N ASP A 96 -2.19 12.33 12.27
CA ASP A 96 -0.91 12.21 11.55
C ASP A 96 -1.13 11.87 10.06
N ALA A 97 -0.23 12.37 9.20
CA ALA A 97 -0.28 12.10 7.76
C ALA A 97 0.29 10.72 7.41
N SER A 98 1.61 10.54 7.53
CA SER A 98 2.31 9.25 7.31
C SER A 98 3.06 8.73 8.56
N HIS A 99 3.21 9.54 9.61
CA HIS A 99 4.09 9.22 10.76
C HIS A 99 3.51 8.15 11.72
N LEU A 100 2.24 7.76 11.52
CA LEU A 100 1.51 6.77 12.29
C LEU A 100 2.13 5.36 12.15
N SER A 101 2.52 4.99 10.92
CA SER A 101 3.05 3.66 10.60
C SER A 101 4.56 3.54 10.85
N MET A 102 4.97 3.49 12.12
CA MET A 102 6.37 3.21 12.49
C MET A 102 6.85 1.83 12.01
N SER A 103 5.94 0.86 11.86
CA SER A 103 6.22 -0.46 11.27
C SER A 103 5.47 -0.64 9.94
N THR A 104 6.17 -0.46 8.81
CA THR A 104 5.68 -0.72 7.43
C THR A 104 5.95 -2.15 6.95
N GLU A 105 6.55 -2.98 7.80
CA GLU A 105 7.01 -4.35 7.50
C GLU A 105 5.91 -5.39 7.74
N LEU A 106 5.97 -6.51 7.01
CA LEU A 106 4.94 -7.57 6.93
C LEU A 106 4.84 -8.48 8.18
N ASP A 107 5.37 -8.04 9.33
CA ASP A 107 5.33 -8.77 10.61
C ASP A 107 3.99 -8.66 11.35
N THR A 108 3.10 -7.76 10.88
CA THR A 108 1.80 -7.38 11.48
C THR A 108 0.67 -8.35 11.09
N THR A 109 0.91 -9.66 11.30
CA THR A 109 0.02 -10.80 11.05
C THR A 109 -1.32 -10.65 11.77
N HIS A 110 -2.36 -11.36 11.31
CA HIS A 110 -3.71 -11.33 11.89
C HIS A 110 -3.75 -11.64 13.41
N PHE A 111 -2.78 -12.41 13.92
CA PHE A 111 -2.60 -12.72 15.35
C PHE A 111 -2.56 -11.50 16.28
N LEU A 112 -2.30 -10.29 15.77
CA LEU A 112 -2.35 -9.03 16.52
C LEU A 112 -3.77 -8.64 17.00
N LEU A 113 -4.83 -9.12 16.34
CA LEU A 113 -6.21 -8.63 16.53
C LEU A 113 -7.26 -9.79 16.51
N PRO A 114 -8.47 -9.58 17.07
CA PRO A 114 -9.50 -10.62 17.20
C PRO A 114 -10.40 -10.80 15.95
N VAL A 115 -10.23 -9.99 14.90
CA VAL A 115 -11.08 -9.96 13.70
C VAL A 115 -10.35 -9.27 12.53
N LEU A 116 -10.73 -9.58 11.30
CA LEU A 116 -10.13 -9.10 10.06
C LEU A 116 -11.16 -8.46 9.10
N GLY A 117 -10.70 -7.47 8.31
CA GLY A 117 -11.56 -6.66 7.43
C GLY A 117 -12.74 -6.05 8.18
N ARG A 118 -13.93 -6.09 7.55
CA ARG A 118 -15.23 -5.97 8.24
C ARG A 118 -16.00 -7.30 8.31
N HIS A 119 -15.42 -8.39 7.79
CA HIS A 119 -16.04 -9.73 7.66
C HIS A 119 -17.37 -9.71 6.88
N HIS A 120 -17.50 -8.82 5.88
CA HIS A 120 -18.77 -8.51 5.18
C HIS A 120 -18.59 -7.72 3.86
N SER A 121 -17.68 -6.73 3.82
CA SER A 121 -17.55 -5.79 2.68
C SER A 121 -17.19 -6.46 1.34
N LEU A 122 -16.24 -7.41 1.36
CA LEU A 122 -15.88 -8.30 0.23
C LEU A 122 -15.36 -7.53 -1.01
N SER A 123 -15.48 -8.10 -2.21
CA SER A 123 -15.35 -7.38 -3.51
C SER A 123 -13.90 -6.97 -3.87
N GLY A 124 -12.90 -7.58 -3.21
CA GLY A 124 -11.52 -7.08 -3.14
C GLY A 124 -10.52 -7.74 -4.10
N ALA A 125 -9.97 -8.88 -3.69
CA ALA A 125 -8.99 -9.66 -4.44
C ALA A 125 -9.47 -11.12 -4.58
N THR A 126 -10.62 -11.28 -5.27
CA THR A 126 -11.22 -12.56 -5.65
C THR A 126 -10.39 -13.32 -6.69
N GLU A 127 -9.51 -12.62 -7.42
CA GLU A 127 -8.47 -13.18 -8.29
C GLU A 127 -7.47 -14.06 -7.50
N PRO A 128 -6.81 -15.05 -8.17
CA PRO A 128 -5.85 -15.94 -7.55
C PRO A 128 -4.50 -15.25 -7.26
N ASP A 129 -3.58 -16.01 -6.66
CA ASP A 129 -2.20 -15.61 -6.35
C ASP A 129 -1.34 -15.23 -7.57
N ASP A 130 -1.84 -15.49 -8.78
CA ASP A 130 -1.25 -15.03 -10.05
C ASP A 130 -1.17 -13.49 -10.16
N GLU A 131 -2.05 -12.78 -9.44
CA GLU A 131 -1.95 -11.32 -9.24
C GLU A 131 -0.90 -11.03 -8.15
N ARG A 132 -1.23 -11.33 -6.88
CA ARG A 132 -0.29 -11.29 -5.73
C ARG A 132 -0.83 -12.05 -4.51
N VAL A 133 -2.04 -11.70 -4.05
CA VAL A 133 -2.72 -12.35 -2.90
C VAL A 133 -4.06 -12.97 -3.32
N LEU A 134 -4.39 -14.10 -2.70
CA LEU A 134 -5.62 -14.87 -2.94
C LEU A 134 -6.73 -14.55 -1.91
N GLY A 135 -6.40 -13.94 -0.77
CA GLY A 135 -7.32 -13.66 0.35
C GLY A 135 -8.32 -12.55 0.01
N TRP A 136 -7.90 -11.29 0.18
CA TRP A 136 -8.65 -10.09 -0.21
C TRP A 136 -7.81 -8.79 -0.09
N VAL A 137 -8.30 -7.73 -0.74
CA VAL A 137 -7.78 -6.36 -0.70
C VAL A 137 -8.96 -5.38 -0.71
N GLU A 138 -9.19 -4.68 0.40
CA GLU A 138 -10.21 -3.63 0.51
C GLU A 138 -9.64 -2.27 0.04
N LEU A 139 -10.48 -1.46 -0.60
CA LEU A 139 -10.10 -0.20 -1.24
C LEU A 139 -11.25 0.82 -1.22
N GLU A 140 -11.07 1.90 -0.46
CA GLU A 140 -12.02 3.02 -0.39
C GLU A 140 -11.26 4.33 -0.08
N LEU A 141 -11.13 5.17 -1.10
CA LEU A 141 -10.41 6.45 -1.11
C LEU A 141 -10.69 7.26 -2.39
N SER A 142 -10.21 8.50 -2.44
CA SER A 142 -10.46 9.46 -3.52
C SER A 142 -9.25 10.39 -3.76
N HIS A 143 -8.04 9.81 -3.78
CA HIS A 143 -6.78 10.55 -3.99
C HIS A 143 -6.47 10.81 -5.48
N HIS A 144 -6.17 9.78 -6.26
CA HIS A 144 -5.78 9.93 -7.67
C HIS A 144 -6.91 10.58 -8.52
N GLY A 145 -6.53 11.60 -9.30
CA GLY A 145 -7.43 12.39 -10.16
C GLY A 145 -7.94 13.69 -9.53
N THR A 146 -7.69 13.95 -8.24
CA THR A 146 -8.10 15.17 -7.51
C THR A 146 -7.01 15.63 -6.53
N LEU A 147 -7.32 16.63 -5.69
CA LEU A 147 -6.42 17.22 -4.70
C LEU A 147 -6.36 16.38 -3.40
N LEU A 148 -5.18 16.36 -2.76
CA LEU A 148 -4.90 15.59 -1.54
C LEU A 148 -4.94 16.47 -0.27
N ARG A 149 -4.88 15.82 0.91
CA ARG A 149 -4.83 16.47 2.23
C ARG A 149 -4.21 15.52 3.28
N GLY A 150 -3.42 16.09 4.19
CA GLY A 150 -2.75 15.38 5.30
C GLY A 150 -2.18 16.32 6.36
N MET A 1 3.63 9.12 -16.41
CA MET A 1 3.21 7.89 -17.08
C MET A 1 4.39 7.21 -17.78
N GLY A 2 4.72 5.98 -17.35
CA GLY A 2 5.78 5.14 -17.93
C GLY A 2 5.19 3.96 -18.69
N HIS A 3 5.64 3.76 -19.94
CA HIS A 3 5.18 2.68 -20.82
C HIS A 3 6.15 2.42 -21.98
N HIS A 4 6.61 3.47 -22.69
CA HIS A 4 7.57 3.33 -23.79
C HIS A 4 9.04 3.20 -23.31
N HIS A 5 9.34 3.68 -22.09
CA HIS A 5 10.56 3.35 -21.35
C HIS A 5 10.38 2.01 -20.61
N HIS A 6 11.37 1.12 -20.72
CA HIS A 6 11.52 -0.18 -20.03
C HIS A 6 12.80 -0.87 -20.56
N HIS A 7 13.95 -0.63 -19.92
CA HIS A 7 15.27 -1.18 -20.30
C HIS A 7 16.31 -1.09 -19.16
N HIS A 8 16.40 0.04 -18.46
CA HIS A 8 17.31 0.21 -17.32
C HIS A 8 16.96 -0.70 -16.12
N SER A 9 17.97 -1.03 -15.31
CA SER A 9 17.81 -1.82 -14.07
C SER A 9 17.02 -1.10 -12.97
N SER A 10 16.60 -1.84 -11.94
CA SER A 10 15.92 -1.30 -10.75
C SER A 10 16.62 -1.75 -9.45
N GLY A 11 16.48 -0.93 -8.39
CA GLY A 11 17.11 -1.13 -7.08
C GLY A 11 18.03 0.03 -6.68
N VAL A 12 18.37 0.09 -5.39
CA VAL A 12 19.23 1.13 -4.80
C VAL A 12 20.69 0.98 -5.21
N ASP A 13 21.36 2.11 -5.49
CA ASP A 13 22.77 2.17 -5.89
C ASP A 13 23.74 2.41 -4.69
N LEU A 14 23.18 2.49 -3.47
CA LEU A 14 23.90 2.85 -2.22
C LEU A 14 23.30 2.26 -0.92
N GLY A 15 22.15 1.60 -0.97
CA GLY A 15 21.55 0.87 0.18
C GLY A 15 20.60 1.67 1.06
N THR A 16 20.46 2.99 0.86
CA THR A 16 19.69 3.90 1.75
C THR A 16 19.05 5.10 1.03
N GLU A 17 19.03 5.11 -0.32
CA GLU A 17 18.54 6.26 -1.10
C GLU A 17 17.08 6.62 -0.79
N ASN A 18 16.20 5.62 -0.80
CA ASN A 18 14.78 5.81 -0.47
C ASN A 18 14.53 6.03 1.03
N LEU A 19 15.36 5.47 1.91
CA LEU A 19 15.19 5.50 3.36
C LEU A 19 15.25 6.96 3.88
N TYR A 20 16.15 7.76 3.32
CA TYR A 20 16.31 9.19 3.62
C TYR A 20 15.07 10.06 3.31
N PHE A 21 14.20 9.61 2.41
CA PHE A 21 12.95 10.29 2.00
C PHE A 21 11.68 9.52 2.47
N GLN A 22 11.82 8.58 3.40
CA GLN A 22 10.72 7.83 4.05
C GLN A 22 10.12 6.78 3.09
N SER A 23 9.09 6.05 3.53
CA SER A 23 8.42 5.04 2.68
C SER A 23 7.79 5.66 1.41
N MET A 24 7.51 6.96 1.42
CA MET A 24 7.11 7.76 0.25
C MET A 24 8.07 7.61 -0.93
N ARG A 25 9.40 7.71 -0.74
CA ARG A 25 10.33 7.44 -1.83
C ARG A 25 10.44 5.93 -2.11
N ALA A 26 10.38 5.07 -1.09
CA ALA A 26 10.47 3.62 -1.26
C ALA A 26 9.41 3.10 -2.24
N GLN A 27 8.15 3.48 -2.05
CA GLN A 27 7.03 3.08 -2.91
C GLN A 27 7.05 3.75 -4.30
N LEU A 28 7.40 5.04 -4.40
CA LEU A 28 7.51 5.75 -5.68
C LEU A 28 8.66 5.19 -6.55
N ILE A 29 9.75 4.73 -5.93
CA ILE A 29 10.86 4.07 -6.66
C ILE A 29 10.52 2.60 -6.96
N GLU A 30 10.03 1.82 -5.98
CA GLU A 30 9.70 0.39 -6.12
C GLU A 30 8.79 0.09 -7.32
N ARG A 31 7.82 0.96 -7.61
CA ARG A 31 6.99 0.86 -8.82
C ARG A 31 7.50 1.78 -9.94
N GLY A 32 7.64 3.08 -9.67
CA GLY A 32 7.86 4.11 -10.70
C GLY A 32 9.26 4.09 -11.33
N GLN A 33 10.27 3.56 -10.63
CA GLN A 33 11.62 3.36 -11.20
C GLN A 33 11.78 1.95 -11.79
N LEU A 34 11.09 0.93 -11.25
CA LEU A 34 11.01 -0.39 -11.89
C LEU A 34 10.43 -0.29 -13.32
N ILE A 35 9.46 0.59 -13.54
CA ILE A 35 8.95 0.90 -14.89
C ILE A 35 9.83 1.93 -15.63
N ALA A 36 10.13 3.09 -15.03
CA ALA A 36 10.85 4.21 -15.69
C ALA A 36 11.72 5.01 -14.70
N GLU A 37 11.38 6.28 -14.43
CA GLU A 37 12.05 7.13 -13.43
C GLU A 37 11.08 8.20 -12.90
N GLN A 38 10.51 7.95 -11.71
CA GLN A 38 9.83 8.94 -10.85
C GLN A 38 8.62 9.65 -11.51
N LEU A 39 7.94 8.98 -12.45
CA LEU A 39 6.91 9.56 -13.32
C LEU A 39 5.57 8.82 -13.27
N ALA A 40 5.60 7.49 -13.37
CA ALA A 40 4.41 6.64 -13.32
C ALA A 40 3.69 6.70 -11.93
N PRO A 41 2.37 6.46 -11.87
CA PRO A 41 1.59 6.56 -10.64
C PRO A 41 1.98 5.49 -9.61
N LEU A 42 1.72 5.78 -8.33
CA LEU A 42 2.03 4.90 -7.20
C LEU A 42 0.87 3.93 -6.88
N ALA A 43 -0.38 4.39 -6.88
CA ALA A 43 -1.56 3.60 -6.50
C ALA A 43 -2.45 3.23 -7.70
N ALA A 44 -2.70 4.15 -8.63
CA ALA A 44 -3.68 3.95 -9.71
C ALA A 44 -3.40 2.71 -10.57
N THR A 45 -2.11 2.47 -10.89
CA THR A 45 -1.62 1.27 -11.58
C THR A 45 -1.54 0.06 -10.65
N ALA A 46 -0.96 0.23 -9.45
CA ALA A 46 -0.71 -0.87 -8.52
C ALA A 46 -1.99 -1.53 -8.01
N LEU A 47 -3.07 -0.76 -7.81
CA LEU A 47 -4.38 -1.22 -7.42
C LEU A 47 -5.08 -1.93 -8.58
N ALA A 48 -4.95 -1.41 -9.81
CA ALA A 48 -5.49 -2.03 -11.03
C ALA A 48 -4.90 -3.43 -11.31
N ARG A 49 -3.60 -3.65 -11.01
CA ARG A 49 -2.97 -4.98 -11.05
C ARG A 49 -3.06 -5.75 -9.72
N LYS A 50 -3.47 -5.10 -8.62
CA LYS A 50 -3.71 -5.65 -7.28
C LYS A 50 -2.41 -6.06 -6.54
N ASP A 51 -1.29 -5.35 -6.78
CA ASP A 51 0.05 -5.66 -6.27
C ASP A 51 0.23 -5.18 -4.81
N THR A 52 -0.30 -5.98 -3.88
CA THR A 52 -0.19 -5.83 -2.40
C THR A 52 1.24 -5.58 -1.91
N ALA A 53 2.27 -6.01 -2.65
CA ALA A 53 3.68 -5.73 -2.38
C ALA A 53 3.95 -4.23 -2.18
N VAL A 54 3.55 -3.39 -3.13
CA VAL A 54 3.67 -1.92 -3.04
C VAL A 54 2.39 -1.29 -2.46
N LEU A 55 1.22 -1.94 -2.59
CA LEU A 55 -0.03 -1.48 -1.98
C LEU A 55 0.09 -1.39 -0.45
N ASN A 56 0.83 -2.30 0.20
CA ASN A 56 1.20 -2.20 1.63
C ASN A 56 1.86 -0.86 1.98
N ARG A 57 2.93 -0.47 1.25
CA ARG A 57 3.69 0.74 1.53
C ARG A 57 2.83 2.00 1.31
N ILE A 58 2.19 2.12 0.14
CA ILE A 58 1.32 3.28 -0.16
C ILE A 58 0.13 3.34 0.79
N ALA A 59 -0.39 2.21 1.28
CA ALA A 59 -1.42 2.20 2.31
C ALA A 59 -0.92 2.75 3.66
N ASN A 60 0.22 2.26 4.16
CA ASN A 60 0.79 2.72 5.43
C ASN A 60 1.28 4.19 5.40
N GLU A 61 1.38 4.80 4.21
CA GLU A 61 1.67 6.23 4.03
C GLU A 61 0.41 7.02 3.63
N ALA A 62 -0.08 6.85 2.39
CA ALA A 62 -1.12 7.67 1.79
C ALA A 62 -2.53 7.34 2.31
N LEU A 63 -2.82 6.06 2.61
CA LEU A 63 -4.11 5.64 3.19
C LEU A 63 -4.13 5.83 4.73
N ASP A 64 -2.98 6.10 5.36
CA ASP A 64 -2.86 6.42 6.79
C ASP A 64 -3.14 7.92 7.09
N GLN A 65 -3.29 8.74 6.04
CA GLN A 65 -3.66 10.16 6.14
C GLN A 65 -5.13 10.36 6.58
N PRO A 66 -5.49 11.52 7.16
CA PRO A 66 -6.84 11.81 7.65
C PRO A 66 -7.90 11.99 6.54
N ASP A 67 -7.51 12.12 5.26
CA ASP A 67 -8.44 12.27 4.13
C ASP A 67 -9.16 10.96 3.73
N VAL A 68 -8.75 9.84 4.34
CA VAL A 68 -8.98 8.47 3.86
C VAL A 68 -10.16 7.81 4.58
N ARG A 69 -10.87 6.92 3.86
CA ARG A 69 -12.03 6.19 4.38
C ARG A 69 -11.62 4.86 5.06
N ALA A 70 -11.02 3.90 4.34
CA ALA A 70 -10.53 2.60 4.87
C ALA A 70 -9.80 1.71 3.82
N VAL A 71 -8.81 0.91 4.26
CA VAL A 71 -8.07 -0.05 3.40
C VAL A 71 -7.53 -1.24 4.21
N THR A 72 -7.41 -2.43 3.59
CA THR A 72 -6.98 -3.70 4.23
C THR A 72 -6.46 -4.67 3.18
N PHE A 73 -5.58 -5.61 3.55
CA PHE A 73 -4.98 -6.60 2.63
C PHE A 73 -4.66 -7.91 3.36
N LEU A 74 -4.90 -9.07 2.72
CA LEU A 74 -4.65 -10.40 3.29
C LEU A 74 -4.51 -11.49 2.21
N ASP A 75 -3.71 -12.52 2.49
CA ASP A 75 -3.48 -13.69 1.64
C ASP A 75 -4.23 -14.97 2.10
N ALA A 76 -4.08 -16.08 1.35
CA ALA A 76 -4.63 -17.39 1.71
C ALA A 76 -4.06 -17.98 3.01
N ARG A 77 -2.92 -17.48 3.48
CA ARG A 77 -2.24 -17.91 4.73
C ARG A 77 -2.83 -17.26 6.00
N GLN A 78 -3.79 -16.32 5.86
CA GLN A 78 -4.35 -15.49 6.94
C GLN A 78 -3.32 -14.47 7.47
N GLU A 79 -2.35 -14.08 6.64
CA GLU A 79 -1.40 -13.02 6.96
C GLU A 79 -1.97 -11.68 6.48
N ARG A 80 -2.11 -10.68 7.37
CA ARG A 80 -2.70 -9.37 7.06
C ARG A 80 -1.58 -8.42 6.59
N LEU A 81 -1.29 -8.39 5.28
CA LEU A 81 -0.12 -7.70 4.72
C LEU A 81 -0.08 -6.20 5.03
N ALA A 82 -1.25 -5.57 5.24
CA ALA A 82 -1.42 -4.16 5.56
C ALA A 82 -2.87 -3.84 5.94
N HIS A 83 -3.07 -2.63 6.45
CA HIS A 83 -4.33 -2.11 6.96
C HIS A 83 -4.15 -0.62 7.34
N ALA A 84 -5.15 0.22 7.04
CA ALA A 84 -5.12 1.67 7.26
C ALA A 84 -6.54 2.28 7.21
N GLY A 85 -6.72 3.41 7.89
CA GLY A 85 -8.03 3.98 8.21
C GLY A 85 -8.50 3.61 9.64
N PRO A 86 -9.58 4.24 10.14
CA PRO A 86 -9.94 4.29 11.55
C PRO A 86 -10.39 2.95 12.13
N SER A 87 -11.08 2.11 11.35
CA SER A 87 -11.53 0.78 11.80
C SER A 87 -10.56 -0.37 11.46
N MET A 88 -9.63 -0.15 10.53
CA MET A 88 -8.77 -1.20 9.95
C MET A 88 -7.45 -1.38 10.68
N LEU A 89 -6.80 -0.25 11.01
CA LEU A 89 -5.52 -0.17 11.70
C LEU A 89 -5.77 0.23 13.16
N THR A 90 -5.52 -0.72 14.08
CA THR A 90 -5.69 -0.55 15.54
C THR A 90 -4.79 0.56 16.09
N VAL A 91 -3.62 0.75 15.50
CA VAL A 91 -2.60 1.75 15.86
C VAL A 91 -2.69 3.00 14.96
N ALA A 92 -3.92 3.48 14.70
CA ALA A 92 -4.18 4.73 13.96
C ALA A 92 -4.65 5.85 14.92
N PRO A 93 -3.74 6.72 15.41
CA PRO A 93 -4.11 7.85 16.27
C PRO A 93 -4.63 9.07 15.49
N ALA A 94 -4.37 9.14 14.17
CA ALA A 94 -4.73 10.23 13.25
C ALA A 94 -3.99 11.57 13.54
N GLY A 95 -4.31 12.63 12.79
CA GLY A 95 -3.87 14.01 13.05
C GLY A 95 -2.56 14.44 12.37
N ASP A 96 -1.90 13.56 11.63
CA ASP A 96 -0.71 13.84 10.81
C ASP A 96 -0.76 13.05 9.48
N ALA A 97 0.14 13.35 8.54
CA ALA A 97 0.24 12.67 7.25
C ALA A 97 1.25 11.52 7.20
N SER A 98 2.25 11.50 8.08
CA SER A 98 3.33 10.50 8.07
C SER A 98 3.95 10.24 9.46
N HIS A 99 4.15 11.28 10.29
CA HIS A 99 4.81 11.15 11.58
C HIS A 99 3.98 10.38 12.62
N LEU A 100 2.69 10.14 12.34
CA LEU A 100 1.81 9.22 13.08
C LEU A 100 2.06 7.73 12.79
N SER A 101 2.82 7.39 11.75
CA SER A 101 3.05 6.00 11.33
C SER A 101 4.12 5.34 12.22
N MET A 102 3.72 4.97 13.45
CA MET A 102 4.56 4.30 14.45
C MET A 102 4.84 2.82 14.10
N SER A 103 4.04 2.22 13.22
CA SER A 103 4.23 0.85 12.71
C SER A 103 5.54 0.71 11.91
N THR A 104 6.32 -0.34 12.22
CA THR A 104 7.61 -0.69 11.58
C THR A 104 7.62 -2.10 10.99
N GLU A 105 6.66 -2.93 11.37
CA GLU A 105 6.49 -4.32 10.93
C GLU A 105 5.74 -4.44 9.58
N LEU A 106 6.01 -5.54 8.84
CA LEU A 106 5.48 -5.81 7.50
C LEU A 106 4.54 -7.02 7.48
N ASP A 107 4.86 -8.08 8.23
CA ASP A 107 4.10 -9.34 8.23
C ASP A 107 2.65 -9.15 8.76
N THR A 108 2.52 -8.45 9.90
CA THR A 108 1.26 -8.08 10.58
C THR A 108 0.16 -9.15 10.50
N THR A 109 0.54 -10.42 10.72
CA THR A 109 -0.31 -11.62 10.62
C THR A 109 -1.61 -11.46 11.40
N HIS A 110 -2.72 -12.02 10.92
CA HIS A 110 -4.00 -11.93 11.64
C HIS A 110 -3.91 -12.51 13.06
N PHE A 111 -3.06 -13.52 13.30
CA PHE A 111 -2.71 -14.06 14.63
C PHE A 111 -3.94 -14.58 15.41
N LEU A 112 -5.06 -14.81 14.70
CA LEU A 112 -6.36 -15.23 15.22
C LEU A 112 -6.95 -14.19 16.21
N LEU A 113 -6.79 -12.89 15.91
CA LEU A 113 -7.40 -11.77 16.64
C LEU A 113 -8.95 -11.88 16.71
N PRO A 114 -9.61 -11.18 17.65
CA PRO A 114 -11.07 -11.21 17.81
C PRO A 114 -11.81 -10.38 16.75
N VAL A 115 -11.13 -9.44 16.07
CA VAL A 115 -11.65 -8.61 14.97
C VAL A 115 -10.61 -8.49 13.86
N LEU A 116 -11.08 -8.33 12.62
CA LEU A 116 -10.24 -8.03 11.45
C LEU A 116 -11.03 -7.17 10.46
N GLY A 117 -10.35 -6.18 9.86
CA GLY A 117 -10.88 -5.33 8.78
C GLY A 117 -12.27 -4.73 9.07
N ARG A 118 -13.08 -4.63 8.01
CA ARG A 118 -14.53 -4.32 8.05
C ARG A 118 -15.38 -5.35 7.29
N HIS A 119 -14.76 -6.32 6.60
CA HIS A 119 -15.42 -7.38 5.81
C HIS A 119 -16.26 -6.83 4.62
N HIS A 120 -15.99 -5.60 4.17
CA HIS A 120 -16.84 -4.86 3.23
C HIS A 120 -16.62 -5.27 1.76
N SER A 121 -15.36 -5.48 1.34
CA SER A 121 -15.03 -5.83 -0.05
C SER A 121 -15.40 -7.27 -0.41
N LEU A 122 -15.24 -8.20 0.56
CA LEU A 122 -15.55 -9.64 0.51
C LEU A 122 -14.55 -10.39 -0.39
N SER A 123 -14.44 -9.99 -1.65
CA SER A 123 -13.50 -10.51 -2.64
C SER A 123 -12.23 -9.62 -2.73
N GLY A 124 -12.23 -8.53 -3.49
CA GLY A 124 -11.10 -7.61 -3.66
C GLY A 124 -9.97 -8.20 -4.51
N ALA A 125 -9.24 -9.16 -3.96
CA ALA A 125 -8.27 -10.01 -4.65
C ALA A 125 -8.87 -11.40 -4.93
N THR A 126 -9.90 -11.41 -5.78
CA THR A 126 -10.47 -12.62 -6.41
C THR A 126 -9.47 -13.30 -7.36
N GLU A 127 -8.51 -12.53 -7.89
CA GLU A 127 -7.40 -13.00 -8.73
C GLU A 127 -6.42 -13.93 -7.95
N PRO A 128 -5.71 -14.84 -8.65
CA PRO A 128 -4.81 -15.82 -8.02
C PRO A 128 -3.47 -15.23 -7.58
N ASP A 129 -2.58 -16.10 -7.07
CA ASP A 129 -1.22 -15.77 -6.59
C ASP A 129 -0.31 -15.14 -7.67
N ASP A 130 -0.66 -15.32 -8.94
CA ASP A 130 0.04 -14.76 -10.11
C ASP A 130 0.01 -13.21 -10.14
N GLU A 131 -0.97 -12.60 -9.45
CA GLU A 131 -1.01 -11.17 -9.15
C GLU A 131 -0.13 -10.87 -7.91
N ARG A 132 -0.59 -11.24 -6.70
CA ARG A 132 0.19 -11.10 -5.45
C ARG A 132 -0.43 -11.83 -4.24
N VAL A 133 -1.74 -11.71 -4.01
CA VAL A 133 -2.47 -12.31 -2.88
C VAL A 133 -3.80 -12.92 -3.35
N LEU A 134 -4.31 -13.91 -2.59
CA LEU A 134 -5.53 -14.66 -2.91
C LEU A 134 -6.65 -14.49 -1.86
N GLY A 135 -6.37 -13.82 -0.74
CA GLY A 135 -7.26 -13.72 0.43
C GLY A 135 -8.36 -12.70 0.19
N TRP A 136 -8.01 -11.41 0.30
CA TRP A 136 -8.85 -10.25 0.00
C TRP A 136 -8.09 -8.91 0.12
N VAL A 137 -8.78 -7.82 -0.24
CA VAL A 137 -8.30 -6.43 -0.10
C VAL A 137 -9.48 -5.46 -0.12
N GLU A 138 -9.52 -4.56 0.86
CA GLU A 138 -10.48 -3.45 0.96
C GLU A 138 -9.86 -2.17 0.40
N LEU A 139 -10.67 -1.25 -0.12
CA LEU A 139 -10.25 -0.18 -1.04
C LEU A 139 -11.25 0.99 -1.08
N GLU A 140 -11.36 1.72 0.04
CA GLU A 140 -12.26 2.87 0.20
C GLU A 140 -11.45 4.16 0.46
N LEU A 141 -11.52 5.11 -0.48
CA LEU A 141 -10.72 6.34 -0.51
C LEU A 141 -11.22 7.32 -1.60
N SER A 142 -10.58 8.48 -1.71
CA SER A 142 -10.74 9.39 -2.86
C SER A 142 -10.15 8.79 -4.15
N HIS A 143 -10.46 9.37 -5.32
CA HIS A 143 -10.12 8.76 -6.63
C HIS A 143 -8.60 8.63 -6.91
N HIS A 144 -7.74 9.33 -6.15
CA HIS A 144 -6.27 9.35 -6.23
C HIS A 144 -5.75 10.14 -7.47
N GLY A 145 -4.45 10.45 -7.50
CA GLY A 145 -3.79 11.17 -8.60
C GLY A 145 -4.04 12.69 -8.61
N THR A 146 -4.62 13.22 -7.52
CA THR A 146 -4.95 14.64 -7.31
C THR A 146 -4.33 15.16 -6.01
N LEU A 147 -4.53 16.45 -5.70
CA LEU A 147 -3.91 17.12 -4.54
C LEU A 147 -4.43 16.57 -3.20
N LEU A 148 -5.77 16.52 -3.03
CA LEU A 148 -6.49 16.08 -1.82
C LEU A 148 -6.22 16.99 -0.59
N ARG A 149 -6.83 16.67 0.56
CA ARG A 149 -6.52 17.26 1.87
C ARG A 149 -5.49 16.41 2.64
N GLY A 150 -5.16 16.79 3.88
CA GLY A 150 -4.31 16.01 4.79
C GLY A 150 -2.83 16.16 4.47
N MET A 1 1.65 2.44 -15.32
CA MET A 1 2.12 2.83 -16.65
C MET A 1 2.81 4.21 -16.63
N GLY A 2 4.00 4.32 -17.25
CA GLY A 2 4.91 5.47 -17.15
C GLY A 2 5.58 5.93 -18.44
N HIS A 3 5.05 5.53 -19.61
CA HIS A 3 5.62 5.72 -20.96
C HIS A 3 6.92 4.90 -21.19
N HIS A 4 7.34 4.80 -22.46
CA HIS A 4 8.59 4.15 -22.92
C HIS A 4 8.61 2.61 -22.65
N HIS A 5 9.79 1.98 -22.72
CA HIS A 5 9.99 0.59 -22.26
C HIS A 5 10.27 0.53 -20.73
N HIS A 6 10.00 -0.62 -20.10
CA HIS A 6 10.30 -0.84 -18.67
C HIS A 6 11.82 -0.86 -18.38
N HIS A 7 12.61 -1.55 -19.21
CA HIS A 7 14.06 -1.73 -19.04
C HIS A 7 14.42 -2.47 -17.71
N HIS A 8 15.66 -2.37 -17.24
CA HIS A 8 16.09 -2.86 -15.91
C HIS A 8 16.51 -1.66 -15.02
N SER A 9 15.88 -1.52 -13.86
CA SER A 9 16.12 -0.39 -12.93
C SER A 9 15.98 -0.82 -11.46
N SER A 10 14.92 -1.56 -11.09
CA SER A 10 14.63 -2.06 -9.74
C SER A 10 14.18 -0.93 -8.78
N GLY A 11 14.36 -1.13 -7.46
CA GLY A 11 14.14 -0.13 -6.41
C GLY A 11 15.36 0.79 -6.27
N VAL A 12 16.10 0.65 -5.16
CA VAL A 12 17.30 1.46 -4.86
C VAL A 12 18.44 1.19 -5.86
N ASP A 13 19.07 2.26 -6.37
CA ASP A 13 20.23 2.17 -7.28
C ASP A 13 21.58 2.03 -6.52
N LEU A 14 21.65 2.57 -5.30
CA LEU A 14 22.87 2.65 -4.48
C LEU A 14 22.74 2.08 -3.05
N GLY A 15 21.57 1.48 -2.72
CA GLY A 15 21.30 0.81 -1.43
C GLY A 15 20.48 1.65 -0.45
N THR A 16 20.85 2.93 -0.25
CA THR A 16 20.19 3.85 0.72
C THR A 16 19.39 4.97 0.05
N GLU A 17 19.17 4.90 -1.27
CA GLU A 17 18.36 5.88 -2.02
C GLU A 17 16.92 6.00 -1.49
N ASN A 18 16.38 4.95 -0.86
CA ASN A 18 15.08 4.99 -0.19
C ASN A 18 15.02 6.02 0.95
N LEU A 19 16.15 6.28 1.64
CA LEU A 19 16.21 7.14 2.83
C LEU A 19 16.00 8.62 2.51
N TYR A 20 16.31 9.06 1.29
CA TYR A 20 16.32 10.46 0.85
C TYR A 20 14.98 11.20 1.10
N PHE A 21 13.86 10.46 1.13
CA PHE A 21 12.53 10.94 1.47
C PHE A 21 11.76 9.90 2.32
N GLN A 22 12.47 9.12 3.15
CA GLN A 22 11.87 8.17 4.12
C GLN A 22 11.04 7.07 3.41
N SER A 23 10.03 6.47 4.05
CA SER A 23 9.13 5.50 3.41
C SER A 23 8.41 6.07 2.18
N MET A 24 8.28 7.40 2.08
CA MET A 24 7.76 8.12 0.91
C MET A 24 8.59 7.84 -0.34
N ARG A 25 9.94 7.91 -0.28
CA ARG A 25 10.75 7.51 -1.44
C ARG A 25 10.79 5.99 -1.61
N ALA A 26 10.82 5.21 -0.53
CA ALA A 26 10.83 3.74 -0.61
C ALA A 26 9.70 3.22 -1.51
N GLN A 27 8.46 3.69 -1.28
CA GLN A 27 7.29 3.27 -2.06
C GLN A 27 7.21 3.93 -3.46
N LEU A 28 7.57 5.21 -3.61
CA LEU A 28 7.58 5.90 -4.90
C LEU A 28 8.58 5.28 -5.86
N ILE A 29 9.77 4.92 -5.38
CA ILE A 29 10.82 4.29 -6.21
C ILE A 29 10.48 2.82 -6.50
N GLU A 30 10.05 2.04 -5.50
CA GLU A 30 9.75 0.60 -5.62
C GLU A 30 8.82 0.25 -6.80
N ARG A 31 7.81 1.07 -7.09
CA ARG A 31 6.93 0.89 -8.25
C ARG A 31 7.21 1.90 -9.38
N GLY A 32 7.49 3.17 -9.07
CA GLY A 32 7.65 4.23 -10.06
C GLY A 32 8.95 4.15 -10.87
N GLN A 33 10.03 3.60 -10.30
CA GLN A 33 11.27 3.32 -11.03
C GLN A 33 11.28 1.90 -11.62
N LEU A 34 10.51 0.95 -11.06
CA LEU A 34 10.27 -0.36 -11.68
C LEU A 34 9.54 -0.24 -13.03
N ILE A 35 8.53 0.63 -13.13
CA ILE A 35 7.81 0.91 -14.39
C ILE A 35 8.66 1.74 -15.36
N ALA A 36 9.31 2.79 -14.86
CA ALA A 36 9.97 3.81 -15.68
C ALA A 36 11.11 4.51 -14.89
N GLU A 37 10.86 5.70 -14.35
CA GLU A 37 11.83 6.52 -13.61
C GLU A 37 11.09 7.62 -12.82
N GLN A 38 10.70 7.33 -11.57
CA GLN A 38 10.00 8.21 -10.60
C GLN A 38 8.84 9.06 -11.18
N LEU A 39 8.14 8.52 -12.19
CA LEU A 39 7.10 9.23 -12.97
C LEU A 39 5.75 8.50 -12.96
N ALA A 40 5.74 7.16 -13.02
CA ALA A 40 4.52 6.37 -12.91
C ALA A 40 3.92 6.48 -11.48
N PRO A 41 2.57 6.36 -11.33
CA PRO A 41 1.89 6.59 -10.06
C PRO A 41 2.26 5.53 -9.00
N LEU A 42 2.15 5.90 -7.73
CA LEU A 42 2.39 5.01 -6.60
C LEU A 42 1.23 4.04 -6.33
N ALA A 43 -0.01 4.52 -6.48
CA ALA A 43 -1.23 3.76 -6.13
C ALA A 43 -2.01 3.27 -7.35
N ALA A 44 -2.32 4.13 -8.33
CA ALA A 44 -3.27 3.81 -9.40
C ALA A 44 -2.91 2.55 -10.20
N THR A 45 -1.66 2.46 -10.69
CA THR A 45 -1.11 1.27 -11.38
C THR A 45 -1.06 0.05 -10.47
N ALA A 46 -0.57 0.23 -9.23
CA ALA A 46 -0.39 -0.84 -8.26
C ALA A 46 -1.72 -1.46 -7.80
N LEU A 47 -2.77 -0.64 -7.65
CA LEU A 47 -4.12 -1.06 -7.27
C LEU A 47 -4.81 -1.78 -8.43
N ALA A 48 -4.68 -1.26 -9.66
CA ALA A 48 -5.21 -1.87 -10.88
C ALA A 48 -4.66 -3.30 -11.13
N ARG A 49 -3.38 -3.54 -10.81
CA ARG A 49 -2.75 -4.87 -10.87
C ARG A 49 -2.73 -5.64 -9.53
N LYS A 50 -3.22 -5.03 -8.45
CA LYS A 50 -3.36 -5.62 -7.09
C LYS A 50 -2.00 -5.97 -6.42
N ASP A 51 -0.95 -5.17 -6.62
CA ASP A 51 0.42 -5.41 -6.16
C ASP A 51 0.64 -5.03 -4.68
N THR A 52 0.13 -5.87 -3.77
CA THR A 52 0.25 -5.76 -2.30
C THR A 52 1.67 -5.49 -1.80
N ALA A 53 2.71 -5.89 -2.53
CA ALA A 53 4.10 -5.60 -2.20
C ALA A 53 4.36 -4.09 -1.99
N VAL A 54 3.84 -3.23 -2.88
CA VAL A 54 3.90 -1.76 -2.74
C VAL A 54 2.62 -1.20 -2.11
N LEU A 55 1.45 -1.85 -2.32
CA LEU A 55 0.19 -1.42 -1.69
C LEU A 55 0.29 -1.43 -0.15
N ASN A 56 1.04 -2.38 0.43
CA ASN A 56 1.45 -2.40 1.83
C ASN A 56 2.04 -1.07 2.31
N ARG A 57 3.12 -0.60 1.65
CA ARG A 57 3.85 0.61 2.06
C ARG A 57 3.00 1.87 1.85
N ILE A 58 2.39 2.04 0.68
CA ILE A 58 1.52 3.22 0.42
C ILE A 58 0.31 3.23 1.33
N ALA A 59 -0.22 2.09 1.77
CA ALA A 59 -1.28 2.05 2.77
C ALA A 59 -0.79 2.48 4.17
N ASN A 60 0.38 1.99 4.60
CA ASN A 60 1.02 2.38 5.85
C ASN A 60 1.29 3.90 5.93
N GLU A 61 1.59 4.56 4.79
CA GLU A 61 1.84 6.01 4.73
C GLU A 61 0.57 6.82 4.37
N ALA A 62 -0.01 6.62 3.18
CA ALA A 62 -1.06 7.44 2.62
C ALA A 62 -2.47 7.03 3.05
N LEU A 63 -2.75 5.74 3.28
CA LEU A 63 -4.08 5.27 3.73
C LEU A 63 -4.27 5.42 5.26
N ASP A 64 -3.21 5.67 6.02
CA ASP A 64 -3.29 6.05 7.44
C ASP A 64 -3.84 7.47 7.66
N GLN A 65 -3.80 8.31 6.62
CA GLN A 65 -4.15 9.73 6.67
C GLN A 65 -5.63 9.98 7.03
N PRO A 66 -5.97 11.13 7.65
CA PRO A 66 -7.33 11.45 8.10
C PRO A 66 -8.36 11.61 6.97
N ASP A 67 -7.95 11.69 5.70
CA ASP A 67 -8.85 11.78 4.53
C ASP A 67 -9.44 10.44 4.07
N VAL A 68 -8.99 9.32 4.66
CA VAL A 68 -9.18 7.96 4.15
C VAL A 68 -10.36 7.25 4.84
N ARG A 69 -11.05 6.35 4.10
CA ARG A 69 -12.21 5.59 4.61
C ARG A 69 -11.80 4.24 5.25
N ALA A 70 -11.08 3.35 4.54
CA ALA A 70 -10.79 1.97 4.98
C ALA A 70 -9.86 1.20 4.00
N VAL A 71 -8.95 0.36 4.51
CA VAL A 71 -8.07 -0.48 3.67
C VAL A 71 -7.51 -1.70 4.44
N THR A 72 -7.23 -2.80 3.72
CA THR A 72 -6.73 -4.08 4.27
C THR A 72 -6.11 -4.95 3.19
N PHE A 73 -5.20 -5.86 3.55
CA PHE A 73 -4.51 -6.78 2.63
C PHE A 73 -4.12 -8.09 3.33
N LEU A 74 -4.41 -9.26 2.74
CA LEU A 74 -4.12 -10.59 3.31
C LEU A 74 -3.91 -11.67 2.24
N ASP A 75 -3.03 -12.63 2.52
CA ASP A 75 -2.64 -13.74 1.64
C ASP A 75 -3.34 -15.10 1.92
N ALA A 76 -2.98 -16.12 1.14
CA ALA A 76 -3.46 -17.50 1.28
C ALA A 76 -3.14 -18.15 2.64
N ARG A 77 -2.07 -17.70 3.31
CA ARG A 77 -1.62 -18.19 4.62
C ARG A 77 -2.39 -17.55 5.80
N GLN A 78 -3.28 -16.60 5.52
CA GLN A 78 -4.03 -15.78 6.49
C GLN A 78 -3.14 -14.78 7.24
N GLU A 79 -2.02 -14.36 6.65
CA GLU A 79 -1.22 -13.23 7.13
C GLU A 79 -1.79 -11.93 6.54
N ARG A 80 -2.16 -10.98 7.40
CA ARG A 80 -2.36 -9.59 7.00
C ARG A 80 -0.99 -8.96 6.71
N LEU A 81 -0.82 -8.42 5.50
CA LEU A 81 0.39 -7.68 5.13
C LEU A 81 0.29 -6.25 5.67
N ALA A 82 -0.87 -5.60 5.49
CA ALA A 82 -1.13 -4.23 5.92
C ALA A 82 -2.62 -3.99 6.21
N HIS A 83 -2.91 -2.82 6.78
CA HIS A 83 -4.24 -2.34 7.14
C HIS A 83 -4.18 -0.87 7.59
N ALA A 84 -5.25 -0.10 7.32
CA ALA A 84 -5.35 1.34 7.60
C ALA A 84 -6.81 1.82 7.53
N GLY A 85 -7.07 3.01 8.09
CA GLY A 85 -8.42 3.53 8.32
C GLY A 85 -9.04 3.03 9.64
N PRO A 86 -10.04 3.73 10.19
CA PRO A 86 -10.52 3.55 11.55
C PRO A 86 -11.17 2.18 11.82
N SER A 87 -11.82 1.58 10.82
CA SER A 87 -12.52 0.29 10.94
C SER A 87 -11.61 -0.94 10.74
N MET A 88 -10.30 -0.76 10.48
CA MET A 88 -9.32 -1.84 10.26
C MET A 88 -8.05 -1.73 11.12
N LEU A 89 -7.55 -0.52 11.37
CA LEU A 89 -6.30 -0.29 12.08
C LEU A 89 -6.55 0.22 13.50
N THR A 90 -6.32 -0.67 14.48
CA THR A 90 -6.48 -0.42 15.92
C THR A 90 -5.60 0.73 16.41
N VAL A 91 -4.36 0.82 15.90
CA VAL A 91 -3.35 1.83 16.26
C VAL A 91 -3.33 3.04 15.31
N ALA A 92 -4.50 3.45 14.78
CA ALA A 92 -4.69 4.67 14.00
C ALA A 92 -5.18 5.86 14.87
N PRO A 93 -4.30 6.77 15.32
CA PRO A 93 -4.72 8.01 15.98
C PRO A 93 -5.17 9.09 14.97
N ALA A 94 -4.78 8.95 13.69
CA ALA A 94 -5.05 9.88 12.58
C ALA A 94 -4.33 11.25 12.74
N GLY A 95 -4.67 12.23 11.91
CA GLY A 95 -4.11 13.60 11.91
C GLY A 95 -2.75 13.71 11.21
N ASP A 96 -1.89 12.70 11.37
CA ASP A 96 -0.56 12.60 10.75
C ASP A 96 -0.59 12.03 9.31
N ALA A 97 0.55 12.14 8.63
CA ALA A 97 0.86 11.48 7.35
C ALA A 97 2.21 10.74 7.47
N SER A 98 3.30 11.36 7.03
CA SER A 98 4.66 10.77 7.05
C SER A 98 5.31 10.69 8.45
N HIS A 99 4.83 11.49 9.41
CA HIS A 99 5.37 11.57 10.78
C HIS A 99 5.29 10.24 11.56
N LEU A 100 4.44 9.30 11.08
CA LEU A 100 4.28 7.94 11.60
C LEU A 100 5.57 7.11 11.55
N SER A 101 6.46 7.37 10.59
CA SER A 101 7.85 6.90 10.46
C SER A 101 8.05 5.37 10.36
N MET A 102 7.81 4.65 11.46
CA MET A 102 7.87 3.19 11.57
C MET A 102 6.57 2.52 11.13
N SER A 103 5.42 3.13 11.45
CA SER A 103 4.07 2.64 11.14
C SER A 103 3.67 1.33 11.87
N THR A 104 2.51 0.77 11.50
CA THR A 104 2.00 -0.56 11.87
C THR A 104 3.03 -1.64 11.55
N GLU A 105 3.60 -1.59 10.35
CA GLU A 105 4.67 -2.46 9.84
C GLU A 105 4.16 -3.89 9.52
N LEU A 106 5.04 -4.71 8.93
CA LEU A 106 4.81 -6.14 8.65
C LEU A 106 4.74 -7.00 9.93
N ASP A 107 5.31 -6.51 11.04
CA ASP A 107 5.41 -7.23 12.33
C ASP A 107 4.05 -7.47 13.00
N THR A 108 3.05 -6.62 12.72
CA THR A 108 1.65 -6.81 13.16
C THR A 108 0.97 -7.77 12.18
N THR A 109 1.13 -9.07 12.45
CA THR A 109 0.46 -10.18 11.76
C THR A 109 -1.04 -10.16 12.06
N HIS A 110 -1.84 -10.89 11.29
CA HIS A 110 -3.28 -11.04 11.53
C HIS A 110 -3.58 -11.68 12.89
N PHE A 111 -2.97 -12.84 13.18
CA PHE A 111 -3.20 -13.66 14.36
C PHE A 111 -4.71 -13.94 14.58
N LEU A 112 -5.37 -13.12 15.40
CA LEU A 112 -6.81 -13.19 15.72
C LEU A 112 -7.27 -11.81 16.28
N LEU A 113 -7.06 -10.73 15.51
CA LEU A 113 -7.53 -9.38 15.85
C LEU A 113 -9.07 -9.23 15.67
N PRO A 114 -9.71 -8.28 16.37
CA PRO A 114 -11.16 -8.05 16.29
C PRO A 114 -11.59 -7.25 15.04
N VAL A 115 -10.72 -6.39 14.50
CA VAL A 115 -10.93 -5.64 13.25
C VAL A 115 -9.94 -6.10 12.18
N LEU A 116 -10.46 -6.34 10.97
CA LEU A 116 -9.78 -6.94 9.81
C LEU A 116 -10.66 -6.86 8.54
N GLY A 117 -10.15 -7.36 7.41
CA GLY A 117 -10.81 -7.31 6.11
C GLY A 117 -11.91 -8.36 6.01
N ARG A 118 -13.12 -7.97 6.38
CA ARG A 118 -14.34 -8.80 6.47
C ARG A 118 -14.93 -9.25 5.11
N HIS A 119 -14.09 -9.43 4.08
CA HIS A 119 -14.44 -9.79 2.70
C HIS A 119 -15.56 -8.87 2.13
N HIS A 120 -15.25 -7.57 2.00
CA HIS A 120 -16.19 -6.54 1.57
C HIS A 120 -16.82 -6.87 0.20
N SER A 121 -18.14 -6.68 0.07
CA SER A 121 -18.98 -7.08 -1.06
C SER A 121 -18.64 -6.48 -2.45
N LEU A 122 -17.62 -5.61 -2.56
CA LEU A 122 -17.09 -5.08 -3.81
C LEU A 122 -16.45 -6.19 -4.68
N SER A 123 -15.41 -6.83 -4.15
CA SER A 123 -14.57 -7.91 -4.75
C SER A 123 -13.18 -7.97 -4.10
N GLY A 124 -12.34 -6.95 -4.32
CA GLY A 124 -11.01 -6.81 -3.73
C GLY A 124 -9.92 -7.50 -4.57
N ALA A 125 -9.25 -8.50 -3.96
CA ALA A 125 -8.26 -9.36 -4.61
C ALA A 125 -8.83 -10.79 -4.76
N THR A 126 -9.89 -10.90 -5.58
CA THR A 126 -10.53 -12.17 -5.96
C THR A 126 -9.69 -12.99 -6.97
N GLU A 127 -8.68 -12.36 -7.60
CA GLU A 127 -7.67 -12.99 -8.46
C GLU A 127 -6.64 -13.80 -7.63
N PRO A 128 -5.94 -14.78 -8.25
CA PRO A 128 -4.96 -15.63 -7.57
C PRO A 128 -3.62 -14.91 -7.32
N ASP A 129 -2.65 -15.66 -6.76
CA ASP A 129 -1.29 -15.19 -6.44
C ASP A 129 -0.48 -14.71 -7.67
N ASP A 130 -0.97 -14.97 -8.88
CA ASP A 130 -0.42 -14.46 -10.14
C ASP A 130 -0.42 -12.92 -10.22
N GLU A 131 -1.31 -12.27 -9.46
CA GLU A 131 -1.29 -10.82 -9.23
C GLU A 131 -0.28 -10.48 -8.10
N ARG A 132 -0.58 -10.92 -6.86
CA ARG A 132 0.32 -10.85 -5.68
C ARG A 132 -0.21 -11.66 -4.50
N VAL A 133 -1.49 -11.49 -4.13
CA VAL A 133 -2.16 -12.21 -3.02
C VAL A 133 -3.48 -12.83 -3.47
N LEU A 134 -3.75 -14.06 -3.01
CA LEU A 134 -4.97 -14.83 -3.27
C LEU A 134 -6.09 -14.55 -2.25
N GLY A 135 -5.77 -14.04 -1.05
CA GLY A 135 -6.68 -13.92 0.09
C GLY A 135 -7.76 -12.86 -0.11
N TRP A 136 -7.42 -11.60 0.12
CA TRP A 136 -8.26 -10.41 -0.14
C TRP A 136 -7.50 -9.09 0.01
N VAL A 137 -8.10 -8.01 -0.48
CA VAL A 137 -7.65 -6.61 -0.39
C VAL A 137 -8.90 -5.73 -0.33
N GLU A 138 -8.97 -4.83 0.65
CA GLU A 138 -10.01 -3.80 0.76
C GLU A 138 -9.43 -2.44 0.33
N LEU A 139 -10.27 -1.52 -0.17
CA LEU A 139 -9.82 -0.41 -1.04
C LEU A 139 -10.80 0.79 -1.05
N GLU A 140 -10.98 1.43 0.10
CA GLU A 140 -11.96 2.51 0.31
C GLU A 140 -11.26 3.85 0.63
N LEU A 141 -11.31 4.79 -0.31
CA LEU A 141 -10.60 6.07 -0.30
C LEU A 141 -11.11 7.00 -1.43
N SER A 142 -10.52 8.21 -1.55
CA SER A 142 -10.73 9.10 -2.71
C SER A 142 -10.06 8.56 -3.99
N HIS A 143 -10.28 9.21 -5.14
CA HIS A 143 -9.86 8.70 -6.46
C HIS A 143 -8.33 8.57 -6.66
N HIS A 144 -7.54 9.29 -5.85
CA HIS A 144 -6.07 9.38 -5.86
C HIS A 144 -5.55 10.32 -6.99
N GLY A 145 -4.57 11.17 -6.66
CA GLY A 145 -3.99 12.17 -7.57
C GLY A 145 -4.63 13.57 -7.51
N THR A 146 -5.79 13.72 -6.87
CA THR A 146 -6.51 15.01 -6.68
C THR A 146 -7.10 15.12 -5.27
N LEU A 147 -6.73 16.18 -4.55
CA LEU A 147 -7.30 16.66 -3.27
C LEU A 147 -7.46 15.55 -2.20
N LEU A 148 -6.33 15.08 -1.69
CA LEU A 148 -6.23 13.98 -0.70
C LEU A 148 -6.05 14.50 0.73
N ARG A 149 -7.00 15.34 1.20
CA ARG A 149 -6.96 15.97 2.53
C ARG A 149 -8.34 16.02 3.20
N GLY A 150 -8.38 15.83 4.52
CA GLY A 150 -9.59 15.75 5.35
C GLY A 150 -9.92 17.08 6.02
N MET A 1 1.05 4.65 -18.58
CA MET A 1 1.89 5.08 -19.70
C MET A 1 3.35 5.28 -19.25
N GLY A 2 4.12 4.18 -19.25
CA GLY A 2 5.54 4.12 -18.89
C GLY A 2 6.48 4.11 -20.10
N HIS A 3 7.63 3.46 -19.93
CA HIS A 3 8.57 3.17 -21.01
C HIS A 3 8.48 1.72 -21.53
N HIS A 4 9.04 1.46 -22.70
CA HIS A 4 9.21 0.12 -23.30
C HIS A 4 10.67 -0.38 -23.17
N HIS A 5 10.93 -1.62 -23.56
CA HIS A 5 12.24 -2.30 -23.67
C HIS A 5 12.85 -2.65 -22.30
N HIS A 6 12.89 -1.71 -21.35
CA HIS A 6 13.32 -1.94 -19.96
C HIS A 6 12.11 -1.99 -18.99
N HIS A 7 12.21 -2.83 -17.95
CA HIS A 7 11.19 -2.95 -16.88
C HIS A 7 11.83 -3.26 -15.52
N HIS A 8 12.76 -4.20 -15.41
CA HIS A 8 13.48 -4.48 -14.16
C HIS A 8 14.45 -3.34 -13.78
N SER A 9 14.01 -2.45 -12.89
CA SER A 9 14.82 -1.42 -12.24
C SER A 9 14.16 -1.00 -10.91
N SER A 10 14.81 -1.28 -9.79
CA SER A 10 14.33 -1.02 -8.41
C SER A 10 15.44 -1.30 -7.38
N GLY A 11 15.23 -0.88 -6.12
CA GLY A 11 16.22 -0.96 -5.03
C GLY A 11 17.03 0.32 -4.85
N VAL A 12 17.85 0.36 -3.81
CA VAL A 12 18.69 1.52 -3.44
C VAL A 12 19.98 1.60 -4.27
N ASP A 13 20.42 2.82 -4.59
CA ASP A 13 21.63 3.07 -5.38
C ASP A 13 22.94 2.97 -4.56
N LEU A 14 22.83 2.97 -3.23
CA LEU A 14 23.94 2.76 -2.28
C LEU A 14 23.48 2.00 -1.01
N GLY A 15 22.67 2.65 -0.16
CA GLY A 15 22.22 2.07 1.13
C GLY A 15 21.34 2.94 2.02
N THR A 16 20.96 4.16 1.57
CA THR A 16 20.27 5.18 2.39
C THR A 16 19.34 6.09 1.59
N GLU A 17 19.06 5.78 0.31
CA GLU A 17 18.26 6.65 -0.56
C GLU A 17 16.84 6.86 -0.02
N ASN A 18 16.23 5.82 0.54
CA ASN A 18 14.92 5.85 1.18
C ASN A 18 14.83 6.76 2.42
N LEU A 19 15.95 7.24 2.96
CA LEU A 19 16.00 8.16 4.09
C LEU A 19 15.77 9.63 3.67
N TYR A 20 15.85 9.95 2.37
CA TYR A 20 15.66 11.31 1.84
C TYR A 20 14.22 11.84 2.00
N PHE A 21 13.22 10.95 1.93
CA PHE A 21 11.78 11.31 2.00
C PHE A 21 10.93 10.26 2.72
N GLN A 22 11.55 9.36 3.50
CA GLN A 22 10.95 8.26 4.28
C GLN A 22 10.42 7.15 3.35
N SER A 23 9.51 6.29 3.80
CA SER A 23 9.01 5.16 2.98
C SER A 23 8.26 5.62 1.71
N MET A 24 7.84 6.90 1.64
CA MET A 24 7.43 7.55 0.39
C MET A 24 8.49 7.39 -0.71
N ARG A 25 9.78 7.62 -0.43
CA ARG A 25 10.83 7.42 -1.44
C ARG A 25 10.89 5.96 -1.91
N ALA A 26 10.88 5.01 -0.98
CA ALA A 26 10.91 3.58 -1.31
C ALA A 26 9.74 3.16 -2.21
N GLN A 27 8.51 3.50 -1.84
CA GLN A 27 7.31 3.11 -2.59
C GLN A 27 7.14 3.86 -3.93
N LEU A 28 7.54 5.14 -4.01
CA LEU A 28 7.54 5.91 -5.27
C LEU A 28 8.51 5.29 -6.28
N ILE A 29 9.73 4.94 -5.86
CA ILE A 29 10.72 4.31 -6.74
C ILE A 29 10.34 2.87 -7.08
N GLU A 30 9.88 2.07 -6.11
CA GLU A 30 9.47 0.67 -6.29
C GLU A 30 8.52 0.49 -7.48
N ARG A 31 7.43 1.27 -7.56
CA ARG A 31 6.48 1.19 -8.69
C ARG A 31 6.87 2.11 -9.85
N GLY A 32 7.34 3.34 -9.56
CA GLY A 32 7.60 4.36 -10.58
C GLY A 32 8.80 4.04 -11.47
N GLN A 33 9.82 3.34 -10.97
CA GLN A 33 11.00 2.96 -11.74
C GLN A 33 10.83 1.59 -12.43
N LEU A 34 9.96 0.70 -11.93
CA LEU A 34 9.57 -0.51 -12.68
C LEU A 34 8.80 -0.18 -13.97
N ILE A 35 8.01 0.91 -13.97
CA ILE A 35 7.22 1.36 -15.12
C ILE A 35 8.01 2.34 -16.03
N ALA A 36 8.81 3.23 -15.45
CA ALA A 36 9.62 4.23 -16.18
C ALA A 36 10.80 4.73 -15.31
N GLU A 37 10.68 5.93 -14.75
CA GLU A 37 11.67 6.59 -13.88
C GLU A 37 10.98 7.71 -13.08
N GLN A 38 10.61 7.42 -11.83
CA GLN A 38 10.02 8.34 -10.83
C GLN A 38 8.86 9.22 -11.36
N LEU A 39 8.11 8.73 -12.36
CA LEU A 39 7.04 9.47 -13.05
C LEU A 39 5.67 8.78 -12.98
N ALA A 40 5.62 7.46 -13.16
CA ALA A 40 4.38 6.68 -13.06
C ALA A 40 3.80 6.70 -11.63
N PRO A 41 2.46 6.65 -11.45
CA PRO A 41 1.82 6.84 -10.16
C PRO A 41 2.13 5.72 -9.18
N LEU A 42 2.09 6.05 -7.88
CA LEU A 42 2.34 5.10 -6.79
C LEU A 42 1.14 4.19 -6.50
N ALA A 43 -0.08 4.69 -6.67
CA ALA A 43 -1.32 3.99 -6.30
C ALA A 43 -2.19 3.58 -7.50
N ALA A 44 -2.47 4.49 -8.44
CA ALA A 44 -3.47 4.28 -9.49
C ALA A 44 -3.19 3.03 -10.37
N THR A 45 -1.96 2.92 -10.89
CA THR A 45 -1.47 1.76 -11.67
C THR A 45 -1.33 0.52 -10.81
N ALA A 46 -0.84 0.68 -9.57
CA ALA A 46 -0.60 -0.43 -8.62
C ALA A 46 -1.91 -1.09 -8.16
N LEU A 47 -2.97 -0.33 -7.99
CA LEU A 47 -4.31 -0.81 -7.61
C LEU A 47 -4.98 -1.50 -8.80
N ALA A 48 -4.87 -0.92 -10.01
CA ALA A 48 -5.41 -1.49 -11.25
C ALA A 48 -4.84 -2.89 -11.57
N ARG A 49 -3.55 -3.12 -11.29
CA ARG A 49 -2.90 -4.45 -11.37
C ARG A 49 -2.95 -5.26 -10.06
N LYS A 50 -3.37 -4.63 -8.96
CA LYS A 50 -3.57 -5.23 -7.62
C LYS A 50 -2.26 -5.66 -6.92
N ASP A 51 -1.16 -4.93 -7.14
CA ASP A 51 0.19 -5.24 -6.63
C ASP A 51 0.36 -4.87 -5.14
N THR A 52 -0.18 -5.74 -4.27
CA THR A 52 -0.09 -5.66 -2.79
C THR A 52 1.35 -5.47 -2.29
N ALA A 53 2.37 -5.88 -3.03
CA ALA A 53 3.78 -5.64 -2.71
C ALA A 53 4.11 -4.15 -2.47
N VAL A 54 3.58 -3.25 -3.31
CA VAL A 54 3.72 -1.79 -3.12
C VAL A 54 2.48 -1.18 -2.46
N LEU A 55 1.28 -1.77 -2.67
CA LEU A 55 0.05 -1.32 -2.03
C LEU A 55 0.15 -1.39 -0.50
N ASN A 56 0.85 -2.39 0.05
CA ASN A 56 1.25 -2.50 1.46
C ASN A 56 1.93 -1.23 1.98
N ARG A 57 2.99 -0.77 1.30
CA ARG A 57 3.78 0.40 1.72
C ARG A 57 2.98 1.70 1.58
N ILE A 58 2.37 1.96 0.42
CA ILE A 58 1.57 3.19 0.21
C ILE A 58 0.37 3.24 1.16
N ALA A 59 -0.24 2.11 1.51
CA ALA A 59 -1.32 2.08 2.49
C ALA A 59 -0.86 2.51 3.89
N ASN A 60 0.29 2.00 4.35
CA ASN A 60 0.91 2.41 5.63
C ASN A 60 1.44 3.86 5.64
N GLU A 61 1.23 4.66 4.58
CA GLU A 61 1.67 6.05 4.49
C GLU A 61 0.57 7.00 4.00
N ALA A 62 0.06 6.79 2.79
CA ALA A 62 -0.98 7.61 2.16
C ALA A 62 -2.39 7.24 2.64
N LEU A 63 -2.69 5.95 2.87
CA LEU A 63 -3.98 5.51 3.44
C LEU A 63 -3.99 5.64 4.99
N ASP A 64 -2.84 5.93 5.61
CA ASP A 64 -2.71 6.30 7.03
C ASP A 64 -3.19 7.74 7.32
N GLN A 65 -3.48 8.54 6.29
CA GLN A 65 -3.87 9.95 6.39
C GLN A 65 -5.32 10.16 6.87
N PRO A 66 -5.67 11.36 7.39
CA PRO A 66 -7.03 11.69 7.83
C PRO A 66 -8.04 11.87 6.70
N ASP A 67 -7.60 11.97 5.43
CA ASP A 67 -8.45 12.16 4.24
C ASP A 67 -8.90 10.84 3.57
N VAL A 68 -8.80 9.74 4.31
CA VAL A 68 -8.99 8.34 3.88
C VAL A 68 -10.22 7.72 4.55
N ARG A 69 -10.89 6.77 3.87
CA ARG A 69 -12.05 6.04 4.40
C ARG A 69 -11.66 4.68 4.99
N ALA A 70 -10.96 3.81 4.24
CA ALA A 70 -10.67 2.41 4.62
C ALA A 70 -9.78 1.65 3.61
N VAL A 71 -8.98 0.70 4.08
CA VAL A 71 -8.14 -0.18 3.24
C VAL A 71 -7.64 -1.42 4.02
N THR A 72 -7.42 -2.55 3.33
CA THR A 72 -6.96 -3.83 3.92
C THR A 72 -6.32 -4.71 2.85
N PHE A 73 -5.43 -5.62 3.25
CA PHE A 73 -4.73 -6.55 2.34
C PHE A 73 -4.43 -7.87 3.06
N LEU A 74 -4.78 -9.02 2.45
CA LEU A 74 -4.57 -10.36 3.02
C LEU A 74 -4.39 -11.40 1.91
N ASP A 75 -3.53 -12.40 2.15
CA ASP A 75 -3.26 -13.52 1.22
C ASP A 75 -3.80 -14.87 1.72
N ALA A 76 -3.70 -15.91 0.88
CA ALA A 76 -4.13 -17.29 1.12
C ALA A 76 -3.70 -17.88 2.47
N ARG A 77 -2.57 -17.42 3.01
CA ARG A 77 -2.01 -17.81 4.32
C ARG A 77 -2.86 -17.33 5.53
N GLN A 78 -3.90 -16.52 5.29
CA GLN A 78 -4.66 -15.72 6.27
C GLN A 78 -3.81 -14.60 6.91
N GLU A 79 -2.66 -14.28 6.31
CA GLU A 79 -1.76 -13.21 6.75
C GLU A 79 -2.26 -11.87 6.20
N ARG A 80 -2.70 -10.97 7.10
CA ARG A 80 -2.84 -9.53 6.81
C ARG A 80 -1.45 -8.97 6.50
N LEU A 81 -1.26 -8.41 5.29
CA LEU A 81 -0.04 -7.71 4.91
C LEU A 81 -0.07 -6.29 5.52
N ALA A 82 -1.21 -5.61 5.37
CA ALA A 82 -1.42 -4.20 5.72
C ALA A 82 -2.91 -3.90 5.91
N HIS A 83 -3.19 -2.71 6.43
CA HIS A 83 -4.51 -2.26 6.86
C HIS A 83 -4.44 -0.80 7.34
N ALA A 84 -5.44 0.02 7.00
CA ALA A 84 -5.47 1.46 7.30
C ALA A 84 -6.91 2.01 7.23
N GLY A 85 -7.11 3.18 7.84
CA GLY A 85 -8.45 3.73 8.14
C GLY A 85 -8.93 3.30 9.54
N PRO A 86 -9.94 4.00 10.10
CA PRO A 86 -10.31 3.93 11.51
C PRO A 86 -10.86 2.56 11.94
N SER A 87 -11.59 1.87 11.06
CA SER A 87 -12.24 0.58 11.34
C SER A 87 -11.39 -0.65 10.95
N MET A 88 -10.23 -0.45 10.32
CA MET A 88 -9.34 -1.52 9.80
C MET A 88 -7.97 -1.60 10.47
N LEU A 89 -7.42 -0.47 10.90
CA LEU A 89 -6.19 -0.37 11.69
C LEU A 89 -6.55 -0.06 13.16
N THR A 90 -6.20 -0.96 14.07
CA THR A 90 -6.48 -0.85 15.52
C THR A 90 -5.81 0.36 16.15
N VAL A 91 -4.61 0.71 15.69
CA VAL A 91 -3.80 1.87 16.13
C VAL A 91 -3.89 3.01 15.08
N ALA A 92 -5.11 3.37 14.66
CA ALA A 92 -5.35 4.39 13.63
C ALA A 92 -4.79 5.77 14.05
N PRO A 93 -3.82 6.36 13.30
CA PRO A 93 -3.11 7.57 13.70
C PRO A 93 -3.87 8.85 13.31
N ALA A 94 -5.10 9.00 13.81
CA ALA A 94 -5.94 10.18 13.55
C ALA A 94 -5.28 11.47 14.07
N GLY A 95 -5.35 12.54 13.27
CA GLY A 95 -4.81 13.88 13.57
C GLY A 95 -3.46 14.19 12.92
N ASP A 96 -2.83 13.23 12.23
CA ASP A 96 -1.54 13.39 11.53
C ASP A 96 -1.45 12.53 10.25
N ALA A 97 -0.55 12.91 9.35
CA ALA A 97 -0.24 12.22 8.10
C ALA A 97 1.02 11.33 8.26
N SER A 98 2.02 11.49 7.39
CA SER A 98 3.26 10.69 7.36
C SER A 98 4.03 10.68 8.70
N HIS A 99 4.03 11.80 9.43
CA HIS A 99 4.84 11.99 10.66
C HIS A 99 4.51 11.00 11.80
N LEU A 100 3.33 10.37 11.79
CA LEU A 100 2.91 9.39 12.79
C LEU A 100 3.24 7.93 12.40
N SER A 101 3.60 7.66 11.14
CA SER A 101 3.92 6.30 10.68
C SER A 101 5.38 5.93 11.06
N MET A 102 5.55 5.40 12.27
CA MET A 102 6.86 5.09 12.87
C MET A 102 7.48 3.81 12.29
N SER A 103 6.67 2.75 12.12
CA SER A 103 6.96 1.44 11.51
C SER A 103 5.80 0.46 11.73
N THR A 104 5.54 -0.39 10.72
CA THR A 104 4.57 -1.51 10.79
C THR A 104 5.25 -2.81 10.38
N GLU A 105 5.84 -2.84 9.18
CA GLU A 105 6.54 -4.00 8.57
C GLU A 105 5.53 -5.11 8.17
N LEU A 106 6.04 -6.26 7.73
CA LEU A 106 5.23 -7.44 7.35
C LEU A 106 4.96 -8.38 8.55
N ASP A 107 5.49 -8.05 9.74
CA ASP A 107 5.40 -8.86 10.97
C ASP A 107 4.01 -8.81 11.65
N THR A 108 3.17 -7.82 11.34
CA THR A 108 1.83 -7.60 11.93
C THR A 108 0.79 -8.54 11.31
N THR A 109 1.01 -9.85 11.49
CA THR A 109 0.13 -10.94 11.04
C THR A 109 -1.23 -10.85 11.76
N HIS A 110 -2.28 -11.30 11.07
CA HIS A 110 -3.66 -11.39 11.56
C HIS A 110 -3.76 -12.14 12.90
N PHE A 111 -3.10 -13.31 13.00
CA PHE A 111 -2.99 -14.14 14.21
C PHE A 111 -4.36 -14.73 14.62
N LEU A 112 -4.50 -15.20 15.87
CA LEU A 112 -5.78 -15.63 16.45
C LEU A 112 -6.60 -14.49 17.09
N LEU A 113 -6.05 -13.27 17.14
CA LEU A 113 -6.71 -12.10 17.74
C LEU A 113 -7.96 -11.67 16.93
N PRO A 114 -8.94 -10.98 17.56
CA PRO A 114 -10.15 -10.50 16.88
C PRO A 114 -9.93 -9.31 15.94
N VAL A 115 -8.71 -8.73 15.89
CA VAL A 115 -8.37 -7.63 14.98
C VAL A 115 -8.41 -8.11 13.52
N LEU A 116 -9.17 -7.39 12.70
CA LEU A 116 -9.53 -7.75 11.32
C LEU A 116 -10.15 -6.52 10.63
N GLY A 117 -10.16 -6.52 9.30
CA GLY A 117 -10.77 -5.46 8.49
C GLY A 117 -12.26 -5.69 8.32
N ARG A 118 -12.65 -6.25 7.17
CA ARG A 118 -14.06 -6.48 6.80
C ARG A 118 -14.49 -7.95 6.87
N HIS A 119 -13.55 -8.89 7.00
CA HIS A 119 -13.80 -10.34 7.13
C HIS A 119 -14.56 -10.90 5.90
N HIS A 120 -14.29 -10.36 4.71
CA HIS A 120 -14.97 -10.62 3.44
C HIS A 120 -14.10 -10.19 2.24
N SER A 121 -14.32 -10.79 1.08
CA SER A 121 -13.56 -10.51 -0.15
C SER A 121 -13.95 -9.19 -0.82
N LEU A 122 -15.25 -8.91 -0.90
CA LEU A 122 -15.87 -7.67 -1.42
C LEU A 122 -15.50 -7.41 -2.91
N SER A 123 -15.62 -6.16 -3.37
CA SER A 123 -15.17 -5.74 -4.72
C SER A 123 -13.65 -5.45 -4.75
N GLY A 124 -12.86 -6.46 -4.37
CA GLY A 124 -11.43 -6.37 -4.07
C GLY A 124 -10.53 -7.16 -5.03
N ALA A 125 -9.43 -7.70 -4.48
CA ALA A 125 -8.60 -8.72 -5.12
C ALA A 125 -9.35 -10.08 -5.23
N THR A 126 -10.34 -10.13 -6.13
CA THR A 126 -11.06 -11.34 -6.55
C THR A 126 -10.21 -12.22 -7.49
N GLU A 127 -9.20 -11.62 -8.12
CA GLU A 127 -8.16 -12.28 -8.92
C GLU A 127 -7.25 -13.19 -8.07
N PRO A 128 -6.61 -14.22 -8.68
CA PRO A 128 -5.75 -15.17 -7.97
C PRO A 128 -4.36 -14.59 -7.62
N ASP A 129 -3.50 -15.44 -7.05
CA ASP A 129 -2.12 -15.12 -6.66
C ASP A 129 -1.21 -14.64 -7.82
N ASP A 130 -1.63 -14.86 -9.07
CA ASP A 130 -0.92 -14.40 -10.29
C ASP A 130 -0.86 -12.87 -10.41
N GLU A 131 -1.81 -12.15 -9.80
CA GLU A 131 -1.79 -10.69 -9.66
C GLU A 131 -0.82 -10.29 -8.52
N ARG A 132 -1.08 -10.77 -7.29
CA ARG A 132 -0.14 -10.71 -6.15
C ARG A 132 -0.63 -11.54 -4.94
N VAL A 133 -1.88 -11.34 -4.52
CA VAL A 133 -2.51 -12.04 -3.37
C VAL A 133 -3.83 -12.69 -3.79
N LEU A 134 -4.10 -13.87 -3.26
CA LEU A 134 -5.32 -14.66 -3.53
C LEU A 134 -6.45 -14.35 -2.53
N GLY A 135 -6.12 -13.88 -1.32
CA GLY A 135 -7.05 -13.73 -0.21
C GLY A 135 -8.10 -12.65 -0.47
N TRP A 136 -7.71 -11.38 -0.32
CA TRP A 136 -8.49 -10.18 -0.65
C TRP A 136 -7.72 -8.86 -0.43
N VAL A 137 -8.33 -7.77 -0.91
CA VAL A 137 -7.84 -6.38 -0.79
C VAL A 137 -9.07 -5.46 -0.73
N GLU A 138 -9.14 -4.60 0.28
CA GLU A 138 -10.15 -3.55 0.40
C GLU A 138 -9.57 -2.22 -0.12
N LEU A 139 -10.43 -1.30 -0.58
CA LEU A 139 -10.05 0.00 -1.13
C LEU A 139 -11.20 1.01 -1.03
N GLU A 140 -11.03 2.05 -0.21
CA GLU A 140 -12.00 3.14 -0.06
C GLU A 140 -11.30 4.45 0.36
N LEU A 141 -11.32 5.42 -0.55
CA LEU A 141 -10.56 6.68 -0.50
C LEU A 141 -11.02 7.64 -1.60
N SER A 142 -10.43 8.84 -1.63
CA SER A 142 -10.60 9.78 -2.75
C SER A 142 -9.87 9.31 -4.03
N HIS A 143 -10.14 9.91 -5.19
CA HIS A 143 -9.70 9.41 -6.51
C HIS A 143 -8.17 9.25 -6.69
N HIS A 144 -7.36 9.97 -5.90
CA HIS A 144 -5.89 9.98 -5.87
C HIS A 144 -5.30 10.83 -7.03
N GLY A 145 -4.36 11.74 -6.71
CA GLY A 145 -3.74 12.65 -7.68
C GLY A 145 -4.56 13.90 -8.02
N THR A 146 -5.67 14.15 -7.30
CA THR A 146 -6.51 15.36 -7.39
C THR A 146 -5.84 16.51 -6.62
N LEU A 147 -6.15 16.65 -5.33
CA LEU A 147 -5.53 17.61 -4.40
C LEU A 147 -5.37 16.97 -3.00
N LEU A 148 -6.49 16.68 -2.35
CA LEU A 148 -6.60 16.15 -0.97
C LEU A 148 -6.11 17.18 0.07
N ARG A 149 -5.81 16.77 1.32
CA ARG A 149 -5.34 17.70 2.37
C ARG A 149 -4.51 17.10 3.53
N GLY A 150 -4.30 15.78 3.57
CA GLY A 150 -3.50 15.07 4.59
C GLY A 150 -2.00 15.20 4.32
N MET A 1 0.70 7.17 -20.27
CA MET A 1 1.75 7.24 -19.25
C MET A 1 2.21 5.85 -18.79
N GLY A 2 3.45 5.75 -18.32
CA GLY A 2 4.01 4.53 -17.71
C GLY A 2 4.39 3.47 -18.74
N HIS A 3 5.30 3.81 -19.66
CA HIS A 3 5.81 2.89 -20.69
C HIS A 3 7.26 3.22 -21.10
N HIS A 4 8.17 2.26 -20.94
CA HIS A 4 9.59 2.29 -21.32
C HIS A 4 10.17 0.85 -21.27
N HIS A 5 11.35 0.63 -21.86
CA HIS A 5 12.03 -0.68 -21.94
C HIS A 5 13.49 -0.59 -21.46
N HIS A 6 13.70 -0.10 -20.23
CA HIS A 6 15.02 0.07 -19.60
C HIS A 6 15.22 -0.92 -18.43
N HIS A 7 15.54 -2.17 -18.76
CA HIS A 7 15.76 -3.31 -17.85
C HIS A 7 14.44 -3.85 -17.22
N HIS A 8 14.50 -4.92 -16.43
CA HIS A 8 13.34 -5.54 -15.77
C HIS A 8 13.55 -5.83 -14.26
N SER A 9 14.63 -5.29 -13.68
CA SER A 9 14.99 -5.40 -12.26
C SER A 9 15.63 -4.11 -11.77
N SER A 10 15.56 -3.81 -10.46
CA SER A 10 16.01 -2.54 -9.88
C SER A 10 15.93 -2.52 -8.34
N GLY A 11 16.68 -1.61 -7.71
CA GLY A 11 16.87 -1.50 -6.26
C GLY A 11 18.07 -0.62 -5.89
N VAL A 12 18.40 -0.54 -4.60
CA VAL A 12 19.45 0.34 -4.08
C VAL A 12 20.86 -0.14 -4.47
N ASP A 13 21.68 0.79 -4.97
CA ASP A 13 23.10 0.58 -5.33
C ASP A 13 24.07 1.32 -4.39
N LEU A 14 23.53 1.97 -3.35
CA LEU A 14 24.24 2.86 -2.41
C LEU A 14 23.71 2.79 -0.96
N GLY A 15 22.67 1.98 -0.69
CA GLY A 15 22.13 1.71 0.65
C GLY A 15 21.27 2.82 1.27
N THR A 16 21.21 4.01 0.64
CA THR A 16 20.55 5.22 1.15
C THR A 16 19.78 6.01 0.08
N GLU A 17 19.52 5.41 -1.09
CA GLU A 17 18.84 6.07 -2.21
C GLU A 17 17.43 6.55 -1.84
N ASN A 18 16.68 5.75 -1.07
CA ASN A 18 15.33 6.10 -0.64
C ASN A 18 15.31 7.24 0.42
N LEU A 19 16.37 7.38 1.22
CA LEU A 19 16.44 8.31 2.35
C LEU A 19 16.23 9.77 1.92
N TYR A 20 16.61 10.11 0.68
CA TYR A 20 16.38 11.39 -0.01
C TYR A 20 14.94 11.94 0.14
N PHE A 21 13.92 11.07 0.21
CA PHE A 21 12.52 11.44 0.45
C PHE A 21 11.78 10.37 1.30
N GLN A 22 12.50 9.71 2.21
CA GLN A 22 11.97 8.76 3.22
C GLN A 22 11.39 7.46 2.60
N SER A 23 10.57 6.71 3.34
CA SER A 23 9.80 5.56 2.82
C SER A 23 8.88 5.96 1.64
N MET A 24 8.45 7.24 1.58
CA MET A 24 7.75 7.82 0.42
C MET A 24 8.55 7.61 -0.87
N ARG A 25 9.88 7.78 -0.86
CA ARG A 25 10.70 7.52 -2.04
C ARG A 25 10.75 6.02 -2.38
N ALA A 26 10.96 5.16 -1.38
CA ALA A 26 11.05 3.71 -1.57
C ALA A 26 9.83 3.17 -2.35
N GLN A 27 8.62 3.51 -1.90
CA GLN A 27 7.37 3.08 -2.52
C GLN A 27 7.10 3.73 -3.89
N LEU A 28 7.47 5.01 -4.09
CA LEU A 28 7.38 5.67 -5.40
C LEU A 28 8.30 5.01 -6.43
N ILE A 29 9.55 4.74 -6.06
CA ILE A 29 10.55 4.12 -6.96
C ILE A 29 10.22 2.65 -7.25
N GLU A 30 9.83 1.89 -6.22
CA GLU A 30 9.50 0.45 -6.31
C GLU A 30 8.42 0.14 -7.36
N ARG A 31 7.48 1.06 -7.61
CA ARG A 31 6.48 0.94 -8.69
C ARG A 31 6.86 1.79 -9.91
N GLY A 32 7.23 3.05 -9.72
CA GLY A 32 7.40 4.03 -10.80
C GLY A 32 8.63 3.79 -11.67
N GLN A 33 9.71 3.23 -11.13
CA GLN A 33 10.92 2.89 -11.90
C GLN A 33 10.85 1.45 -12.46
N LEU A 34 10.08 0.55 -11.83
CA LEU A 34 9.77 -0.76 -12.39
C LEU A 34 8.86 -0.66 -13.62
N ILE A 35 7.94 0.32 -13.64
CA ILE A 35 7.14 0.67 -14.83
C ILE A 35 7.97 1.47 -15.85
N ALA A 36 8.67 2.52 -15.42
CA ALA A 36 9.33 3.50 -16.27
C ALA A 36 10.51 4.19 -15.56
N GLU A 37 10.35 5.44 -15.13
CA GLU A 37 11.42 6.26 -14.54
C GLU A 37 10.81 7.42 -13.73
N GLN A 38 10.63 7.20 -12.41
CA GLN A 38 10.13 8.17 -11.41
C GLN A 38 9.00 9.10 -11.90
N LEU A 39 8.01 8.53 -12.59
CA LEU A 39 6.91 9.25 -13.26
C LEU A 39 5.54 8.58 -13.06
N ALA A 40 5.45 7.25 -13.24
CA ALA A 40 4.21 6.50 -13.04
C ALA A 40 3.74 6.55 -11.56
N PRO A 41 2.41 6.57 -11.31
CA PRO A 41 1.84 6.88 -9.99
C PRO A 41 2.05 5.77 -8.95
N LEU A 42 1.91 6.12 -7.67
CA LEU A 42 2.14 5.18 -6.56
C LEU A 42 0.98 4.18 -6.36
N ALA A 43 -0.27 4.66 -6.43
CA ALA A 43 -1.47 3.87 -6.11
C ALA A 43 -2.33 3.51 -7.32
N ALA A 44 -2.63 4.44 -8.24
CA ALA A 44 -3.55 4.21 -9.36
C ALA A 44 -3.23 2.92 -10.16
N THR A 45 -1.98 2.81 -10.63
CA THR A 45 -1.47 1.67 -11.41
C THR A 45 -1.21 0.42 -10.56
N ALA A 46 -0.87 0.59 -9.28
CA ALA A 46 -0.64 -0.50 -8.33
C ALA A 46 -1.94 -1.19 -7.91
N LEU A 47 -3.03 -0.43 -7.74
CA LEU A 47 -4.36 -0.94 -7.40
C LEU A 47 -5.01 -1.59 -8.64
N ALA A 48 -4.84 -0.99 -9.83
CA ALA A 48 -5.34 -1.55 -11.09
C ALA A 48 -4.81 -2.97 -11.40
N ARG A 49 -3.51 -3.20 -11.15
CA ARG A 49 -2.88 -4.54 -11.23
C ARG A 49 -3.02 -5.35 -9.92
N LYS A 50 -3.36 -4.69 -8.81
CA LYS A 50 -3.59 -5.25 -7.47
C LYS A 50 -2.28 -5.74 -6.77
N ASP A 51 -1.17 -5.03 -6.99
CA ASP A 51 0.18 -5.37 -6.47
C ASP A 51 0.34 -4.99 -4.98
N THR A 52 -0.22 -5.85 -4.10
CA THR A 52 -0.12 -5.74 -2.64
C THR A 52 1.33 -5.63 -2.14
N ALA A 53 2.33 -6.06 -2.91
CA ALA A 53 3.75 -5.87 -2.62
C ALA A 53 4.13 -4.38 -2.39
N VAL A 54 3.57 -3.46 -3.18
CA VAL A 54 3.76 -2.00 -3.01
C VAL A 54 2.52 -1.33 -2.40
N LEU A 55 1.31 -1.89 -2.58
CA LEU A 55 0.11 -1.42 -1.91
C LEU A 55 0.29 -1.46 -0.38
N ASN A 56 0.97 -2.49 0.14
CA ASN A 56 1.41 -2.60 1.54
C ASN A 56 2.12 -1.32 2.05
N ARG A 57 3.14 -0.86 1.32
CA ARG A 57 3.95 0.30 1.70
C ARG A 57 3.16 1.61 1.61
N ILE A 58 2.53 1.87 0.45
CA ILE A 58 1.73 3.11 0.28
C ILE A 58 0.53 3.14 1.23
N ALA A 59 -0.05 2.00 1.61
CA ALA A 59 -1.13 1.95 2.60
C ALA A 59 -0.69 2.49 3.98
N ASN A 60 0.48 2.09 4.45
CA ASN A 60 1.02 2.54 5.75
C ASN A 60 1.45 4.01 5.78
N GLU A 61 1.59 4.69 4.63
CA GLU A 61 2.07 6.07 4.54
C GLU A 61 1.04 7.05 3.95
N ALA A 62 0.39 6.70 2.84
CA ALA A 62 -0.60 7.53 2.14
C ALA A 62 -2.03 7.23 2.61
N LEU A 63 -2.42 5.94 2.74
CA LEU A 63 -3.77 5.55 3.20
C LEU A 63 -3.91 5.67 4.74
N ASP A 64 -2.83 5.99 5.45
CA ASP A 64 -2.79 6.27 6.89
C ASP A 64 -3.32 7.68 7.27
N GLN A 65 -3.41 8.59 6.29
CA GLN A 65 -3.67 10.02 6.48
C GLN A 65 -5.15 10.36 6.82
N PRO A 66 -5.43 11.52 7.46
CA PRO A 66 -6.78 11.92 7.86
C PRO A 66 -7.74 12.21 6.68
N ASP A 67 -7.23 12.32 5.46
CA ASP A 67 -8.03 12.43 4.22
C ASP A 67 -8.63 11.09 3.74
N VAL A 68 -8.28 9.97 4.38
CA VAL A 68 -8.59 8.59 3.95
C VAL A 68 -9.77 8.00 4.75
N ARG A 69 -10.55 7.11 4.11
CA ARG A 69 -11.59 6.33 4.80
C ARG A 69 -10.99 5.07 5.47
N ALA A 70 -10.66 4.01 4.73
CA ALA A 70 -10.10 2.75 5.27
C ALA A 70 -9.63 1.74 4.20
N VAL A 71 -8.63 0.91 4.53
CA VAL A 71 -8.06 -0.14 3.65
C VAL A 71 -7.50 -1.33 4.46
N THR A 72 -7.35 -2.49 3.79
CA THR A 72 -6.84 -3.76 4.36
C THR A 72 -6.30 -4.67 3.26
N PHE A 73 -5.33 -5.54 3.59
CA PHE A 73 -4.68 -6.46 2.65
C PHE A 73 -4.27 -7.78 3.34
N LEU A 74 -4.65 -8.95 2.79
CA LEU A 74 -4.37 -10.29 3.34
C LEU A 74 -4.30 -11.37 2.24
N ASP A 75 -3.49 -12.40 2.47
CA ASP A 75 -3.23 -13.53 1.55
C ASP A 75 -3.94 -14.85 1.94
N ALA A 76 -3.79 -15.90 1.11
CA ALA A 76 -4.32 -17.24 1.37
C ALA A 76 -3.67 -17.95 2.59
N ARG A 77 -2.47 -17.51 3.01
CA ARG A 77 -1.82 -17.95 4.25
C ARG A 77 -2.53 -17.42 5.51
N GLN A 78 -3.42 -16.43 5.36
CA GLN A 78 -4.20 -15.73 6.39
C GLN A 78 -3.34 -14.70 7.15
N GLU A 79 -2.31 -14.15 6.49
CA GLU A 79 -1.43 -13.11 7.02
C GLU A 79 -1.91 -11.73 6.54
N ARG A 80 -2.28 -10.85 7.47
CA ARG A 80 -2.48 -9.41 7.22
C ARG A 80 -1.12 -8.81 6.90
N LEU A 81 -0.99 -8.22 5.71
CA LEU A 81 0.22 -7.52 5.27
C LEU A 81 0.17 -6.06 5.73
N ALA A 82 -0.95 -5.39 5.47
CA ALA A 82 -1.17 -3.98 5.80
C ALA A 82 -2.65 -3.68 6.08
N HIS A 83 -2.89 -2.49 6.63
CA HIS A 83 -4.19 -2.00 7.10
C HIS A 83 -4.05 -0.52 7.50
N ALA A 84 -5.01 0.33 7.11
CA ALA A 84 -4.98 1.77 7.36
C ALA A 84 -6.39 2.37 7.40
N GLY A 85 -6.53 3.52 8.07
CA GLY A 85 -7.80 4.10 8.50
C GLY A 85 -8.27 3.59 9.87
N PRO A 86 -9.11 4.34 10.60
CA PRO A 86 -9.44 4.09 12.00
C PRO A 86 -10.16 2.76 12.25
N SER A 87 -11.04 2.34 11.34
CA SER A 87 -11.82 1.09 11.48
C SER A 87 -11.02 -0.19 11.14
N MET A 88 -9.75 -0.07 10.72
CA MET A 88 -8.92 -1.19 10.23
C MET A 88 -7.52 -1.27 10.87
N LEU A 89 -6.87 -0.14 11.15
CA LEU A 89 -5.56 -0.08 11.80
C LEU A 89 -5.75 -0.11 13.33
N THR A 90 -5.88 -1.30 13.91
CA THR A 90 -6.12 -1.53 15.35
C THR A 90 -4.93 -1.12 16.24
N VAL A 91 -3.72 -1.13 15.69
CA VAL A 91 -2.43 -0.82 16.36
C VAL A 91 -2.35 0.63 16.87
N ALA A 92 -3.16 1.56 16.34
CA ALA A 92 -3.10 3.00 16.61
C ALA A 92 -4.49 3.68 16.42
N PRO A 93 -4.68 4.97 16.76
CA PRO A 93 -5.98 5.63 16.63
C PRO A 93 -6.30 6.08 15.18
N ALA A 94 -5.27 6.22 14.32
CA ALA A 94 -5.33 6.78 12.96
C ALA A 94 -5.72 8.27 12.95
N GLY A 95 -5.84 8.86 11.75
CA GLY A 95 -6.22 10.28 11.58
C GLY A 95 -5.06 11.26 11.76
N ASP A 96 -3.82 10.80 11.56
CA ASP A 96 -2.59 11.60 11.61
C ASP A 96 -1.83 11.52 10.28
N ALA A 97 -1.20 12.62 9.87
CA ALA A 97 -0.39 12.68 8.65
C ALA A 97 1.06 12.23 8.92
N SER A 98 1.78 12.95 9.78
CA SER A 98 3.20 12.68 10.11
C SER A 98 3.39 11.93 11.44
N HIS A 99 2.44 12.03 12.39
CA HIS A 99 2.60 11.52 13.76
C HIS A 99 2.69 9.97 13.82
N LEU A 100 2.13 9.29 12.82
CA LEU A 100 2.17 7.82 12.65
C LEU A 100 3.36 7.34 11.78
N SER A 101 4.28 8.22 11.39
CA SER A 101 5.48 7.88 10.60
C SER A 101 6.56 7.16 11.45
N MET A 102 6.21 5.97 11.94
CA MET A 102 7.03 5.14 12.85
C MET A 102 7.92 4.15 12.08
N SER A 103 7.33 3.35 11.19
CA SER A 103 7.97 2.33 10.34
C SER A 103 6.95 1.66 9.39
N THR A 104 7.44 0.84 8.45
CA THR A 104 6.63 0.10 7.45
C THR A 104 6.94 -1.40 7.51
N GLU A 105 7.23 -1.91 8.71
CA GLU A 105 7.63 -3.31 8.94
C GLU A 105 6.43 -4.27 8.82
N LEU A 106 6.68 -5.50 8.34
CA LEU A 106 5.67 -6.54 8.08
C LEU A 106 5.26 -7.34 9.34
N ASP A 107 5.66 -6.91 10.54
CA ASP A 107 5.45 -7.65 11.80
C ASP A 107 3.99 -7.65 12.30
N THR A 108 3.12 -6.81 11.74
CA THR A 108 1.70 -6.63 12.09
C THR A 108 0.82 -7.76 11.51
N THR A 109 1.12 -9.00 11.93
CA THR A 109 0.44 -10.25 11.54
C THR A 109 -1.02 -10.26 12.02
N HIS A 110 -1.87 -11.02 11.32
CA HIS A 110 -3.30 -11.18 11.64
C HIS A 110 -3.55 -11.75 13.05
N PHE A 111 -2.67 -12.65 13.52
CA PHE A 111 -2.70 -13.23 14.87
C PHE A 111 -4.03 -13.98 15.11
N LEU A 112 -4.59 -13.89 16.33
CA LEU A 112 -5.87 -14.50 16.72
C LEU A 112 -6.97 -13.43 16.94
N LEU A 113 -7.02 -12.40 16.08
CA LEU A 113 -8.06 -11.36 16.10
C LEU A 113 -9.47 -11.92 15.80
N PRO A 114 -10.54 -11.32 16.34
CA PRO A 114 -11.91 -11.84 16.19
C PRO A 114 -12.57 -11.49 14.84
N VAL A 115 -12.28 -10.30 14.28
CA VAL A 115 -12.82 -9.79 13.00
C VAL A 115 -11.78 -8.93 12.29
N LEU A 116 -11.98 -8.67 10.99
CA LEU A 116 -11.01 -8.03 10.11
C LEU A 116 -11.66 -7.39 8.85
N GLY A 117 -10.98 -6.38 8.30
CA GLY A 117 -11.44 -5.57 7.16
C GLY A 117 -12.80 -4.91 7.42
N ARG A 118 -13.64 -4.84 6.39
CA ARG A 118 -15.08 -4.57 6.48
C ARG A 118 -15.92 -5.83 6.18
N HIS A 119 -15.39 -7.01 6.52
CA HIS A 119 -16.03 -8.32 6.32
C HIS A 119 -16.21 -8.68 4.81
N HIS A 120 -15.31 -8.17 3.95
CA HIS A 120 -15.15 -8.52 2.53
C HIS A 120 -16.26 -7.86 1.68
N SER A 121 -16.22 -6.54 1.45
CA SER A 121 -17.36 -5.78 0.94
C SER A 121 -17.68 -6.08 -0.54
N LEU A 122 -16.66 -5.98 -1.41
CA LEU A 122 -16.66 -6.22 -2.87
C LEU A 122 -15.30 -5.85 -3.48
N SER A 123 -14.99 -6.38 -4.67
CA SER A 123 -13.79 -6.03 -5.46
C SER A 123 -12.45 -6.50 -4.81
N GLY A 124 -12.54 -7.54 -3.96
CA GLY A 124 -11.41 -8.12 -3.22
C GLY A 124 -10.50 -9.01 -4.07
N ALA A 125 -9.56 -9.69 -3.39
CA ALA A 125 -8.44 -10.41 -4.01
C ALA A 125 -8.83 -11.79 -4.56
N THR A 126 -9.74 -11.80 -5.56
CA THR A 126 -10.23 -13.01 -6.24
C THR A 126 -9.27 -13.52 -7.32
N GLU A 127 -8.31 -12.70 -7.74
CA GLU A 127 -7.22 -13.05 -8.66
C GLU A 127 -6.21 -14.06 -8.04
N PRO A 128 -5.45 -14.81 -8.86
CA PRO A 128 -4.48 -15.80 -8.40
C PRO A 128 -3.17 -15.18 -7.91
N ASP A 129 -2.27 -16.04 -7.42
CA ASP A 129 -0.91 -15.72 -6.94
C ASP A 129 -0.04 -15.00 -7.98
N ASP A 130 -0.37 -15.17 -9.27
CA ASP A 130 0.33 -14.57 -10.41
C ASP A 130 0.28 -13.03 -10.41
N GLU A 131 -0.71 -12.44 -9.73
CA GLU A 131 -0.78 -10.99 -9.47
C GLU A 131 -0.02 -10.64 -8.19
N ARG A 132 -0.48 -11.12 -7.01
CA ARG A 132 0.21 -11.02 -5.70
C ARG A 132 -0.45 -11.80 -4.55
N VAL A 133 -1.77 -11.63 -4.31
CA VAL A 133 -2.51 -12.25 -3.19
C VAL A 133 -3.86 -12.83 -3.65
N LEU A 134 -4.39 -13.77 -2.86
CA LEU A 134 -5.61 -14.53 -3.12
C LEU A 134 -6.63 -14.49 -1.95
N GLY A 135 -6.34 -13.70 -0.89
CA GLY A 135 -7.14 -13.63 0.34
C GLY A 135 -8.27 -12.62 0.19
N TRP A 136 -7.98 -11.35 0.50
CA TRP A 136 -8.86 -10.20 0.26
C TRP A 136 -8.11 -8.85 0.28
N VAL A 137 -8.84 -7.79 -0.06
CA VAL A 137 -8.37 -6.39 -0.06
C VAL A 137 -9.59 -5.46 0.00
N GLU A 138 -9.48 -4.42 0.82
CA GLU A 138 -10.49 -3.35 0.96
C GLU A 138 -9.85 -2.01 0.55
N LEU A 139 -10.62 -1.13 -0.11
CA LEU A 139 -10.10 0.01 -0.89
C LEU A 139 -11.04 1.24 -0.82
N GLU A 140 -11.07 1.92 0.33
CA GLU A 140 -11.95 3.09 0.54
C GLU A 140 -11.13 4.37 0.78
N LEU A 141 -11.21 5.29 -0.18
CA LEU A 141 -10.49 6.56 -0.23
C LEU A 141 -11.13 7.53 -1.25
N SER A 142 -10.65 8.77 -1.26
CA SER A 142 -10.91 9.75 -2.33
C SER A 142 -9.70 10.71 -2.36
N HIS A 143 -8.85 10.60 -3.38
CA HIS A 143 -7.59 11.36 -3.45
C HIS A 143 -7.04 11.46 -4.90
N HIS A 144 -6.84 10.33 -5.59
CA HIS A 144 -6.60 10.36 -7.04
C HIS A 144 -7.87 10.79 -7.81
N GLY A 145 -7.76 11.83 -8.64
CA GLY A 145 -8.86 12.41 -9.43
C GLY A 145 -9.73 13.42 -8.69
N THR A 146 -9.43 13.71 -7.42
CA THR A 146 -10.18 14.65 -6.54
C THR A 146 -9.23 15.63 -5.81
N LEU A 147 -9.76 16.41 -4.86
CA LEU A 147 -9.02 17.40 -4.09
C LEU A 147 -8.40 16.79 -2.83
N LEU A 148 -7.21 17.27 -2.45
CA LEU A 148 -6.41 16.77 -1.33
C LEU A 148 -6.52 17.72 -0.11
N ARG A 149 -6.35 17.18 1.11
CA ARG A 149 -6.46 17.93 2.38
C ARG A 149 -5.88 17.17 3.61
N GLY A 150 -4.70 16.58 3.46
CA GLY A 150 -3.98 15.88 4.53
C GLY A 150 -3.31 16.83 5.52
#